data_7VW7
#
_entry.id   7VW7
#
_cell.length_a   127.740
_cell.length_b   128.870
_cell.length_c   231.570
_cell.angle_alpha   90.000
_cell.angle_beta   90.000
_cell.angle_gamma   90.000
#
_symmetry.space_group_name_H-M   'P 21 21 21'
#
loop_
_entity.id
_entity.type
_entity.pdbx_description
1 polymer 'V-type sodium ATPase catalytic subunit A'
2 polymer 'V-type sodium ATPase subunit B'
3 polymer 'V-type sodium ATPase subunit D'
4 polymer 'V-type sodium ATPase subunit NtpG (F)'
5 non-polymer GLYCEROL
6 non-polymer "ADENOSINE-5'-DIPHOSPHATE"
7 non-polymer 'MAGNESIUM ION'
8 non-polymer 'TETRAFLUOROALUMINATE ION'
9 water water
#
loop_
_entity_poly.entity_id
_entity_poly.type
_entity_poly.pdbx_seq_one_letter_code
_entity_poly.pdbx_strand_id
1 'polypeptide(L)'
;GSSGSSG(MSE)QIGKIIKVSGPLV(MSE)AEN(MSE)SEASIQD(MSE)CLVGDLGVIGEIIE(MSE)RQDVASIQVYE
ETSGIGPGEPVRSTGEALSVELGPGIISQ(MSE)FDGIQRPLDTF(MSE)EVTQSNFLGRGVQLPALDHEKQWWFEATIE
EGTEVSAGDIIGYVDETKIIQHKI(MSE)VPNGIKGTVQKIESGSFTIDDPICVIETEQGLKELT(MSE)(MSE)QKWPV
RRGRPIKQKLNPDVP(MSE)ITGQRVIDTFFPVTKGGAAAVPGPFGAGKTVVQHQIAKWSDVDLVVYVGCGERGNE
(MSE)TDVVNEFPELIDPNTGESL(MSE)ERTVLIANTSN(MSE)PVAAREASIYTGITIAEYFRD(MSE)GYDVAI
(MSE)ADSTSRWAEALRE(MSE)SGRLEE(MSE)PGDEGYPAYLGSRLAEYYERSGRVIALGSDQREGSITAISAVSPSG
GDISEPVTQNTLRVVKVFWGLDSSLAQKRHFPSINWIQSYSLYSTEVGRY(MSE)DQILQQDWSD(MSE)VTEG(MSE)R
ILQEEEQLNEIVRLVGIDSLSDNDRLTLEVAKSIREDYLQQNAFDDVDTFTSREKQFN(MSE)LKVILTFGKEARKALSL
GAYFNEI(MSE)EGTVAVRERISRSKYIPEEELAKISSINEEIKETIQLIVSEGG(MSE)TDD
;
A,B,C
2 'polypeptide(L)'
;GSSGSSG(MSE)IKEYRTIKEVVGPL(MSE)AVEKVSGVKYEELIEVR(MSE)QNGEIRRGQVLEVQEDKA(MSE)VQIF
EGTSGINLKNSSVRFLGHPLQLGVSED(MSE)IGRVFDGLGRPKDNGPEILPEKYLDINGEVINPIARDYPDEFIQTGIS
AIDHLNTLVRGQKLPVFSGSGLPHKELAAQIARQATVLDSSDDFAVVFAAIGITFEEAEFF(MSE)EDFRQTGAIDRSV
(MSE)F(MSE)NLANDPAIERIATPR(MSE)ALTAAEYLAYEKG(MSE)HVLVI(MSE)TD(MSE)TNYAEALREISAAR
REVPGRRGYPGYLYTNLATLFERAGRIRGLKGSVTQIPILT(MSE)PEDDKTHPIPDLTGYITEGQIILTRELYKSGIQP
PIDVLPSLSRLKDKGTGAGKTREDHAAT(MSE)NQLFAAYAQGKQAKELAVVLGESALSDIDKIYAKFAERFENEYVNQG
FYTNRTITETLDLGWELLA(MSE)LPRTELKRIKDDLLDKYLPEGK
;
D,E,F
3 'polypeptide(L)'
;GSSGSSG(MSE)RLNVNPTR(MSE)ELTRLKKQLTTATRGHKLLKDKQDEL(MSE)RQFILLIRKNNELRQAIEKETQTA
(MSE)KDFVLAKSTVEEAFIDELLALPAENVSISVVEKNI(MSE)SVKVPL(MSE)NFQYDETLNETPLEYGYLHSNAEL
DRSIDGFTQLLPKLLKLAEVEKTCQL(MSE)AEEIEKTRRRVNALEY(MSE)TIPQLEETIYYIK(MSE)KLEENERAEV
TRLIKVKN(MSE)GTEE
;
G
4 'polypeptide(L)'
;(MSE)TYKIGVVGDKDSVSPFRLFGFDVQHGTTKTEIRKTIDE(MSE)AKNEYGVIYITEQCANLVPETIERYKGQLTPA
IILIPSHQGTLGIGLEEIQNSVEKAVGQNILSGPSSGENLYFQ
;
H
#
loop_
_chem_comp.id
_chem_comp.type
_chem_comp.name
_chem_comp.formula
ADP non-polymer ADENOSINE-5'-DIPHOSPHATE 'C10 H15 N5 O10 P2'
ALF non-polymer 'TETRAFLUOROALUMINATE ION' 'Al F4 -1'
GOL non-polymer GLYCEROL 'C3 H8 O3'
MG non-polymer 'MAGNESIUM ION' 'Mg 2'
#
# COMPACT_ATOMS: atom_id res chain seq x y z
N GLY A 7 -22.53 42.55 26.36
CA GLY A 7 -22.00 42.18 27.65
C GLY A 7 -21.12 40.94 27.59
N MSE A 8 -20.50 40.71 26.44
CA MSE A 8 -19.60 39.57 26.28
C MSE A 8 -18.29 39.75 27.03
O MSE A 8 -17.71 40.84 27.05
CB MSE A 8 -19.31 39.32 24.79
CG MSE A 8 -20.25 38.29 24.17
SE MSE A 8 -20.15 36.58 25.11
CE MSE A 8 -21.99 35.99 24.84
N GLN A 9 -17.84 38.68 27.68
CA GLN A 9 -16.60 38.72 28.45
C GLN A 9 -15.41 38.69 27.50
N ILE A 10 -14.58 39.73 27.58
CA ILE A 10 -13.41 39.82 26.72
C ILE A 10 -12.27 39.01 27.35
N GLY A 11 -11.68 38.12 26.55
CA GLY A 11 -10.55 37.33 26.98
C GLY A 11 -9.25 37.86 26.43
N LYS A 12 -8.15 37.49 27.09
CA LYS A 12 -6.82 37.94 26.72
C LYS A 12 -6.00 36.77 26.18
N ILE A 13 -5.40 36.97 25.00
CA ILE A 13 -4.55 35.96 24.41
C ILE A 13 -3.36 35.72 25.32
N ILE A 14 -3.05 34.45 25.58
CA ILE A 14 -1.90 34.11 26.40
C ILE A 14 -0.80 33.51 25.53
N LYS A 15 -1.18 32.87 24.42
CA LYS A 15 -0.21 32.21 23.57
C LYS A 15 -0.72 32.15 22.14
N VAL A 16 0.20 32.34 21.19
CA VAL A 16 -0.10 32.33 19.76
C VAL A 16 0.92 31.43 19.08
N SER A 17 0.45 30.41 18.36
CA SER A 17 1.31 29.48 17.65
C SER A 17 0.65 29.08 16.34
N GLY A 18 1.33 29.36 15.23
CA GLY A 18 0.81 29.06 13.92
C GLY A 18 -0.54 29.71 13.72
N PRO A 19 -1.51 28.95 13.23
CA PRO A 19 -2.90 29.45 13.12
C PRO A 19 -3.71 29.26 14.39
N LEU A 20 -3.13 28.70 15.44
CA LEU A 20 -3.81 28.42 16.69
C LEU A 20 -3.48 29.50 17.70
N VAL A 21 -4.50 29.98 18.41
CA VAL A 21 -4.34 31.07 19.37
C VAL A 21 -5.06 30.69 20.65
N MSE A 22 -4.35 30.83 21.78
CA MSE A 22 -4.90 30.53 23.10
C MSE A 22 -5.26 31.81 23.86
O MSE A 22 -4.47 32.75 23.89
CB MSE A 22 -3.91 29.71 23.92
CG MSE A 22 -3.28 28.53 23.17
SE MSE A 22 -4.30 26.88 23.34
CE MSE A 22 -3.02 25.66 22.53
N ALA A 23 -6.44 31.83 24.48
CA ALA A 23 -6.87 32.99 25.25
C ALA A 23 -7.58 32.53 26.51
N GLU A 24 -7.32 33.24 27.61
CA GLU A 24 -7.91 32.94 28.91
C GLU A 24 -9.00 33.97 29.23
N ASN A 25 -9.56 33.86 30.44
CA ASN A 25 -10.67 34.70 30.89
C ASN A 25 -11.87 34.55 29.97
N MSE A 26 -12.13 33.32 29.54
CA MSE A 26 -13.13 33.04 28.51
C MSE A 26 -14.30 32.19 29.00
O MSE A 26 -14.92 31.49 28.21
CB MSE A 26 -12.47 32.34 27.32
CG MSE A 26 -11.72 33.26 26.38
SE MSE A 26 -12.94 34.20 25.19
CE MSE A 26 -11.64 34.91 23.95
N SER A 27 -14.58 32.25 30.30
CA SER A 27 -15.57 31.35 30.88
C SER A 27 -16.95 31.58 30.29
N GLU A 28 -17.23 32.80 29.79
CA GLU A 28 -18.57 33.12 29.34
C GLU A 28 -18.87 32.52 27.96
N ALA A 29 -17.86 32.39 27.11
CA ALA A 29 -18.08 31.93 25.75
C ALA A 29 -18.45 30.44 25.72
N SER A 30 -19.17 30.05 24.67
CA SER A 30 -19.55 28.67 24.46
C SER A 30 -18.70 28.05 23.35
N ILE A 31 -18.72 26.72 23.29
CA ILE A 31 -17.90 26.01 22.33
C ILE A 31 -18.40 26.27 20.91
N GLN A 32 -17.48 26.24 19.94
CA GLN A 32 -17.76 26.42 18.52
C GLN A 32 -18.33 27.81 18.22
N ASP A 33 -18.06 28.79 19.07
CA ASP A 33 -18.47 30.17 18.82
C ASP A 33 -17.45 30.89 17.96
N MSE A 34 -17.89 31.97 17.32
CA MSE A 34 -17.00 32.81 16.53
C MSE A 34 -16.41 33.94 17.39
O MSE A 34 -17.07 34.46 18.28
CB MSE A 34 -17.75 33.39 15.33
CG MSE A 34 -18.10 32.35 14.27
SE MSE A 34 -16.51 31.51 13.52
CE MSE A 34 -17.37 30.35 12.21
N CYS A 35 -15.17 34.30 17.10
CA CYS A 35 -14.45 35.29 17.90
C CYS A 35 -13.62 36.19 16.99
N LEU A 36 -13.45 37.44 17.42
CA LEU A 36 -12.59 38.41 16.74
C LEU A 36 -11.27 38.44 17.50
N VAL A 37 -10.26 37.77 16.97
CA VAL A 37 -9.01 37.53 17.68
C VAL A 37 -8.08 38.72 17.52
N GLY A 38 -7.51 39.18 18.64
CA GLY A 38 -6.48 40.19 18.61
C GLY A 38 -7.02 41.61 18.52
N ASP A 39 -6.07 42.57 18.52
CA ASP A 39 -6.43 43.95 18.28
C ASP A 39 -7.07 44.15 16.93
N LEU A 40 -6.66 43.35 15.95
CA LEU A 40 -7.19 43.46 14.59
C LEU A 40 -8.61 42.91 14.51
N GLY A 41 -8.87 41.80 15.20
CA GLY A 41 -10.18 41.19 15.19
C GLY A 41 -10.39 40.23 14.02
N VAL A 42 -9.46 39.29 13.85
CA VAL A 42 -9.51 38.38 12.72
C VAL A 42 -10.56 37.29 12.96
N ILE A 43 -10.76 36.43 11.97
CA ILE A 43 -11.82 35.43 12.02
C ILE A 43 -11.31 34.24 12.82
N GLY A 44 -11.90 34.00 13.99
CA GLY A 44 -11.50 32.89 14.83
C GLY A 44 -12.66 32.12 15.41
N GLU A 45 -12.56 30.79 15.39
CA GLU A 45 -13.60 29.91 15.90
C GLU A 45 -13.06 29.13 17.09
N ILE A 46 -13.85 29.08 18.16
CA ILE A 46 -13.48 28.29 19.33
C ILE A 46 -13.52 26.82 18.98
N ILE A 47 -12.46 26.10 19.33
CA ILE A 47 -12.34 24.66 19.05
C ILE A 47 -12.47 23.84 20.33
N GLU A 48 -11.64 24.14 21.33
CA GLU A 48 -11.68 23.43 22.60
C GLU A 48 -11.47 24.43 23.72
N MSE A 49 -12.01 24.11 24.89
CA MSE A 49 -11.82 24.96 26.05
C MSE A 49 -11.57 24.17 27.32
O MSE A 49 -12.32 23.26 27.66
CB MSE A 49 -13.02 25.88 26.25
CG MSE A 49 -13.00 26.58 27.60
SE MSE A 49 -13.31 28.49 27.58
CE MSE A 49 -15.21 28.53 27.14
N ARG A 50 -10.51 24.54 28.04
CA ARG A 50 -10.15 23.94 29.32
C ARG A 50 -10.19 25.03 30.38
N GLN A 51 -11.03 24.84 31.39
CA GLN A 51 -11.24 25.83 32.47
C GLN A 51 -11.66 27.14 31.81
N ASP A 52 -10.98 28.25 32.08
CA ASP A 52 -11.30 29.52 31.46
C ASP A 52 -10.46 29.79 30.21
N VAL A 53 -9.62 28.83 29.80
CA VAL A 53 -8.77 28.98 28.63
C VAL A 53 -9.43 28.26 27.46
N ALA A 54 -9.61 28.98 26.35
CA ALA A 54 -10.23 28.43 25.15
C ALA A 54 -9.22 28.47 24.01
N SER A 55 -9.10 27.35 23.30
CA SER A 55 -8.27 27.29 22.11
C SER A 55 -9.09 27.71 20.90
N ILE A 56 -8.52 28.58 20.08
CA ILE A 56 -9.23 29.18 18.94
C ILE A 56 -8.40 28.98 17.69
N GLN A 57 -8.97 28.29 16.70
CA GLN A 57 -8.34 28.15 15.39
C GLN A 57 -8.57 29.43 14.60
N VAL A 58 -7.50 30.10 14.23
CA VAL A 58 -7.59 31.36 13.47
C VAL A 58 -7.50 31.03 11.99
N TYR A 59 -8.46 31.53 11.22
CA TYR A 59 -8.59 31.22 9.80
C TYR A 59 -8.03 32.31 8.91
N GLU A 60 -7.55 33.42 9.48
CA GLU A 60 -6.83 34.44 8.74
C GLU A 60 -5.34 34.35 9.08
N GLU A 61 -4.54 35.22 8.47
CA GLU A 61 -3.11 35.25 8.77
C GLU A 61 -2.90 35.70 10.21
N THR A 62 -1.91 35.08 10.85
CA THR A 62 -1.64 35.32 12.26
C THR A 62 -0.43 36.23 12.48
N SER A 63 0.06 36.88 11.44
CA SER A 63 1.17 37.82 11.59
C SER A 63 0.66 39.11 12.21
N GLY A 64 1.37 39.59 13.23
CA GLY A 64 1.01 40.83 13.88
C GLY A 64 0.16 40.71 15.11
N ILE A 65 -0.17 39.49 15.54
CA ILE A 65 -0.97 39.25 16.73
C ILE A 65 -0.12 38.51 17.74
N GLY A 66 -0.31 38.82 19.03
CA GLY A 66 0.39 38.15 20.09
C GLY A 66 -0.35 38.22 21.40
N PRO A 67 0.31 37.85 22.49
CA PRO A 67 -0.33 37.89 23.81
C PRO A 67 -0.64 39.31 24.24
N GLY A 68 -1.56 39.42 25.20
CA GLY A 68 -2.02 40.68 25.69
C GLY A 68 -3.16 41.27 24.90
N GLU A 69 -3.28 40.91 23.62
CA GLU A 69 -4.36 41.45 22.80
C GLU A 69 -5.68 40.78 23.17
N PRO A 70 -6.77 41.54 23.20
CA PRO A 70 -8.06 40.97 23.59
C PRO A 70 -8.73 40.22 22.45
N VAL A 71 -9.69 39.38 22.81
CA VAL A 71 -10.50 38.63 21.85
C VAL A 71 -11.96 38.72 22.30
N ARG A 72 -12.85 39.07 21.37
CA ARG A 72 -14.27 39.22 21.65
C ARG A 72 -15.03 38.07 21.01
N SER A 73 -15.74 37.31 21.84
CA SER A 73 -16.59 36.24 21.34
C SER A 73 -17.92 36.81 20.86
N THR A 74 -18.38 36.31 19.70
CA THR A 74 -19.67 36.75 19.19
C THR A 74 -20.83 36.18 19.99
N GLY A 75 -20.59 35.16 20.81
CA GLY A 75 -21.63 34.56 21.61
C GLY A 75 -22.49 33.53 20.90
N GLU A 76 -22.20 33.23 19.64
CA GLU A 76 -23.01 32.29 18.88
C GLU A 76 -22.12 31.57 17.88
N ALA A 77 -22.61 30.43 17.39
CA ALA A 77 -21.92 29.70 16.34
C ALA A 77 -22.14 30.41 15.00
N LEU A 78 -21.56 29.85 13.93
CA LEU A 78 -21.69 30.44 12.62
C LEU A 78 -23.15 30.48 12.18
N SER A 79 -23.71 31.69 12.08
CA SER A 79 -25.12 31.90 11.78
C SER A 79 -25.27 32.80 10.55
N VAL A 80 -26.51 33.02 10.15
CA VAL A 80 -26.83 33.85 9.00
C VAL A 80 -27.97 34.78 9.35
N GLU A 81 -27.89 36.02 8.85
CA GLU A 81 -29.00 36.96 8.97
C GLU A 81 -30.04 36.63 7.89
N LEU A 82 -31.27 36.37 8.32
CA LEU A 82 -32.34 35.96 7.42
C LEU A 82 -33.45 37.00 7.45
N GLY A 83 -33.59 37.74 6.35
CA GLY A 83 -34.62 38.75 6.24
C GLY A 83 -34.58 39.44 4.89
N PRO A 84 -35.31 40.54 4.77
CA PRO A 84 -35.24 41.31 3.52
C PRO A 84 -33.86 41.90 3.30
N GLY A 85 -33.46 41.96 2.03
CA GLY A 85 -32.12 42.33 1.63
C GLY A 85 -31.30 41.16 1.14
N ILE A 86 -31.57 39.96 1.65
CA ILE A 86 -30.73 38.82 1.35
C ILE A 86 -30.84 38.44 -0.11
N ILE A 87 -31.97 38.71 -0.75
CA ILE A 87 -32.13 38.35 -2.15
C ILE A 87 -31.32 39.30 -3.01
N SER A 88 -30.74 38.77 -4.10
CA SER A 88 -30.02 39.58 -5.08
C SER A 88 -28.80 40.27 -4.47
N GLN A 89 -28.21 39.67 -3.43
CA GLN A 89 -26.97 40.18 -2.86
C GLN A 89 -26.01 39.02 -2.68
N MSE A 90 -24.75 39.26 -3.03
CA MSE A 90 -23.73 38.20 -2.97
C MSE A 90 -23.00 38.18 -1.62
O MSE A 90 -22.66 39.23 -1.06
CB MSE A 90 -22.72 38.39 -4.11
CG MSE A 90 -23.30 38.12 -5.50
SE MSE A 90 -22.03 38.50 -6.94
CE MSE A 90 -22.04 40.46 -6.84
N PHE A 91 -22.76 36.99 -1.11
CA PHE A 91 -22.06 36.78 0.15
C PHE A 91 -20.94 35.77 -0.05
N ASP A 92 -20.18 35.52 1.02
CA ASP A 92 -19.15 34.50 1.01
C ASP A 92 -19.60 33.32 1.88
N GLY A 93 -18.63 32.51 2.32
CA GLY A 93 -18.96 31.34 3.11
C GLY A 93 -19.49 31.67 4.49
N ILE A 94 -19.02 32.76 5.08
CA ILE A 94 -19.48 33.19 6.39
C ILE A 94 -20.46 34.37 6.28
N GLN A 95 -21.02 34.60 5.09
CA GLN A 95 -22.03 35.63 4.85
C GLN A 95 -21.46 37.03 5.07
N ARG A 96 -20.41 37.35 4.32
CA ARG A 96 -19.87 38.70 4.30
C ARG A 96 -20.29 39.35 2.99
N PRO A 97 -21.11 40.42 3.02
CA PRO A 97 -21.58 41.00 1.76
C PRO A 97 -20.47 41.62 0.93
N LEU A 98 -20.18 41.01 -0.21
CA LEU A 98 -19.12 41.51 -1.07
C LEU A 98 -19.53 42.81 -1.76
N ASP A 99 -20.82 42.94 -2.10
CA ASP A 99 -21.29 44.17 -2.72
C ASP A 99 -21.22 45.34 -1.75
N THR A 100 -21.24 45.05 -0.44
CA THR A 100 -21.06 46.08 0.57
C THR A 100 -19.58 46.32 0.87
N PHE A 101 -18.78 45.26 0.90
CA PHE A 101 -17.34 45.41 1.06
C PHE A 101 -16.74 46.29 -0.02
N MSE A 102 -17.19 46.10 -1.25
CA MSE A 102 -16.68 46.84 -2.41
C MSE A 102 -16.90 48.35 -2.29
O MSE A 102 -15.98 49.14 -2.49
CB MSE A 102 -17.36 46.33 -3.69
CG MSE A 102 -16.55 45.29 -4.45
SE MSE A 102 -15.27 46.12 -5.66
CE MSE A 102 -16.53 46.87 -6.95
N GLU A 103 -18.13 48.73 -1.95
CA GLU A 103 -18.51 50.14 -1.96
C GLU A 103 -18.06 50.86 -0.68
N VAL A 104 -18.31 50.24 0.47
CA VAL A 104 -18.08 50.92 1.74
C VAL A 104 -16.59 51.09 2.01
N THR A 105 -15.82 50.00 1.95
CA THR A 105 -14.40 50.08 2.25
C THR A 105 -13.60 50.85 1.22
N GLN A 106 -14.21 51.15 0.06
CA GLN A 106 -13.55 51.89 -1.02
C GLN A 106 -12.34 51.15 -1.58
N SER A 107 -12.21 49.86 -1.26
CA SER A 107 -11.08 49.06 -1.69
C SER A 107 -11.59 47.82 -2.42
N ASN A 108 -10.65 47.11 -3.04
CA ASN A 108 -10.95 45.87 -3.75
C ASN A 108 -10.51 44.64 -2.96
N PHE A 109 -10.14 44.81 -1.70
CA PHE A 109 -9.64 43.71 -0.88
C PHE A 109 -10.56 43.47 0.30
N LEU A 110 -10.42 42.30 0.90
CA LEU A 110 -11.14 41.94 2.13
C LEU A 110 -10.14 42.08 3.28
N GLY A 111 -10.13 43.26 3.90
CA GLY A 111 -9.14 43.55 4.91
C GLY A 111 -9.32 42.69 6.15
N ARG A 112 -8.20 42.32 6.76
CA ARG A 112 -8.23 41.53 7.98
C ARG A 112 -8.91 42.32 9.09
N GLY A 113 -9.90 41.68 9.74
CA GLY A 113 -10.61 42.31 10.83
C GLY A 113 -11.76 43.20 10.40
N VAL A 114 -11.92 43.46 9.12
CA VAL A 114 -13.02 44.30 8.63
C VAL A 114 -14.31 43.49 8.75
N GLN A 115 -15.23 43.94 9.59
CA GLN A 115 -16.51 43.29 9.82
C GLN A 115 -17.64 44.20 9.35
N LEU A 116 -18.52 43.66 8.50
CA LEU A 116 -19.67 44.39 8.02
C LEU A 116 -20.93 43.54 8.18
N PRO A 117 -22.04 44.15 8.57
CA PRO A 117 -23.29 43.40 8.74
C PRO A 117 -23.72 42.79 7.42
N ALA A 118 -24.36 41.61 7.51
CA ALA A 118 -24.72 40.85 6.33
C ALA A 118 -25.78 41.58 5.50
N LEU A 119 -26.93 41.83 6.10
CA LEU A 119 -28.02 42.47 5.39
C LEU A 119 -27.96 43.99 5.54
N ASP A 120 -28.82 44.68 4.81
CA ASP A 120 -28.92 46.13 4.86
C ASP A 120 -29.83 46.52 6.01
N HIS A 121 -29.24 47.00 7.10
CA HIS A 121 -30.00 47.39 8.29
C HIS A 121 -30.54 48.81 8.21
N GLU A 122 -30.22 49.55 7.15
CA GLU A 122 -30.66 50.93 7.01
C GLU A 122 -31.70 51.13 5.93
N LYS A 123 -31.91 50.14 5.07
CA LYS A 123 -32.82 50.28 3.93
C LYS A 123 -34.27 50.10 4.38
N GLN A 124 -35.16 50.92 3.82
CA GLN A 124 -36.58 50.88 4.18
C GLN A 124 -37.34 49.89 3.32
N TRP A 125 -38.20 49.10 3.96
CA TRP A 125 -39.04 48.10 3.30
C TRP A 125 -40.49 48.33 3.69
N TRP A 126 -41.40 48.22 2.72
CA TRP A 126 -42.83 48.39 2.98
C TRP A 126 -43.40 47.07 3.48
N PHE A 127 -43.68 47.00 4.78
CA PHE A 127 -44.30 45.81 5.36
C PHE A 127 -45.81 45.86 5.13
N GLU A 128 -46.34 44.77 4.55
CA GLU A 128 -47.77 44.64 4.27
C GLU A 128 -48.36 43.64 5.25
N ALA A 129 -48.95 44.14 6.34
CA ALA A 129 -49.47 43.29 7.40
C ALA A 129 -50.68 42.51 6.89
N THR A 130 -50.55 41.19 6.84
CA THR A 130 -51.65 40.34 6.39
C THR A 130 -52.45 39.73 7.54
N ILE A 131 -51.93 39.80 8.77
CA ILE A 131 -52.63 39.27 9.93
C ILE A 131 -53.03 40.43 10.82
N GLU A 132 -54.12 40.24 11.56
CA GLU A 132 -54.63 41.24 12.49
C GLU A 132 -54.38 40.82 13.92
N GLU A 133 -54.66 41.73 14.84
CA GLU A 133 -54.36 41.49 16.25
C GLU A 133 -55.33 40.48 16.84
N GLY A 134 -54.88 39.79 17.90
CA GLY A 134 -55.69 38.84 18.61
C GLY A 134 -55.60 37.41 18.10
N THR A 135 -54.81 37.15 17.06
CA THR A 135 -54.71 35.82 16.47
C THR A 135 -53.63 35.02 17.18
N GLU A 136 -53.96 33.80 17.59
CA GLU A 136 -52.97 32.90 18.16
C GLU A 136 -51.98 32.48 17.08
N VAL A 137 -50.69 32.63 17.37
CA VAL A 137 -49.64 32.34 16.39
C VAL A 137 -48.59 31.45 17.02
N SER A 138 -47.92 30.68 16.16
CA SER A 138 -46.80 29.84 16.55
C SER A 138 -45.69 30.02 15.53
N ALA A 139 -44.63 29.22 15.66
CA ALA A 139 -43.50 29.31 14.75
C ALA A 139 -43.93 28.86 13.36
N GLY A 140 -43.83 29.75 12.37
CA GLY A 140 -44.05 29.43 10.97
C GLY A 140 -45.15 30.26 10.33
N ASP A 141 -46.08 30.79 11.12
CA ASP A 141 -47.20 31.53 10.56
C ASP A 141 -46.73 32.84 9.94
N ILE A 142 -47.29 33.16 8.78
CA ILE A 142 -46.91 34.37 8.05
C ILE A 142 -47.76 35.53 8.56
N ILE A 143 -47.08 36.60 8.99
CA ILE A 143 -47.79 37.79 9.44
C ILE A 143 -47.93 38.82 8.32
N GLY A 144 -47.04 38.79 7.34
CA GLY A 144 -47.08 39.74 6.24
C GLY A 144 -45.88 39.50 5.34
N TYR A 145 -45.97 40.07 4.14
CA TYR A 145 -44.91 39.94 3.17
C TYR A 145 -44.43 41.31 2.71
N VAL A 146 -43.19 41.33 2.23
CA VAL A 146 -42.59 42.52 1.64
C VAL A 146 -42.11 42.15 0.24
N ASP A 147 -42.48 42.95 -0.75
CA ASP A 147 -42.01 42.75 -2.13
C ASP A 147 -40.53 43.10 -2.17
N GLU A 148 -39.70 42.18 -1.67
CA GLU A 148 -38.27 42.44 -1.58
C GLU A 148 -37.65 42.60 -2.97
N THR A 149 -38.12 41.82 -3.93
CA THR A 149 -37.59 41.85 -5.28
C THR A 149 -38.74 41.70 -6.27
N LYS A 150 -38.46 41.97 -7.54
CA LYS A 150 -39.54 41.98 -8.53
C LYS A 150 -40.13 40.60 -8.74
N ILE A 151 -39.34 39.55 -8.51
CA ILE A 151 -39.79 38.19 -8.78
C ILE A 151 -40.45 37.56 -7.55
N ILE A 152 -39.85 37.74 -6.38
CA ILE A 152 -40.22 36.98 -5.18
C ILE A 152 -41.03 37.88 -4.24
N GLN A 153 -41.92 37.24 -3.49
CA GLN A 153 -42.67 37.89 -2.41
C GLN A 153 -42.12 37.34 -1.09
N HIS A 154 -41.14 38.04 -0.52
CA HIS A 154 -40.58 37.65 0.77
C HIS A 154 -41.65 37.67 1.85
N LYS A 155 -42.05 36.50 2.32
CA LYS A 155 -43.06 36.39 3.36
C LYS A 155 -42.39 36.35 4.73
N ILE A 156 -42.67 37.35 5.56
CA ILE A 156 -42.14 37.37 6.91
C ILE A 156 -42.88 36.33 7.75
N MSE A 157 -42.13 35.47 8.42
CA MSE A 157 -42.73 34.43 9.25
C MSE A 157 -42.43 34.66 10.73
O MSE A 157 -41.48 35.36 11.08
CB MSE A 157 -42.20 33.05 8.83
CG MSE A 157 -42.26 32.79 7.33
SE MSE A 157 -41.22 31.23 6.85
CE MSE A 157 -41.89 30.01 8.22
N VAL A 158 -43.23 34.06 11.60
CA VAL A 158 -43.02 34.15 13.04
C VAL A 158 -41.81 33.29 13.40
N PRO A 159 -40.78 33.86 14.02
CA PRO A 159 -39.58 33.09 14.32
C PRO A 159 -39.82 32.00 15.35
N ASN A 160 -38.89 31.05 15.39
CA ASN A 160 -39.03 29.88 16.27
C ASN A 160 -38.89 30.28 17.73
N GLY A 161 -39.58 29.54 18.59
CA GLY A 161 -39.53 29.77 20.02
C GLY A 161 -40.48 30.81 20.54
N ILE A 162 -41.42 31.29 19.73
CA ILE A 162 -42.34 32.36 20.11
C ILE A 162 -43.75 31.79 20.08
N LYS A 163 -44.45 31.89 21.21
CA LYS A 163 -45.82 31.40 21.30
C LYS A 163 -46.65 32.42 22.07
N GLY A 164 -47.69 32.96 21.42
CA GLY A 164 -48.54 33.92 22.09
C GLY A 164 -49.62 34.43 21.17
N THR A 165 -50.18 35.59 21.55
CA THR A 165 -51.27 36.22 20.83
C THR A 165 -50.79 37.55 20.25
N VAL A 166 -51.16 37.80 18.99
CA VAL A 166 -50.77 39.04 18.32
C VAL A 166 -51.46 40.21 19.02
N GLN A 167 -50.68 41.04 19.71
CA GLN A 167 -51.23 42.15 20.47
C GLN A 167 -51.44 43.40 19.62
N LYS A 168 -50.42 43.81 18.87
CA LYS A 168 -50.51 45.03 18.07
C LYS A 168 -49.67 44.86 16.81
N ILE A 169 -50.28 45.08 15.65
CA ILE A 169 -49.60 45.01 14.38
C ILE A 169 -50.08 46.16 13.50
N GLU A 170 -49.19 46.64 12.64
CA GLU A 170 -49.53 47.74 11.74
C GLU A 170 -48.60 47.69 10.53
N SER A 171 -49.18 47.95 9.35
CA SER A 171 -48.40 48.00 8.12
C SER A 171 -47.61 49.31 8.07
N GLY A 172 -46.85 49.49 6.99
CA GLY A 172 -46.04 50.68 6.83
C GLY A 172 -44.66 50.40 6.26
N SER A 173 -43.66 51.15 6.71
CA SER A 173 -42.29 51.00 6.23
C SER A 173 -41.34 50.98 7.42
N PHE A 174 -40.50 49.94 7.49
CA PHE A 174 -39.55 49.78 8.58
C PHE A 174 -38.23 49.26 8.02
N THR A 175 -37.20 49.33 8.85
CA THR A 175 -35.94 48.65 8.58
C THR A 175 -35.94 47.29 9.28
N ILE A 176 -34.96 46.46 8.95
CA ILE A 176 -34.91 45.11 9.49
C ILE A 176 -34.58 45.09 10.98
N ASP A 177 -34.22 46.23 11.56
CA ASP A 177 -33.98 46.34 12.99
C ASP A 177 -35.16 46.96 13.73
N ASP A 178 -36.26 47.26 13.05
CA ASP A 178 -37.41 47.89 13.68
C ASP A 178 -38.48 46.86 13.99
N PRO A 179 -39.11 46.95 15.17
CA PRO A 179 -40.17 45.99 15.52
C PRO A 179 -41.45 46.27 14.75
N ILE A 180 -42.02 45.23 14.15
CA ILE A 180 -43.24 45.36 13.38
C ILE A 180 -44.43 44.67 14.03
N CYS A 181 -44.23 43.98 15.16
CA CYS A 181 -45.31 43.27 15.82
C CYS A 181 -44.90 42.97 17.25
N VAL A 182 -45.90 42.72 18.09
CA VAL A 182 -45.70 42.39 19.50
C VAL A 182 -46.55 41.17 19.83
N ILE A 183 -45.93 40.17 20.46
CA ILE A 183 -46.59 38.90 20.79
C ILE A 183 -46.62 38.76 22.30
N GLU A 184 -47.79 38.41 22.83
CA GLU A 184 -47.97 38.22 24.28
C GLU A 184 -47.65 36.77 24.61
N THR A 185 -46.37 36.49 24.85
CA THR A 185 -45.93 35.13 25.04
C THR A 185 -46.10 34.70 26.50
N GLU A 186 -45.79 33.42 26.75
CA GLU A 186 -45.77 32.91 28.11
C GLU A 186 -44.67 33.54 28.93
N GLN A 187 -43.58 33.95 28.28
CA GLN A 187 -42.45 34.58 28.94
C GLN A 187 -42.51 36.09 28.91
N GLY A 188 -43.71 36.66 28.75
CA GLY A 188 -43.88 38.10 28.71
C GLY A 188 -44.08 38.60 27.29
N LEU A 189 -44.25 39.92 27.20
CA LEU A 189 -44.43 40.56 25.90
C LEU A 189 -43.10 40.61 25.15
N LYS A 190 -43.13 40.24 23.88
CA LYS A 190 -41.93 40.22 23.05
C LYS A 190 -42.23 40.86 21.70
N GLU A 191 -41.26 41.56 21.15
CA GLU A 191 -41.38 42.22 19.86
C GLU A 191 -40.64 41.42 18.79
N LEU A 192 -41.14 41.50 17.56
CA LEU A 192 -40.59 40.78 16.43
C LEU A 192 -40.14 41.75 15.34
N THR A 193 -38.99 41.45 14.75
CA THR A 193 -38.44 42.22 13.63
C THR A 193 -38.44 41.36 12.37
N MSE A 194 -38.07 41.98 11.26
CA MSE A 194 -38.04 41.29 9.98
C MSE A 194 -36.74 40.53 9.79
O MSE A 194 -36.54 39.85 8.78
CB MSE A 194 -38.25 42.28 8.83
CG MSE A 194 -39.51 43.13 8.95
SE MSE A 194 -40.00 43.98 7.27
CE MSE A 194 -38.30 44.83 6.84
N MSE A 195 -35.85 40.64 10.76
CA MSE A 195 -34.56 39.97 10.72
C MSE A 195 -34.50 38.87 11.78
O MSE A 195 -34.83 39.09 12.94
CB MSE A 195 -33.43 40.98 10.92
CG MSE A 195 -32.02 40.47 10.60
SE MSE A 195 -31.18 39.45 12.03
CE MSE A 195 -31.19 40.83 13.41
N GLN A 196 -34.08 37.67 11.37
CA GLN A 196 -33.92 36.55 12.29
C GLN A 196 -32.60 35.85 11.99
N LYS A 197 -31.92 35.44 13.06
CA LYS A 197 -30.64 34.76 12.95
C LYS A 197 -30.82 33.26 13.14
N TRP A 198 -30.00 32.48 12.42
CA TRP A 198 -30.08 31.03 12.50
C TRP A 198 -28.71 30.42 12.20
N PRO A 199 -28.26 29.46 13.00
CA PRO A 199 -26.93 28.88 12.76
C PRO A 199 -26.91 28.00 11.52
N VAL A 200 -25.80 28.07 10.77
CA VAL A 200 -25.67 27.27 9.56
C VAL A 200 -25.40 25.81 9.85
N ARG A 201 -25.03 25.47 11.10
CA ARG A 201 -24.67 24.09 11.42
C ARG A 201 -25.92 23.22 11.61
N ARG A 202 -26.93 23.72 12.32
CA ARG A 202 -28.15 22.98 12.56
C ARG A 202 -29.25 23.47 11.63
N GLY A 203 -30.06 22.53 11.14
CA GLY A 203 -31.10 22.88 10.19
C GLY A 203 -32.37 23.41 10.86
N ARG A 204 -33.23 24.01 10.03
CA ARG A 204 -34.47 24.60 10.51
C ARG A 204 -35.52 23.51 10.72
N PRO A 205 -36.26 23.55 11.82
CA PRO A 205 -37.20 22.47 12.13
C PRO A 205 -38.42 22.49 11.21
N ILE A 206 -39.02 21.31 11.07
CA ILE A 206 -40.15 21.09 10.16
C ILE A 206 -41.20 20.25 10.86
N LYS A 207 -42.38 20.15 10.23
CA LYS A 207 -43.47 19.36 10.77
C LYS A 207 -43.36 17.89 10.37
N GLN A 208 -43.34 17.62 9.07
CA GLN A 208 -43.21 16.26 8.58
C GLN A 208 -42.53 16.28 7.23
N LYS A 209 -41.42 15.56 7.11
CA LYS A 209 -40.75 15.44 5.81
C LYS A 209 -41.54 14.49 4.92
N LEU A 210 -41.57 14.81 3.63
CA LEU A 210 -42.36 14.06 2.66
C LEU A 210 -41.46 13.47 1.58
N ASN A 211 -42.03 12.53 0.84
CA ASN A 211 -41.31 11.88 -0.25
C ASN A 211 -41.25 12.80 -1.46
N PRO A 212 -40.07 13.10 -1.99
CA PRO A 212 -39.99 13.88 -3.23
C PRO A 212 -40.50 13.11 -4.42
N ASP A 213 -41.80 13.21 -4.70
CA ASP A 213 -42.42 12.49 -5.79
C ASP A 213 -42.94 13.43 -6.88
N VAL A 214 -42.61 14.72 -6.80
CA VAL A 214 -43.04 15.70 -7.79
C VAL A 214 -41.91 15.85 -8.82
N PRO A 215 -42.07 15.33 -10.03
CA PRO A 215 -40.99 15.47 -11.02
C PRO A 215 -40.77 16.90 -11.42
N MSE A 216 -39.51 17.27 -11.56
CA MSE A 216 -39.15 18.63 -11.94
C MSE A 216 -38.93 18.76 -13.44
O MSE A 216 -38.39 17.86 -14.07
CB MSE A 216 -37.88 19.06 -11.18
CG MSE A 216 -37.46 20.51 -11.41
SE MSE A 216 -36.10 21.07 -10.14
CE MSE A 216 -37.15 20.93 -8.50
N ILE A 217 -39.37 19.88 -14.01
CA ILE A 217 -39.26 20.14 -15.44
C ILE A 217 -38.05 21.03 -15.64
N THR A 218 -36.91 20.43 -15.97
CA THR A 218 -35.69 21.18 -16.20
C THR A 218 -35.60 21.78 -17.59
N GLY A 219 -36.47 21.37 -18.51
CA GLY A 219 -36.40 21.82 -19.88
C GLY A 219 -35.44 21.05 -20.75
N GLN A 220 -34.53 20.27 -20.17
CA GLN A 220 -33.59 19.47 -20.93
C GLN A 220 -34.18 18.08 -21.16
N ARG A 221 -34.19 17.63 -22.41
CA ARG A 221 -34.88 16.39 -22.75
C ARG A 221 -34.18 15.18 -22.15
N VAL A 222 -32.85 15.19 -22.10
CA VAL A 222 -32.12 14.03 -21.59
C VAL A 222 -32.35 13.84 -20.09
N ILE A 223 -32.77 14.90 -19.39
CA ILE A 223 -32.98 14.83 -17.95
C ILE A 223 -34.42 14.43 -17.67
N ASP A 224 -35.37 15.26 -18.12
CA ASP A 224 -36.77 15.06 -17.76
C ASP A 224 -37.31 13.72 -18.25
N THR A 225 -36.65 13.09 -19.21
CA THR A 225 -37.15 11.83 -19.77
C THR A 225 -36.52 10.62 -19.10
N PHE A 226 -35.20 10.50 -19.17
CA PHE A 226 -34.50 9.30 -18.73
C PHE A 226 -33.90 9.42 -17.33
N PHE A 227 -33.33 10.57 -16.98
CA PHE A 227 -32.66 10.76 -15.69
C PHE A 227 -33.29 11.94 -14.96
N PRO A 228 -34.53 11.81 -14.51
CA PRO A 228 -35.22 12.96 -13.91
C PRO A 228 -34.92 13.10 -12.43
N VAL A 229 -34.88 14.35 -11.98
CA VAL A 229 -34.75 14.68 -10.58
C VAL A 229 -36.09 15.22 -10.08
N THR A 230 -36.46 14.85 -8.86
CA THR A 230 -37.75 15.23 -8.32
C THR A 230 -37.63 16.50 -7.47
N LYS A 231 -38.78 17.12 -7.21
CA LYS A 231 -38.83 18.29 -6.34
C LYS A 231 -38.49 17.88 -4.92
N GLY A 232 -37.22 18.00 -4.54
CA GLY A 232 -36.78 17.57 -3.23
C GLY A 232 -35.76 16.47 -3.30
N GLY A 233 -35.26 16.20 -4.51
CA GLY A 233 -34.29 15.15 -4.75
C GLY A 233 -32.87 15.61 -4.57
N ALA A 234 -31.95 14.90 -5.23
CA ALA A 234 -30.53 15.22 -5.15
C ALA A 234 -29.82 14.58 -6.33
N ALA A 235 -28.97 15.34 -7.01
CA ALA A 235 -28.26 14.89 -8.19
C ALA A 235 -26.78 15.26 -8.09
N ALA A 236 -25.92 14.29 -8.35
CA ALA A 236 -24.47 14.48 -8.34
C ALA A 236 -23.96 14.50 -9.77
N VAL A 237 -23.16 15.52 -10.10
CA VAL A 237 -22.71 15.75 -11.46
C VAL A 237 -21.18 15.85 -11.49
N PRO A 238 -20.47 14.93 -12.12
CA PRO A 238 -19.04 15.14 -12.36
C PRO A 238 -18.83 16.23 -13.40
N GLY A 239 -17.75 16.97 -13.23
CA GLY A 239 -17.48 18.08 -14.12
C GLY A 239 -16.06 18.09 -14.67
N PRO A 240 -15.78 17.19 -15.61
CA PRO A 240 -14.49 17.24 -16.29
C PRO A 240 -14.42 18.46 -17.19
N PHE A 241 -13.21 19.00 -17.33
CA PHE A 241 -13.04 20.22 -18.11
C PHE A 241 -13.40 19.99 -19.57
N GLY A 242 -14.11 20.95 -20.14
CA GLY A 242 -14.55 20.88 -21.52
C GLY A 242 -15.87 20.19 -21.73
N ALA A 243 -16.45 19.59 -20.69
CA ALA A 243 -17.72 18.90 -20.80
C ALA A 243 -18.92 19.83 -20.76
N GLY A 244 -18.69 21.14 -20.78
CA GLY A 244 -19.80 22.08 -20.68
C GLY A 244 -20.52 22.02 -19.35
N LYS A 245 -19.78 21.93 -18.25
CA LYS A 245 -20.40 21.85 -16.94
C LYS A 245 -21.18 23.13 -16.62
N THR A 246 -20.63 24.29 -16.98
CA THR A 246 -21.35 25.53 -16.76
C THR A 246 -22.52 25.70 -17.72
N VAL A 247 -22.46 25.05 -18.88
CA VAL A 247 -23.57 25.15 -19.83
C VAL A 247 -24.80 24.43 -19.31
N VAL A 248 -24.61 23.22 -18.76
CA VAL A 248 -25.73 22.50 -18.19
C VAL A 248 -26.24 23.18 -16.93
N GLN A 249 -25.34 23.85 -16.19
CA GLN A 249 -25.75 24.50 -14.96
C GLN A 249 -26.69 25.67 -15.25
N HIS A 250 -26.35 26.49 -16.23
CA HIS A 250 -27.14 27.70 -16.50
C HIS A 250 -28.54 27.34 -16.99
N GLN A 251 -28.67 26.25 -17.75
CA GLN A 251 -29.98 25.87 -18.26
C GLN A 251 -30.88 25.31 -17.16
N ILE A 252 -30.28 24.76 -16.10
CA ILE A 252 -31.08 24.24 -14.99
C ILE A 252 -31.50 25.38 -14.06
N ALA A 253 -30.61 26.31 -13.78
CA ALA A 253 -30.94 27.42 -12.90
C ALA A 253 -31.91 28.39 -13.54
N LYS A 254 -32.11 28.31 -14.85
CA LYS A 254 -32.97 29.25 -15.58
C LYS A 254 -34.33 28.66 -15.92
N TRP A 255 -34.38 27.41 -16.38
CA TRP A 255 -35.60 26.82 -16.89
C TRP A 255 -36.36 25.97 -15.88
N SER A 256 -35.73 25.60 -14.75
CA SER A 256 -36.40 24.76 -13.78
C SER A 256 -37.56 25.49 -13.12
N ASP A 257 -38.64 24.77 -12.85
CA ASP A 257 -39.81 25.34 -12.20
C ASP A 257 -39.59 25.40 -10.70
N VAL A 258 -38.68 26.29 -10.30
CA VAL A 258 -38.36 26.53 -8.90
C VAL A 258 -38.54 28.02 -8.61
N ASP A 259 -38.67 28.33 -7.32
CA ASP A 259 -38.89 29.71 -6.88
C ASP A 259 -37.59 30.48 -6.74
N LEU A 260 -36.61 29.90 -6.04
CA LEU A 260 -35.34 30.57 -5.81
C LEU A 260 -34.18 29.62 -6.08
N VAL A 261 -33.08 30.17 -6.59
CA VAL A 261 -31.87 29.43 -6.88
C VAL A 261 -30.78 29.92 -5.93
N VAL A 262 -30.19 28.99 -5.19
CA VAL A 262 -29.11 29.34 -4.28
C VAL A 262 -27.80 28.73 -4.78
N TYR A 263 -27.10 29.46 -5.64
CA TYR A 263 -25.82 28.99 -6.14
C TYR A 263 -24.76 29.14 -5.05
N VAL A 264 -23.95 28.11 -4.87
CA VAL A 264 -22.93 28.08 -3.83
C VAL A 264 -21.59 27.75 -4.48
N GLY A 265 -20.63 28.65 -4.35
CA GLY A 265 -19.26 28.36 -4.70
C GLY A 265 -18.46 27.97 -3.47
N CYS A 266 -18.21 26.68 -3.29
CA CYS A 266 -17.54 26.17 -2.10
C CYS A 266 -16.12 26.72 -2.02
N GLY A 267 -15.28 26.31 -2.97
CA GLY A 267 -13.97 26.88 -3.16
C GLY A 267 -13.63 26.75 -4.63
N GLU A 268 -13.29 27.86 -5.28
CA GLU A 268 -13.06 27.83 -6.72
C GLU A 268 -11.87 28.70 -7.07
N ARG A 269 -11.33 28.45 -8.26
CA ARG A 269 -10.22 29.25 -8.78
C ARG A 269 -10.70 30.67 -9.05
N GLY A 270 -9.86 31.64 -8.72
CA GLY A 270 -10.19 33.05 -8.84
C GLY A 270 -10.77 33.43 -10.19
N ASN A 271 -10.07 33.09 -11.27
CA ASN A 271 -10.56 33.41 -12.60
C ASN A 271 -11.75 32.53 -12.99
N GLU A 272 -11.80 31.31 -12.47
CA GLU A 272 -12.99 30.47 -12.68
C GLU A 272 -14.19 31.01 -11.92
N MSE A 273 -13.97 31.73 -10.83
CA MSE A 273 -15.05 32.28 -10.03
C MSE A 273 -15.59 33.56 -10.69
O MSE A 273 -16.80 33.79 -10.72
CB MSE A 273 -14.60 32.57 -8.60
CG MSE A 273 -15.75 32.80 -7.64
SE MSE A 273 -16.90 31.22 -7.50
CE MSE A 273 -18.52 32.05 -6.81
N THR A 274 -14.66 34.36 -11.22
CA THR A 274 -15.06 35.58 -11.92
C THR A 274 -16.03 35.26 -13.06
N ASP A 275 -15.84 34.11 -13.71
CA ASP A 275 -16.82 33.59 -14.66
C ASP A 275 -18.23 33.64 -14.07
N VAL A 276 -18.40 33.03 -12.90
CA VAL A 276 -19.73 32.90 -12.31
C VAL A 276 -20.26 34.25 -11.85
N VAL A 277 -19.38 35.15 -11.43
CA VAL A 277 -19.85 36.45 -10.98
C VAL A 277 -20.36 37.30 -12.13
N ASN A 278 -19.84 37.05 -13.34
CA ASN A 278 -20.25 37.82 -14.52
C ASN A 278 -21.30 37.11 -15.36
N GLU A 279 -21.24 35.78 -15.45
CA GLU A 279 -22.16 35.06 -16.34
C GLU A 279 -23.50 34.80 -15.68
N PHE A 280 -23.53 34.58 -14.37
CA PHE A 280 -24.78 34.23 -13.69
C PHE A 280 -25.77 35.39 -13.68
N PRO A 281 -25.36 36.63 -13.42
CA PRO A 281 -26.32 37.74 -13.57
C PRO A 281 -26.77 37.97 -15.00
N GLU A 282 -25.98 37.54 -15.99
CA GLU A 282 -26.32 37.71 -17.40
C GLU A 282 -27.42 36.77 -17.85
N LEU A 283 -27.91 35.88 -16.98
CA LEU A 283 -29.01 35.00 -17.34
C LEU A 283 -30.33 35.72 -17.10
N ILE A 284 -31.23 35.63 -18.07
CA ILE A 284 -32.53 36.31 -18.00
C ILE A 284 -33.60 35.30 -17.61
N ASP A 285 -34.44 35.69 -16.66
CA ASP A 285 -35.52 34.82 -16.20
C ASP A 285 -36.59 34.72 -17.29
N PRO A 286 -36.98 33.50 -17.70
CA PRO A 286 -37.81 33.38 -18.91
C PRO A 286 -39.25 33.87 -18.76
N ASN A 287 -39.81 33.93 -17.54
CA ASN A 287 -41.23 34.24 -17.46
C ASN A 287 -41.51 35.74 -17.42
N THR A 288 -40.56 36.55 -16.95
CA THR A 288 -40.74 37.99 -16.84
C THR A 288 -39.82 38.76 -17.76
N GLY A 289 -38.54 38.39 -17.82
CA GLY A 289 -37.58 39.10 -18.63
C GLY A 289 -36.49 39.81 -17.85
N GLU A 290 -36.51 39.73 -16.52
CA GLU A 290 -35.49 40.37 -15.71
C GLU A 290 -34.32 39.41 -15.49
N SER A 291 -33.32 39.87 -14.75
CA SER A 291 -32.15 39.05 -14.48
C SER A 291 -32.50 37.92 -13.52
N LEU A 292 -31.73 36.84 -13.61
CA LEU A 292 -31.93 35.71 -12.71
C LEU A 292 -31.53 36.04 -11.28
N MSE A 293 -30.77 37.10 -11.07
CA MSE A 293 -30.33 37.51 -9.73
C MSE A 293 -31.51 37.86 -8.84
O MSE A 293 -31.40 37.80 -7.61
CB MSE A 293 -29.38 38.70 -9.81
CG MSE A 293 -28.03 38.39 -10.40
SE MSE A 293 -27.00 37.11 -9.33
CE MSE A 293 -27.14 37.99 -7.60
N GLU A 294 -32.64 38.24 -9.46
CA GLU A 294 -33.80 38.67 -8.69
C GLU A 294 -34.29 37.56 -7.77
N ARG A 295 -34.15 36.31 -8.19
CA ARG A 295 -34.60 35.18 -7.37
C ARG A 295 -33.43 34.31 -6.90
N THR A 296 -32.22 34.85 -6.89
CA THR A 296 -31.04 34.07 -6.55
C THR A 296 -30.27 34.71 -5.40
N VAL A 297 -29.65 33.86 -4.59
CA VAL A 297 -28.73 34.29 -3.53
C VAL A 297 -27.42 33.58 -3.79
N LEU A 298 -26.40 34.32 -4.18
CA LEU A 298 -25.13 33.76 -4.64
C LEU A 298 -24.13 33.72 -3.49
N ILE A 299 -23.40 32.61 -3.39
CA ILE A 299 -22.31 32.43 -2.43
C ILE A 299 -21.00 32.45 -3.21
N ALA A 300 -20.08 33.32 -2.82
CA ALA A 300 -18.84 33.55 -3.55
C ALA A 300 -17.65 33.27 -2.64
N ASN A 301 -16.94 32.18 -2.93
CA ASN A 301 -15.73 31.82 -2.19
C ASN A 301 -14.66 31.39 -3.20
N THR A 302 -13.57 32.13 -3.24
CA THR A 302 -12.40 31.69 -3.99
C THR A 302 -11.57 30.75 -3.12
N SER A 303 -10.44 30.28 -3.66
CA SER A 303 -9.63 29.33 -2.92
C SER A 303 -8.83 29.98 -1.81
N ASN A 304 -8.60 31.30 -1.88
CA ASN A 304 -7.83 31.98 -0.85
C ASN A 304 -8.70 32.56 0.26
N MSE A 305 -10.00 32.29 0.25
CA MSE A 305 -10.87 32.66 1.36
C MSE A 305 -10.51 31.85 2.61
O MSE A 305 -9.85 30.81 2.50
CB MSE A 305 -12.34 32.42 0.98
CG MSE A 305 -12.82 33.23 -0.21
SE MSE A 305 -12.78 35.15 0.12
CE MSE A 305 -13.93 35.22 1.69
N PRO A 306 -10.89 32.34 3.78
CA PRO A 306 -10.66 31.56 5.00
C PRO A 306 -11.31 30.19 4.92
N VAL A 307 -10.68 29.21 5.58
CA VAL A 307 -11.12 27.83 5.45
C VAL A 307 -12.52 27.65 6.03
N ALA A 308 -12.89 28.49 7.01
CA ALA A 308 -14.25 28.41 7.55
C ALA A 308 -15.28 28.79 6.49
N ALA A 309 -14.93 29.70 5.58
CA ALA A 309 -15.85 30.05 4.50
C ALA A 309 -16.00 28.88 3.54
N ARG A 310 -14.91 28.16 3.26
CA ARG A 310 -14.98 27.04 2.33
C ARG A 310 -15.62 25.82 2.98
N GLU A 311 -15.45 25.64 4.29
CA GLU A 311 -16.05 24.50 4.97
C GLU A 311 -17.55 24.66 5.10
N ALA A 312 -17.99 25.84 5.56
CA ALA A 312 -19.40 26.12 5.76
C ALA A 312 -20.03 26.84 4.58
N SER A 313 -19.48 26.61 3.38
CA SER A 313 -20.05 27.23 2.18
C SER A 313 -21.39 26.59 1.82
N ILE A 314 -21.45 25.27 1.81
CA ILE A 314 -22.71 24.61 1.49
C ILE A 314 -23.67 24.68 2.67
N TYR A 315 -23.14 24.73 3.90
CA TYR A 315 -24.00 24.83 5.07
C TYR A 315 -24.64 26.21 5.19
N THR A 316 -24.05 27.23 4.57
CA THR A 316 -24.66 28.55 4.58
C THR A 316 -25.85 28.60 3.63
N GLY A 317 -25.66 28.16 2.39
CA GLY A 317 -26.73 28.27 1.41
C GLY A 317 -27.92 27.39 1.73
N ILE A 318 -27.67 26.20 2.30
CA ILE A 318 -28.77 25.31 2.64
C ILE A 318 -29.60 25.90 3.79
N THR A 319 -28.97 26.71 4.65
CA THR A 319 -29.72 27.41 5.68
C THR A 319 -30.60 28.49 5.07
N ILE A 320 -30.09 29.19 4.04
CA ILE A 320 -30.91 30.15 3.33
C ILE A 320 -32.01 29.45 2.55
N ALA A 321 -31.71 28.28 1.99
CA ALA A 321 -32.72 27.53 1.26
C ALA A 321 -33.82 27.05 2.19
N GLU A 322 -33.44 26.52 3.36
CA GLU A 322 -34.44 26.10 4.33
C GLU A 322 -35.30 27.26 4.80
N TYR A 323 -34.73 28.46 4.87
CA TYR A 323 -35.50 29.64 5.26
C TYR A 323 -36.55 29.97 4.22
N PHE A 324 -36.15 30.05 2.95
CA PHE A 324 -37.12 30.31 1.88
C PHE A 324 -38.04 29.11 1.65
N ARG A 325 -37.56 27.90 1.95
CA ARG A 325 -38.42 26.73 1.84
C ARG A 325 -39.60 26.82 2.79
N ASP A 326 -39.36 27.34 4.01
CA ASP A 326 -40.42 27.46 5.00
C ASP A 326 -41.48 28.48 4.60
N MSE A 327 -41.26 29.24 3.55
CA MSE A 327 -42.29 30.17 3.05
C MSE A 327 -43.20 29.47 2.07
O MSE A 327 -44.07 30.09 1.46
CB MSE A 327 -41.63 31.39 2.38
CG MSE A 327 -40.68 32.17 3.26
SE MSE A 327 -39.75 33.54 2.24
CE MSE A 327 -38.67 34.30 3.68
N GLY A 328 -43.01 28.17 1.90
CA GLY A 328 -43.72 27.40 0.90
C GLY A 328 -43.08 27.38 -0.46
N TYR A 329 -41.93 28.03 -0.63
CA TYR A 329 -41.27 28.10 -1.92
C TYR A 329 -40.44 26.84 -2.19
N ASP A 330 -40.26 26.54 -3.47
CA ASP A 330 -39.41 25.43 -3.91
C ASP A 330 -38.06 26.01 -4.31
N VAL A 331 -37.01 25.60 -3.62
CA VAL A 331 -35.67 26.18 -3.79
C VAL A 331 -34.74 25.11 -4.34
N ALA A 332 -33.94 25.50 -5.32
CA ALA A 332 -32.89 24.65 -5.87
C ALA A 332 -31.54 25.22 -5.44
N ILE A 333 -30.72 24.38 -4.83
CA ILE A 333 -29.40 24.78 -4.37
C ILE A 333 -28.36 24.13 -5.28
N MSE A 334 -27.35 24.91 -5.64
CA MSE A 334 -26.30 24.42 -6.52
C MSE A 334 -24.96 24.46 -5.83
O MSE A 334 -24.55 25.49 -5.29
CB MSE A 334 -26.26 25.24 -7.81
CG MSE A 334 -26.48 24.40 -9.04
SE MSE A 334 -27.94 25.12 -10.09
CE MSE A 334 -27.16 24.82 -11.82
N ALA A 335 -24.25 23.33 -5.86
CA ALA A 335 -22.93 23.21 -5.25
C ALA A 335 -21.92 22.90 -6.34
N ASP A 336 -20.95 23.79 -6.50
CA ASP A 336 -19.89 23.61 -7.48
C ASP A 336 -18.65 24.31 -6.94
N SER A 337 -17.65 23.53 -6.53
CA SER A 337 -17.70 22.07 -6.57
C SER A 337 -17.55 21.48 -5.17
N THR A 338 -18.21 20.36 -4.93
CA THR A 338 -18.16 19.73 -3.62
C THR A 338 -16.82 19.06 -3.34
N SER A 339 -16.05 18.73 -4.38
CA SER A 339 -14.72 18.18 -4.17
C SER A 339 -13.80 19.18 -3.51
N ARG A 340 -14.01 20.48 -3.76
CA ARG A 340 -13.24 21.50 -3.07
C ARG A 340 -13.78 21.76 -1.68
N TRP A 341 -15.07 21.51 -1.46
CA TRP A 341 -15.63 21.65 -0.11
C TRP A 341 -15.02 20.61 0.82
N ALA A 342 -14.88 19.37 0.35
CA ALA A 342 -14.24 18.35 1.17
C ALA A 342 -12.76 18.67 1.38
N GLU A 343 -12.15 19.42 0.46
CA GLU A 343 -10.78 19.86 0.66
C GLU A 343 -10.67 20.82 1.83
N ALA A 344 -11.77 21.47 2.19
CA ALA A 344 -11.78 22.30 3.40
C ALA A 344 -11.89 21.43 4.65
N LEU A 345 -12.73 20.39 4.60
CA LEU A 345 -12.83 19.48 5.73
C LEU A 345 -11.56 18.66 5.90
N ARG A 346 -10.91 18.30 4.78
CA ARG A 346 -9.62 17.63 4.86
C ARG A 346 -8.58 18.53 5.52
N GLU A 347 -8.62 19.83 5.21
CA GLU A 347 -7.69 20.76 5.83
C GLU A 347 -7.99 20.93 7.31
N MSE A 348 -9.26 20.92 7.69
CA MSE A 348 -9.65 21.03 9.09
C MSE A 348 -9.14 19.84 9.91
O MSE A 348 -8.65 20.02 11.01
CB MSE A 348 -11.17 21.14 9.22
CG MSE A 348 -11.74 22.50 8.81
SE MSE A 348 -10.99 23.96 9.87
CE MSE A 348 -11.59 23.40 11.64
N SER A 349 -9.25 18.65 9.33
CA SER A 349 -8.81 17.45 10.04
C SER A 349 -7.31 17.47 10.30
N GLY A 350 -6.55 18.19 9.48
CA GLY A 350 -5.11 18.32 9.69
C GLY A 350 -4.78 19.37 10.73
N ARG A 351 -5.47 20.52 10.66
CA ARG A 351 -5.22 21.56 11.65
C ARG A 351 -5.66 21.12 13.03
N LEU A 352 -6.76 20.38 13.12
CA LEU A 352 -7.28 19.94 14.41
C LEU A 352 -6.56 18.72 14.97
N GLU A 353 -5.61 18.16 14.22
CA GLU A 353 -4.84 16.98 14.64
C GLU A 353 -5.78 15.81 14.94
N GLU A 354 -6.65 15.50 14.00
CA GLU A 354 -7.60 14.41 14.13
C GLU A 354 -7.09 13.16 13.42
N MSE A 355 -7.71 12.03 13.75
CA MSE A 355 -7.39 10.76 13.11
C MSE A 355 -7.94 10.75 11.69
O MSE A 355 -9.12 11.01 11.46
CB MSE A 355 -7.97 9.59 13.91
CG MSE A 355 -7.34 8.25 13.59
SE MSE A 355 -5.47 8.14 14.13
CE MSE A 355 -5.69 8.43 16.04
N PRO A 356 -7.08 10.47 10.71
CA PRO A 356 -7.48 10.61 9.32
C PRO A 356 -8.31 9.44 8.83
N GLY A 357 -9.24 9.74 7.93
CA GLY A 357 -10.01 8.74 7.22
C GLY A 357 -9.33 8.30 5.95
N ASP A 358 -10.13 7.93 4.96
CA ASP A 358 -9.59 7.43 3.70
C ASP A 358 -9.07 8.57 2.84
N GLU A 359 -7.83 8.42 2.37
CA GLU A 359 -7.20 9.36 1.45
C GLU A 359 -7.10 10.77 2.04
N GLY A 360 -6.89 10.84 3.35
CA GLY A 360 -6.67 12.10 4.03
C GLY A 360 -7.93 12.80 4.49
N TYR A 361 -9.06 12.53 3.84
CA TYR A 361 -10.31 13.14 4.25
C TYR A 361 -10.66 12.68 5.67
N PRO A 362 -11.38 13.50 6.43
CA PRO A 362 -11.71 13.12 7.81
C PRO A 362 -12.64 11.92 7.86
N ALA A 363 -12.65 11.26 9.02
CA ALA A 363 -13.46 10.07 9.18
C ALA A 363 -14.95 10.37 9.14
N TYR A 364 -15.34 11.59 9.52
CA TYR A 364 -16.74 11.98 9.54
C TYR A 364 -17.19 12.60 8.22
N LEU A 365 -16.57 12.24 7.10
CA LEU A 365 -16.96 12.78 5.81
C LEU A 365 -18.32 12.25 5.38
N GLY A 366 -18.54 10.95 5.56
CA GLY A 366 -19.82 10.37 5.17
C GLY A 366 -20.97 10.92 5.97
N SER A 367 -20.74 11.20 7.25
CA SER A 367 -21.80 11.75 8.09
C SER A 367 -22.02 13.23 7.78
N ARG A 368 -20.97 13.95 7.39
CA ARG A 368 -21.14 15.36 7.04
C ARG A 368 -21.94 15.53 5.76
N LEU A 369 -21.62 14.73 4.74
CA LEU A 369 -22.44 14.73 3.52
C LEU A 369 -23.86 14.28 3.84
N ALA A 370 -24.00 13.35 4.79
CA ALA A 370 -25.33 12.93 5.21
C ALA A 370 -26.08 14.08 5.86
N GLU A 371 -25.38 14.92 6.62
CA GLU A 371 -26.02 16.07 7.27
C GLU A 371 -26.57 17.04 6.23
N TYR A 372 -25.87 17.17 5.10
CA TYR A 372 -26.25 18.17 4.10
C TYR A 372 -27.45 17.70 3.28
N TYR A 373 -27.30 16.57 2.59
CA TYR A 373 -28.33 16.11 1.67
C TYR A 373 -29.60 15.63 2.38
N GLU A 374 -29.56 15.44 3.69
CA GLU A 374 -30.76 15.07 4.44
C GLU A 374 -31.59 16.27 4.85
N ARG A 375 -31.05 17.48 4.72
CA ARG A 375 -31.81 18.69 5.01
C ARG A 375 -32.64 19.15 3.82
N SER A 376 -32.29 18.71 2.61
CA SER A 376 -33.05 19.03 1.41
C SER A 376 -34.16 18.01 1.21
N GLY A 377 -35.25 18.48 0.62
CA GLY A 377 -36.35 17.59 0.30
C GLY A 377 -37.68 18.32 0.41
N ARG A 378 -38.74 17.61 0.02
CA ARG A 378 -40.10 18.13 0.10
C ARG A 378 -40.59 17.97 1.54
N VAL A 379 -40.73 19.07 2.25
CA VAL A 379 -41.09 19.05 3.66
C VAL A 379 -42.38 19.84 3.85
N ILE A 380 -42.96 19.70 5.04
CA ILE A 380 -44.09 20.50 5.49
C ILE A 380 -43.55 21.49 6.50
N ALA A 381 -43.57 22.78 6.16
CA ALA A 381 -43.05 23.80 7.04
C ALA A 381 -43.94 23.96 8.26
N LEU A 382 -43.35 24.45 9.35
CA LEU A 382 -44.10 24.65 10.57
C LEU A 382 -45.15 25.75 10.38
N GLY A 383 -46.21 25.67 11.17
CA GLY A 383 -47.28 26.65 11.12
C GLY A 383 -48.62 26.00 10.90
N SER A 384 -49.66 26.82 11.03
CA SER A 384 -51.02 26.34 10.84
C SER A 384 -51.34 26.09 9.37
N ASP A 385 -50.65 26.79 8.46
CA ASP A 385 -50.95 26.66 7.04
C ASP A 385 -50.52 25.30 6.49
N GLN A 386 -49.43 24.74 7.03
CA GLN A 386 -48.91 23.44 6.60
C GLN A 386 -48.53 23.45 5.11
N ARG A 387 -47.95 24.56 4.67
CA ARG A 387 -47.50 24.68 3.29
C ARG A 387 -46.32 23.75 3.02
N GLU A 388 -46.20 23.31 1.78
CA GLU A 388 -45.16 22.38 1.36
C GLU A 388 -44.02 23.13 0.67
N GLY A 389 -42.85 23.11 1.28
CA GLY A 389 -41.65 23.66 0.68
C GLY A 389 -40.78 22.56 0.11
N SER A 390 -39.89 22.94 -0.80
CA SER A 390 -39.04 21.99 -1.50
C SER A 390 -37.62 22.53 -1.61
N ILE A 391 -36.64 21.65 -1.41
CA ILE A 391 -35.24 21.96 -1.62
C ILE A 391 -34.63 20.83 -2.45
N THR A 392 -34.13 21.15 -3.62
CA THR A 392 -33.51 20.19 -4.52
C THR A 392 -32.03 20.53 -4.66
N ALA A 393 -31.17 19.55 -4.40
CA ALA A 393 -29.72 19.76 -4.37
C ALA A 393 -29.11 19.26 -5.67
N ILE A 394 -28.41 20.15 -6.37
CA ILE A 394 -27.70 19.82 -7.59
C ILE A 394 -26.23 20.13 -7.33
N SER A 395 -25.49 19.15 -6.83
CA SER A 395 -24.10 19.32 -6.47
C SER A 395 -23.19 18.81 -7.59
N ALA A 396 -22.02 19.43 -7.70
CA ALA A 396 -21.02 19.08 -8.70
C ALA A 396 -19.78 18.54 -8.02
N VAL A 397 -19.24 17.44 -8.55
CA VAL A 397 -18.03 16.84 -8.03
C VAL A 397 -16.93 16.99 -9.08
N SER A 398 -15.69 17.10 -8.60
CA SER A 398 -14.51 17.21 -9.47
C SER A 398 -13.39 16.38 -8.89
N PRO A 399 -13.38 15.08 -9.15
CA PRO A 399 -12.33 14.22 -8.62
C PRO A 399 -10.96 14.58 -9.17
N SER A 400 -9.92 14.17 -8.43
CA SER A 400 -8.55 14.52 -8.81
C SER A 400 -8.17 13.95 -10.16
N GLY A 401 -8.72 12.80 -10.51
CA GLY A 401 -8.37 12.16 -11.77
C GLY A 401 -9.56 11.65 -12.54
N GLY A 402 -10.72 12.25 -12.33
CA GLY A 402 -11.92 11.85 -13.03
C GLY A 402 -12.54 10.55 -12.57
N ASP A 403 -11.94 9.88 -11.61
CA ASP A 403 -12.44 8.58 -11.15
C ASP A 403 -13.57 8.76 -10.15
N ILE A 404 -14.59 7.91 -10.24
CA ILE A 404 -15.71 7.97 -9.32
C ILE A 404 -15.42 7.27 -8.00
N SER A 405 -14.45 6.36 -7.96
CA SER A 405 -14.21 5.55 -6.78
C SER A 405 -13.60 6.33 -5.62
N GLU A 406 -13.29 7.62 -5.81
CA GLU A 406 -12.69 8.39 -4.74
C GLU A 406 -13.74 8.69 -3.65
N PRO A 407 -13.31 8.94 -2.41
CA PRO A 407 -14.26 8.93 -1.29
C PRO A 407 -15.38 9.95 -1.39
N VAL A 408 -15.11 11.15 -1.90
CA VAL A 408 -16.13 12.20 -1.86
C VAL A 408 -17.28 11.89 -2.83
N THR A 409 -16.96 11.31 -3.99
CA THR A 409 -18.01 10.92 -4.91
C THR A 409 -18.79 9.72 -4.39
N GLN A 410 -18.16 8.91 -3.52
CA GLN A 410 -18.82 7.71 -3.01
C GLN A 410 -19.89 8.08 -1.99
N ASN A 411 -19.49 8.76 -0.91
CA ASN A 411 -20.43 9.08 0.16
C ASN A 411 -21.53 10.02 -0.33
N THR A 412 -21.26 10.79 -1.39
CA THR A 412 -22.32 11.58 -1.99
C THR A 412 -23.34 10.68 -2.68
N LEU A 413 -22.86 9.74 -3.50
CA LEU A 413 -23.75 8.84 -4.22
C LEU A 413 -24.55 7.94 -3.29
N ARG A 414 -24.14 7.82 -2.02
CA ARG A 414 -24.90 7.00 -1.08
C ARG A 414 -26.24 7.62 -0.76
N VAL A 415 -26.26 8.93 -0.53
CA VAL A 415 -27.45 9.63 -0.07
C VAL A 415 -28.09 10.47 -1.17
N VAL A 416 -27.65 10.30 -2.42
CA VAL A 416 -28.33 10.92 -3.55
C VAL A 416 -28.82 9.81 -4.48
N LYS A 417 -29.82 10.16 -5.29
CA LYS A 417 -30.51 9.19 -6.13
C LYS A 417 -30.35 9.43 -7.62
N VAL A 418 -29.77 10.55 -8.03
CA VAL A 418 -29.63 10.91 -9.43
C VAL A 418 -28.16 11.15 -9.72
N PHE A 419 -27.68 10.64 -10.85
CA PHE A 419 -26.30 10.82 -11.28
C PHE A 419 -26.31 11.23 -12.74
N TRP A 420 -25.77 12.41 -13.03
CA TRP A 420 -25.69 12.95 -14.39
C TRP A 420 -24.23 12.97 -14.78
N GLY A 421 -23.74 11.84 -15.28
CA GLY A 421 -22.34 11.70 -15.63
C GLY A 421 -21.92 12.44 -16.87
N LEU A 422 -21.44 13.68 -16.72
CA LEU A 422 -20.87 14.41 -17.84
C LEU A 422 -19.56 13.75 -18.26
N ASP A 423 -19.35 13.65 -19.57
CA ASP A 423 -18.17 12.99 -20.12
C ASP A 423 -17.45 13.95 -21.06
N SER A 424 -16.14 14.11 -20.85
CA SER A 424 -15.36 14.98 -21.72
C SER A 424 -15.20 14.38 -23.10
N SER A 425 -15.28 13.05 -23.22
CA SER A 425 -15.17 12.41 -24.53
C SER A 425 -16.43 12.65 -25.36
N LEU A 426 -17.59 12.72 -24.70
CA LEU A 426 -18.82 12.99 -25.43
C LEU A 426 -18.91 14.45 -25.85
N ALA A 427 -18.30 15.35 -25.07
CA ALA A 427 -18.23 16.74 -25.50
C ALA A 427 -17.32 16.92 -26.70
N GLN A 428 -16.40 15.98 -26.91
CA GLN A 428 -15.56 16.02 -28.11
C GLN A 428 -16.39 15.79 -29.36
N LYS A 429 -17.45 15.00 -29.25
CA LYS A 429 -18.36 14.72 -30.36
C LYS A 429 -19.48 15.74 -30.47
N ARG A 430 -19.33 16.91 -29.83
CA ARG A 430 -20.33 17.99 -29.91
C ARG A 430 -21.69 17.53 -29.40
N HIS A 431 -21.69 16.68 -28.37
CA HIS A 431 -22.92 16.17 -27.79
C HIS A 431 -23.35 17.10 -26.67
N PHE A 432 -24.43 17.86 -26.90
CA PHE A 432 -24.92 18.83 -25.93
C PHE A 432 -26.36 18.50 -25.57
N PRO A 433 -26.68 18.26 -24.29
CA PRO A 433 -25.73 18.20 -23.18
C PRO A 433 -24.91 16.91 -23.18
N SER A 434 -23.70 16.96 -22.65
CA SER A 434 -22.75 15.85 -22.75
C SER A 434 -22.94 14.87 -21.58
N ILE A 435 -24.13 14.27 -21.53
CA ILE A 435 -24.49 13.34 -20.48
C ILE A 435 -24.40 11.92 -21.02
N ASN A 436 -23.66 11.07 -20.31
CA ASN A 436 -23.48 9.68 -20.71
C ASN A 436 -24.75 8.89 -20.40
N TRP A 437 -25.42 8.42 -21.45
CA TRP A 437 -26.71 7.74 -21.27
C TRP A 437 -26.54 6.33 -20.72
N ILE A 438 -25.33 5.79 -20.71
CA ILE A 438 -25.10 4.45 -20.18
C ILE A 438 -24.69 4.52 -18.71
N GLN A 439 -23.85 5.49 -18.35
CA GLN A 439 -23.35 5.58 -16.97
C GLN A 439 -24.28 6.35 -16.06
N SER A 440 -25.10 7.26 -16.59
CA SER A 440 -26.03 8.01 -15.76
C SER A 440 -27.22 7.14 -15.37
N TYR A 441 -27.92 7.57 -14.31
CA TYR A 441 -29.10 6.87 -13.83
C TYR A 441 -29.90 7.80 -12.94
N SER A 442 -31.11 7.36 -12.59
CA SER A 442 -31.98 8.11 -11.69
C SER A 442 -32.89 7.13 -10.97
N LEU A 443 -32.83 7.12 -9.65
CA LEU A 443 -33.64 6.20 -8.87
C LEU A 443 -35.10 6.62 -8.83
N TYR A 444 -35.41 7.85 -9.19
CA TYR A 444 -36.80 8.31 -9.25
C TYR A 444 -37.50 7.88 -10.53
N SER A 445 -36.81 7.17 -11.42
CA SER A 445 -37.38 6.85 -12.73
C SER A 445 -38.67 6.05 -12.60
N THR A 446 -38.73 5.15 -11.62
CA THR A 446 -39.96 4.40 -11.40
C THR A 446 -41.06 5.30 -10.84
N GLU A 447 -40.72 6.17 -9.89
CA GLU A 447 -41.72 7.05 -9.29
C GLU A 447 -42.18 8.11 -10.28
N VAL A 448 -41.26 8.64 -11.09
CA VAL A 448 -41.65 9.64 -12.08
C VAL A 448 -42.52 9.01 -13.16
N GLY A 449 -42.19 7.79 -13.58
CA GLY A 449 -42.95 7.15 -14.64
C GLY A 449 -44.41 6.96 -14.28
N ARG A 450 -44.69 6.62 -13.01
CA ARG A 450 -46.07 6.51 -12.57
C ARG A 450 -46.74 7.88 -12.56
N TYR A 451 -46.00 8.92 -12.21
CA TYR A 451 -46.56 10.27 -12.17
C TYR A 451 -46.97 10.72 -13.58
N MSE A 452 -46.16 10.41 -14.58
CA MSE A 452 -46.43 10.83 -15.95
C MSE A 452 -47.57 10.05 -16.57
O MSE A 452 -48.34 10.59 -17.37
CB MSE A 452 -45.16 10.68 -16.79
CG MSE A 452 -43.95 11.40 -16.22
SE MSE A 452 -44.01 13.34 -16.44
CE MSE A 452 -43.31 13.47 -18.26
N ASP A 453 -47.69 8.77 -16.20
CA ASP A 453 -48.75 7.93 -16.75
C ASP A 453 -50.12 8.41 -16.30
N GLN A 454 -50.20 9.08 -15.16
CA GLN A 454 -51.48 9.56 -14.64
C GLN A 454 -51.75 11.00 -15.04
N ILE A 455 -50.70 11.76 -15.38
CA ILE A 455 -50.90 13.15 -15.80
C ILE A 455 -50.98 13.27 -17.32
N LEU A 456 -50.38 12.33 -18.05
CA LEU A 456 -50.50 12.30 -19.51
C LEU A 456 -51.54 11.30 -19.99
N GLN A 457 -51.95 10.37 -19.12
CA GLN A 457 -52.85 9.27 -19.47
C GLN A 457 -52.33 8.54 -20.72
N GLN A 458 -51.03 8.28 -20.72
CA GLN A 458 -50.36 7.57 -21.79
C GLN A 458 -49.38 6.58 -21.17
N ASP A 459 -48.87 5.67 -21.99
CA ASP A 459 -47.87 4.70 -21.55
C ASP A 459 -46.48 5.31 -21.65
N TRP A 460 -46.26 6.33 -20.82
CA TRP A 460 -44.96 7.01 -20.81
C TRP A 460 -43.88 6.10 -20.23
N SER A 461 -44.23 5.31 -19.22
CA SER A 461 -43.26 4.39 -18.63
C SER A 461 -42.81 3.35 -19.63
N ASP A 462 -43.75 2.84 -20.44
CA ASP A 462 -43.40 1.84 -21.44
C ASP A 462 -42.51 2.41 -22.54
N MSE A 463 -42.52 3.73 -22.73
CA MSE A 463 -41.71 4.37 -23.76
C MSE A 463 -40.30 4.68 -23.27
O MSE A 463 -39.32 4.42 -23.97
CB MSE A 463 -42.37 5.66 -24.25
CG MSE A 463 -43.57 5.44 -25.15
SE MSE A 463 -44.15 7.09 -25.99
CE MSE A 463 -44.81 6.36 -27.67
N VAL A 464 -40.21 5.24 -22.07
CA VAL A 464 -38.90 5.56 -21.50
C VAL A 464 -38.09 4.30 -21.30
N THR A 465 -38.71 3.26 -20.75
CA THR A 465 -38.01 1.99 -20.57
C THR A 465 -37.67 1.36 -21.92
N GLU A 466 -38.52 1.54 -22.92
CA GLU A 466 -38.19 1.04 -24.25
C GLU A 466 -37.04 1.82 -24.86
N GLY A 467 -37.05 3.15 -24.70
CA GLY A 467 -35.97 3.96 -25.24
C GLY A 467 -34.62 3.65 -24.61
N MSE A 468 -34.63 3.12 -23.39
CA MSE A 468 -33.39 2.72 -22.74
C MSE A 468 -32.86 1.44 -23.35
O MSE A 468 -31.66 1.30 -23.58
CB MSE A 468 -33.62 2.53 -21.24
CG MSE A 468 -32.99 3.61 -20.37
SE MSE A 468 -31.07 3.77 -20.66
CE MSE A 468 -30.69 5.14 -19.34
N ARG A 469 -33.77 0.50 -23.63
CA ARG A 469 -33.37 -0.76 -24.24
C ARG A 469 -32.80 -0.54 -25.64
N ILE A 470 -33.17 0.56 -26.29
CA ILE A 470 -32.61 0.87 -27.60
C ILE A 470 -31.18 1.36 -27.48
N LEU A 471 -30.90 2.14 -26.41
CA LEU A 471 -29.54 2.61 -26.21
C LEU A 471 -28.64 1.51 -25.64
N GLN A 472 -29.20 0.61 -24.83
CA GLN A 472 -28.46 -0.60 -24.47
C GLN A 472 -28.15 -1.41 -25.73
N GLU A 473 -29.07 -1.41 -26.69
CA GLU A 473 -28.78 -2.01 -27.99
C GLU A 473 -27.70 -1.23 -28.71
N GLU A 474 -27.79 0.10 -28.69
CA GLU A 474 -26.75 0.91 -29.32
C GLU A 474 -25.37 0.53 -28.79
N GLU A 475 -25.28 0.21 -27.50
CA GLU A 475 -23.98 -0.13 -26.92
C GLU A 475 -23.50 -1.50 -27.40
N GLN A 476 -24.41 -2.47 -27.55
CA GLN A 476 -24.02 -3.79 -28.00
C GLN A 476 -23.92 -3.89 -29.52
N LEU A 477 -24.70 -3.08 -30.24
CA LEU A 477 -24.76 -3.23 -31.69
C LEU A 477 -23.64 -2.47 -32.39
N ASN A 478 -23.32 -1.27 -31.90
CA ASN A 478 -22.28 -0.47 -32.54
C ASN A 478 -20.92 -1.16 -32.46
N GLU A 479 -20.67 -1.90 -31.37
CA GLU A 479 -19.37 -2.53 -31.22
C GLU A 479 -19.21 -3.72 -32.15
N ILE A 480 -20.31 -4.38 -32.50
CA ILE A 480 -20.25 -5.44 -33.50
C ILE A 480 -20.05 -4.83 -34.88
N VAL A 481 -20.54 -3.62 -35.10
CA VAL A 481 -20.23 -2.88 -36.33
C VAL A 481 -18.73 -2.59 -36.39
N ARG A 482 -18.13 -2.31 -35.23
CA ARG A 482 -16.74 -1.87 -35.21
C ARG A 482 -15.80 -2.95 -35.71
N LEU A 483 -16.09 -4.21 -35.39
CA LEU A 483 -15.22 -5.32 -35.78
C LEU A 483 -15.59 -5.88 -37.15
N VAL A 484 -16.85 -6.29 -37.33
CA VAL A 484 -17.29 -6.95 -38.55
C VAL A 484 -17.44 -5.94 -39.67
N GLY A 485 -18.42 -5.06 -39.53
CA GLY A 485 -18.69 -4.05 -40.54
C GLY A 485 -20.16 -3.70 -40.57
N ILE A 486 -20.44 -2.46 -40.97
CA ILE A 486 -21.83 -2.03 -41.07
C ILE A 486 -22.53 -2.72 -42.24
N ASP A 487 -21.77 -3.12 -43.25
CA ASP A 487 -22.32 -3.84 -44.39
C ASP A 487 -22.55 -5.31 -44.10
N SER A 488 -22.26 -5.77 -42.88
CA SER A 488 -22.53 -7.13 -42.46
C SER A 488 -23.63 -7.18 -41.41
N LEU A 489 -24.43 -6.13 -41.30
CA LEU A 489 -25.52 -6.07 -40.34
C LEU A 489 -26.82 -6.55 -40.98
N SER A 490 -27.68 -7.14 -40.15
CA SER A 490 -28.98 -7.58 -40.63
C SER A 490 -29.91 -6.37 -40.77
N ASP A 491 -31.09 -6.63 -41.35
CA ASP A 491 -32.03 -5.55 -41.62
C ASP A 491 -32.57 -4.94 -40.32
N ASN A 492 -32.80 -5.77 -39.31
CA ASN A 492 -33.35 -5.26 -38.05
C ASN A 492 -32.26 -4.54 -37.25
N ASP A 493 -31.02 -5.03 -37.32
CA ASP A 493 -29.93 -4.38 -36.59
C ASP A 493 -29.59 -3.03 -37.20
N ARG A 494 -29.63 -2.92 -38.54
CA ARG A 494 -29.35 -1.66 -39.18
C ARG A 494 -30.42 -0.62 -38.88
N LEU A 495 -31.65 -1.07 -38.62
CA LEU A 495 -32.72 -0.15 -38.27
C LEU A 495 -32.57 0.33 -36.83
N THR A 496 -32.19 -0.58 -35.92
CA THR A 496 -32.00 -0.20 -34.52
C THR A 496 -30.87 0.82 -34.38
N LEU A 497 -29.81 0.68 -35.18
CA LEU A 497 -28.72 1.65 -35.12
C LEU A 497 -29.20 3.03 -35.58
N GLU A 498 -30.03 3.06 -36.62
CA GLU A 498 -30.56 4.34 -37.08
C GLU A 498 -31.58 4.89 -36.09
N VAL A 499 -32.35 4.02 -35.44
CA VAL A 499 -33.31 4.47 -34.44
C VAL A 499 -32.57 5.04 -33.24
N ALA A 500 -31.55 4.32 -32.76
CA ALA A 500 -30.76 4.83 -31.64
C ALA A 500 -29.93 6.03 -32.05
N LYS A 501 -29.55 6.14 -33.32
CA LYS A 501 -28.92 7.36 -33.80
C LYS A 501 -29.93 8.50 -33.86
N SER A 502 -31.19 8.18 -34.20
CA SER A 502 -32.23 9.19 -34.20
C SER A 502 -32.54 9.68 -32.80
N ILE A 503 -32.38 8.82 -31.79
CA ILE A 503 -32.55 9.26 -30.41
C ILE A 503 -31.41 10.19 -30.02
N ARG A 504 -30.18 9.85 -30.41
CA ARG A 504 -29.03 10.66 -30.05
C ARG A 504 -29.03 11.98 -30.84
N GLU A 505 -29.27 11.90 -32.15
CA GLU A 505 -29.11 13.06 -33.01
C GLU A 505 -30.27 14.05 -32.88
N ASP A 506 -31.49 13.56 -32.65
CA ASP A 506 -32.67 14.42 -32.65
C ASP A 506 -33.26 14.66 -31.27
N TYR A 507 -33.19 13.68 -30.37
CA TYR A 507 -33.76 13.82 -29.03
C TYR A 507 -32.72 14.18 -27.98
N LEU A 508 -31.57 13.50 -27.98
CA LEU A 508 -30.56 13.76 -26.97
C LEU A 508 -29.82 15.06 -27.24
N GLN A 509 -29.25 15.20 -28.44
CA GLN A 509 -28.51 16.40 -28.80
C GLN A 509 -29.43 17.63 -28.80
N GLN A 510 -29.19 18.54 -27.86
CA GLN A 510 -30.09 19.68 -27.62
C GLN A 510 -29.28 20.96 -27.59
N ASN A 511 -29.60 21.88 -28.49
CA ASN A 511 -28.91 23.16 -28.57
C ASN A 511 -29.57 24.15 -27.60
N ALA A 512 -28.80 24.62 -26.62
CA ALA A 512 -29.32 25.53 -25.62
C ALA A 512 -29.34 26.99 -26.09
N PHE A 513 -28.66 27.31 -27.19
CA PHE A 513 -28.60 28.70 -27.62
C PHE A 513 -29.83 29.11 -28.41
N ASP A 514 -30.30 28.25 -29.31
CA ASP A 514 -31.54 28.53 -30.03
C ASP A 514 -32.71 28.57 -29.06
N ASP A 515 -33.68 29.44 -29.34
CA ASP A 515 -34.76 29.68 -28.38
C ASP A 515 -35.77 28.55 -28.33
N VAL A 516 -35.97 27.83 -29.42
CA VAL A 516 -36.98 26.78 -29.43
C VAL A 516 -36.43 25.49 -28.82
N ASP A 517 -35.21 25.13 -29.17
CA ASP A 517 -34.60 23.89 -28.71
C ASP A 517 -34.03 24.00 -27.31
N THR A 518 -33.76 25.22 -26.82
CA THR A 518 -33.22 25.38 -25.48
C THR A 518 -34.19 24.90 -24.41
N PHE A 519 -35.48 24.85 -24.72
CA PHE A 519 -36.48 24.41 -23.76
C PHE A 519 -37.46 23.50 -24.46
N THR A 520 -37.72 22.35 -23.87
CA THR A 520 -38.70 21.39 -24.37
C THR A 520 -39.73 21.16 -23.28
N SER A 521 -40.94 21.66 -23.49
CA SER A 521 -41.99 21.51 -22.49
C SER A 521 -42.33 20.04 -22.28
N ARG A 522 -42.96 19.76 -21.14
CA ARG A 522 -43.29 18.37 -20.80
C ARG A 522 -44.17 17.74 -21.87
N GLU A 523 -45.16 18.48 -22.37
CA GLU A 523 -46.03 17.93 -23.41
C GLU A 523 -45.28 17.77 -24.73
N LYS A 524 -44.25 18.59 -24.96
CA LYS A 524 -43.51 18.51 -26.21
C LYS A 524 -42.63 17.26 -26.24
N GLN A 525 -42.08 16.88 -25.08
CA GLN A 525 -41.19 15.72 -25.04
C GLN A 525 -41.91 14.43 -25.43
N PHE A 526 -43.22 14.37 -25.18
CA PHE A 526 -43.98 13.15 -25.51
C PHE A 526 -44.13 13.00 -27.02
N ASN A 527 -44.57 14.06 -27.70
CA ASN A 527 -44.79 13.98 -29.13
C ASN A 527 -43.50 13.80 -29.91
N MSE A 528 -42.36 14.15 -29.32
CA MSE A 528 -41.08 13.97 -29.98
C MSE A 528 -40.58 12.53 -29.83
O MSE A 528 -40.12 11.92 -30.79
CB MSE A 528 -40.04 14.94 -29.43
CG MSE A 528 -40.32 16.40 -29.71
SE MSE A 528 -38.83 17.55 -29.23
CE MSE A 528 -37.44 16.69 -30.29
N LEU A 529 -40.69 12.00 -28.62
CA LEU A 529 -40.28 10.62 -28.38
C LEU A 529 -41.24 9.65 -29.04
N LYS A 530 -42.49 10.06 -29.27
CA LYS A 530 -43.47 9.17 -29.88
C LYS A 530 -43.13 8.92 -31.34
N VAL A 531 -42.83 9.98 -32.10
CA VAL A 531 -42.58 9.81 -33.52
C VAL A 531 -41.25 9.10 -33.77
N ILE A 532 -40.33 9.18 -32.81
CA ILE A 532 -39.08 8.44 -32.94
C ILE A 532 -39.34 6.94 -32.76
N LEU A 533 -40.14 6.60 -31.76
CA LEU A 533 -40.51 5.20 -31.56
C LEU A 533 -41.51 4.73 -32.60
N THR A 534 -42.27 5.66 -33.19
CA THR A 534 -43.22 5.28 -34.24
C THR A 534 -42.47 4.84 -35.50
N PHE A 535 -41.40 5.54 -35.85
CA PHE A 535 -40.61 5.15 -37.02
C PHE A 535 -39.94 3.80 -36.80
N GLY A 536 -39.45 3.56 -35.58
CA GLY A 536 -38.81 2.29 -35.29
C GLY A 536 -39.78 1.13 -35.18
N LYS A 537 -41.07 1.42 -35.05
CA LYS A 537 -42.10 0.38 -34.96
C LYS A 537 -42.75 0.11 -36.30
N GLU A 538 -43.10 1.16 -37.05
CA GLU A 538 -43.76 0.97 -38.33
C GLU A 538 -42.78 0.42 -39.37
N ALA A 539 -41.52 0.86 -39.33
CA ALA A 539 -40.53 0.33 -40.24
C ALA A 539 -40.11 -1.08 -39.85
N ARG A 540 -40.16 -1.40 -38.55
CA ARG A 540 -39.88 -2.77 -38.13
C ARG A 540 -40.98 -3.72 -38.61
N LYS A 541 -42.22 -3.24 -38.67
CA LYS A 541 -43.30 -4.04 -39.22
C LYS A 541 -43.13 -4.23 -40.72
N ALA A 542 -42.49 -3.28 -41.40
CA ALA A 542 -42.27 -3.43 -42.83
C ALA A 542 -41.12 -4.39 -43.11
N LEU A 543 -40.14 -4.46 -42.21
CA LEU A 543 -39.04 -5.40 -42.40
C LEU A 543 -39.50 -6.84 -42.29
N SER A 544 -40.60 -7.07 -41.56
CA SER A 544 -41.17 -8.40 -41.43
C SER A 544 -42.26 -8.68 -42.45
N LEU A 545 -42.60 -7.69 -43.29
CA LEU A 545 -43.63 -7.83 -44.29
C LEU A 545 -43.08 -8.01 -45.69
N GLY A 546 -41.76 -8.03 -45.86
CA GLY A 546 -41.14 -8.21 -47.16
C GLY A 546 -40.34 -7.02 -47.64
N ALA A 547 -40.50 -5.85 -47.04
CA ALA A 547 -39.76 -4.67 -47.45
C ALA A 547 -38.33 -4.72 -46.92
N TYR A 548 -37.39 -4.34 -47.77
CA TYR A 548 -35.98 -4.39 -47.40
C TYR A 548 -35.58 -3.13 -46.63
N PHE A 549 -34.38 -3.17 -46.04
CA PHE A 549 -33.91 -2.04 -45.26
C PHE A 549 -33.60 -0.84 -46.13
N ASN A 550 -32.93 -1.05 -47.27
CA ASN A 550 -32.57 0.06 -48.14
C ASN A 550 -33.80 0.76 -48.69
N GLU A 551 -34.90 0.02 -48.90
CA GLU A 551 -36.06 0.60 -49.56
C GLU A 551 -36.80 1.55 -48.63
N ILE A 552 -36.88 1.22 -47.34
CA ILE A 552 -37.63 2.05 -46.41
C ILE A 552 -36.95 3.41 -46.23
N MSE A 553 -35.64 3.41 -46.06
CA MSE A 553 -34.89 4.64 -45.81
C MSE A 553 -34.93 5.58 -47.00
O MSE A 553 -35.16 6.79 -46.85
CB MSE A 553 -33.44 4.31 -45.46
CG MSE A 553 -33.28 3.22 -44.41
SE MSE A 553 -32.52 3.87 -42.74
CE MSE A 553 -34.00 4.96 -42.13
N GLU A 554 -34.69 5.03 -48.19
CA GLU A 554 -34.65 5.85 -49.40
C GLU A 554 -35.98 6.50 -49.72
N GLY A 555 -37.08 5.99 -49.15
CA GLY A 555 -38.38 6.55 -49.43
C GLY A 555 -38.87 7.49 -48.34
N THR A 556 -38.39 7.30 -47.12
CA THR A 556 -38.78 8.11 -45.98
C THR A 556 -37.81 9.26 -45.71
N VAL A 557 -37.08 9.70 -46.74
CA VAL A 557 -36.05 10.73 -46.55
C VAL A 557 -36.66 12.02 -46.01
N ALA A 558 -37.83 12.41 -46.53
CA ALA A 558 -38.40 13.69 -46.15
C ALA A 558 -39.01 13.65 -44.74
N VAL A 559 -39.59 12.51 -44.37
CA VAL A 559 -40.27 12.43 -43.08
C VAL A 559 -39.26 12.35 -41.94
N ARG A 560 -38.11 11.73 -42.19
CA ARG A 560 -37.07 11.67 -41.15
C ARG A 560 -36.40 13.03 -40.97
N GLU A 561 -36.40 13.87 -42.01
CA GLU A 561 -35.91 15.23 -41.83
C GLU A 561 -36.82 16.02 -40.91
N ARG A 562 -38.09 15.64 -40.81
CA ARG A 562 -39.01 16.30 -39.90
C ARG A 562 -38.77 15.91 -38.45
N ILE A 563 -38.07 14.79 -38.21
CA ILE A 563 -37.70 14.45 -36.84
C ILE A 563 -36.72 15.47 -36.29
N SER A 564 -35.79 15.95 -37.12
CA SER A 564 -34.95 17.07 -36.72
C SER A 564 -35.76 18.34 -36.61
N ARG A 565 -36.76 18.50 -37.48
CA ARG A 565 -37.65 19.66 -37.39
C ARG A 565 -38.49 19.60 -36.12
N SER A 566 -38.78 18.40 -35.62
CA SER A 566 -39.49 18.29 -34.35
C SER A 566 -38.70 18.92 -33.22
N LYS A 567 -37.37 18.91 -33.33
CA LYS A 567 -36.54 19.54 -32.32
C LYS A 567 -36.70 21.06 -32.34
N TYR A 568 -37.16 21.62 -33.46
CA TYR A 568 -37.34 23.05 -33.61
C TYR A 568 -38.80 23.44 -33.80
N ILE A 569 -39.72 22.59 -33.37
CA ILE A 569 -41.15 22.92 -33.46
C ILE A 569 -41.51 23.83 -32.29
N PRO A 570 -42.21 24.93 -32.53
CA PRO A 570 -42.59 25.83 -31.42
C PRO A 570 -43.62 25.18 -30.51
N GLU A 571 -43.80 25.83 -29.36
CA GLU A 571 -44.70 25.29 -28.34
C GLU A 571 -46.16 25.42 -28.72
N GLU A 572 -46.49 26.26 -29.69
CA GLU A 572 -47.87 26.49 -30.07
C GLU A 572 -48.34 25.63 -31.24
N GLU A 573 -47.42 24.92 -31.90
CA GLU A 573 -47.73 24.13 -33.09
C GLU A 573 -47.51 22.64 -32.84
N LEU A 574 -47.69 22.18 -31.61
CA LEU A 574 -47.37 20.80 -31.25
C LEU A 574 -48.06 19.77 -32.15
N ALA A 575 -49.09 20.19 -32.89
CA ALA A 575 -49.70 19.29 -33.86
C ALA A 575 -48.76 19.00 -35.03
N LYS A 576 -47.79 19.89 -35.28
CA LYS A 576 -46.84 19.65 -36.35
C LYS A 576 -45.96 18.46 -36.04
N ILE A 577 -45.56 18.31 -34.78
CA ILE A 577 -44.77 17.14 -34.40
C ILE A 577 -45.68 15.93 -34.23
N SER A 578 -46.94 16.13 -33.88
CA SER A 578 -47.86 15.02 -33.66
C SER A 578 -48.37 14.44 -34.97
N SER A 579 -48.46 15.26 -36.02
CA SER A 579 -48.92 14.79 -37.32
C SER A 579 -47.89 13.96 -38.06
N ILE A 580 -46.69 13.81 -37.50
CA ILE A 580 -45.67 12.99 -38.15
C ILE A 580 -46.02 11.52 -38.05
N ASN A 581 -46.74 11.12 -36.98
CA ASN A 581 -47.13 9.72 -36.83
C ASN A 581 -48.00 9.26 -38.00
N GLU A 582 -48.85 10.15 -38.51
CA GLU A 582 -49.66 9.79 -39.67
C GLU A 582 -48.80 9.69 -40.93
N GLU A 583 -47.79 10.55 -41.06
CA GLU A 583 -46.94 10.53 -42.23
C GLU A 583 -45.98 9.34 -42.20
N ILE A 584 -45.62 8.87 -41.00
CA ILE A 584 -44.74 7.71 -40.91
C ILE A 584 -45.45 6.46 -41.39
N LYS A 585 -46.67 6.22 -40.91
CA LYS A 585 -47.42 5.06 -41.34
C LYS A 585 -47.87 5.17 -42.79
N GLU A 586 -47.76 6.36 -43.38
CA GLU A 586 -48.19 6.57 -44.76
C GLU A 586 -47.05 6.35 -45.75
N THR A 587 -45.92 7.02 -45.54
CA THR A 587 -44.80 6.87 -46.45
C THR A 587 -44.24 5.45 -46.42
N ILE A 588 -44.25 4.83 -45.24
CA ILE A 588 -43.80 3.43 -45.14
C ILE A 588 -44.75 2.52 -45.89
N GLN A 589 -46.07 2.73 -45.72
CA GLN A 589 -47.04 1.90 -46.40
C GLN A 589 -46.95 2.06 -47.92
N LEU A 590 -46.46 3.21 -48.40
CA LEU A 590 -46.28 3.39 -49.83
C LEU A 590 -45.14 2.54 -50.36
N ILE A 591 -44.16 2.23 -49.50
CA ILE A 591 -43.02 1.43 -49.93
C ILE A 591 -43.35 -0.05 -49.88
N VAL A 592 -44.15 -0.48 -48.90
CA VAL A 592 -44.54 -1.87 -48.84
C VAL A 592 -45.40 -2.24 -50.04
N SER A 593 -46.21 -1.30 -50.53
CA SER A 593 -46.98 -1.53 -51.73
C SER A 593 -46.12 -1.40 -52.98
N GLU A 594 -45.04 -0.63 -52.92
CA GLU A 594 -44.14 -0.47 -54.06
C GLU A 594 -43.06 -1.55 -54.06
N GLY B 1 -3.07 -0.41 63.42
CA GLY B 1 -3.82 -0.68 62.21
C GLY B 1 -4.75 0.44 61.81
N SER B 2 -6.02 0.31 62.21
CA SER B 2 -7.03 1.32 61.87
C SER B 2 -8.23 1.12 62.77
N SER B 3 -8.54 2.14 63.58
CA SER B 3 -9.72 2.14 64.44
C SER B 3 -9.70 1.00 65.44
N GLY B 4 -8.52 0.70 65.98
CA GLY B 4 -8.40 -0.31 67.01
C GLY B 4 -8.31 -1.73 66.51
N SER B 5 -8.05 -1.94 65.21
CA SER B 5 -7.94 -3.28 64.66
C SER B 5 -7.13 -3.21 63.37
N SER B 6 -6.64 -4.37 62.93
CA SER B 6 -5.80 -4.43 61.73
C SER B 6 -6.15 -5.67 60.92
N GLY B 7 -5.86 -5.59 59.63
CA GLY B 7 -6.10 -6.69 58.73
C GLY B 7 -5.31 -6.51 57.45
N MSE B 8 -5.65 -7.28 56.44
CA MSE B 8 -4.85 -7.29 55.22
C MSE B 8 -5.03 -6.03 54.36
O MSE B 8 -6.03 -5.30 54.49
CB MSE B 8 -5.17 -8.52 54.39
CG MSE B 8 -4.58 -9.80 54.87
SE MSE B 8 -5.73 -11.19 54.09
CE MSE B 8 -6.89 -10.23 52.85
N GLN B 9 -4.07 -5.80 53.47
CA GLN B 9 -4.02 -4.58 52.69
C GLN B 9 -5.24 -4.45 51.80
N ILE B 10 -5.94 -3.33 51.91
CA ILE B 10 -7.15 -3.04 51.14
C ILE B 10 -6.81 -1.94 50.14
N GLY B 11 -7.02 -2.22 48.87
CA GLY B 11 -6.82 -1.21 47.85
C GLY B 11 -8.04 -0.35 47.64
N LYS B 12 -7.88 0.66 46.79
CA LYS B 12 -8.97 1.49 46.32
C LYS B 12 -8.71 1.84 44.86
N ILE B 13 -9.76 1.81 44.05
CA ILE B 13 -9.64 2.02 42.62
C ILE B 13 -9.42 3.51 42.34
N ILE B 14 -8.49 3.81 41.45
CA ILE B 14 -8.25 5.18 41.02
C ILE B 14 -8.56 5.39 39.53
N LYS B 15 -8.64 4.33 38.74
CA LYS B 15 -8.87 4.45 37.31
C LYS B 15 -9.51 3.15 36.81
N VAL B 16 -10.60 3.30 36.05
CA VAL B 16 -11.31 2.17 35.45
C VAL B 16 -11.53 2.51 33.98
N SER B 17 -10.94 1.71 33.10
CA SER B 17 -11.07 1.91 31.66
C SER B 17 -11.09 0.57 30.97
N GLY B 18 -12.24 0.20 30.42
CA GLY B 18 -12.43 -1.06 29.74
C GLY B 18 -11.98 -2.23 30.58
N PRO B 19 -11.09 -3.05 30.04
CA PRO B 19 -10.57 -4.18 30.80
C PRO B 19 -9.41 -3.83 31.71
N LEU B 20 -8.88 -2.61 31.63
CA LEU B 20 -7.75 -2.18 32.44
C LEU B 20 -8.24 -1.36 33.62
N VAL B 21 -7.81 -1.74 34.82
CA VAL B 21 -8.18 -1.04 36.04
C VAL B 21 -6.92 -0.78 36.86
N MSE B 22 -6.79 0.44 37.38
CA MSE B 22 -5.66 0.78 38.24
C MSE B 22 -6.14 1.18 39.63
O MSE B 22 -7.14 1.90 39.78
CB MSE B 22 -4.83 1.90 37.61
CG MSE B 22 -4.27 1.56 36.24
SE MSE B 22 -2.55 2.39 35.86
CE MSE B 22 -3.08 4.26 35.93
N ALA B 23 -5.44 0.71 40.66
CA ALA B 23 -5.84 0.94 42.04
C ALA B 23 -4.60 1.21 42.88
N GLU B 24 -4.79 2.01 43.93
CA GLU B 24 -3.71 2.42 44.82
C GLU B 24 -3.66 1.52 46.06
N ASN B 25 -2.59 1.67 46.84
CA ASN B 25 -2.37 0.92 48.08
C ASN B 25 -2.33 -0.58 47.82
N MSE B 26 -1.31 -1.00 47.06
CA MSE B 26 -1.17 -2.40 46.68
C MSE B 26 0.27 -2.88 46.78
O MSE B 26 0.65 -3.86 46.14
CB MSE B 26 -1.67 -2.62 45.24
CG MSE B 26 -3.13 -2.21 45.00
SE MSE B 26 -4.44 -3.60 45.40
CE MSE B 26 -4.06 -4.81 43.94
N SER B 27 1.07 -2.19 47.60
CA SER B 27 2.51 -2.43 47.62
C SER B 27 2.84 -3.87 48.00
N GLU B 28 1.98 -4.52 48.81
CA GLU B 28 2.28 -5.88 49.24
C GLU B 28 2.03 -6.90 48.15
N ALA B 29 1.36 -6.51 47.07
CA ALA B 29 1.11 -7.41 45.95
C ALA B 29 2.34 -7.49 45.05
N SER B 30 2.26 -8.36 44.05
CA SER B 30 3.38 -8.60 43.13
C SER B 30 2.85 -8.59 41.70
N ILE B 31 3.78 -8.76 40.75
CA ILE B 31 3.42 -8.86 39.34
C ILE B 31 2.81 -10.24 39.08
N GLN B 32 1.89 -10.29 38.11
CA GLN B 32 1.21 -11.52 37.73
C GLN B 32 0.41 -12.12 38.88
N ASP B 33 -0.08 -11.28 39.77
CA ASP B 33 -0.89 -11.72 40.91
C ASP B 33 -2.37 -11.45 40.63
N MSE B 34 -3.20 -12.45 40.87
CA MSE B 34 -4.65 -12.31 40.73
C MSE B 34 -5.23 -11.46 41.87
O MSE B 34 -4.63 -11.37 42.95
CB MSE B 34 -5.34 -13.67 40.70
CG MSE B 34 -4.84 -14.61 39.62
SE MSE B 34 -5.68 -16.36 39.75
CE MSE B 34 -7.52 -15.84 39.44
N CYS B 35 -6.39 -10.85 41.64
CA CYS B 35 -6.98 -9.96 42.63
C CYS B 35 -8.43 -9.70 42.27
N LEU B 36 -9.28 -9.66 43.29
CA LEU B 36 -10.70 -9.30 43.12
C LEU B 36 -10.82 -7.79 43.08
N VAL B 37 -11.57 -7.28 42.10
CA VAL B 37 -11.66 -5.85 41.84
C VAL B 37 -13.09 -5.39 42.08
N GLY B 38 -13.25 -4.29 42.80
CA GLY B 38 -14.54 -3.64 42.94
C GLY B 38 -15.44 -4.28 43.99
N ASP B 39 -16.58 -3.63 44.21
CA ASP B 39 -17.59 -4.19 45.10
C ASP B 39 -18.13 -5.50 44.56
N LEU B 40 -18.14 -5.67 43.23
CA LEU B 40 -18.64 -6.91 42.64
C LEU B 40 -17.68 -8.07 42.90
N GLY B 41 -16.38 -7.79 42.95
CA GLY B 41 -15.40 -8.84 43.15
C GLY B 41 -14.98 -9.57 41.89
N VAL B 42 -14.83 -8.85 40.78
CA VAL B 42 -14.46 -9.49 39.53
C VAL B 42 -12.96 -9.80 39.55
N ILE B 43 -12.57 -10.76 38.72
CA ILE B 43 -11.21 -11.26 38.72
C ILE B 43 -10.33 -10.40 37.83
N GLY B 44 -9.11 -10.11 38.32
CA GLY B 44 -8.13 -9.39 37.53
C GLY B 44 -6.74 -9.94 37.79
N GLU B 45 -5.76 -9.35 37.10
CA GLU B 45 -4.37 -9.77 37.21
C GLU B 45 -3.47 -8.56 37.09
N ILE B 46 -2.56 -8.39 38.05
CA ILE B 46 -1.61 -7.28 38.04
C ILE B 46 -0.55 -7.55 36.98
N ILE B 47 -0.30 -6.56 36.12
CA ILE B 47 0.66 -6.73 35.03
C ILE B 47 1.74 -5.66 35.13
N GLU B 48 1.37 -4.47 35.61
CA GLU B 48 2.31 -3.37 35.75
C GLU B 48 2.15 -2.74 37.12
N MSE B 49 3.27 -2.32 37.71
CA MSE B 49 3.27 -1.75 39.04
C MSE B 49 4.06 -0.45 39.12
O MSE B 49 5.27 -0.43 38.86
CB MSE B 49 3.83 -2.77 40.04
CG MSE B 49 3.68 -2.36 41.49
SE MSE B 49 1.94 -2.76 42.24
CE MSE B 49 2.26 -2.17 44.05
N ARG B 50 3.38 0.63 39.46
CA ARG B 50 4.02 1.94 39.65
C ARG B 50 3.79 2.36 41.10
N GLN B 51 4.85 2.32 41.89
CA GLN B 51 4.81 2.68 43.31
C GLN B 51 3.75 1.81 43.98
N ASP B 52 2.80 2.38 44.71
CA ASP B 52 1.73 1.58 45.30
C ASP B 52 0.68 1.17 44.27
N VAL B 53 0.63 1.86 43.13
CA VAL B 53 -0.42 1.63 42.14
C VAL B 53 -0.11 0.38 41.33
N ALA B 54 -1.15 -0.38 41.01
CA ALA B 54 -1.03 -1.57 40.17
C ALA B 54 -1.95 -1.43 38.95
N SER B 55 -1.47 -1.93 37.81
CA SER B 55 -2.27 -2.00 36.59
C SER B 55 -2.85 -3.40 36.48
N ILE B 56 -4.18 -3.51 36.48
CA ILE B 56 -4.87 -4.79 36.56
C ILE B 56 -5.48 -5.12 35.21
N GLN B 57 -5.21 -6.34 34.74
CA GLN B 57 -5.81 -6.86 33.50
C GLN B 57 -7.02 -7.69 33.90
N VAL B 58 -8.19 -7.07 33.87
CA VAL B 58 -9.41 -7.69 34.35
C VAL B 58 -9.95 -8.66 33.30
N TYR B 59 -10.31 -9.87 33.74
CA TYR B 59 -10.81 -10.90 32.84
C TYR B 59 -12.33 -10.97 32.79
N GLU B 60 -13.03 -10.02 33.42
CA GLU B 60 -14.47 -9.92 33.32
C GLU B 60 -14.85 -8.54 32.83
N GLU B 61 -16.12 -8.37 32.48
CA GLU B 61 -16.60 -7.07 32.04
C GLU B 61 -16.62 -6.10 33.21
N THR B 62 -16.21 -4.86 32.96
CA THR B 62 -16.01 -3.88 34.02
C THR B 62 -17.08 -2.79 34.01
N SER B 63 -18.18 -3.01 33.31
CA SER B 63 -19.23 -1.99 33.24
C SER B 63 -19.88 -1.83 34.61
N GLY B 64 -19.93 -0.59 35.10
CA GLY B 64 -20.48 -0.33 36.41
C GLY B 64 -19.48 -0.38 37.54
N ILE B 65 -18.20 -0.14 37.27
CA ILE B 65 -17.16 -0.12 38.29
C ILE B 65 -16.49 1.24 38.25
N GLY B 66 -16.37 1.87 39.42
CA GLY B 66 -15.77 3.18 39.50
C GLY B 66 -14.75 3.28 40.61
N PRO B 67 -14.14 4.45 40.77
CA PRO B 67 -13.16 4.63 41.84
C PRO B 67 -13.81 4.60 43.21
N GLY B 68 -13.00 4.26 44.21
CA GLY B 68 -13.46 4.12 45.57
C GLY B 68 -13.80 2.70 45.97
N GLU B 69 -14.11 1.84 45.01
CA GLU B 69 -14.40 0.45 45.31
C GLU B 69 -13.11 -0.28 45.67
N PRO B 70 -13.13 -1.15 46.68
CA PRO B 70 -11.88 -1.78 47.13
C PRO B 70 -11.41 -2.87 46.18
N VAL B 71 -10.15 -3.26 46.36
CA VAL B 71 -9.52 -4.33 45.60
C VAL B 71 -8.76 -5.21 46.57
N ARG B 72 -9.04 -6.52 46.54
CA ARG B 72 -8.41 -7.48 47.42
C ARG B 72 -7.57 -8.45 46.60
N SER B 73 -6.33 -8.68 47.03
CA SER B 73 -5.42 -9.57 46.32
C SER B 73 -5.48 -10.98 46.91
N THR B 74 -5.00 -11.94 46.13
CA THR B 74 -4.97 -13.34 46.55
C THR B 74 -3.58 -13.82 46.95
N GLY B 75 -2.53 -13.12 46.54
CA GLY B 75 -1.18 -13.54 46.82
C GLY B 75 -0.62 -14.59 45.89
N GLU B 76 -1.45 -15.21 45.06
CA GLU B 76 -1.02 -16.25 44.15
C GLU B 76 -1.19 -15.78 42.70
N ALA B 77 -0.47 -16.45 41.80
CA ALA B 77 -0.49 -16.10 40.40
C ALA B 77 -1.68 -16.74 39.70
N LEU B 78 -1.78 -16.52 38.39
CA LEU B 78 -2.85 -17.10 37.58
C LEU B 78 -2.60 -18.60 37.45
N SER B 79 -3.28 -19.39 38.28
CA SER B 79 -3.04 -20.82 38.38
C SER B 79 -4.32 -21.60 38.12
N VAL B 80 -4.17 -22.91 38.01
CA VAL B 80 -5.28 -23.82 37.75
C VAL B 80 -5.19 -25.00 38.73
N GLU B 81 -6.36 -25.53 39.09
CA GLU B 81 -6.43 -26.67 40.00
C GLU B 81 -6.30 -27.96 39.19
N LEU B 82 -5.34 -28.80 39.58
CA LEU B 82 -5.02 -30.03 38.86
C LEU B 82 -5.21 -31.22 39.78
N GLY B 83 -6.28 -31.98 39.55
CA GLY B 83 -6.56 -33.16 40.33
C GLY B 83 -7.75 -33.92 39.77
N PRO B 84 -8.21 -34.94 40.51
CA PRO B 84 -9.37 -35.71 40.05
C PRO B 84 -10.62 -34.83 39.94
N GLY B 85 -11.39 -35.07 38.89
CA GLY B 85 -12.56 -34.27 38.61
C GLY B 85 -12.37 -33.20 37.56
N ILE B 86 -11.31 -33.28 36.77
CA ILE B 86 -11.02 -32.24 35.78
C ILE B 86 -11.48 -32.71 34.40
N ILE B 87 -11.43 -34.02 34.17
CA ILE B 87 -11.77 -34.56 32.86
C ILE B 87 -13.29 -34.60 32.70
N SER B 88 -13.75 -34.53 31.45
CA SER B 88 -15.17 -34.54 31.10
C SER B 88 -15.91 -33.33 31.64
N GLN B 89 -15.22 -32.20 31.75
CA GLN B 89 -15.79 -30.94 32.19
C GLN B 89 -15.23 -29.82 31.33
N MSE B 90 -16.08 -28.86 30.97
CA MSE B 90 -15.60 -27.70 30.25
C MSE B 90 -15.56 -26.48 31.14
O MSE B 90 -16.37 -26.32 32.05
CB MSE B 90 -16.45 -27.43 29.00
CG MSE B 90 -17.83 -26.87 29.26
SE MSE B 90 -18.61 -26.16 27.62
CE MSE B 90 -20.35 -25.59 28.29
N PHE B 91 -14.58 -25.61 30.88
CA PHE B 91 -14.30 -24.48 31.75
C PHE B 91 -14.22 -23.20 30.92
N ASP B 92 -14.27 -22.06 31.60
CA ASP B 92 -14.10 -20.77 30.95
C ASP B 92 -12.61 -20.45 30.87
N GLY B 93 -12.29 -19.20 30.53
CA GLY B 93 -10.89 -18.81 30.44
C GLY B 93 -10.14 -18.97 31.74
N ILE B 94 -10.81 -18.71 32.86
CA ILE B 94 -10.20 -18.78 34.18
C ILE B 94 -10.47 -20.15 34.81
N GLN B 95 -10.95 -21.08 34.00
CA GLN B 95 -11.16 -22.48 34.39
C GLN B 95 -12.29 -22.65 35.42
N ARG B 96 -13.32 -21.81 35.38
CA ARG B 96 -14.46 -22.02 36.25
C ARG B 96 -15.39 -23.05 35.63
N PRO B 97 -16.15 -23.79 36.43
CA PRO B 97 -17.08 -24.78 35.86
C PRO B 97 -18.38 -24.11 35.43
N LEU B 98 -18.66 -24.21 34.13
CA LEU B 98 -19.84 -23.53 33.57
C LEU B 98 -21.13 -24.21 33.99
N ASP B 99 -21.11 -25.54 34.11
CA ASP B 99 -22.30 -26.23 34.62
C ASP B 99 -22.56 -25.87 36.07
N THR B 100 -21.50 -25.75 36.86
CA THR B 100 -21.67 -25.27 38.23
C THR B 100 -22.00 -23.78 38.26
N PHE B 101 -21.58 -23.03 37.24
CA PHE B 101 -21.89 -21.61 37.16
C PHE B 101 -23.40 -21.40 37.13
N MSE B 102 -24.09 -22.08 36.22
CA MSE B 102 -25.53 -21.94 36.08
C MSE B 102 -26.27 -22.37 37.35
O MSE B 102 -27.23 -21.73 37.76
CB MSE B 102 -26.03 -22.75 34.89
CG MSE B 102 -27.55 -22.73 34.73
SE MSE B 102 -28.22 -24.02 33.42
CE MSE B 102 -30.12 -23.93 33.86
N GLU B 103 -25.81 -23.47 37.94
CA GLU B 103 -26.49 -24.01 39.12
C GLU B 103 -26.44 -23.04 40.28
N VAL B 104 -25.30 -22.36 40.46
CA VAL B 104 -25.17 -21.43 41.58
C VAL B 104 -25.93 -20.14 41.30
N THR B 105 -25.68 -19.54 40.13
CA THR B 105 -26.36 -18.28 39.79
C THR B 105 -27.82 -18.47 39.47
N GLN B 106 -28.25 -19.70 39.16
CA GLN B 106 -29.66 -20.01 38.87
C GLN B 106 -30.17 -19.20 37.68
N SER B 107 -29.29 -18.97 36.69
CA SER B 107 -29.63 -18.17 35.53
C SER B 107 -28.95 -18.76 34.30
N ASN B 108 -29.65 -18.70 33.17
CA ASN B 108 -29.10 -19.19 31.90
C ASN B 108 -28.02 -18.29 31.34
N PHE B 109 -27.71 -17.17 31.99
CA PHE B 109 -26.73 -16.22 31.51
C PHE B 109 -25.56 -16.12 32.48
N LEU B 110 -24.60 -15.28 32.13
CA LEU B 110 -23.36 -15.14 32.89
C LEU B 110 -23.42 -13.87 33.73
N GLY B 111 -23.35 -14.03 35.04
CA GLY B 111 -23.26 -12.90 35.96
C GLY B 111 -21.83 -12.44 36.10
N ARG B 112 -21.59 -11.68 37.17
CA ARG B 112 -20.26 -11.17 37.45
C ARG B 112 -19.97 -11.30 38.94
N GLY B 113 -18.68 -11.42 39.26
CA GLY B 113 -18.26 -11.55 40.64
C GLY B 113 -18.65 -12.88 41.28
N VAL B 114 -18.69 -13.95 40.50
CA VAL B 114 -19.12 -15.25 40.98
C VAL B 114 -17.88 -16.09 41.26
N GLN B 115 -17.69 -16.45 42.52
CA GLN B 115 -16.53 -17.22 42.96
C GLN B 115 -16.88 -18.71 42.95
N LEU B 116 -16.12 -19.50 42.20
CA LEU B 116 -16.40 -20.93 42.14
C LEU B 116 -15.10 -21.71 41.97
N PRO B 117 -14.89 -22.76 42.75
CA PRO B 117 -13.70 -23.59 42.57
C PRO B 117 -13.76 -24.34 41.26
N ALA B 118 -12.57 -24.69 40.76
CA ALA B 118 -12.45 -25.41 39.50
C ALA B 118 -12.97 -26.83 39.62
N LEU B 119 -12.44 -27.57 40.57
CA LEU B 119 -12.80 -28.96 40.78
C LEU B 119 -13.87 -29.06 41.87
N ASP B 120 -14.40 -30.27 42.02
CA ASP B 120 -15.40 -30.55 43.04
C ASP B 120 -14.67 -31.00 44.30
N HIS B 121 -14.65 -30.15 45.32
CA HIS B 121 -13.86 -30.38 46.51
C HIS B 121 -14.52 -31.32 47.50
N GLU B 122 -15.74 -31.77 47.24
CA GLU B 122 -16.45 -32.65 48.16
C GLU B 122 -16.83 -33.99 47.52
N LYS B 123 -16.30 -34.29 46.34
CA LYS B 123 -16.54 -35.59 45.72
C LYS B 123 -15.56 -36.61 46.30
N GLN B 124 -16.07 -37.79 46.65
CA GLN B 124 -15.28 -38.84 47.27
C GLN B 124 -14.65 -39.69 46.18
N TRP B 125 -13.33 -39.60 46.03
CA TRP B 125 -12.57 -40.46 45.13
C TRP B 125 -11.83 -41.50 45.95
N TRP B 126 -12.00 -42.78 45.61
CA TRP B 126 -11.22 -43.82 46.26
C TRP B 126 -9.80 -43.78 45.70
N PHE B 127 -8.85 -43.42 46.54
CA PHE B 127 -7.45 -43.34 46.16
C PHE B 127 -6.79 -44.72 46.29
N GLU B 128 -5.82 -44.98 45.42
CA GLU B 128 -5.10 -46.26 45.40
C GLU B 128 -3.61 -45.97 45.32
N ALA B 129 -2.91 -46.14 46.44
CA ALA B 129 -1.48 -45.86 46.48
C ALA B 129 -0.69 -46.90 45.71
N THR B 130 0.49 -46.51 45.24
CA THR B 130 1.34 -47.39 44.46
C THR B 130 2.79 -47.42 44.93
N ILE B 131 3.16 -46.62 45.94
CA ILE B 131 4.53 -46.57 46.41
C ILE B 131 4.57 -47.01 47.87
N GLU B 132 5.73 -47.48 48.30
CA GLU B 132 5.94 -47.94 49.66
C GLU B 132 6.40 -46.81 50.56
N GLU B 133 6.14 -46.96 51.86
CA GLU B 133 6.57 -45.96 52.83
C GLU B 133 8.09 -46.03 53.00
N GLY B 134 8.72 -44.85 53.07
CA GLY B 134 10.15 -44.77 53.21
C GLY B 134 10.91 -44.61 51.90
N THR B 135 10.23 -44.67 50.76
CA THR B 135 10.88 -44.52 49.48
C THR B 135 11.15 -43.04 49.19
N GLU B 136 12.39 -42.72 48.86
CA GLU B 136 12.75 -41.35 48.53
C GLU B 136 12.09 -40.93 47.22
N VAL B 137 11.37 -39.82 47.24
CA VAL B 137 10.61 -39.35 46.09
C VAL B 137 11.01 -37.92 45.77
N SER B 138 10.85 -37.55 44.50
CA SER B 138 11.06 -36.19 44.03
C SER B 138 9.90 -35.82 43.11
N ALA B 139 9.96 -34.62 42.55
CA ALA B 139 8.92 -34.17 41.64
C ALA B 139 8.88 -35.06 40.40
N GLY B 140 7.73 -35.68 40.16
CA GLY B 140 7.52 -36.55 39.01
C GLY B 140 7.20 -37.99 39.38
N ASP B 141 7.71 -38.44 40.53
CA ASP B 141 7.46 -39.82 40.96
C ASP B 141 6.00 -40.00 41.35
N ILE B 142 5.48 -41.19 41.11
CA ILE B 142 4.07 -41.50 41.31
C ILE B 142 3.87 -42.09 42.70
N ILE B 143 2.90 -41.55 43.43
CA ILE B 143 2.54 -42.08 44.75
C ILE B 143 1.21 -42.80 44.75
N GLY B 144 0.47 -42.78 43.64
CA GLY B 144 -0.81 -43.46 43.58
C GLY B 144 -1.55 -43.06 42.32
N TYR B 145 -2.67 -43.74 42.09
CA TYR B 145 -3.49 -43.46 40.93
C TYR B 145 -4.96 -43.46 41.33
N VAL B 146 -5.77 -42.79 40.51
CA VAL B 146 -7.22 -42.74 40.67
C VAL B 146 -7.83 -42.89 39.29
N ASP B 147 -8.60 -43.95 39.08
CA ASP B 147 -9.26 -44.17 37.80
C ASP B 147 -10.34 -43.11 37.62
N GLU B 148 -9.98 -42.01 36.97
CA GLU B 148 -10.94 -40.93 36.74
C GLU B 148 -12.04 -41.37 35.78
N THR B 149 -11.66 -41.93 34.64
CA THR B 149 -12.60 -42.47 33.67
C THR B 149 -12.42 -43.98 33.57
N LYS B 150 -13.13 -44.57 32.60
CA LYS B 150 -13.08 -46.01 32.46
C LYS B 150 -11.70 -46.51 32.04
N ILE B 151 -10.92 -45.65 31.36
CA ILE B 151 -9.63 -46.10 30.86
C ILE B 151 -8.55 -45.08 31.21
N ILE B 152 -8.94 -43.93 31.72
CA ILE B 152 -7.98 -42.89 32.10
C ILE B 152 -7.68 -43.01 33.59
N GLN B 153 -6.41 -43.27 33.92
CA GLN B 153 -5.97 -43.43 35.30
C GLN B 153 -5.23 -42.17 35.72
N HIS B 154 -5.85 -41.38 36.61
CA HIS B 154 -5.28 -40.14 37.10
C HIS B 154 -4.21 -40.47 38.14
N LYS B 155 -2.97 -40.61 37.68
CA LYS B 155 -1.87 -41.01 38.55
C LYS B 155 -1.41 -39.82 39.37
N ILE B 156 -1.62 -39.88 40.68
CA ILE B 156 -1.21 -38.79 41.56
C ILE B 156 0.31 -38.73 41.64
N MSE B 157 0.87 -37.55 41.35
CA MSE B 157 2.31 -37.37 41.39
C MSE B 157 2.75 -36.49 42.56
O MSE B 157 1.92 -35.97 43.31
CB MSE B 157 2.81 -36.74 40.08
CG MSE B 157 1.92 -37.01 38.88
SE MSE B 157 2.50 -36.00 37.32
CE MSE B 157 4.27 -36.77 37.10
N VAL B 158 4.07 -36.33 42.71
CA VAL B 158 4.63 -35.45 43.72
C VAL B 158 4.66 -34.03 43.14
N PRO B 159 4.06 -33.05 43.81
CA PRO B 159 4.07 -31.68 43.28
C PRO B 159 5.48 -31.11 43.23
N ASN B 160 5.67 -30.14 42.35
CA ASN B 160 6.98 -29.51 42.19
C ASN B 160 7.32 -28.71 43.44
N GLY B 161 8.57 -28.84 43.88
CA GLY B 161 9.05 -28.16 45.07
C GLY B 161 9.16 -29.03 46.30
N ILE B 162 8.66 -30.27 46.24
CA ILE B 162 8.68 -31.19 47.37
C ILE B 162 9.66 -32.32 47.05
N LYS B 163 10.58 -32.59 47.98
CA LYS B 163 11.55 -33.65 47.79
C LYS B 163 11.87 -34.26 49.15
N GLY B 164 11.59 -35.55 49.30
CA GLY B 164 11.84 -36.24 50.55
C GLY B 164 11.47 -37.71 50.53
N THR B 165 11.13 -38.27 51.68
CA THR B 165 10.75 -39.67 51.80
C THR B 165 9.32 -39.78 52.30
N VAL B 166 8.62 -40.81 51.83
CA VAL B 166 7.22 -41.00 52.18
C VAL B 166 7.13 -41.47 53.63
N GLN B 167 6.49 -40.67 54.48
CA GLN B 167 6.36 -41.03 55.88
C GLN B 167 5.21 -42.01 56.11
N LYS B 168 4.02 -41.69 55.62
CA LYS B 168 2.86 -42.55 55.81
C LYS B 168 1.91 -42.36 54.63
N ILE B 169 1.50 -43.46 54.02
CA ILE B 169 0.57 -43.44 52.90
C ILE B 169 -0.37 -44.63 53.02
N GLU B 170 -1.65 -44.41 52.70
CA GLU B 170 -2.65 -45.45 52.77
C GLU B 170 -3.77 -45.15 51.80
N SER B 171 -4.30 -46.19 51.17
CA SER B 171 -5.39 -46.04 50.22
C SER B 171 -6.72 -45.85 50.96
N GLY B 172 -7.71 -45.34 50.24
CA GLY B 172 -9.02 -45.11 50.81
C GLY B 172 -9.76 -44.03 50.06
N SER B 173 -11.02 -43.86 50.42
CA SER B 173 -11.88 -42.87 49.79
C SER B 173 -11.69 -41.53 50.49
N PHE B 174 -11.28 -40.51 49.73
CA PHE B 174 -11.04 -39.18 50.29
C PHE B 174 -11.31 -38.14 49.21
N THR B 175 -11.42 -36.89 49.66
CA THR B 175 -11.64 -35.77 48.74
C THR B 175 -10.30 -35.16 48.34
N ILE B 176 -10.36 -34.19 47.43
CA ILE B 176 -9.15 -33.53 46.96
C ILE B 176 -8.56 -32.59 48.00
N ASP B 177 -9.21 -32.43 49.15
CA ASP B 177 -8.74 -31.51 50.19
C ASP B 177 -8.07 -32.22 51.36
N ASP B 178 -8.43 -33.47 51.64
CA ASP B 178 -7.86 -34.12 52.82
C ASP B 178 -6.57 -34.85 52.43
N PRO B 179 -5.58 -34.86 53.33
CA PRO B 179 -4.27 -35.40 52.97
C PRO B 179 -4.29 -36.92 52.80
N ILE B 180 -3.56 -37.40 51.81
CA ILE B 180 -3.42 -38.82 51.55
C ILE B 180 -2.01 -39.34 51.85
N CYS B 181 -1.02 -38.46 51.93
CA CYS B 181 0.36 -38.88 52.14
C CYS B 181 1.12 -37.79 52.89
N VAL B 182 2.17 -38.20 53.58
CA VAL B 182 3.03 -37.28 54.32
C VAL B 182 4.47 -37.51 53.88
N ILE B 183 5.15 -36.45 53.47
CA ILE B 183 6.52 -36.53 52.98
C ILE B 183 7.43 -35.87 54.00
N GLU B 184 8.50 -36.57 54.37
CA GLU B 184 9.47 -36.05 55.34
C GLU B 184 10.59 -35.38 54.56
N THR B 185 10.43 -34.09 54.31
CA THR B 185 11.38 -33.33 53.51
C THR B 185 12.51 -32.78 54.37
N GLU B 186 13.44 -32.07 53.74
CA GLU B 186 14.55 -31.47 54.47
C GLU B 186 14.10 -30.26 55.27
N GLN B 187 12.99 -29.63 54.88
CA GLN B 187 12.46 -28.48 55.58
C GLN B 187 11.33 -28.84 56.52
N GLY B 188 11.19 -30.12 56.84
CA GLY B 188 10.15 -30.61 57.73
C GLY B 188 9.22 -31.57 57.03
N LEU B 189 8.11 -31.87 57.71
CA LEU B 189 7.09 -32.75 57.16
C LEU B 189 6.09 -31.94 56.35
N LYS B 190 5.55 -32.57 55.31
CA LYS B 190 4.60 -31.94 54.41
C LYS B 190 3.41 -32.86 54.17
N GLU B 191 2.23 -32.26 54.03
CA GLU B 191 0.99 -32.98 53.77
C GLU B 191 0.57 -32.75 52.32
N LEU B 192 0.45 -33.82 51.56
CA LEU B 192 0.09 -33.74 50.15
C LEU B 192 -1.36 -34.14 49.94
N THR B 193 -1.98 -33.51 48.95
CA THR B 193 -3.36 -33.78 48.56
C THR B 193 -3.40 -34.17 47.08
N MSE B 194 -4.58 -34.60 46.64
CA MSE B 194 -4.76 -35.05 45.27
C MSE B 194 -4.86 -33.88 44.30
O MSE B 194 -4.82 -34.06 43.08
CB MSE B 194 -6.00 -35.92 45.15
CG MSE B 194 -5.87 -37.28 45.82
SE MSE B 194 -7.37 -38.46 45.41
CE MSE B 194 -8.80 -37.45 46.26
N MSE B 195 -4.97 -32.68 44.84
CA MSE B 195 -5.07 -31.47 44.03
C MSE B 195 -3.83 -30.61 44.18
O MSE B 195 -3.36 -30.37 45.30
CB MSE B 195 -6.33 -30.68 44.41
CG MSE B 195 -6.71 -29.58 43.43
SE MSE B 195 -6.93 -27.87 44.31
CE MSE B 195 -5.07 -27.47 44.74
N GLN B 196 -3.27 -30.15 43.07
CA GLN B 196 -2.10 -29.27 43.09
C GLN B 196 -2.36 -28.07 42.19
N LYS B 197 -1.74 -26.95 42.55
CA LYS B 197 -1.86 -25.70 41.79
C LYS B 197 -0.61 -25.44 40.98
N TRP B 198 -0.78 -24.80 39.82
CA TRP B 198 0.35 -24.49 38.96
C TRP B 198 0.04 -23.23 38.13
N PRO B 199 0.97 -22.27 38.07
CA PRO B 199 0.70 -21.05 37.31
C PRO B 199 0.70 -21.30 35.82
N VAL B 200 -0.26 -20.70 35.12
CA VAL B 200 -0.47 -21.03 33.71
C VAL B 200 0.55 -20.33 32.81
N ARG B 201 1.12 -19.21 33.25
CA ARG B 201 2.02 -18.46 32.38
C ARG B 201 3.43 -19.04 32.35
N ARG B 202 3.76 -19.96 33.25
CA ARG B 202 5.05 -20.64 33.26
C ARG B 202 4.82 -22.12 32.99
N GLY B 203 5.52 -22.65 31.98
CA GLY B 203 5.32 -24.03 31.59
C GLY B 203 5.86 -25.00 32.63
N ARG B 204 5.23 -26.16 32.71
CA ARG B 204 5.62 -27.17 33.69
C ARG B 204 7.00 -27.71 33.34
N PRO B 205 7.81 -28.08 34.33
CA PRO B 205 9.18 -28.53 34.05
C PRO B 205 9.23 -29.99 33.61
N ILE B 206 10.28 -30.31 32.85
CA ILE B 206 10.53 -31.65 32.35
C ILE B 206 12.00 -31.98 32.56
N LYS B 207 12.38 -33.19 32.15
CA LYS B 207 13.79 -33.55 32.14
C LYS B 207 14.49 -33.01 30.90
N GLN B 208 14.00 -33.41 29.72
CA GLN B 208 14.54 -32.90 28.46
C GLN B 208 13.55 -33.21 27.35
N LYS B 209 13.66 -32.45 26.27
CA LYS B 209 12.79 -32.66 25.11
C LYS B 209 13.38 -33.74 24.19
N LEU B 210 12.48 -34.40 23.46
CA LEU B 210 12.87 -35.42 22.49
C LEU B 210 12.33 -35.06 21.12
N ASN B 211 12.98 -35.60 20.09
CA ASN B 211 12.57 -35.33 18.71
C ASN B 211 11.28 -36.06 18.38
N PRO B 212 10.22 -35.36 18.00
CA PRO B 212 8.98 -36.05 17.61
C PRO B 212 9.12 -36.78 16.27
N ASP B 213 9.36 -38.10 16.32
CA ASP B 213 9.50 -38.89 15.11
C ASP B 213 8.41 -39.95 14.96
N VAL B 214 7.37 -39.88 15.78
CA VAL B 214 6.27 -40.85 15.73
C VAL B 214 5.08 -40.18 15.03
N PRO B 215 4.80 -40.54 13.78
CA PRO B 215 3.70 -39.87 13.06
C PRO B 215 2.35 -40.21 13.67
N MSE B 216 1.51 -39.20 13.83
CA MSE B 216 0.19 -39.35 14.43
C MSE B 216 -0.86 -39.80 13.41
O MSE B 216 -0.93 -39.25 12.31
CB MSE B 216 -0.23 -38.03 15.09
CG MSE B 216 -1.64 -38.05 15.67
SE MSE B 216 -2.02 -36.43 16.66
CE MSE B 216 -0.64 -36.59 18.02
N ILE B 217 -1.67 -40.78 13.79
CA ILE B 217 -2.74 -41.28 12.93
C ILE B 217 -3.96 -40.40 13.17
N THR B 218 -4.24 -39.51 12.23
CA THR B 218 -5.41 -38.63 12.32
C THR B 218 -6.62 -39.17 11.59
N GLY B 219 -6.45 -40.22 10.77
CA GLY B 219 -7.52 -40.73 9.96
C GLY B 219 -7.80 -39.93 8.71
N GLN B 220 -7.28 -38.71 8.61
CA GLN B 220 -7.50 -37.88 7.43
C GLN B 220 -6.42 -38.18 6.39
N ARG B 221 -6.84 -38.48 5.17
CA ARG B 221 -5.91 -39.01 4.18
C ARG B 221 -5.00 -37.92 3.62
N VAL B 222 -5.49 -36.69 3.48
CA VAL B 222 -4.64 -35.62 3.00
C VAL B 222 -3.57 -35.27 4.01
N ILE B 223 -3.77 -35.65 5.28
CA ILE B 223 -2.84 -35.33 6.35
C ILE B 223 -1.83 -36.46 6.51
N ASP B 224 -2.32 -37.65 6.89
CA ASP B 224 -1.43 -38.75 7.26
C ASP B 224 -0.55 -39.22 6.10
N THR B 225 -0.85 -38.82 4.87
CA THR B 225 -0.10 -39.27 3.70
C THR B 225 0.96 -38.25 3.29
N PHE B 226 0.54 -37.02 3.00
CA PHE B 226 1.43 -36.00 2.44
C PHE B 226 1.95 -35.02 3.47
N PHE B 227 1.09 -34.56 4.40
CA PHE B 227 1.45 -33.53 5.37
C PHE B 227 1.25 -34.09 6.78
N PRO B 228 2.09 -35.02 7.21
CA PRO B 228 1.86 -35.69 8.50
C PRO B 228 2.33 -34.85 9.67
N VAL B 229 1.56 -34.89 10.75
CA VAL B 229 1.93 -34.25 12.00
C VAL B 229 2.42 -35.32 12.97
N THR B 230 3.59 -35.10 13.57
CA THR B 230 4.16 -36.06 14.49
C THR B 230 3.60 -35.87 15.89
N LYS B 231 3.69 -36.95 16.68
CA LYS B 231 3.27 -36.90 18.08
C LYS B 231 4.21 -35.97 18.84
N GLY B 232 3.69 -34.81 19.25
CA GLY B 232 4.51 -33.77 19.84
C GLY B 232 4.81 -32.61 18.92
N GLY B 233 4.48 -32.72 17.63
CA GLY B 233 4.73 -31.65 16.70
C GLY B 233 3.73 -30.51 16.83
N ALA B 234 4.02 -29.45 16.09
CA ALA B 234 3.18 -28.25 16.06
C ALA B 234 2.65 -28.05 14.65
N ALA B 235 1.34 -27.91 14.52
CA ALA B 235 0.69 -27.73 13.22
C ALA B 235 -0.25 -26.54 13.28
N ALA B 236 -0.06 -25.61 12.34
CA ALA B 236 -0.93 -24.45 12.21
C ALA B 236 -1.87 -24.64 11.04
N VAL B 237 -3.13 -24.25 11.23
CA VAL B 237 -4.14 -24.37 10.17
C VAL B 237 -4.68 -22.99 9.86
N PRO B 238 -3.98 -22.17 9.09
CA PRO B 238 -4.50 -20.85 8.74
C PRO B 238 -5.41 -20.89 7.51
N GLY B 239 -6.60 -20.33 7.63
CA GLY B 239 -7.53 -20.31 6.52
C GLY B 239 -8.57 -19.23 6.67
N PRO B 240 -9.18 -18.83 5.54
CA PRO B 240 -10.21 -17.79 5.60
C PRO B 240 -11.48 -18.27 6.28
N PHE B 241 -12.51 -17.43 6.29
CA PHE B 241 -13.73 -17.78 6.99
C PHE B 241 -14.45 -18.92 6.27
N GLY B 242 -14.89 -19.91 7.04
CA GLY B 242 -15.62 -21.03 6.46
C GLY B 242 -14.78 -21.91 5.57
N ALA B 243 -13.46 -21.93 5.75
CA ALA B 243 -12.58 -22.77 4.95
C ALA B 243 -12.35 -24.14 5.57
N GLY B 244 -12.78 -24.38 6.80
CA GLY B 244 -12.66 -25.67 7.41
C GLY B 244 -11.61 -25.78 8.49
N LYS B 245 -11.37 -24.71 9.26
CA LYS B 245 -10.36 -24.77 10.31
C LYS B 245 -10.89 -25.57 11.49
N THR B 246 -12.13 -25.29 11.92
CA THR B 246 -12.69 -25.96 13.10
C THR B 246 -12.99 -27.43 12.80
N VAL B 247 -13.64 -27.70 11.67
CA VAL B 247 -14.02 -29.07 11.29
C VAL B 247 -12.79 -29.98 11.32
N VAL B 248 -11.66 -29.51 10.80
CA VAL B 248 -10.42 -30.26 10.90
C VAL B 248 -10.07 -30.54 12.35
N GLN B 249 -10.34 -29.59 13.24
CA GLN B 249 -10.01 -29.82 14.65
C GLN B 249 -10.98 -30.79 15.30
N HIS B 250 -12.25 -30.77 14.89
CA HIS B 250 -13.21 -31.71 15.45
C HIS B 250 -12.89 -33.14 15.05
N GLN B 251 -12.43 -33.35 13.81
CA GLN B 251 -12.02 -34.69 13.38
C GLN B 251 -10.76 -35.13 14.11
N ILE B 252 -9.82 -34.21 14.34
CA ILE B 252 -8.60 -34.55 15.06
C ILE B 252 -8.90 -34.79 16.53
N ALA B 253 -9.87 -34.04 17.08
CA ALA B 253 -10.27 -34.26 18.47
C ALA B 253 -11.03 -35.56 18.66
N LYS B 254 -11.32 -36.30 17.59
CA LYS B 254 -12.10 -37.53 17.70
C LYS B 254 -11.48 -38.75 17.03
N TRP B 255 -10.54 -38.58 16.10
CA TRP B 255 -9.91 -39.72 15.44
C TRP B 255 -8.40 -39.77 15.66
N SER B 256 -7.90 -39.14 16.71
CA SER B 256 -6.47 -39.15 16.97
C SER B 256 -6.11 -40.26 17.95
N ASP B 257 -4.91 -40.81 17.77
CA ASP B 257 -4.38 -41.84 18.66
C ASP B 257 -3.68 -41.19 19.85
N VAL B 258 -4.45 -40.41 20.60
CA VAL B 258 -3.94 -39.69 21.77
C VAL B 258 -4.75 -40.09 22.99
N ASP B 259 -4.13 -39.97 24.16
CA ASP B 259 -4.78 -40.35 25.41
C ASP B 259 -5.65 -39.25 25.99
N LEU B 260 -5.48 -38.01 25.52
CA LEU B 260 -6.27 -36.89 26.03
C LEU B 260 -6.20 -35.75 25.02
N VAL B 261 -7.34 -35.11 24.78
CA VAL B 261 -7.44 -33.95 23.92
C VAL B 261 -7.83 -32.75 24.77
N VAL B 262 -7.24 -31.59 24.45
CA VAL B 262 -7.53 -30.34 25.14
C VAL B 262 -7.95 -29.32 24.08
N TYR B 263 -9.24 -29.02 24.02
CA TYR B 263 -9.80 -28.13 23.01
C TYR B 263 -10.05 -26.77 23.64
N VAL B 264 -9.44 -25.73 23.08
CA VAL B 264 -9.56 -24.38 23.59
C VAL B 264 -10.44 -23.58 22.63
N GLY B 265 -11.66 -23.27 23.07
CA GLY B 265 -12.53 -22.41 22.30
C GLY B 265 -12.22 -20.95 22.50
N CYS B 266 -11.14 -20.48 21.88
CA CYS B 266 -10.61 -19.14 22.12
C CYS B 266 -11.26 -18.16 21.16
N GLY B 267 -12.27 -17.44 21.64
CA GLY B 267 -12.89 -16.41 20.83
C GLY B 267 -13.73 -16.92 19.68
N GLU B 268 -14.15 -18.18 19.71
CA GLU B 268 -14.94 -18.74 18.63
C GLU B 268 -16.43 -18.60 18.90
N ARG B 269 -17.23 -19.27 18.07
CA ARG B 269 -18.67 -19.16 18.18
C ARG B 269 -19.18 -19.94 19.37
N GLY B 270 -20.27 -19.44 19.96
CA GLY B 270 -20.88 -20.14 21.07
C GLY B 270 -21.60 -21.39 20.63
N ASN B 271 -22.17 -21.39 19.42
CA ASN B 271 -22.76 -22.60 18.88
C ASN B 271 -21.70 -23.65 18.59
N GLU B 272 -20.48 -23.22 18.26
CA GLU B 272 -19.41 -24.19 18.03
C GLU B 272 -19.02 -24.92 19.31
N MSE B 273 -19.34 -24.36 20.48
CA MSE B 273 -19.02 -24.99 21.75
C MSE B 273 -20.15 -25.89 22.28
O MSE B 273 -19.89 -26.93 22.88
CB MSE B 273 -18.69 -23.93 22.81
CG MSE B 273 -17.28 -23.38 22.72
SE MSE B 273 -15.91 -24.76 22.82
CE MSE B 273 -15.48 -24.93 20.93
N THR B 274 -21.39 -25.47 22.03
CA THR B 274 -22.53 -26.32 22.43
C THR B 274 -22.56 -27.59 21.59
N ASP B 275 -22.14 -27.51 20.33
CA ASP B 275 -22.07 -28.68 19.48
C ASP B 275 -21.08 -29.71 20.02
N VAL B 276 -20.10 -29.26 20.81
CA VAL B 276 -19.09 -30.17 21.34
C VAL B 276 -19.67 -31.01 22.47
N VAL B 277 -20.34 -30.36 23.43
CA VAL B 277 -20.78 -31.05 24.64
C VAL B 277 -22.03 -31.88 24.36
N ASN B 278 -22.48 -31.88 23.11
CA ASN B 278 -23.62 -32.71 22.70
C ASN B 278 -23.21 -33.89 21.84
N GLU B 279 -22.32 -33.68 20.87
CA GLU B 279 -21.92 -34.78 19.99
C GLU B 279 -20.86 -35.66 20.63
N PHE B 280 -19.95 -35.07 21.42
CA PHE B 280 -18.89 -35.85 22.03
C PHE B 280 -19.39 -36.88 23.05
N PRO B 281 -20.40 -36.61 23.88
CA PRO B 281 -20.94 -37.67 24.75
C PRO B 281 -21.55 -38.83 23.98
N GLU B 282 -21.73 -38.71 22.66
CA GLU B 282 -22.30 -39.79 21.87
C GLU B 282 -21.26 -40.50 21.00
N LEU B 283 -20.10 -39.89 20.79
CA LEU B 283 -19.02 -40.51 20.02
C LEU B 283 -18.38 -41.60 20.87
N ILE B 284 -19.00 -42.77 20.85
CA ILE B 284 -18.53 -43.91 21.63
C ILE B 284 -17.46 -44.64 20.84
N ASP B 285 -16.35 -44.97 21.50
CA ASP B 285 -15.32 -45.81 20.90
C ASP B 285 -15.79 -47.25 20.94
N PRO B 286 -15.85 -47.95 19.80
CA PRO B 286 -16.42 -49.31 19.80
C PRO B 286 -15.57 -50.34 20.51
N ASN B 287 -14.35 -49.99 20.94
CA ASN B 287 -13.50 -50.94 21.64
C ASN B 287 -13.64 -50.81 23.15
N THR B 288 -13.39 -49.62 23.69
CA THR B 288 -13.41 -49.41 25.13
C THR B 288 -14.79 -49.05 25.66
N GLY B 289 -15.72 -48.65 24.79
CA GLY B 289 -17.03 -48.23 25.24
C GLY B 289 -17.10 -46.89 25.91
N GLU B 290 -15.96 -46.26 26.18
CA GLU B 290 -15.95 -44.93 26.78
C GLU B 290 -16.18 -43.87 25.71
N SER B 291 -17.00 -42.88 26.04
CA SER B 291 -17.28 -41.80 25.11
C SER B 291 -16.05 -40.93 24.92
N LEU B 292 -16.08 -40.13 23.85
CA LEU B 292 -14.99 -39.20 23.59
C LEU B 292 -14.90 -38.12 24.66
N MSE B 293 -16.04 -37.77 25.26
CA MSE B 293 -16.07 -36.75 26.32
C MSE B 293 -15.31 -37.25 27.54
O MSE B 293 -14.82 -36.44 28.33
CB MSE B 293 -17.52 -36.42 26.67
CG MSE B 293 -17.68 -35.24 27.61
SE MSE B 293 -16.92 -33.60 26.89
CE MSE B 293 -17.47 -32.36 28.29
N GLU B 294 -15.24 -38.56 27.69
CA GLU B 294 -14.46 -39.13 28.78
C GLU B 294 -12.96 -38.95 28.58
N ARG B 295 -12.53 -38.59 27.37
CA ARG B 295 -11.12 -38.52 27.03
C ARG B 295 -10.71 -37.09 26.65
N THR B 296 -11.41 -36.09 27.15
CA THR B 296 -11.15 -34.74 26.68
C THR B 296 -11.57 -33.70 27.71
N VAL B 297 -10.72 -32.70 27.90
CA VAL B 297 -11.04 -31.50 28.68
C VAL B 297 -10.99 -30.31 27.73
N LEU B 298 -12.11 -29.61 27.59
CA LEU B 298 -12.19 -28.46 26.71
C LEU B 298 -12.38 -27.18 27.50
N ILE B 299 -11.76 -26.10 27.05
CA ILE B 299 -11.89 -24.77 27.64
C ILE B 299 -12.56 -23.87 26.61
N ALA B 300 -13.54 -23.10 27.05
CA ALA B 300 -14.39 -22.32 26.15
C ALA B 300 -14.46 -20.88 26.61
N ASN B 301 -14.05 -19.95 25.75
CA ASN B 301 -14.22 -18.52 25.96
C ASN B 301 -14.58 -17.93 24.60
N THR B 302 -15.88 -17.75 24.35
CA THR B 302 -16.35 -17.39 23.03
C THR B 302 -16.00 -15.93 22.71
N SER B 303 -16.48 -15.47 21.56
CA SER B 303 -16.09 -14.16 21.06
C SER B 303 -16.74 -13.05 21.88
N ASN B 304 -18.05 -13.14 22.13
CA ASN B 304 -18.73 -12.10 22.88
C ASN B 304 -18.36 -12.11 24.36
N MSE B 305 -17.75 -13.18 24.84
CA MSE B 305 -17.28 -13.25 26.23
C MSE B 305 -16.11 -12.28 26.41
O MSE B 305 -15.54 -11.81 25.42
CB MSE B 305 -16.89 -14.69 26.58
CG MSE B 305 -18.08 -15.61 26.79
SE MSE B 305 -17.58 -17.44 27.28
CE MSE B 305 -16.79 -17.07 29.03
N PRO B 306 -15.75 -11.96 27.69
CA PRO B 306 -14.67 -11.01 27.94
C PRO B 306 -13.43 -11.19 27.08
N VAL B 307 -12.91 -10.07 26.56
CA VAL B 307 -11.83 -10.13 25.58
C VAL B 307 -10.53 -10.58 26.23
N ALA B 308 -10.26 -10.10 27.44
CA ALA B 308 -9.02 -10.46 28.11
C ALA B 308 -8.99 -11.94 28.48
N ALA B 309 -10.17 -12.55 28.66
CA ALA B 309 -10.24 -13.95 29.02
C ALA B 309 -9.79 -14.86 27.88
N ARG B 310 -9.62 -14.34 26.66
CA ARG B 310 -9.13 -15.16 25.57
C ARG B 310 -7.69 -15.61 25.82
N GLU B 311 -6.86 -14.71 26.35
CA GLU B 311 -5.49 -15.08 26.68
C GLU B 311 -5.46 -16.10 27.81
N ALA B 312 -6.33 -15.93 28.81
CA ALA B 312 -6.36 -16.86 29.94
C ALA B 312 -6.78 -18.24 29.49
N SER B 313 -7.68 -18.33 28.51
CA SER B 313 -8.15 -19.64 28.05
C SER B 313 -7.04 -20.42 27.36
N ILE B 314 -6.15 -19.72 26.67
CA ILE B 314 -5.06 -20.40 25.97
C ILE B 314 -4.08 -21.00 26.98
N TYR B 315 -3.62 -20.18 27.92
CA TYR B 315 -2.63 -20.67 28.89
C TYR B 315 -3.24 -21.65 29.87
N THR B 316 -4.57 -21.59 30.07
CA THR B 316 -5.23 -22.59 30.91
C THR B 316 -5.18 -23.96 30.26
N GLY B 317 -5.35 -24.03 28.95
CA GLY B 317 -5.42 -25.32 28.28
C GLY B 317 -4.06 -25.98 28.17
N ILE B 318 -3.03 -25.22 27.79
CA ILE B 318 -1.71 -25.83 27.61
C ILE B 318 -1.15 -26.26 28.95
N THR B 319 -1.54 -25.59 30.04
CA THR B 319 -1.09 -26.02 31.37
C THR B 319 -1.72 -27.36 31.73
N ILE B 320 -3.01 -27.52 31.48
CA ILE B 320 -3.64 -28.83 31.67
C ILE B 320 -3.03 -29.84 30.71
N ALA B 321 -2.70 -29.41 29.49
CA ALA B 321 -2.05 -30.31 28.54
C ALA B 321 -0.68 -30.73 29.02
N GLU B 322 -0.04 -29.91 29.84
CA GLU B 322 1.25 -30.29 30.42
C GLU B 322 1.09 -31.13 31.67
N TYR B 323 -0.01 -30.92 32.40
CA TYR B 323 -0.23 -31.68 33.63
C TYR B 323 -0.41 -33.17 33.33
N PHE B 324 -1.11 -33.48 32.25
CA PHE B 324 -1.29 -34.87 31.85
C PHE B 324 -0.14 -35.40 31.00
N ARG B 325 0.65 -34.50 30.40
CA ARG B 325 1.85 -34.93 29.68
C ARG B 325 2.85 -35.58 30.63
N ASP B 326 2.99 -35.03 31.83
CA ASP B 326 3.94 -35.55 32.81
C ASP B 326 3.59 -36.95 33.29
N MSE B 327 2.40 -37.45 32.97
CA MSE B 327 2.01 -38.81 33.37
C MSE B 327 2.39 -39.81 32.31
O MSE B 327 1.97 -40.97 32.35
CB MSE B 327 0.50 -38.87 33.64
CG MSE B 327 0.01 -37.96 34.75
SE MSE B 327 -1.93 -37.94 34.88
CE MSE B 327 -2.13 -36.83 36.46
N GLY B 328 3.21 -39.38 31.35
CA GLY B 328 3.58 -40.23 30.24
C GLY B 328 2.54 -40.35 29.15
N TYR B 329 1.46 -39.57 29.22
CA TYR B 329 0.42 -39.62 28.21
C TYR B 329 0.78 -38.75 27.02
N ASP B 330 0.16 -39.07 25.87
CA ASP B 330 0.26 -38.26 24.67
C ASP B 330 -0.98 -37.37 24.60
N VAL B 331 -0.80 -36.08 24.86
CA VAL B 331 -1.90 -35.12 24.92
C VAL B 331 -1.87 -34.25 23.68
N ALA B 332 -3.05 -33.96 23.14
CA ALA B 332 -3.21 -33.06 22.01
C ALA B 332 -3.94 -31.81 22.47
N ILE B 333 -3.40 -30.65 22.13
CA ILE B 333 -3.96 -29.37 22.52
C ILE B 333 -4.52 -28.68 21.28
N MSE B 334 -5.79 -28.30 21.34
CA MSE B 334 -6.46 -27.63 20.22
C MSE B 334 -6.76 -26.17 20.56
O MSE B 334 -7.44 -25.89 21.54
CB MSE B 334 -7.75 -28.36 19.86
CG MSE B 334 -7.67 -29.88 19.98
SE MSE B 334 -6.42 -30.67 18.73
CE MSE B 334 -7.41 -30.38 17.09
N ALA B 335 -6.27 -25.26 19.74
CA ALA B 335 -6.45 -23.82 19.94
C ALA B 335 -7.34 -23.29 18.82
N ASP B 336 -8.57 -22.93 19.18
CA ASP B 336 -9.58 -22.46 18.22
C ASP B 336 -10.22 -21.23 18.84
N SER B 337 -9.74 -20.04 18.48
CA SER B 337 -8.61 -19.87 17.56
C SER B 337 -7.56 -18.93 18.15
N THR B 338 -6.31 -19.08 17.70
CA THR B 338 -5.23 -18.26 18.24
C THR B 338 -5.32 -16.81 17.76
N SER B 339 -5.96 -16.57 16.62
CA SER B 339 -6.09 -15.21 16.10
C SER B 339 -6.91 -14.33 17.03
N ARG B 340 -7.77 -14.91 17.86
CA ARG B 340 -8.56 -14.13 18.80
C ARG B 340 -7.77 -13.81 20.06
N TRP B 341 -6.85 -14.70 20.46
CA TRP B 341 -5.90 -14.38 21.51
C TRP B 341 -5.04 -13.20 21.11
N ALA B 342 -4.61 -13.16 19.85
CA ALA B 342 -3.76 -12.08 19.38
C ALA B 342 -4.51 -10.76 19.36
N GLU B 343 -5.81 -10.79 19.08
CA GLU B 343 -6.61 -9.57 19.16
C GLU B 343 -6.71 -9.07 20.59
N ALA B 344 -6.79 -9.99 21.55
CA ALA B 344 -6.84 -9.59 22.96
C ALA B 344 -5.56 -8.91 23.38
N LEU B 345 -4.42 -9.37 22.84
CA LEU B 345 -3.15 -8.71 23.14
C LEU B 345 -3.08 -7.35 22.46
N ARG B 346 -3.52 -7.26 21.21
CA ARG B 346 -3.57 -5.97 20.53
C ARG B 346 -4.57 -5.05 21.21
N GLU B 347 -5.69 -5.59 21.66
CA GLU B 347 -6.64 -4.79 22.43
C GLU B 347 -6.01 -4.30 23.72
N MSE B 348 -5.28 -5.17 24.40
CA MSE B 348 -4.64 -4.81 25.67
C MSE B 348 -3.50 -3.83 25.42
O MSE B 348 -3.25 -2.94 26.22
CB MSE B 348 -4.14 -6.06 26.37
CG MSE B 348 -3.87 -5.86 27.85
SE MSE B 348 -5.46 -5.25 28.78
CE MSE B 348 -6.67 -6.69 28.28
N SER B 349 -2.81 -4.01 24.29
CA SER B 349 -1.71 -3.11 23.95
C SER B 349 -2.20 -1.70 23.69
N GLY B 350 -3.37 -1.55 23.06
CA GLY B 350 -3.93 -0.23 22.84
C GLY B 350 -4.38 0.44 24.12
N ARG B 351 -4.76 -0.36 25.11
CA ARG B 351 -5.16 0.20 26.41
C ARG B 351 -3.95 0.62 27.22
N LEU B 352 -2.86 -0.15 27.15
CA LEU B 352 -1.65 0.18 27.88
C LEU B 352 -0.83 1.29 27.23
N GLU B 353 -1.30 1.79 26.08
CA GLU B 353 -0.61 2.87 25.35
C GLU B 353 0.82 2.46 24.97
N GLU B 354 0.97 1.22 24.51
CA GLU B 354 2.27 0.70 24.10
C GLU B 354 2.49 0.91 22.61
N MSE B 355 3.76 0.94 22.22
CA MSE B 355 4.13 1.11 20.81
C MSE B 355 3.76 -0.11 19.98
O MSE B 355 4.29 -1.19 20.20
CB MSE B 355 5.63 1.39 20.68
CG MSE B 355 6.10 2.69 21.32
SE MSE B 355 5.24 4.27 20.57
CE MSE B 355 3.91 4.60 21.96
N PRO B 356 2.84 0.06 19.03
CA PRO B 356 2.44 -1.07 18.19
C PRO B 356 3.52 -1.41 17.17
N GLY B 357 3.61 -2.70 16.84
CA GLY B 357 4.57 -3.17 15.88
C GLY B 357 3.98 -3.38 14.50
N ASP B 358 3.64 -4.63 14.17
CA ASP B 358 3.10 -4.97 12.87
C ASP B 358 1.58 -5.01 12.95
N GLU B 359 0.93 -4.13 12.19
CA GLU B 359 -0.53 -4.12 12.06
C GLU B 359 -1.23 -3.97 13.40
N GLY B 360 -0.64 -3.16 14.28
CA GLY B 360 -1.25 -2.85 15.56
C GLY B 360 -0.94 -3.82 16.66
N TYR B 361 -0.62 -5.07 16.34
CA TYR B 361 -0.29 -6.05 17.36
C TYR B 361 0.95 -5.62 18.13
N PRO B 362 1.04 -5.95 19.42
CA PRO B 362 2.20 -5.53 20.22
C PRO B 362 3.48 -6.16 19.70
N ALA B 363 4.60 -5.50 20.00
CA ALA B 363 5.90 -5.93 19.50
C ALA B 363 6.33 -7.27 20.07
N TYR B 364 5.79 -7.67 21.22
CA TYR B 364 6.15 -8.92 21.85
C TYR B 364 5.27 -10.08 21.40
N LEU B 365 4.62 -9.96 20.25
CA LEU B 365 3.76 -11.04 19.78
C LEU B 365 4.58 -12.24 19.32
N GLY B 366 5.80 -12.01 18.82
CA GLY B 366 6.63 -13.13 18.39
C GLY B 366 7.08 -14.00 19.55
N SER B 367 7.37 -13.38 20.71
CA SER B 367 7.81 -14.16 21.85
C SER B 367 6.65 -14.90 22.49
N ARG B 368 5.50 -14.22 22.65
CA ARG B 368 4.34 -14.85 23.27
C ARG B 368 3.92 -16.11 22.52
N LEU B 369 3.99 -16.07 21.18
CA LEU B 369 3.67 -17.26 20.40
C LEU B 369 4.77 -18.30 20.50
N ALA B 370 6.04 -17.86 20.45
CA ALA B 370 7.15 -18.79 20.59
C ALA B 370 7.18 -19.40 21.98
N GLU B 371 6.78 -18.62 22.99
CA GLU B 371 6.72 -19.15 24.36
C GLU B 371 5.67 -20.25 24.48
N TYR B 372 4.69 -20.26 23.58
CA TYR B 372 3.58 -21.22 23.69
C TYR B 372 3.90 -22.53 22.98
N TYR B 373 4.33 -22.45 21.73
CA TYR B 373 4.56 -23.68 20.96
C TYR B 373 5.76 -24.45 21.47
N GLU B 374 6.72 -23.77 22.10
CA GLU B 374 7.87 -24.48 22.66
C GLU B 374 7.50 -25.24 23.91
N ARG B 375 6.35 -24.93 24.53
CA ARG B 375 5.86 -25.69 25.66
C ARG B 375 5.31 -27.05 25.27
N SER B 376 5.25 -27.35 23.97
CA SER B 376 4.82 -28.64 23.47
C SER B 376 6.05 -29.51 23.18
N GLY B 377 5.82 -30.63 22.50
CA GLY B 377 6.89 -31.51 22.10
C GLY B 377 6.89 -32.81 22.90
N ARG B 378 7.56 -33.82 22.34
CA ARG B 378 7.74 -35.09 23.04
C ARG B 378 8.84 -34.92 24.07
N VAL B 379 8.50 -35.10 25.34
CA VAL B 379 9.39 -34.77 26.44
C VAL B 379 9.71 -36.03 27.23
N ILE B 380 10.74 -35.91 28.06
CA ILE B 380 11.02 -36.88 29.13
C ILE B 380 10.50 -36.25 30.42
N ALA B 381 9.38 -36.74 30.92
CA ALA B 381 8.74 -36.14 32.07
C ALA B 381 9.61 -36.30 33.31
N LEU B 382 9.32 -35.48 34.33
CA LEU B 382 10.10 -35.49 35.55
C LEU B 382 9.85 -36.77 36.34
N GLY B 383 10.70 -36.99 37.34
CA GLY B 383 10.65 -38.17 38.16
C GLY B 383 11.73 -39.17 37.78
N SER B 384 11.90 -40.17 38.65
CA SER B 384 12.89 -41.21 38.41
C SER B 384 12.47 -42.20 37.32
N ASP B 385 11.21 -42.17 36.89
CA ASP B 385 10.72 -43.18 35.96
C ASP B 385 11.23 -42.95 34.54
N GLN B 386 11.59 -41.70 34.20
CA GLN B 386 12.07 -41.35 32.86
C GLN B 386 11.01 -41.63 31.80
N ARG B 387 9.76 -41.30 32.11
CA ARG B 387 8.65 -41.62 31.22
C ARG B 387 8.52 -40.58 30.11
N GLU B 388 7.94 -41.00 28.99
CA GLU B 388 7.85 -40.19 27.78
C GLU B 388 6.43 -39.63 27.66
N GLY B 389 6.29 -38.32 27.83
CA GLY B 389 5.05 -37.63 27.55
C GLY B 389 5.19 -36.70 26.37
N SER B 390 4.08 -36.31 25.75
CA SER B 390 4.14 -35.47 24.56
C SER B 390 2.93 -34.55 24.51
N ILE B 391 3.12 -33.40 23.86
CA ILE B 391 2.05 -32.44 23.62
C ILE B 391 2.09 -32.07 22.15
N THR B 392 0.98 -32.32 21.44
CA THR B 392 0.86 -32.03 20.03
C THR B 392 -0.05 -30.82 19.86
N ALA B 393 0.50 -29.76 19.25
CA ALA B 393 -0.19 -28.48 19.15
C ALA B 393 -0.87 -28.36 17.80
N ILE B 394 -2.20 -28.29 17.81
CA ILE B 394 -3.00 -28.06 16.61
C ILE B 394 -3.74 -26.73 16.83
N SER B 395 -3.15 -25.64 16.36
CA SER B 395 -3.73 -24.31 16.54
C SER B 395 -4.25 -23.79 15.22
N ALA B 396 -5.40 -23.12 15.27
CA ALA B 396 -6.04 -22.56 14.09
C ALA B 396 -5.81 -21.05 14.04
N VAL B 397 -5.56 -20.53 12.84
CA VAL B 397 -5.30 -19.12 12.61
C VAL B 397 -6.34 -18.57 11.66
N SER B 398 -6.90 -17.41 12.00
CA SER B 398 -8.00 -16.79 11.26
C SER B 398 -7.56 -15.44 10.70
N PRO B 399 -6.83 -15.43 9.58
CA PRO B 399 -6.34 -14.17 9.04
C PRO B 399 -7.43 -13.36 8.37
N SER B 400 -7.23 -12.04 8.33
CA SER B 400 -8.18 -11.15 7.68
C SER B 400 -8.11 -11.32 6.17
N GLY B 401 -9.23 -11.71 5.56
CA GLY B 401 -9.25 -11.91 4.13
C GLY B 401 -8.45 -13.08 3.64
N GLY B 402 -8.07 -14.00 4.54
CA GLY B 402 -7.28 -15.14 4.13
C GLY B 402 -5.85 -14.82 3.74
N ASP B 403 -5.37 -13.63 4.11
CA ASP B 403 -4.02 -13.20 3.76
C ASP B 403 -3.06 -13.70 4.83
N ILE B 404 -2.22 -14.68 4.48
CA ILE B 404 -1.29 -15.25 5.45
C ILE B 404 -0.11 -14.35 5.75
N SER B 405 0.03 -13.24 5.03
CA SER B 405 1.11 -12.31 5.33
C SER B 405 0.86 -11.52 6.61
N GLU B 406 -0.29 -11.71 7.25
CA GLU B 406 -0.59 -11.05 8.50
C GLU B 406 0.38 -11.53 9.58
N PRO B 407 0.52 -10.76 10.67
CA PRO B 407 1.59 -11.09 11.64
C PRO B 407 1.46 -12.47 12.28
N VAL B 408 0.28 -12.86 12.74
CA VAL B 408 0.20 -14.04 13.59
C VAL B 408 0.41 -15.32 12.78
N THR B 409 0.14 -15.29 11.47
CA THR B 409 0.39 -16.47 10.66
C THR B 409 1.88 -16.66 10.40
N GLN B 410 2.60 -15.54 10.17
CA GLN B 410 4.03 -15.62 9.89
C GLN B 410 4.80 -16.04 11.14
N ASN B 411 4.48 -15.45 12.29
CA ASN B 411 5.15 -15.85 13.53
C ASN B 411 4.86 -17.30 13.88
N THR B 412 3.68 -17.79 13.49
CA THR B 412 3.38 -19.19 13.75
C THR B 412 4.18 -20.11 12.82
N LEU B 413 4.33 -19.72 11.55
CA LEU B 413 5.09 -20.54 10.62
C LEU B 413 6.56 -20.63 11.02
N ARG B 414 7.06 -19.64 11.74
CA ARG B 414 8.48 -19.66 12.11
C ARG B 414 8.76 -20.73 13.16
N VAL B 415 7.82 -20.94 14.09
CA VAL B 415 8.07 -21.82 15.22
C VAL B 415 7.43 -23.20 15.07
N VAL B 416 6.62 -23.42 14.04
CA VAL B 416 6.03 -24.73 13.79
C VAL B 416 6.67 -25.33 12.54
N LYS B 417 6.45 -26.64 12.37
CA LYS B 417 6.99 -27.36 11.22
C LYS B 417 5.92 -27.94 10.31
N VAL B 418 4.64 -27.83 10.67
CA VAL B 418 3.54 -28.28 9.85
C VAL B 418 2.64 -27.09 9.55
N PHE B 419 2.28 -26.92 8.27
CA PHE B 419 1.46 -25.79 7.81
C PHE B 419 0.34 -26.36 6.95
N TRP B 420 -0.87 -26.40 7.52
CA TRP B 420 -2.05 -26.87 6.81
C TRP B 420 -2.80 -25.66 6.28
N GLY B 421 -2.30 -25.11 5.17
CA GLY B 421 -2.89 -23.93 4.58
C GLY B 421 -4.21 -24.19 3.88
N LEU B 422 -5.31 -23.75 4.49
CA LEU B 422 -6.62 -23.93 3.89
C LEU B 422 -6.83 -22.92 2.77
N ASP B 423 -7.65 -23.30 1.79
CA ASP B 423 -7.91 -22.49 0.61
C ASP B 423 -9.41 -22.25 0.49
N SER B 424 -9.77 -21.02 0.13
CA SER B 424 -11.18 -20.67 0.02
C SER B 424 -11.79 -21.26 -1.24
N SER B 425 -11.03 -21.33 -2.33
CA SER B 425 -11.56 -21.86 -3.57
C SER B 425 -11.90 -23.34 -3.44
N LEU B 426 -11.12 -24.08 -2.64
CA LEU B 426 -11.41 -25.49 -2.43
C LEU B 426 -12.67 -25.66 -1.59
N ALA B 427 -12.87 -24.79 -0.61
CA ALA B 427 -14.08 -24.87 0.21
C ALA B 427 -15.31 -24.51 -0.59
N GLN B 428 -15.14 -23.77 -1.69
CA GLN B 428 -16.29 -23.41 -2.51
C GLN B 428 -16.67 -24.55 -3.45
N LYS B 429 -15.67 -25.28 -3.96
CA LYS B 429 -15.92 -26.42 -4.84
C LYS B 429 -16.29 -27.68 -4.07
N ARG B 430 -16.65 -27.56 -2.80
CA ARG B 430 -16.98 -28.70 -1.93
C ARG B 430 -15.82 -29.70 -1.86
N HIS B 431 -14.59 -29.21 -1.98
CA HIS B 431 -13.40 -30.03 -1.80
C HIS B 431 -13.02 -29.98 -0.33
N PHE B 432 -13.27 -31.08 0.38
CA PHE B 432 -13.05 -31.12 1.82
C PHE B 432 -12.29 -32.38 2.21
N PRO B 433 -11.30 -32.26 3.11
CA PRO B 433 -10.86 -31.02 3.75
C PRO B 433 -10.15 -30.08 2.78
N SER B 434 -10.38 -28.78 2.92
CA SER B 434 -9.87 -27.78 1.99
C SER B 434 -8.39 -27.50 2.28
N ILE B 435 -7.57 -28.52 2.08
CA ILE B 435 -6.13 -28.43 2.29
C ILE B 435 -5.47 -28.23 0.94
N ASN B 436 -4.73 -27.14 0.79
CA ASN B 436 -4.02 -26.84 -0.46
C ASN B 436 -2.76 -27.70 -0.51
N TRP B 437 -2.72 -28.64 -1.44
CA TRP B 437 -1.59 -29.56 -1.52
C TRP B 437 -0.35 -28.91 -2.12
N ILE B 438 -0.50 -27.74 -2.75
CA ILE B 438 0.65 -27.07 -3.35
C ILE B 438 1.37 -26.18 -2.34
N GLN B 439 0.61 -25.48 -1.49
CA GLN B 439 1.20 -24.54 -0.54
C GLN B 439 1.52 -25.18 0.81
N SER B 440 0.74 -26.17 1.23
CA SER B 440 0.98 -26.79 2.53
C SER B 440 2.24 -27.64 2.49
N TYR B 441 2.84 -27.83 3.67
CA TYR B 441 4.06 -28.63 3.79
C TYR B 441 4.13 -29.22 5.18
N SER B 442 5.03 -30.19 5.34
CA SER B 442 5.31 -30.78 6.64
C SER B 442 6.79 -31.15 6.67
N LEU B 443 7.54 -30.54 7.59
CA LEU B 443 8.96 -30.83 7.71
C LEU B 443 9.22 -32.23 8.28
N TYR B 444 8.18 -32.93 8.72
CA TYR B 444 8.32 -34.28 9.23
C TYR B 444 8.19 -35.35 8.15
N SER B 445 7.75 -34.97 6.94
CA SER B 445 7.49 -35.95 5.89
C SER B 445 8.71 -36.81 5.59
N THR B 446 9.91 -36.24 5.74
CA THR B 446 11.12 -37.02 5.50
C THR B 446 11.34 -38.05 6.61
N GLU B 447 11.23 -37.62 7.86
CA GLU B 447 11.37 -38.54 8.98
C GLU B 447 10.19 -39.50 9.04
N VAL B 448 8.97 -39.00 8.85
CA VAL B 448 7.80 -39.86 8.78
C VAL B 448 7.96 -40.85 7.62
N GLY B 449 8.55 -40.41 6.51
CA GLY B 449 8.79 -41.31 5.40
C GLY B 449 9.69 -42.47 5.76
N ARG B 450 10.72 -42.22 6.58
CA ARG B 450 11.58 -43.30 7.04
C ARG B 450 10.83 -44.24 7.97
N TYR B 451 10.10 -43.68 8.94
CA TYR B 451 9.32 -44.51 9.86
C TYR B 451 8.22 -45.25 9.12
N MSE B 452 7.45 -44.53 8.29
CA MSE B 452 6.33 -45.13 7.58
C MSE B 452 6.76 -46.25 6.64
O MSE B 452 6.10 -47.28 6.55
CB MSE B 452 5.56 -44.07 6.78
CG MSE B 452 4.45 -43.37 7.56
SE MSE B 452 3.06 -44.61 8.14
CE MSE B 452 1.55 -43.39 8.15
N ASP B 453 7.89 -46.03 5.95
CA ASP B 453 8.40 -47.07 5.04
C ASP B 453 8.66 -48.37 5.78
N GLN B 454 9.14 -48.28 7.03
CA GLN B 454 9.59 -49.47 7.73
C GLN B 454 8.41 -50.37 8.14
N ILE B 455 7.41 -49.80 8.79
CA ILE B 455 6.28 -50.59 9.26
C ILE B 455 5.56 -51.22 8.07
N LEU B 456 5.35 -50.45 7.01
CA LEU B 456 4.66 -50.97 5.83
C LEU B 456 5.50 -52.01 5.11
N GLN B 457 6.83 -51.96 5.26
CA GLN B 457 7.76 -52.77 4.49
C GLN B 457 7.54 -52.57 2.99
N GLN B 458 7.22 -51.34 2.61
CA GLN B 458 7.02 -50.94 1.23
C GLN B 458 7.58 -49.55 1.03
N ASP B 459 8.03 -49.26 -0.18
CA ASP B 459 8.56 -47.93 -0.50
C ASP B 459 7.39 -46.94 -0.54
N TRP B 460 6.91 -46.61 0.65
CA TRP B 460 5.77 -45.71 0.79
C TRP B 460 6.16 -44.26 0.56
N SER B 461 7.37 -43.87 0.97
CA SER B 461 7.84 -42.51 0.71
C SER B 461 7.98 -42.25 -0.78
N ASP B 462 8.36 -43.27 -1.55
CA ASP B 462 8.46 -43.13 -3.00
C ASP B 462 7.10 -43.15 -3.69
N MSE B 463 6.06 -43.59 -2.99
CA MSE B 463 4.71 -43.56 -3.53
C MSE B 463 4.07 -42.21 -3.23
O MSE B 463 3.31 -41.66 -4.05
CB MSE B 463 3.85 -44.68 -2.95
CG MSE B 463 4.23 -46.07 -3.43
SE MSE B 463 3.38 -47.47 -2.39
CE MSE B 463 1.53 -46.89 -2.54
N VAL B 464 4.37 -41.66 -2.06
CA VAL B 464 3.90 -40.32 -1.72
C VAL B 464 4.61 -39.28 -2.59
N THR B 465 5.92 -39.45 -2.78
CA THR B 465 6.66 -38.52 -3.64
C THR B 465 6.21 -38.61 -5.08
N GLU B 466 5.92 -39.82 -5.55
CA GLU B 466 5.41 -39.98 -6.91
C GLU B 466 4.00 -39.41 -7.04
N GLY B 467 3.15 -39.66 -6.03
CA GLY B 467 1.83 -39.04 -6.03
C GLY B 467 1.89 -37.53 -5.93
N MSE B 468 2.91 -37.02 -5.25
CA MSE B 468 3.12 -35.58 -5.17
C MSE B 468 3.64 -35.05 -6.50
O MSE B 468 3.28 -33.96 -6.93
CB MSE B 468 4.09 -35.25 -4.04
CG MSE B 468 4.46 -33.77 -3.94
SE MSE B 468 2.92 -32.64 -3.54
CE MSE B 468 2.64 -33.16 -1.68
N ARG B 469 4.49 -35.84 -7.14
CA ARG B 469 5.04 -35.45 -8.44
C ARG B 469 3.93 -35.33 -9.48
N ILE B 470 2.89 -36.15 -9.36
CA ILE B 470 1.78 -36.05 -10.31
C ILE B 470 0.95 -34.80 -10.03
N LEU B 471 0.78 -34.46 -8.75
CA LEU B 471 -0.04 -33.31 -8.41
C LEU B 471 0.67 -31.99 -8.74
N GLN B 472 1.99 -31.95 -8.59
CA GLN B 472 2.72 -30.76 -9.00
C GLN B 472 2.78 -30.64 -10.51
N GLU B 473 2.76 -31.77 -11.22
CA GLU B 473 2.70 -31.73 -12.68
C GLU B 473 1.31 -31.30 -13.15
N GLU B 474 0.28 -31.56 -12.33
CA GLU B 474 -1.05 -31.10 -12.68
C GLU B 474 -1.14 -29.57 -12.64
N GLU B 475 -0.49 -28.94 -11.66
CA GLU B 475 -0.48 -27.49 -11.58
C GLU B 475 0.20 -26.88 -12.80
N GLN B 476 1.34 -27.46 -13.21
CA GLN B 476 2.04 -26.97 -14.38
C GLN B 476 1.26 -27.23 -15.66
N LEU B 477 0.45 -28.29 -15.67
CA LEU B 477 -0.34 -28.61 -16.86
C LEU B 477 -1.58 -27.73 -16.97
N ASN B 478 -2.21 -27.41 -15.83
CA ASN B 478 -3.42 -26.60 -15.85
C ASN B 478 -3.16 -25.20 -16.39
N GLU B 479 -1.92 -24.70 -16.23
CA GLU B 479 -1.60 -23.39 -16.79
C GLU B 479 -1.53 -23.45 -18.31
N ILE B 480 -1.19 -24.60 -18.87
CA ILE B 480 -1.13 -24.74 -20.33
C ILE B 480 -2.51 -25.04 -20.89
N VAL B 481 -3.34 -25.78 -20.13
CA VAL B 481 -4.70 -26.08 -20.59
C VAL B 481 -5.51 -24.80 -20.72
N ARG B 482 -5.38 -23.89 -19.76
CA ARG B 482 -6.09 -22.63 -19.83
C ARG B 482 -5.50 -21.70 -20.89
N LEU B 483 -4.26 -21.95 -21.31
CA LEU B 483 -3.59 -21.12 -22.30
C LEU B 483 -3.73 -21.70 -23.71
N VAL B 484 -3.47 -22.99 -23.88
CA VAL B 484 -3.48 -23.64 -25.18
C VAL B 484 -4.73 -24.52 -25.35
N GLY B 485 -4.98 -25.40 -24.39
CA GLY B 485 -6.14 -26.26 -24.45
C GLY B 485 -5.82 -27.66 -23.96
N ILE B 486 -6.86 -28.36 -23.50
CA ILE B 486 -6.69 -29.73 -23.06
C ILE B 486 -6.51 -30.66 -24.25
N ASP B 487 -7.13 -30.32 -25.39
CA ASP B 487 -6.96 -31.13 -26.59
C ASP B 487 -5.55 -31.02 -27.16
N SER B 488 -4.78 -30.01 -26.74
CA SER B 488 -3.42 -29.83 -27.19
C SER B 488 -2.41 -30.57 -26.31
N LEU B 489 -2.89 -31.38 -25.38
CA LEU B 489 -2.01 -32.14 -24.50
C LEU B 489 -1.75 -33.53 -25.08
N SER B 490 -0.55 -34.03 -24.85
CA SER B 490 -0.15 -35.33 -25.39
C SER B 490 -0.84 -36.45 -24.62
N ASP B 491 -0.76 -37.67 -25.18
CA ASP B 491 -1.41 -38.81 -24.57
C ASP B 491 -0.83 -39.12 -23.20
N ASN B 492 0.48 -38.92 -23.04
CA ASN B 492 1.11 -39.18 -21.75
C ASN B 492 0.77 -38.10 -20.74
N ASP B 493 0.77 -36.83 -21.18
CA ASP B 493 0.49 -35.73 -20.26
C ASP B 493 -0.99 -35.69 -19.89
N ARG B 494 -1.87 -35.97 -20.86
CA ARG B 494 -3.30 -36.02 -20.56
C ARG B 494 -3.62 -37.17 -19.61
N LEU B 495 -2.83 -38.25 -19.68
CA LEU B 495 -2.96 -39.32 -18.70
C LEU B 495 -2.57 -38.83 -17.31
N THR B 496 -1.52 -38.00 -17.23
CA THR B 496 -1.08 -37.49 -15.94
C THR B 496 -2.17 -36.67 -15.28
N LEU B 497 -2.88 -35.85 -16.07
CA LEU B 497 -3.95 -35.05 -15.51
C LEU B 497 -5.12 -35.93 -15.05
N GLU B 498 -5.34 -37.06 -15.72
CA GLU B 498 -6.42 -37.95 -15.31
C GLU B 498 -6.01 -38.76 -14.07
N VAL B 499 -4.75 -39.17 -13.99
CA VAL B 499 -4.27 -39.84 -12.79
C VAL B 499 -4.26 -38.86 -11.62
N ALA B 500 -3.83 -37.61 -11.86
CA ALA B 500 -3.89 -36.60 -10.82
C ALA B 500 -5.33 -36.31 -10.42
N LYS B 501 -6.26 -36.40 -11.37
CA LYS B 501 -7.66 -36.23 -11.03
C LYS B 501 -8.15 -37.31 -10.08
N SER B 502 -7.64 -38.53 -10.26
CA SER B 502 -7.99 -39.61 -9.34
C SER B 502 -7.42 -39.36 -7.96
N ILE B 503 -6.25 -38.73 -7.87
CA ILE B 503 -5.67 -38.42 -6.57
C ILE B 503 -6.52 -37.40 -5.83
N ARG B 504 -7.16 -36.48 -6.56
CA ARG B 504 -7.90 -35.38 -5.95
C ARG B 504 -9.24 -35.85 -5.38
N GLU B 505 -10.16 -36.27 -6.25
CA GLU B 505 -11.53 -36.53 -5.82
C GLU B 505 -11.75 -37.96 -5.32
N ASP B 506 -10.70 -38.77 -5.20
CA ASP B 506 -10.83 -40.10 -4.61
C ASP B 506 -10.00 -40.29 -3.35
N TYR B 507 -8.91 -39.54 -3.17
CA TYR B 507 -8.02 -39.71 -2.04
C TYR B 507 -7.97 -38.47 -1.16
N LEU B 508 -7.82 -37.28 -1.75
CA LEU B 508 -7.69 -36.07 -0.94
C LEU B 508 -9.03 -35.62 -0.37
N GLN B 509 -10.11 -35.77 -1.14
CA GLN B 509 -11.43 -35.40 -0.65
C GLN B 509 -11.88 -36.35 0.45
N GLN B 510 -12.37 -35.80 1.55
CA GLN B 510 -12.85 -36.57 2.69
C GLN B 510 -14.03 -35.83 3.32
N ASN B 511 -15.20 -36.47 3.33
CA ASN B 511 -16.35 -35.86 3.95
C ASN B 511 -16.30 -36.07 5.46
N ALA B 512 -16.62 -35.01 6.21
CA ALA B 512 -16.55 -35.08 7.67
C ALA B 512 -17.75 -35.78 8.26
N PHE B 513 -18.90 -35.71 7.60
CA PHE B 513 -20.15 -36.22 8.16
C PHE B 513 -20.51 -37.61 7.66
N ASP B 514 -19.74 -38.16 6.74
CA ASP B 514 -19.97 -39.50 6.20
C ASP B 514 -19.12 -40.52 6.96
N ASP B 515 -19.74 -41.63 7.36
CA ASP B 515 -19.06 -42.57 8.25
C ASP B 515 -17.98 -43.36 7.55
N VAL B 516 -18.13 -43.62 6.25
CA VAL B 516 -17.20 -44.51 5.57
C VAL B 516 -15.87 -43.81 5.34
N ASP B 517 -15.91 -42.51 5.04
CA ASP B 517 -14.70 -41.77 4.72
C ASP B 517 -14.14 -40.99 5.90
N THR B 518 -14.95 -40.71 6.92
CA THR B 518 -14.50 -39.86 8.02
C THR B 518 -13.20 -40.36 8.63
N PHE B 519 -12.98 -41.67 8.61
CA PHE B 519 -11.75 -42.26 9.10
C PHE B 519 -11.18 -43.22 8.06
N THR B 520 -9.85 -43.21 7.95
CA THR B 520 -9.15 -44.11 7.05
C THR B 520 -7.93 -44.66 7.78
N SER B 521 -7.90 -45.97 7.97
CA SER B 521 -6.79 -46.58 8.68
C SER B 521 -5.52 -46.50 7.86
N ARG B 522 -4.38 -46.70 8.53
CA ARG B 522 -3.09 -46.63 7.86
C ARG B 522 -2.96 -47.71 6.79
N GLU B 523 -3.47 -48.92 7.07
CA GLU B 523 -3.40 -49.98 6.09
C GLU B 523 -4.32 -49.72 4.91
N LYS B 524 -5.42 -49.01 5.14
CA LYS B 524 -6.35 -48.71 4.04
C LYS B 524 -5.76 -47.66 3.11
N GLN B 525 -5.01 -46.70 3.66
CA GLN B 525 -4.40 -45.66 2.82
C GLN B 525 -3.41 -46.26 1.84
N PHE B 526 -2.67 -47.28 2.27
CA PHE B 526 -1.68 -47.88 1.38
C PHE B 526 -2.35 -48.62 0.22
N ASN B 527 -3.43 -49.34 0.50
CA ASN B 527 -4.12 -50.06 -0.56
C ASN B 527 -4.74 -49.10 -1.57
N MSE B 528 -5.21 -47.94 -1.10
CA MSE B 528 -5.84 -46.96 -1.98
C MSE B 528 -4.82 -46.26 -2.87
O MSE B 528 -5.02 -46.15 -4.08
CB MSE B 528 -6.62 -45.93 -1.17
CG MSE B 528 -7.85 -46.49 -0.46
SE MSE B 528 -8.84 -45.16 0.56
CE MSE B 528 -9.32 -43.95 -0.88
N LEU B 529 -3.73 -45.80 -2.27
CA LEU B 529 -2.69 -45.13 -3.04
C LEU B 529 -2.01 -46.10 -4.00
N LYS B 530 -1.90 -47.38 -3.63
CA LYS B 530 -1.25 -48.34 -4.52
C LYS B 530 -2.11 -48.62 -5.74
N VAL B 531 -3.43 -48.63 -5.58
CA VAL B 531 -4.32 -48.89 -6.71
C VAL B 531 -4.30 -47.70 -7.67
N ILE B 532 -4.34 -46.48 -7.13
CA ILE B 532 -4.29 -45.30 -7.98
C ILE B 532 -2.96 -45.22 -8.71
N LEU B 533 -1.88 -45.59 -8.04
CA LEU B 533 -0.56 -45.53 -8.67
C LEU B 533 -0.38 -46.65 -9.69
N THR B 534 -0.96 -47.83 -9.40
CA THR B 534 -0.87 -48.93 -10.36
C THR B 534 -1.63 -48.62 -11.63
N PHE B 535 -2.65 -47.75 -11.55
CA PHE B 535 -3.37 -47.34 -12.76
C PHE B 535 -2.42 -46.68 -13.75
N GLY B 536 -1.74 -45.62 -13.33
CA GLY B 536 -0.84 -44.91 -14.23
C GLY B 536 0.39 -45.72 -14.58
N LYS B 537 0.78 -46.66 -13.70
CA LYS B 537 1.97 -47.47 -13.98
C LYS B 537 1.74 -48.35 -15.21
N GLU B 538 0.58 -49.02 -15.27
CA GLU B 538 0.26 -49.86 -16.42
C GLU B 538 -0.30 -49.06 -17.58
N ALA B 539 -0.80 -47.84 -17.33
CA ALA B 539 -1.31 -47.02 -18.42
C ALA B 539 -0.18 -46.46 -19.27
N ARG B 540 0.89 -46.00 -18.63
CA ARG B 540 2.05 -45.57 -19.40
C ARG B 540 2.75 -46.76 -20.05
N LYS B 541 2.61 -47.95 -19.47
CA LYS B 541 3.10 -49.15 -20.13
C LYS B 541 2.35 -49.37 -21.44
N ALA B 542 1.07 -49.00 -21.49
CA ALA B 542 0.29 -49.21 -22.71
C ALA B 542 0.53 -48.11 -23.73
N LEU B 543 0.68 -46.86 -23.28
CA LEU B 543 0.93 -45.77 -24.21
C LEU B 543 2.27 -45.94 -24.90
N SER B 544 3.27 -46.44 -24.19
CA SER B 544 4.57 -46.71 -24.81
C SER B 544 4.53 -47.92 -25.72
N LEU B 545 3.53 -48.80 -25.55
CA LEU B 545 3.40 -49.96 -26.42
C LEU B 545 2.64 -49.65 -27.69
N GLY B 546 1.94 -48.53 -27.76
CA GLY B 546 1.20 -48.14 -28.95
C GLY B 546 -0.26 -47.82 -28.70
N ALA B 547 -0.77 -48.00 -27.49
CA ALA B 547 -2.17 -47.69 -27.22
C ALA B 547 -2.38 -46.17 -27.21
N TYR B 548 -3.61 -45.77 -27.52
CA TYR B 548 -3.97 -44.36 -27.56
C TYR B 548 -4.43 -43.88 -26.18
N PHE B 549 -4.64 -42.57 -26.06
CA PHE B 549 -5.14 -42.03 -24.80
C PHE B 549 -6.58 -42.45 -24.55
N ASN B 550 -7.50 -42.04 -25.43
CA ASN B 550 -8.91 -42.35 -25.23
C ASN B 550 -9.18 -43.84 -25.31
N GLU B 551 -8.29 -44.61 -25.95
CA GLU B 551 -8.48 -46.05 -26.00
C GLU B 551 -8.37 -46.67 -24.61
N ILE B 552 -7.46 -46.15 -23.80
CA ILE B 552 -7.30 -46.68 -22.45
C ILE B 552 -8.41 -46.18 -21.53
N MSE B 553 -8.85 -44.94 -21.73
CA MSE B 553 -9.88 -44.33 -20.88
C MSE B 553 -11.24 -44.98 -21.09
O MSE B 553 -11.91 -45.35 -20.13
CB MSE B 553 -9.97 -42.83 -21.15
CG MSE B 553 -8.81 -42.02 -20.59
SE MSE B 553 -8.80 -41.96 -18.64
CE MSE B 553 -10.53 -41.13 -18.36
N GLU B 554 -11.64 -45.12 -22.35
CA GLU B 554 -12.95 -45.70 -22.66
C GLU B 554 -12.99 -47.19 -22.37
N GLY B 555 -11.84 -47.87 -22.46
CA GLY B 555 -11.80 -49.29 -22.16
C GLY B 555 -11.62 -49.64 -20.71
N THR B 556 -11.46 -48.63 -19.84
CA THR B 556 -11.30 -48.85 -18.41
C THR B 556 -12.40 -48.16 -17.61
N VAL B 557 -13.55 -47.88 -18.23
CA VAL B 557 -14.60 -47.13 -17.56
C VAL B 557 -15.09 -47.87 -16.32
N ALA B 558 -15.27 -49.19 -16.43
CA ALA B 558 -15.79 -49.94 -15.30
C ALA B 558 -14.79 -49.96 -14.15
N VAL B 559 -13.51 -50.11 -14.46
CA VAL B 559 -12.50 -50.17 -13.40
C VAL B 559 -12.32 -48.81 -12.75
N ARG B 560 -12.42 -47.73 -13.55
CA ARG B 560 -12.21 -46.39 -13.02
C ARG B 560 -13.26 -46.02 -11.98
N GLU B 561 -14.41 -46.67 -11.98
CA GLU B 561 -15.44 -46.40 -10.98
C GLU B 561 -15.09 -47.05 -9.65
N ARG B 562 -14.48 -48.24 -9.69
CA ARG B 562 -14.18 -48.98 -8.47
C ARG B 562 -13.17 -48.24 -7.60
N ILE B 563 -12.33 -47.42 -8.21
CA ILE B 563 -11.35 -46.65 -7.44
C ILE B 563 -12.02 -45.47 -6.75
N SER B 564 -12.99 -44.84 -7.42
CA SER B 564 -13.66 -43.67 -6.85
C SER B 564 -14.54 -44.03 -5.66
N ARG B 565 -14.97 -45.28 -5.54
CA ARG B 565 -15.75 -45.73 -4.41
C ARG B 565 -14.92 -46.46 -3.38
N SER B 566 -13.61 -46.59 -3.61
CA SER B 566 -12.76 -47.32 -2.69
C SER B 566 -12.68 -46.66 -1.32
N LYS B 567 -13.01 -45.37 -1.23
CA LYS B 567 -12.98 -44.70 0.07
C LYS B 567 -14.06 -45.20 1.00
N TYR B 568 -15.10 -45.84 0.47
CA TYR B 568 -16.22 -46.31 1.27
C TYR B 568 -16.14 -47.80 1.56
N ILE B 569 -14.96 -48.40 1.35
CA ILE B 569 -14.75 -49.82 1.64
C ILE B 569 -14.43 -49.96 3.13
N PRO B 570 -15.18 -50.75 3.89
CA PRO B 570 -14.92 -50.88 5.32
C PRO B 570 -13.56 -51.53 5.58
N GLU B 571 -13.08 -51.32 6.81
CA GLU B 571 -11.76 -51.84 7.18
C GLU B 571 -11.70 -53.36 7.19
N GLU B 572 -12.84 -54.03 7.33
CA GLU B 572 -12.88 -55.48 7.33
C GLU B 572 -13.00 -56.08 5.93
N GLU B 573 -12.89 -55.26 4.88
CA GLU B 573 -13.00 -55.73 3.50
C GLU B 573 -11.90 -55.15 2.63
N LEU B 574 -10.74 -54.83 3.24
CA LEU B 574 -9.64 -54.20 2.52
C LEU B 574 -9.13 -55.04 1.36
N ALA B 575 -9.52 -56.31 1.26
CA ALA B 575 -9.10 -57.13 0.13
C ALA B 575 -9.74 -56.68 -1.17
N LYS B 576 -10.83 -55.91 -1.11
CA LYS B 576 -11.45 -55.41 -2.33
C LYS B 576 -10.53 -54.42 -3.05
N ILE B 577 -9.90 -53.53 -2.29
CA ILE B 577 -9.02 -52.53 -2.90
C ILE B 577 -7.83 -53.20 -3.57
N SER B 578 -7.11 -54.04 -2.82
CA SER B 578 -5.90 -54.65 -3.36
C SER B 578 -6.20 -55.56 -4.54
N SER B 579 -7.42 -56.09 -4.62
CA SER B 579 -7.77 -56.95 -5.74
C SER B 579 -7.97 -56.16 -7.02
N ILE B 580 -8.21 -54.85 -6.93
CA ILE B 580 -8.33 -54.03 -8.13
C ILE B 580 -6.99 -53.92 -8.84
N ASN B 581 -5.89 -54.03 -8.09
CA ASN B 581 -4.57 -53.99 -8.71
C ASN B 581 -4.41 -55.13 -9.70
N GLU B 582 -4.72 -56.36 -9.28
CA GLU B 582 -4.66 -57.49 -10.20
C GLU B 582 -5.74 -57.38 -11.28
N GLU B 583 -6.90 -56.82 -10.92
CA GLU B 583 -7.99 -56.68 -11.88
C GLU B 583 -7.61 -55.72 -13.00
N ILE B 584 -6.88 -54.65 -12.66
CA ILE B 584 -6.50 -53.66 -13.67
C ILE B 584 -5.64 -54.31 -14.76
N LYS B 585 -4.73 -55.19 -14.36
CA LYS B 585 -3.82 -55.82 -15.32
C LYS B 585 -4.60 -56.69 -16.31
N GLU B 586 -5.60 -57.42 -15.83
CA GLU B 586 -6.43 -58.24 -16.71
C GLU B 586 -7.19 -57.36 -17.70
N THR B 587 -7.77 -56.27 -17.23
CA THR B 587 -8.49 -55.36 -18.12
C THR B 587 -7.54 -54.68 -19.10
N ILE B 588 -6.33 -54.37 -18.65
CA ILE B 588 -5.38 -53.69 -19.53
C ILE B 588 -4.89 -54.63 -20.62
N GLN B 589 -4.73 -55.91 -20.29
CA GLN B 589 -4.16 -56.85 -21.25
C GLN B 589 -5.08 -57.04 -22.46
N LEU B 590 -6.39 -57.14 -22.23
CA LEU B 590 -7.32 -57.30 -23.34
C LEU B 590 -7.38 -56.03 -24.18
N ILE B 591 -7.26 -54.87 -23.53
CA ILE B 591 -7.29 -53.61 -24.26
C ILE B 591 -6.09 -53.50 -25.18
N VAL B 592 -4.92 -53.96 -24.72
CA VAL B 592 -3.71 -53.94 -25.54
C VAL B 592 -3.90 -54.79 -26.79
N SER B 593 -4.51 -55.97 -26.63
CA SER B 593 -4.76 -56.84 -27.77
C SER B 593 -6.02 -56.42 -28.51
N MSE C 8 36.81 29.51 34.35
CA MSE C 8 37.07 28.13 34.74
C MSE C 8 35.81 27.48 35.31
O MSE C 8 35.34 27.87 36.38
CB MSE C 8 38.21 28.06 35.75
CG MSE C 8 38.82 26.68 35.91
SE MSE C 8 39.57 26.00 34.25
CE MSE C 8 40.87 27.42 33.92
N GLN C 9 35.28 26.50 34.60
CA GLN C 9 34.04 25.85 34.99
C GLN C 9 34.15 24.35 34.76
N ILE C 10 33.69 23.58 35.73
CA ILE C 10 33.73 22.12 35.68
C ILE C 10 32.29 21.63 35.69
N GLY C 11 31.80 21.18 34.54
CA GLY C 11 30.43 20.73 34.44
C GLY C 11 30.22 19.35 35.03
N LYS C 12 29.01 19.12 35.53
CA LYS C 12 28.63 17.88 36.20
C LYS C 12 27.51 17.21 35.42
N ILE C 13 27.68 15.91 35.13
CA ILE C 13 26.71 15.20 34.31
C ILE C 13 25.45 14.93 35.12
N ILE C 14 24.29 15.12 34.48
CA ILE C 14 23.01 14.83 35.11
C ILE C 14 22.19 13.80 34.34
N LYS C 15 22.60 13.42 33.13
CA LYS C 15 21.85 12.43 32.35
C LYS C 15 22.78 11.80 31.33
N VAL C 16 22.62 10.50 31.12
CA VAL C 16 23.34 9.75 30.08
C VAL C 16 22.34 8.81 29.43
N SER C 17 22.03 9.05 28.16
CA SER C 17 21.06 8.24 27.40
C SER C 17 21.68 7.94 26.04
N GLY C 18 22.46 6.87 25.97
CA GLY C 18 23.18 6.52 24.77
C GLY C 18 24.28 7.51 24.48
N PRO C 19 24.41 7.94 23.24
CA PRO C 19 25.37 9.01 22.91
C PRO C 19 24.90 10.41 23.28
N LEU C 20 23.82 10.52 24.06
CA LEU C 20 23.30 11.80 24.53
C LEU C 20 23.61 11.93 26.01
N VAL C 21 24.41 12.94 26.37
CA VAL C 21 24.78 13.19 27.75
C VAL C 21 24.43 14.63 28.09
N MSE C 22 23.69 14.82 29.18
CA MSE C 22 23.32 16.15 29.64
C MSE C 22 24.07 16.50 30.93
O MSE C 22 24.21 15.66 31.82
CB MSE C 22 21.82 16.25 29.85
CG MSE C 22 20.99 15.75 28.68
SE MSE C 22 19.35 16.75 28.45
CE MSE C 22 18.64 16.60 30.26
N ALA C 23 24.55 17.73 31.03
CA ALA C 23 25.36 18.16 32.15
C ALA C 23 25.02 19.59 32.53
N GLU C 24 25.05 19.88 33.82
CA GLU C 24 24.74 21.20 34.34
C GLU C 24 26.04 21.95 34.64
N ASN C 25 25.89 23.21 35.08
CA ASN C 25 27.01 24.12 35.33
C ASN C 25 27.84 24.31 34.05
N MSE C 26 27.19 24.84 33.03
CA MSE C 26 27.79 25.02 31.71
C MSE C 26 27.60 26.44 31.20
O MSE C 26 27.89 26.73 30.04
CB MSE C 26 27.18 24.03 30.71
CG MSE C 26 27.57 22.59 30.93
SE MSE C 26 29.46 22.29 30.59
CE MSE C 26 29.50 20.35 30.86
N SER C 27 27.13 27.31 32.10
CA SER C 27 26.66 28.63 31.68
C SER C 27 27.72 29.47 30.98
N GLU C 28 29.00 29.17 31.20
CA GLU C 28 30.05 29.91 30.50
C GLU C 28 30.25 29.40 29.08
N ALA C 29 30.05 28.11 28.84
CA ALA C 29 30.27 27.53 27.53
C ALA C 29 29.20 28.00 26.54
N SER C 30 29.47 27.76 25.26
CA SER C 30 28.59 28.15 24.17
C SER C 30 28.17 26.93 23.36
N ILE C 31 27.30 27.16 22.38
CA ILE C 31 26.83 26.07 21.53
C ILE C 31 27.94 25.64 20.57
N GLN C 32 27.90 24.36 20.18
CA GLN C 32 28.83 23.79 19.20
C GLN C 32 30.27 23.80 19.72
N ASP C 33 30.45 23.67 21.03
CA ASP C 33 31.77 23.64 21.64
C ASP C 33 32.17 22.21 21.96
N MSE C 34 33.44 21.88 21.70
CA MSE C 34 33.97 20.55 22.00
C MSE C 34 34.20 20.37 23.50
O MSE C 34 34.58 21.32 24.19
CB MSE C 34 35.27 20.31 21.24
CG MSE C 34 35.18 20.59 19.75
SE MSE C 34 33.69 19.64 18.91
CE MSE C 34 34.32 17.81 19.15
N CYS C 35 33.97 19.15 24.00
CA CYS C 35 34.05 18.90 25.43
C CYS C 35 34.77 17.59 25.68
N LEU C 36 35.26 17.43 26.91
CA LEU C 36 35.88 16.19 27.39
C LEU C 36 34.96 15.65 28.48
N VAL C 37 34.17 14.64 28.14
CA VAL C 37 33.10 14.16 29.00
C VAL C 37 33.60 12.99 29.83
N GLY C 38 33.21 12.97 31.11
CA GLY C 38 33.46 11.82 31.96
C GLY C 38 34.85 11.77 32.53
N ASP C 39 35.07 10.77 33.39
CA ASP C 39 36.40 10.53 33.94
C ASP C 39 37.38 10.08 32.86
N LEU C 40 36.90 9.34 31.87
CA LEU C 40 37.77 8.94 30.76
C LEU C 40 38.13 10.14 29.89
N GLY C 41 37.24 11.10 29.76
CA GLY C 41 37.50 12.28 28.94
C GLY C 41 37.16 12.07 27.48
N VAL C 42 36.00 11.47 27.20
CA VAL C 42 35.62 11.21 25.82
C VAL C 42 35.21 12.51 25.13
N ILE C 43 35.35 12.53 23.82
CA ILE C 43 35.11 13.73 23.03
C ILE C 43 33.62 13.89 22.78
N GLY C 44 33.10 15.10 22.99
CA GLY C 44 31.70 15.39 22.75
C GLY C 44 31.53 16.78 22.17
N GLU C 45 30.27 17.19 22.01
CA GLU C 45 29.96 18.50 21.47
C GLU C 45 28.58 18.93 21.94
N ILE C 46 28.48 20.19 22.33
CA ILE C 46 27.20 20.74 22.76
C ILE C 46 26.31 20.96 21.54
N ILE C 47 25.10 20.41 21.59
CA ILE C 47 24.14 20.59 20.50
C ILE C 47 22.99 21.52 20.88
N GLU C 48 22.60 21.57 22.15
CA GLU C 48 21.53 22.45 22.58
C GLU C 48 21.82 22.90 24.01
N MSE C 49 21.12 23.95 24.44
CA MSE C 49 21.39 24.54 25.74
C MSE C 49 20.12 25.07 26.41
O MSE C 49 19.43 25.92 25.86
CB MSE C 49 22.41 25.67 25.59
CG MSE C 49 22.69 26.41 26.88
SE MSE C 49 23.80 25.44 28.14
CE MSE C 49 25.20 26.77 28.39
N ARG C 50 19.82 24.53 27.59
CA ARG C 50 18.64 24.91 28.35
C ARG C 50 19.08 25.31 29.75
N GLN C 51 18.93 26.61 30.06
CA GLN C 51 19.32 27.18 31.36
C GLN C 51 20.82 26.93 31.51
N ASP C 52 21.27 26.31 32.60
CA ASP C 52 22.68 25.97 32.76
C ASP C 52 23.00 24.55 32.31
N VAL C 53 22.00 23.79 31.89
CA VAL C 53 22.19 22.41 31.44
C VAL C 53 22.43 22.42 29.94
N ALA C 54 23.43 21.66 29.50
CA ALA C 54 23.79 21.56 28.09
C ALA C 54 23.70 20.11 27.64
N SER C 55 23.12 19.89 26.46
CA SER C 55 23.03 18.56 25.87
C SER C 55 24.26 18.33 25.01
N ILE C 56 25.10 17.37 25.41
CA ILE C 56 26.37 17.12 24.77
C ILE C 56 26.23 15.90 23.87
N GLN C 57 26.38 16.10 22.56
CA GLN C 57 26.43 15.00 21.61
C GLN C 57 27.81 14.37 21.68
N VAL C 58 27.88 13.16 22.22
CA VAL C 58 29.15 12.50 22.47
C VAL C 58 29.55 11.71 21.23
N TYR C 59 30.83 11.85 20.84
CA TYR C 59 31.36 11.20 19.64
C TYR C 59 32.09 9.90 19.97
N GLU C 60 31.96 9.40 21.19
CA GLU C 60 32.59 8.15 21.60
C GLU C 60 31.58 7.31 22.39
N GLU C 61 31.94 6.05 22.61
CA GLU C 61 31.06 5.16 23.37
C GLU C 61 30.91 5.65 24.81
N THR C 62 29.67 5.61 25.30
CA THR C 62 29.34 6.16 26.61
C THR C 62 29.12 5.08 27.66
N SER C 63 29.64 3.88 27.44
CA SER C 63 29.47 2.81 28.41
C SER C 63 30.32 3.08 29.64
N GLY C 64 29.71 2.95 30.82
CA GLY C 64 30.43 3.17 32.05
C GLY C 64 30.49 4.60 32.52
N ILE C 65 29.65 5.47 31.99
CA ILE C 65 29.62 6.89 32.36
C ILE C 65 28.28 7.19 32.99
N GLY C 66 28.31 7.79 34.18
CA GLY C 66 27.11 8.14 34.89
C GLY C 66 27.12 9.58 35.38
N PRO C 67 26.08 9.98 36.10
CA PRO C 67 26.02 11.35 36.61
C PRO C 67 27.03 11.57 37.71
N GLY C 68 27.62 12.78 37.72
CA GLY C 68 28.59 13.16 38.72
C GLY C 68 30.01 13.28 38.22
N GLU C 69 30.27 12.83 36.99
CA GLU C 69 31.63 12.90 36.46
C GLU C 69 31.89 14.27 35.83
N PRO C 70 33.12 14.77 35.90
CA PRO C 70 33.40 16.12 35.39
C PRO C 70 33.39 16.19 33.87
N VAL C 71 33.12 17.38 33.37
CA VAL C 71 33.11 17.65 31.93
C VAL C 71 33.65 19.04 31.70
N ARG C 72 34.62 19.16 30.79
CA ARG C 72 35.31 20.41 30.51
C ARG C 72 35.18 20.79 29.05
N SER C 73 34.93 22.07 28.79
CA SER C 73 34.83 22.60 27.45
C SER C 73 36.22 22.99 26.92
N THR C 74 36.29 23.29 25.63
CA THR C 74 37.53 23.71 24.99
C THR C 74 37.50 25.13 24.46
N GLY C 75 36.33 25.75 24.34
CA GLY C 75 36.23 27.10 23.84
C GLY C 75 36.21 27.23 22.33
N GLU C 76 36.52 26.17 21.58
CA GLU C 76 36.53 26.20 20.13
C GLU C 76 35.67 25.07 19.60
N ALA C 77 35.17 25.26 18.37
CA ALA C 77 34.31 24.27 17.75
C ALA C 77 35.15 23.15 17.13
N LEU C 78 34.48 22.19 16.50
CA LEU C 78 35.16 21.08 15.86
C LEU C 78 35.96 21.60 14.67
N SER C 79 37.28 21.47 14.73
CA SER C 79 38.17 22.01 13.72
C SER C 79 39.18 20.95 13.29
N VAL C 80 39.86 21.23 12.17
CA VAL C 80 40.84 20.32 11.60
C VAL C 80 42.14 21.07 11.37
N GLU C 81 43.24 20.33 11.38
CA GLU C 81 44.57 20.91 11.16
C GLU C 81 44.89 20.86 9.68
N LEU C 82 44.86 22.01 9.02
CA LEU C 82 45.12 22.12 7.60
C LEU C 82 46.57 22.56 7.41
N GLY C 83 47.44 21.59 7.15
CA GLY C 83 48.85 21.86 6.95
C GLY C 83 49.60 20.63 6.48
N PRO C 84 50.92 20.75 6.32
CA PRO C 84 51.71 19.64 5.78
C PRO C 84 51.62 18.41 6.68
N GLY C 85 51.44 17.25 6.04
CA GLY C 85 51.28 16.00 6.73
C GLY C 85 49.88 15.41 6.67
N ILE C 86 49.02 15.94 5.80
CA ILE C 86 47.65 15.46 5.70
C ILE C 86 47.52 14.56 4.49
N ILE C 87 48.37 14.78 3.50
CA ILE C 87 48.32 14.00 2.27
C ILE C 87 48.81 12.58 2.56
N SER C 88 48.15 11.60 1.94
CA SER C 88 48.48 10.19 2.07
C SER C 88 48.28 9.66 3.49
N GLN C 89 47.42 10.31 4.27
CA GLN C 89 47.17 9.90 5.64
C GLN C 89 45.68 9.70 5.86
N MSE C 90 45.33 8.70 6.67
CA MSE C 90 43.94 8.42 7.00
C MSE C 90 43.63 8.77 8.46
O MSE C 90 44.46 8.56 9.34
CB MSE C 90 43.60 6.94 6.75
CG MSE C 90 42.18 6.57 7.11
SE MSE C 90 41.78 4.69 6.86
CE MSE C 90 41.98 4.59 4.92
N PHE C 91 42.45 9.32 8.68
CA PHE C 91 42.05 9.79 10.00
C PHE C 91 40.60 9.41 10.26
N ASP C 92 40.20 9.49 11.53
CA ASP C 92 38.85 9.09 11.92
C ASP C 92 37.88 10.24 11.65
N GLY C 93 36.69 10.17 12.26
CA GLY C 93 35.70 11.21 12.03
C GLY C 93 36.11 12.56 12.56
N ILE C 94 36.91 12.59 13.62
CA ILE C 94 37.43 13.83 14.17
C ILE C 94 38.83 14.13 13.67
N GLN C 95 39.26 13.48 12.60
CA GLN C 95 40.54 13.71 11.93
C GLN C 95 41.74 13.27 12.76
N ARG C 96 41.57 12.33 13.69
CA ARG C 96 42.70 11.80 14.44
C ARG C 96 43.40 10.73 13.62
N PRO C 97 44.73 10.76 13.53
CA PRO C 97 45.45 9.78 12.69
C PRO C 97 45.31 8.37 13.25
N LEU C 98 44.69 7.48 12.46
CA LEU C 98 44.49 6.10 12.91
C LEU C 98 45.80 5.33 12.97
N ASP C 99 46.76 5.68 12.12
CA ASP C 99 48.06 5.00 12.17
C ASP C 99 48.83 5.41 13.42
N THR C 100 48.79 6.69 13.77
CA THR C 100 49.38 7.12 15.03
C THR C 100 48.57 6.61 16.22
N PHE C 101 47.26 6.42 16.04
CA PHE C 101 46.44 5.87 17.11
C PHE C 101 46.90 4.46 17.46
N MSE C 102 47.39 3.71 16.48
CA MSE C 102 47.87 2.37 16.70
C MSE C 102 49.20 2.38 17.44
O MSE C 102 49.46 1.51 18.28
CB MSE C 102 48.01 1.64 15.36
CG MSE C 102 48.56 0.23 15.44
SE MSE C 102 48.51 -0.69 13.72
CE MSE C 102 49.52 0.60 12.66
N GLU C 103 50.03 3.37 17.14
CA GLU C 103 51.39 3.38 17.67
C GLU C 103 51.44 3.78 19.14
N VAL C 104 50.50 4.61 19.60
CA VAL C 104 50.54 5.08 20.98
C VAL C 104 49.87 4.09 21.91
N THR C 105 48.59 3.79 21.67
CA THR C 105 47.89 2.82 22.50
C THR C 105 48.49 1.43 22.37
N GLN C 106 49.26 1.17 21.32
CA GLN C 106 49.92 -0.12 21.10
C GLN C 106 48.90 -1.26 21.06
N SER C 107 47.87 -1.08 20.22
CA SER C 107 46.78 -2.04 20.14
C SER C 107 46.09 -1.89 18.79
N ASN C 108 45.50 -2.98 18.31
CA ASN C 108 44.75 -2.98 17.06
C ASN C 108 43.29 -2.58 17.25
N PHE C 109 42.90 -2.20 18.45
CA PHE C 109 41.51 -1.88 18.77
C PHE C 109 41.40 -0.41 19.16
N LEU C 110 40.23 0.17 18.86
CA LEU C 110 40.00 1.58 19.16
C LEU C 110 39.73 1.77 20.65
N GLY C 111 40.36 2.79 21.23
CA GLY C 111 40.21 3.09 22.64
C GLY C 111 39.34 4.31 22.89
N ARG C 112 39.30 4.71 24.17
CA ARG C 112 38.44 5.80 24.62
C ARG C 112 39.25 6.75 25.50
N GLY C 113 38.86 8.02 25.46
CA GLY C 113 39.48 9.02 26.31
C GLY C 113 40.90 9.38 25.94
N VAL C 114 41.20 9.47 24.65
CA VAL C 114 42.54 9.86 24.18
C VAL C 114 42.38 10.88 23.06
N GLN C 115 43.18 11.94 23.10
CA GLN C 115 43.15 13.01 22.10
C GLN C 115 44.53 13.13 21.49
N LEU C 116 44.60 13.06 20.16
CA LEU C 116 45.86 13.19 19.44
C LEU C 116 45.72 14.22 18.33
N PRO C 117 46.76 15.03 18.11
CA PRO C 117 46.70 16.01 17.02
C PRO C 117 46.62 15.33 15.66
N ALA C 118 46.00 16.02 14.71
CA ALA C 118 45.82 15.45 13.37
C ALA C 118 47.16 15.29 12.67
N LEU C 119 47.85 16.41 12.44
CA LEU C 119 49.12 16.38 11.74
C LEU C 119 50.26 16.04 12.70
N ASP C 120 51.42 15.73 12.13
CA ASP C 120 52.64 15.52 12.90
C ASP C 120 53.31 16.87 13.08
N HIS C 121 53.27 17.40 14.31
CA HIS C 121 53.84 18.71 14.60
C HIS C 121 55.35 18.66 14.80
N GLU C 122 55.94 17.47 14.89
CA GLU C 122 57.38 17.32 15.03
C GLU C 122 58.08 17.02 13.71
N LYS C 123 57.34 16.81 12.63
CA LYS C 123 57.95 16.53 11.34
C LYS C 123 58.60 17.79 10.78
N GLN C 124 59.72 17.61 10.08
CA GLN C 124 60.49 18.70 9.50
C GLN C 124 60.21 18.76 8.00
N TRP C 125 59.75 19.92 7.53
CA TRP C 125 59.46 20.15 6.13
C TRP C 125 60.36 21.26 5.58
N TRP C 126 60.51 21.28 4.26
CA TRP C 126 61.31 22.31 3.58
C TRP C 126 60.35 23.35 3.02
N PHE C 127 60.19 24.46 3.73
CA PHE C 127 59.33 25.55 3.29
C PHE C 127 60.12 26.45 2.35
N GLU C 128 59.71 26.50 1.08
CA GLU C 128 60.34 27.36 0.09
C GLU C 128 59.52 28.64 -0.02
N ALA C 129 60.09 29.74 0.47
CA ALA C 129 59.37 31.01 0.47
C ALA C 129 59.25 31.55 -0.95
N THR C 130 58.04 31.98 -1.30
CA THR C 130 57.77 32.57 -2.62
C THR C 130 57.55 34.07 -2.57
N ILE C 131 56.84 34.56 -1.56
CA ILE C 131 56.62 36.00 -1.43
C ILE C 131 57.81 36.64 -0.73
N GLU C 132 57.94 37.96 -0.92
CA GLU C 132 59.03 38.72 -0.33
C GLU C 132 58.47 39.75 0.63
N GLU C 133 59.32 40.19 1.57
CA GLU C 133 58.88 41.09 2.62
C GLU C 133 58.52 42.45 2.04
N GLY C 134 57.48 43.07 2.60
CA GLY C 134 57.02 44.36 2.13
C GLY C 134 55.86 44.32 1.16
N THR C 135 55.09 43.24 1.12
CA THR C 135 53.98 43.08 0.20
C THR C 135 52.66 43.14 0.96
N GLU C 136 51.70 43.87 0.41
CA GLU C 136 50.36 43.91 0.98
C GLU C 136 49.69 42.55 0.78
N VAL C 137 49.40 41.86 1.89
CA VAL C 137 48.82 40.53 1.82
C VAL C 137 47.46 40.53 2.52
N SER C 138 46.65 39.52 2.18
CA SER C 138 45.32 39.35 2.76
C SER C 138 45.03 37.86 2.84
N ALA C 139 43.80 37.52 3.22
CA ALA C 139 43.42 36.12 3.38
C ALA C 139 43.45 35.41 2.04
N GLY C 140 44.23 34.32 1.98
CA GLY C 140 44.32 33.51 0.79
C GLY C 140 45.59 33.69 -0.02
N ASP C 141 46.37 34.72 0.25
CA ASP C 141 47.59 34.96 -0.50
C ASP C 141 48.65 33.91 -0.16
N ILE C 142 49.43 33.52 -1.16
CA ILE C 142 50.43 32.48 -1.00
C ILE C 142 51.77 33.11 -0.65
N ILE C 143 52.33 32.72 0.49
CA ILE C 143 53.65 33.19 0.88
C ILE C 143 54.75 32.16 0.62
N GLY C 144 54.39 30.90 0.36
CA GLY C 144 55.38 29.88 0.11
C GLY C 144 54.71 28.56 -0.15
N TYR C 145 55.52 27.50 -0.18
CA TYR C 145 55.00 26.17 -0.46
C TYR C 145 55.90 25.12 0.14
N VAL C 146 55.34 23.91 0.30
CA VAL C 146 56.06 22.74 0.76
C VAL C 146 55.62 21.56 -0.12
N ASP C 147 56.56 20.97 -0.85
CA ASP C 147 56.26 19.85 -1.73
C ASP C 147 55.96 18.64 -0.86
N GLU C 148 54.67 18.49 -0.51
CA GLU C 148 54.27 17.37 0.34
C GLU C 148 54.38 16.05 -0.41
N THR C 149 54.13 16.05 -1.72
CA THR C 149 54.35 14.88 -2.57
C THR C 149 55.01 15.34 -3.86
N LYS C 150 55.07 14.45 -4.84
CA LYS C 150 55.72 14.78 -6.10
C LYS C 150 54.87 15.70 -6.95
N ILE C 151 53.56 15.47 -6.98
CA ILE C 151 52.68 16.20 -7.88
C ILE C 151 52.07 17.40 -7.15
N ILE C 152 51.40 17.13 -6.04
CA ILE C 152 50.66 18.18 -5.34
C ILE C 152 51.65 19.10 -4.64
N GLN C 153 51.70 20.36 -5.09
CA GLN C 153 52.56 21.38 -4.48
C GLN C 153 51.75 22.05 -3.38
N HIS C 154 51.94 21.61 -2.14
CA HIS C 154 51.19 22.14 -1.00
C HIS C 154 51.65 23.57 -0.74
N LYS C 155 50.86 24.54 -1.19
CA LYS C 155 51.18 25.95 -1.00
C LYS C 155 50.59 26.43 0.31
N ILE C 156 51.43 26.96 1.18
CA ILE C 156 50.97 27.53 2.44
C ILE C 156 50.41 28.92 2.16
N MSE C 157 49.17 29.16 2.60
CA MSE C 157 48.50 30.43 2.34
C MSE C 157 48.22 31.20 3.63
O MSE C 157 48.28 30.65 4.73
CB MSE C 157 47.20 30.19 1.59
CG MSE C 157 47.37 29.54 0.22
SE MSE C 157 45.66 29.00 -0.56
CE MSE C 157 45.18 27.60 0.70
N VAL C 158 47.92 32.49 3.48
CA VAL C 158 47.57 33.34 4.61
C VAL C 158 46.20 32.94 5.12
N PRO C 159 46.06 32.60 6.40
CA PRO C 159 44.75 32.21 6.93
C PRO C 159 43.79 33.40 6.94
N ASN C 160 42.50 33.07 7.06
CA ASN C 160 41.47 34.10 7.06
C ASN C 160 41.53 34.92 8.35
N GLY C 161 41.22 36.20 8.23
CA GLY C 161 41.29 37.11 9.35
C GLY C 161 42.63 37.77 9.55
N ILE C 162 43.61 37.49 8.70
CA ILE C 162 44.94 38.07 8.80
C ILE C 162 45.15 38.94 7.57
N LYS C 163 45.22 40.26 7.78
CA LYS C 163 45.42 41.22 6.69
C LYS C 163 46.44 42.24 7.17
N GLY C 164 47.63 42.20 6.58
CA GLY C 164 48.69 43.12 6.93
C GLY C 164 49.79 43.10 5.90
N THR C 165 50.98 43.50 6.33
CA THR C 165 52.14 43.57 5.45
C THR C 165 53.23 42.64 5.98
N VAL C 166 53.81 41.86 5.08
CA VAL C 166 54.87 40.93 5.48
C VAL C 166 56.12 41.72 5.86
N GLN C 167 56.68 41.41 7.02
CA GLN C 167 57.86 42.08 7.52
C GLN C 167 59.12 41.22 7.46
N LYS C 168 59.03 39.95 7.84
CA LYS C 168 60.19 39.07 7.85
C LYS C 168 59.76 37.68 7.41
N ILE C 169 60.40 37.13 6.38
CA ILE C 169 60.08 35.81 5.87
C ILE C 169 61.27 35.30 5.06
N GLU C 170 61.55 34.00 5.20
CA GLU C 170 62.67 33.38 4.50
C GLU C 170 62.48 31.86 4.53
N SER C 171 63.17 31.19 3.61
CA SER C 171 63.07 29.74 3.46
C SER C 171 63.93 29.03 4.50
N GLY C 172 63.70 27.73 4.64
CA GLY C 172 64.45 26.92 5.59
C GLY C 172 63.74 25.62 5.87
N SER C 173 64.16 24.97 6.95
CA SER C 173 63.59 23.69 7.40
C SER C 173 62.93 23.91 8.76
N PHE C 174 61.61 24.06 8.76
CA PHE C 174 60.83 24.29 9.97
C PHE C 174 59.76 23.21 10.12
N THR C 175 59.16 23.17 11.29
CA THR C 175 57.99 22.33 11.53
C THR C 175 56.72 23.12 11.24
N ILE C 176 55.57 22.46 11.38
CA ILE C 176 54.30 23.13 11.14
C ILE C 176 54.05 24.20 12.20
N ASP C 177 54.56 23.99 13.42
CA ASP C 177 54.35 24.96 14.49
C ASP C 177 55.26 26.17 14.36
N ASP C 178 56.46 26.00 13.80
CA ASP C 178 57.47 27.04 13.83
C ASP C 178 57.00 28.27 13.05
N PRO C 179 57.20 29.47 13.57
CA PRO C 179 56.78 30.67 12.84
C PRO C 179 57.69 30.92 11.64
N ILE C 180 57.08 31.09 10.47
CA ILE C 180 57.84 31.32 9.25
C ILE C 180 57.69 32.74 8.71
N CYS C 181 56.79 33.54 9.27
CA CYS C 181 56.56 34.89 8.76
C CYS C 181 55.95 35.74 9.86
N VAL C 182 56.17 37.06 9.76
CA VAL C 182 55.66 38.03 10.71
C VAL C 182 54.97 39.12 9.91
N ILE C 183 53.65 39.25 10.09
CA ILE C 183 52.84 40.19 9.34
C ILE C 183 52.54 41.40 10.23
N GLU C 184 52.69 42.59 9.66
CA GLU C 184 52.46 43.84 10.40
C GLU C 184 51.01 44.27 10.17
N THR C 185 50.12 43.78 11.01
CA THR C 185 48.70 44.13 10.92
C THR C 185 48.40 45.34 11.81
N GLU C 186 47.16 45.83 11.71
CA GLU C 186 46.73 46.95 12.54
C GLU C 186 46.70 46.56 14.00
N GLN C 187 46.29 45.32 14.29
CA GLN C 187 46.22 44.85 15.67
C GLN C 187 47.62 44.73 16.26
N GLY C 188 48.58 44.31 15.46
CA GLY C 188 49.94 44.14 15.93
C GLY C 188 50.70 43.18 15.03
N LEU C 189 51.87 42.78 15.52
CA LEU C 189 52.71 41.85 14.79
C LEU C 189 52.24 40.43 15.05
N LYS C 190 51.86 39.73 13.98
CA LYS C 190 51.31 38.38 14.08
C LYS C 190 52.27 37.39 13.42
N GLU C 191 52.52 36.28 14.10
CA GLU C 191 53.39 35.22 13.59
C GLU C 191 52.54 34.13 12.95
N LEU C 192 52.88 33.77 11.71
CA LEU C 192 52.11 32.79 10.94
C LEU C 192 52.82 31.44 10.92
N THR C 193 52.03 30.37 10.92
CA THR C 193 52.52 29.01 10.88
C THR C 193 52.07 28.34 9.59
N MSE C 194 52.63 27.17 9.32
CA MSE C 194 52.28 26.40 8.12
C MSE C 194 50.92 25.72 8.29
O MSE C 194 50.31 25.29 7.32
CB MSE C 194 53.35 25.37 7.80
CG MSE C 194 54.74 25.94 7.53
SE MSE C 194 55.88 24.68 6.56
CE MSE C 194 55.74 23.15 7.75
N MSE C 195 50.46 25.65 9.53
CA MSE C 195 49.20 24.98 9.85
C MSE C 195 48.15 26.01 10.29
O MSE C 195 48.45 26.93 11.06
CB MSE C 195 49.42 23.93 10.94
CG MSE C 195 48.15 23.31 11.51
SE MSE C 195 47.43 24.27 13.06
CE MSE C 195 49.01 24.20 14.20
N GLN C 196 46.92 25.84 9.80
CA GLN C 196 45.80 26.66 10.21
C GLN C 196 44.64 25.77 10.59
N LYS C 197 43.89 26.18 11.60
CA LYS C 197 42.69 25.48 12.03
C LYS C 197 41.45 26.12 11.41
N TRP C 198 40.45 25.29 11.13
CA TRP C 198 39.23 25.78 10.48
C TRP C 198 38.03 24.95 10.93
N PRO C 199 36.91 25.58 11.27
CA PRO C 199 35.74 24.81 11.70
C PRO C 199 35.13 24.01 10.56
N VAL C 200 34.78 22.76 10.85
CA VAL C 200 34.25 21.89 9.81
C VAL C 200 32.84 22.29 9.42
N ARG C 201 32.06 22.84 10.35
CA ARG C 201 30.70 23.25 10.06
C ARG C 201 30.62 24.67 9.52
N ARG C 202 31.76 25.27 9.18
CA ARG C 202 31.83 26.57 8.53
C ARG C 202 32.63 26.41 7.24
N GLY C 203 32.04 26.79 6.12
CA GLY C 203 32.71 26.62 4.84
C GLY C 203 33.75 27.70 4.60
N ARG C 204 34.83 27.32 3.92
CA ARG C 204 35.90 28.26 3.62
C ARG C 204 35.41 29.28 2.60
N PRO C 205 35.60 30.57 2.85
CA PRO C 205 35.05 31.59 1.93
C PRO C 205 35.86 31.68 0.65
N ILE C 206 35.29 32.42 -0.31
CA ILE C 206 35.87 32.56 -1.64
C ILE C 206 35.67 34.00 -2.12
N LYS C 207 36.11 34.26 -3.35
CA LYS C 207 35.92 35.55 -3.99
C LYS C 207 34.66 35.57 -4.85
N GLN C 208 34.37 34.47 -5.55
CA GLN C 208 33.18 34.39 -6.39
C GLN C 208 32.93 32.93 -6.75
N LYS C 209 31.67 32.61 -7.01
CA LYS C 209 31.25 31.27 -7.40
C LYS C 209 31.05 31.23 -8.91
N LEU C 210 31.92 30.49 -9.60
CA LEU C 210 31.84 30.32 -11.04
C LEU C 210 30.98 29.12 -11.38
N ASN C 211 30.64 29.00 -12.67
CA ASN C 211 29.76 27.91 -13.12
C ASN C 211 30.59 26.80 -13.77
N PRO C 212 30.46 25.56 -13.32
CA PRO C 212 31.29 24.48 -13.87
C PRO C 212 30.85 24.01 -15.25
N ASP C 213 31.66 24.28 -16.27
CA ASP C 213 31.37 23.82 -17.62
C ASP C 213 32.53 23.03 -18.23
N VAL C 214 33.57 22.73 -17.45
CA VAL C 214 34.65 21.86 -17.88
C VAL C 214 34.33 20.45 -17.40
N PRO C 215 34.00 19.52 -18.29
CA PRO C 215 33.60 18.18 -17.84
C PRO C 215 34.78 17.38 -17.32
N MSE C 216 34.46 16.26 -16.68
CA MSE C 216 35.46 15.40 -16.07
C MSE C 216 35.56 14.05 -16.78
O MSE C 216 34.56 13.47 -17.17
CB MSE C 216 35.13 15.19 -14.59
CG MSE C 216 36.09 14.26 -13.86
SE MSE C 216 35.62 14.07 -11.98
CE MSE C 216 35.75 15.95 -11.46
N ILE C 217 36.79 13.56 -16.95
CA ILE C 217 37.03 12.27 -17.60
C ILE C 217 37.13 11.23 -16.49
N THR C 218 36.07 10.45 -16.33
CA THR C 218 36.04 9.41 -15.31
C THR C 218 36.54 8.06 -15.82
N GLY C 219 36.54 7.84 -17.13
CA GLY C 219 36.91 6.57 -17.68
C GLY C 219 35.76 5.60 -17.88
N GLN C 220 34.58 5.89 -17.34
CA GLN C 220 33.42 5.03 -17.47
C GLN C 220 32.59 5.47 -18.66
N ARG C 221 32.16 4.51 -19.48
CA ARG C 221 31.54 4.84 -20.75
C ARG C 221 30.14 5.41 -20.56
N VAL C 222 29.34 4.79 -19.68
CA VAL C 222 27.99 5.30 -19.44
C VAL C 222 28.04 6.67 -18.79
N ILE C 223 29.10 6.95 -18.04
CA ILE C 223 29.21 8.21 -17.33
C ILE C 223 29.63 9.32 -18.28
N ASP C 224 30.73 9.12 -19.00
CA ASP C 224 31.33 10.18 -19.79
C ASP C 224 30.55 10.51 -21.06
N THR C 225 29.49 9.77 -21.36
CA THR C 225 28.76 9.95 -22.61
C THR C 225 27.33 10.43 -22.39
N PHE C 226 26.56 9.74 -21.56
CA PHE C 226 25.15 10.04 -21.37
C PHE C 226 24.87 10.87 -20.13
N PHE C 227 25.55 10.59 -19.02
CA PHE C 227 25.31 11.28 -17.75
C PHE C 227 26.62 11.84 -17.23
N PRO C 228 27.15 12.89 -17.85
CA PRO C 228 28.46 13.41 -17.45
C PRO C 228 28.38 14.30 -16.23
N VAL C 229 29.53 14.47 -15.59
CA VAL C 229 29.69 15.37 -14.46
C VAL C 229 30.86 16.29 -14.74
N THR C 230 30.64 17.60 -14.57
CA THR C 230 31.68 18.58 -14.80
C THR C 230 32.52 18.78 -13.54
N LYS C 231 33.73 19.30 -13.74
CA LYS C 231 34.60 19.65 -12.62
C LYS C 231 33.93 20.72 -11.78
N GLY C 232 33.45 20.35 -10.60
CA GLY C 232 32.65 21.23 -9.77
C GLY C 232 31.19 20.86 -9.69
N GLY C 233 30.78 19.71 -10.26
CA GLY C 233 29.40 19.29 -10.20
C GLY C 233 29.10 18.44 -8.98
N ALA C 234 27.83 18.08 -8.84
CA ALA C 234 27.35 17.26 -7.74
C ALA C 234 26.56 16.09 -8.30
N ALA C 235 27.12 14.89 -8.16
CA ALA C 235 26.48 13.67 -8.64
C ALA C 235 26.08 12.79 -7.46
N ALA C 236 24.91 12.17 -7.58
CA ALA C 236 24.42 11.24 -6.57
C ALA C 236 24.28 9.86 -7.18
N VAL C 237 24.63 8.83 -6.40
CA VAL C 237 24.55 7.45 -6.89
C VAL C 237 23.64 6.64 -5.97
N PRO C 238 22.32 6.75 -6.10
CA PRO C 238 21.44 5.90 -5.30
C PRO C 238 21.29 4.51 -5.92
N GLY C 239 21.08 3.53 -5.05
CA GLY C 239 20.91 2.16 -5.49
C GLY C 239 20.84 1.18 -4.33
N PRO C 240 20.37 -0.02 -4.59
CA PRO C 240 20.24 -1.04 -3.54
C PRO C 240 21.59 -1.69 -3.26
N PHE C 241 21.58 -2.66 -2.34
CA PHE C 241 22.83 -3.28 -1.95
C PHE C 241 23.29 -4.28 -2.99
N GLY C 242 24.59 -4.25 -3.28
CA GLY C 242 25.16 -5.06 -4.34
C GLY C 242 24.95 -4.51 -5.73
N ALA C 243 24.56 -3.25 -5.85
CA ALA C 243 24.27 -2.66 -7.15
C ALA C 243 25.49 -2.04 -7.84
N GLY C 244 26.53 -1.68 -7.09
CA GLY C 244 27.73 -1.08 -7.64
C GLY C 244 28.02 0.33 -7.16
N LYS C 245 27.52 0.75 -6.01
CA LYS C 245 27.73 2.11 -5.54
C LYS C 245 29.19 2.37 -5.14
N THR C 246 29.83 1.40 -4.51
CA THR C 246 31.20 1.66 -4.10
C THR C 246 32.17 1.45 -5.25
N VAL C 247 31.87 0.54 -6.17
CA VAL C 247 32.75 0.36 -7.33
C VAL C 247 32.95 1.67 -8.09
N VAL C 248 31.86 2.45 -8.26
CA VAL C 248 32.02 3.73 -8.96
C VAL C 248 32.92 4.68 -8.17
N GLN C 249 32.78 4.72 -6.85
CA GLN C 249 33.61 5.65 -6.08
C GLN C 249 35.09 5.30 -6.20
N HIS C 250 35.42 4.01 -6.15
CA HIS C 250 36.81 3.58 -6.28
C HIS C 250 37.36 3.88 -7.67
N GLN C 251 36.62 3.47 -8.71
CA GLN C 251 37.10 3.64 -10.07
C GLN C 251 37.15 5.10 -10.49
N ILE C 252 36.24 5.92 -9.98
CA ILE C 252 36.29 7.36 -10.28
C ILE C 252 37.55 7.96 -9.70
N ALA C 253 37.86 7.61 -8.44
CA ALA C 253 39.06 8.16 -7.80
C ALA C 253 40.32 7.70 -8.51
N LYS C 254 40.35 6.44 -8.96
CA LYS C 254 41.55 5.91 -9.59
C LYS C 254 41.86 6.60 -10.91
N TRP C 255 40.83 7.06 -11.62
CA TRP C 255 41.01 7.54 -12.99
C TRP C 255 40.37 8.92 -13.17
N SER C 256 40.49 9.78 -12.17
CA SER C 256 40.06 11.16 -12.30
C SER C 256 41.28 12.04 -12.57
N ASP C 257 41.12 12.98 -13.49
CA ASP C 257 42.19 13.93 -13.79
C ASP C 257 42.33 15.03 -12.75
N VAL C 258 41.64 14.89 -11.61
CA VAL C 258 41.67 15.95 -10.61
C VAL C 258 43.02 15.98 -9.91
N ASP C 259 43.29 17.10 -9.23
CA ASP C 259 44.55 17.26 -8.51
C ASP C 259 44.53 16.63 -7.13
N LEU C 260 43.35 16.40 -6.55
CA LEU C 260 43.25 15.78 -5.24
C LEU C 260 41.96 14.98 -5.15
N VAL C 261 41.97 13.95 -4.32
CA VAL C 261 40.83 13.08 -4.09
C VAL C 261 40.61 12.95 -2.58
N VAL C 262 39.39 13.20 -2.13
CA VAL C 262 39.04 13.12 -0.72
C VAL C 262 37.99 12.02 -0.58
N TYR C 263 38.44 10.81 -0.27
CA TYR C 263 37.54 9.68 -0.10
C TYR C 263 37.14 9.59 1.37
N VAL C 264 35.84 9.69 1.63
CA VAL C 264 35.31 9.69 2.99
C VAL C 264 34.41 8.48 3.15
N GLY C 265 34.80 7.56 4.03
CA GLY C 265 33.96 6.42 4.36
C GLY C 265 33.06 6.71 5.53
N CYS C 266 31.75 6.67 5.32
CA CYS C 266 30.77 7.07 6.32
C CYS C 266 29.83 5.92 6.60
N GLY C 267 29.98 5.29 7.77
CA GLY C 267 29.06 4.25 8.19
C GLY C 267 29.05 3.02 7.31
N GLU C 268 30.14 2.73 6.61
CA GLU C 268 30.16 1.56 5.75
C GLU C 268 30.91 0.41 6.40
N ARG C 269 31.60 -0.41 5.61
CA ARG C 269 32.34 -1.57 6.14
C ARG C 269 33.83 -1.26 6.19
N GLY C 270 34.45 -1.63 7.31
CA GLY C 270 35.86 -1.39 7.53
C GLY C 270 36.77 -2.07 6.54
N ASN C 271 36.36 -3.22 6.00
CA ASN C 271 37.17 -3.92 5.01
C ASN C 271 37.28 -3.14 3.70
N GLU C 272 36.33 -2.24 3.43
CA GLU C 272 36.43 -1.42 2.22
C GLU C 272 37.61 -0.46 2.31
N MSE C 273 37.88 0.07 3.50
CA MSE C 273 38.96 1.03 3.70
C MSE C 273 40.34 0.39 3.54
O MSE C 273 41.31 1.06 3.20
CB MSE C 273 38.84 1.67 5.09
CG MSE C 273 37.57 2.47 5.31
SE MSE C 273 37.43 4.04 4.13
CE MSE C 273 36.34 3.27 2.71
N THR C 274 40.42 -0.91 3.81
CA THR C 274 41.71 -1.59 3.77
C THR C 274 42.24 -1.65 2.34
N ASP C 275 41.45 -2.19 1.42
CA ASP C 275 41.90 -2.33 0.04
C ASP C 275 42.09 -0.97 -0.62
N VAL C 276 41.33 0.04 -0.17
CA VAL C 276 41.48 1.38 -0.75
C VAL C 276 42.83 1.97 -0.37
N VAL C 277 43.27 1.72 0.86
CA VAL C 277 44.55 2.26 1.30
C VAL C 277 45.71 1.46 0.73
N ASN C 278 45.47 0.20 0.37
CA ASN C 278 46.52 -0.64 -0.19
C ASN C 278 46.68 -0.42 -1.70
N GLU C 279 45.56 -0.27 -2.41
CA GLU C 279 45.60 -0.18 -3.85
C GLU C 279 46.06 1.21 -4.32
N PHE C 280 45.80 2.24 -3.51
CA PHE C 280 46.09 3.60 -3.94
C PHE C 280 47.58 3.83 -4.22
N PRO C 281 48.53 3.37 -3.40
CA PRO C 281 49.95 3.55 -3.77
C PRO C 281 50.39 2.67 -4.94
N GLU C 282 49.59 1.70 -5.36
CA GLU C 282 49.97 0.86 -6.50
C GLU C 282 49.49 1.44 -7.83
N LEU C 283 48.40 2.20 -7.82
CA LEU C 283 47.86 2.82 -9.04
C LEU C 283 48.78 3.95 -9.46
N ILE C 284 49.85 3.57 -10.15
CA ILE C 284 50.87 4.53 -10.58
C ILE C 284 50.38 5.29 -11.81
N ASP C 285 50.44 6.61 -11.75
CA ASP C 285 50.15 7.43 -12.92
C ASP C 285 51.35 7.42 -13.85
N PRO C 286 51.23 6.92 -15.08
CA PRO C 286 52.41 6.83 -15.95
C PRO C 286 52.95 8.18 -16.39
N ASN C 287 52.09 9.21 -16.46
CA ASN C 287 52.53 10.53 -16.86
C ASN C 287 53.24 11.27 -15.74
N THR C 288 53.14 10.78 -14.51
CA THR C 288 53.75 11.44 -13.36
C THR C 288 54.81 10.61 -12.67
N GLY C 289 54.68 9.29 -12.67
CA GLY C 289 55.54 8.41 -11.91
C GLY C 289 55.07 8.16 -10.50
N GLU C 290 54.34 9.10 -9.90
CA GLU C 290 53.79 8.93 -8.57
C GLU C 290 52.51 8.09 -8.64
N SER C 291 51.91 7.85 -7.49
CA SER C 291 50.73 7.01 -7.38
C SER C 291 49.49 7.86 -7.09
N LEU C 292 48.34 7.18 -7.06
CA LEU C 292 47.09 7.85 -6.72
C LEU C 292 46.97 8.13 -5.23
N MSE C 293 47.79 7.48 -4.41
CA MSE C 293 47.76 7.68 -2.97
C MSE C 293 48.28 9.06 -2.59
O MSE C 293 47.79 9.66 -1.63
CB MSE C 293 48.59 6.60 -2.27
CG MSE C 293 48.56 6.65 -0.76
SE MSE C 293 46.89 6.05 0.04
CE MSE C 293 46.15 7.78 0.56
N GLU C 294 49.24 9.58 -3.35
CA GLU C 294 49.87 10.86 -3.02
C GLU C 294 48.99 12.06 -3.28
N ARG C 295 47.78 11.88 -3.80
CA ARG C 295 46.81 12.96 -3.91
C ARG C 295 45.50 12.62 -3.23
N THR C 296 45.40 11.46 -2.59
CA THR C 296 44.19 11.00 -1.95
C THR C 296 44.28 11.26 -0.45
N VAL C 297 43.23 11.86 0.10
CA VAL C 297 43.08 12.08 1.54
C VAL C 297 41.91 11.25 2.01
N LEU C 298 42.16 10.33 2.94
CA LEU C 298 41.16 9.38 3.39
C LEU C 298 40.62 9.76 4.76
N ILE C 299 39.31 9.65 4.92
CA ILE C 299 38.62 9.81 6.20
C ILE C 299 37.71 8.61 6.39
N ALA C 300 37.83 7.93 7.52
CA ALA C 300 37.14 6.67 7.75
C ALA C 300 36.45 6.68 9.10
N ASN C 301 35.13 6.44 9.09
CA ASN C 301 34.36 6.18 10.30
C ASN C 301 33.39 5.05 9.97
N THR C 302 33.75 3.84 10.36
CA THR C 302 33.00 2.66 9.94
C THR C 302 31.62 2.62 10.60
N SER C 303 30.84 1.61 10.22
CA SER C 303 29.46 1.53 10.69
C SER C 303 29.41 1.21 12.19
N ASN C 304 30.32 0.36 12.66
CA ASN C 304 30.31 -0.02 14.07
C ASN C 304 30.92 1.03 14.98
N MSE C 305 31.46 2.10 14.43
CA MSE C 305 32.00 3.20 15.23
C MSE C 305 30.86 4.09 15.74
O MSE C 305 29.73 3.93 15.29
CB MSE C 305 33.02 3.99 14.40
CG MSE C 305 34.32 3.24 14.12
SE MSE C 305 35.63 4.28 13.13
CE MSE C 305 36.02 5.64 14.49
N PRO C 306 31.15 4.98 16.69
CA PRO C 306 30.11 5.86 17.22
C PRO C 306 29.32 6.56 16.12
N VAL C 307 28.00 6.62 16.32
CA VAL C 307 27.10 7.10 15.28
C VAL C 307 27.25 8.60 15.08
N ALA C 308 27.48 9.35 16.15
CA ALA C 308 27.57 10.79 16.02
C ALA C 308 28.79 11.22 15.23
N ALA C 309 29.82 10.35 15.17
CA ALA C 309 31.01 10.67 14.41
C ALA C 309 30.76 10.67 12.91
N ARG C 310 29.67 10.05 12.46
CA ARG C 310 29.34 10.07 11.04
C ARG C 310 29.03 11.49 10.56
N GLU C 311 28.44 12.32 11.42
CA GLU C 311 28.23 13.72 11.08
C GLU C 311 29.56 14.42 10.84
N ALA C 312 30.53 14.16 11.72
CA ALA C 312 31.82 14.85 11.61
C ALA C 312 32.58 14.42 10.37
N SER C 313 32.51 13.13 10.02
CA SER C 313 33.25 12.63 8.87
C SER C 313 32.81 13.32 7.59
N ILE C 314 31.52 13.64 7.49
CA ILE C 314 31.03 14.30 6.27
C ILE C 314 31.54 15.73 6.20
N TYR C 315 31.47 16.46 7.32
CA TYR C 315 31.94 17.84 7.33
C TYR C 315 33.46 17.94 7.37
N THR C 316 34.15 16.85 7.71
CA THR C 316 35.61 16.87 7.73
C THR C 316 36.18 16.82 6.33
N GLY C 317 35.69 15.89 5.50
CA GLY C 317 36.23 15.74 4.16
C GLY C 317 35.95 16.94 3.28
N ILE C 318 34.76 17.52 3.40
CA ILE C 318 34.43 18.70 2.59
C ILE C 318 35.27 19.89 3.03
N THR C 319 35.73 19.90 4.28
CA THR C 319 36.61 20.98 4.73
C THR C 319 38.01 20.80 4.18
N ILE C 320 38.51 19.56 4.15
CA ILE C 320 39.82 19.30 3.59
C ILE C 320 39.83 19.60 2.10
N ALA C 321 38.71 19.35 1.42
CA ALA C 321 38.62 19.68 0.00
C ALA C 321 38.65 21.18 -0.23
N GLU C 322 38.17 21.97 0.73
CA GLU C 322 38.20 23.42 0.58
C GLU C 322 39.58 24.00 0.86
N TYR C 323 40.37 23.34 1.72
CA TYR C 323 41.75 23.77 1.92
C TYR C 323 42.57 23.58 0.66
N PHE C 324 42.25 22.57 -0.15
CA PHE C 324 42.96 22.31 -1.39
C PHE C 324 42.38 23.07 -2.58
N ARG C 325 41.08 23.37 -2.57
CA ARG C 325 40.53 24.15 -3.67
C ARG C 325 40.92 25.62 -3.57
N ASP C 326 41.28 26.10 -2.39
CA ASP C 326 41.77 27.47 -2.26
C ASP C 326 43.15 27.64 -2.90
N MSE C 327 43.86 26.56 -3.14
CA MSE C 327 45.18 26.63 -3.75
C MSE C 327 45.08 26.74 -5.27
O MSE C 327 46.04 27.10 -5.94
CB MSE C 327 46.02 25.41 -3.38
CG MSE C 327 46.12 25.16 -1.89
SE MSE C 327 47.21 23.62 -1.42
CE MSE C 327 46.71 23.49 0.45
N GLY C 328 43.91 26.43 -5.81
CA GLY C 328 43.70 26.40 -7.24
C GLY C 328 43.74 25.03 -7.87
N TYR C 329 43.46 23.97 -7.10
CA TYR C 329 43.54 22.61 -7.60
C TYR C 329 42.16 21.96 -7.56
N ASP C 330 41.85 21.18 -8.59
CA ASP C 330 40.57 20.51 -8.66
C ASP C 330 40.55 19.33 -7.68
N VAL C 331 39.52 19.28 -6.83
CA VAL C 331 39.38 18.26 -5.81
C VAL C 331 38.06 17.53 -6.01
N ALA C 332 38.08 16.22 -5.81
CA ALA C 332 36.90 15.37 -5.90
C ALA C 332 36.68 14.69 -4.55
N ILE C 333 35.54 14.96 -3.93
CA ILE C 333 35.22 14.42 -2.61
C ILE C 333 34.24 13.27 -2.79
N MSE C 334 34.52 12.15 -2.13
CA MSE C 334 33.68 10.97 -2.21
C MSE C 334 32.95 10.71 -0.88
O MSE C 334 33.60 10.51 0.14
CB MSE C 334 34.51 9.74 -2.61
CG MSE C 334 35.69 10.06 -3.50
SE MSE C 334 35.18 10.88 -5.20
CE MSE C 334 34.34 9.34 -6.04
N ALA C 335 31.62 10.70 -0.91
CA ALA C 335 30.80 10.51 0.27
C ALA C 335 30.10 9.16 0.17
N ASP C 336 30.73 8.13 0.74
CA ASP C 336 30.23 6.76 0.71
C ASP C 336 30.14 6.29 2.16
N SER C 337 28.94 6.29 2.73
CA SER C 337 27.72 6.68 2.04
C SER C 337 26.97 7.79 2.79
N THR C 338 26.18 8.58 2.07
CA THR C 338 25.42 9.66 2.70
C THR C 338 24.29 9.13 3.57
N SER C 339 23.77 7.94 3.26
CA SER C 339 22.61 7.42 3.97
C SER C 339 22.92 7.21 5.45
N ARG C 340 24.13 6.77 5.76
CA ARG C 340 24.47 6.47 7.16
C ARG C 340 24.54 7.76 7.98
N TRP C 341 25.05 8.83 7.37
CA TRP C 341 25.00 10.15 7.99
C TRP C 341 23.56 10.54 8.30
N ALA C 342 22.66 10.39 7.32
CA ALA C 342 21.26 10.70 7.54
C ALA C 342 20.68 9.87 8.68
N GLU C 343 21.11 8.60 8.79
CA GLU C 343 20.64 7.76 9.88
C GLU C 343 21.08 8.33 11.22
N ALA C 344 22.31 8.85 11.29
CA ALA C 344 22.82 9.37 12.56
C ALA C 344 22.00 10.53 13.06
N LEU C 345 21.45 11.34 12.15
CA LEU C 345 20.61 12.46 12.55
C LEU C 345 19.31 11.99 13.16
N ARG C 346 18.61 11.08 12.47
CA ARG C 346 17.32 10.59 12.97
C ARG C 346 17.46 9.98 14.35
N GLU C 347 18.52 9.20 14.57
CA GLU C 347 18.72 8.57 15.86
C GLU C 347 18.95 9.59 16.96
N MSE C 348 19.53 10.74 16.62
CA MSE C 348 19.71 11.81 17.59
C MSE C 348 18.42 12.59 17.76
O MSE C 348 18.05 12.96 18.87
CB MSE C 348 20.84 12.74 17.15
CG MSE C 348 21.09 13.90 18.10
SE MSE C 348 21.64 13.30 19.87
CE MSE C 348 23.34 12.47 19.42
N SER C 349 17.73 12.82 16.64
CA SER C 349 16.46 13.53 16.68
C SER C 349 15.43 12.77 17.53
N GLY C 350 15.50 11.44 17.54
CA GLY C 350 14.62 10.67 18.41
C GLY C 350 14.97 10.83 19.87
N ARG C 351 16.27 10.94 20.18
CA ARG C 351 16.70 11.16 21.55
C ARG C 351 16.52 12.61 21.98
N LEU C 352 16.32 13.53 21.04
CA LEU C 352 16.02 14.91 21.37
C LEU C 352 14.53 15.19 21.40
N GLU C 353 13.69 14.16 21.23
CA GLU C 353 12.23 14.30 21.26
C GLU C 353 11.74 15.27 20.19
N GLU C 354 12.53 15.43 19.12
CA GLU C 354 12.18 16.32 18.03
C GLU C 354 11.08 15.69 17.16
N MSE C 355 10.41 16.55 16.39
CA MSE C 355 9.37 16.10 15.48
C MSE C 355 9.97 15.48 14.22
O MSE C 355 10.63 16.17 13.44
CB MSE C 355 8.44 17.26 15.11
CG MSE C 355 7.26 16.87 14.25
SE MSE C 355 6.11 15.52 15.08
CE MSE C 355 5.67 16.47 16.71
N PRO C 356 9.75 14.19 14.03
CA PRO C 356 10.32 13.50 12.86
C PRO C 356 9.49 13.73 11.61
N GLY C 357 10.15 13.63 10.46
CA GLY C 357 9.47 13.75 9.19
C GLY C 357 9.08 12.41 8.63
N ASP C 358 9.20 12.24 7.32
CA ASP C 358 8.93 10.94 6.71
C ASP C 358 10.00 9.94 7.14
N GLU C 359 9.56 8.74 7.52
CA GLU C 359 10.43 7.65 7.97
C GLU C 359 11.20 8.01 9.24
N GLY C 360 10.80 9.08 9.92
CA GLY C 360 11.44 9.48 11.16
C GLY C 360 12.56 10.49 11.00
N TYR C 361 12.98 10.79 9.77
CA TYR C 361 14.08 11.72 9.56
C TYR C 361 13.70 13.11 10.09
N PRO C 362 14.68 13.87 10.56
CA PRO C 362 14.40 15.24 11.00
C PRO C 362 14.03 16.13 9.83
N ALA C 363 13.21 17.14 10.11
CA ALA C 363 12.69 17.98 9.05
C ALA C 363 13.80 18.80 8.39
N TYR C 364 14.88 19.06 9.12
CA TYR C 364 15.99 19.84 8.58
C TYR C 364 16.98 19.00 7.79
N LEU C 365 16.59 17.80 7.36
CA LEU C 365 17.49 16.99 6.56
C LEU C 365 17.80 17.65 5.22
N GLY C 366 16.76 18.13 4.53
CA GLY C 366 16.99 18.81 3.27
C GLY C 366 17.79 20.09 3.42
N SER C 367 17.77 20.69 4.60
CA SER C 367 18.57 21.89 4.84
C SER C 367 20.04 21.52 4.98
N ARG C 368 20.34 20.49 5.78
CA ARG C 368 21.72 20.09 5.98
C ARG C 368 22.33 19.51 4.71
N LEU C 369 21.53 18.82 3.89
CA LEU C 369 22.03 18.34 2.61
C LEU C 369 22.34 19.51 1.69
N ALA C 370 21.42 20.49 1.62
CA ALA C 370 21.68 21.68 0.81
C ALA C 370 22.88 22.45 1.34
N GLU C 371 23.07 22.46 2.66
CA GLU C 371 24.23 23.14 3.23
C GLU C 371 25.53 22.42 2.92
N TYR C 372 25.47 21.14 2.53
CA TYR C 372 26.69 20.38 2.26
C TYR C 372 27.13 20.55 0.81
N TYR C 373 26.22 20.30 -0.13
CA TYR C 373 26.61 20.31 -1.54
C TYR C 373 26.86 21.73 -2.04
N GLU C 374 26.28 22.74 -1.40
CA GLU C 374 26.50 24.12 -1.84
C GLU C 374 27.92 24.60 -1.55
N ARG C 375 28.71 23.85 -0.80
CA ARG C 375 30.12 24.21 -0.63
C ARG C 375 30.90 23.91 -1.90
N SER C 376 30.53 22.85 -2.61
CA SER C 376 31.26 22.45 -3.80
C SER C 376 30.94 23.39 -4.96
N GLY C 377 31.62 23.17 -6.07
CA GLY C 377 31.44 23.96 -7.28
C GLY C 377 32.68 24.76 -7.63
N ARG C 378 32.68 25.28 -8.85
CA ARG C 378 33.80 26.10 -9.30
C ARG C 378 33.77 27.44 -8.58
N VAL C 379 34.90 27.80 -7.98
CA VAL C 379 34.98 28.97 -7.10
C VAL C 379 36.28 29.70 -7.36
N ILE C 380 36.22 31.02 -7.21
CA ILE C 380 37.41 31.87 -7.29
C ILE C 380 37.94 32.03 -5.86
N ALA C 381 39.07 31.39 -5.58
CA ALA C 381 39.62 31.41 -4.24
C ALA C 381 40.08 32.80 -3.85
N LEU C 382 40.10 33.05 -2.54
CA LEU C 382 40.53 34.35 -2.03
C LEU C 382 42.01 34.54 -2.29
N GLY C 383 42.37 35.75 -2.71
CA GLY C 383 43.75 36.07 -3.01
C GLY C 383 43.91 37.04 -4.15
N SER C 384 45.10 37.62 -4.30
CA SER C 384 45.32 38.59 -5.36
C SER C 384 45.50 37.94 -6.71
N ASP C 385 45.93 36.68 -6.74
CA ASP C 385 46.14 35.98 -8.00
C ASP C 385 44.85 35.57 -8.67
N GLN C 386 43.74 35.52 -7.92
CA GLN C 386 42.45 35.06 -8.44
C GLN C 386 42.56 33.65 -9.03
N ARG C 387 43.12 32.74 -8.23
CA ARG C 387 43.29 31.36 -8.67
C ARG C 387 41.95 30.64 -8.72
N GLU C 388 41.87 29.65 -9.61
CA GLU C 388 40.63 28.94 -9.90
C GLU C 388 40.61 27.59 -9.19
N GLY C 389 39.67 27.42 -8.27
CA GLY C 389 39.50 26.16 -7.57
C GLY C 389 38.14 25.55 -7.80
N SER C 390 38.02 24.24 -7.57
CA SER C 390 36.76 23.55 -7.84
C SER C 390 36.69 22.29 -6.98
N ILE C 391 35.48 21.97 -6.52
CA ILE C 391 35.22 20.78 -5.71
C ILE C 391 34.08 20.02 -6.37
N THR C 392 34.31 18.75 -6.67
CA THR C 392 33.32 17.88 -7.30
C THR C 392 32.82 16.88 -6.26
N ALA C 393 31.51 16.87 -6.04
CA ALA C 393 30.89 15.99 -5.04
C ALA C 393 30.30 14.77 -5.74
N ILE C 394 30.73 13.59 -5.34
CA ILE C 394 30.21 12.32 -5.84
C ILE C 394 29.71 11.55 -4.64
N SER C 395 28.39 11.52 -4.45
CA SER C 395 27.76 10.94 -3.27
C SER C 395 27.06 9.63 -3.61
N ALA C 396 27.05 8.73 -2.65
CA ALA C 396 26.35 7.44 -2.76
C ALA C 396 25.23 7.41 -1.73
N VAL C 397 24.01 7.14 -2.19
CA VAL C 397 22.84 7.05 -1.32
C VAL C 397 22.40 5.59 -1.27
N SER C 398 21.95 5.16 -0.10
CA SER C 398 21.57 3.76 0.14
C SER C 398 20.14 3.69 0.66
N PRO C 399 19.16 3.96 -0.20
CA PRO C 399 17.76 3.85 0.25
C PRO C 399 17.36 2.40 0.45
N SER C 400 16.42 2.20 1.37
CA SER C 400 16.01 0.85 1.74
C SER C 400 15.23 0.21 0.59
N GLY C 401 15.63 -1.00 0.21
CA GLY C 401 14.92 -1.74 -0.82
C GLY C 401 14.96 -1.10 -2.19
N GLY C 402 15.94 -0.24 -2.45
CA GLY C 402 16.00 0.44 -3.73
C GLY C 402 14.89 1.45 -3.93
N ASP C 403 14.27 1.90 -2.85
CA ASP C 403 13.14 2.83 -2.92
C ASP C 403 13.69 4.25 -2.89
N ILE C 404 13.80 4.87 -4.07
CA ILE C 404 14.33 6.24 -4.15
C ILE C 404 13.30 7.29 -3.76
N SER C 405 12.12 6.89 -3.30
CA SER C 405 11.13 7.84 -2.82
C SER C 405 11.37 8.24 -1.37
N GLU C 406 12.43 7.75 -0.74
CA GLU C 406 12.77 8.14 0.61
C GLU C 406 13.20 9.61 0.64
N PRO C 407 13.07 10.27 1.79
CA PRO C 407 13.45 11.70 1.85
C PRO C 407 14.93 11.94 1.57
N VAL C 408 15.80 10.99 1.89
CA VAL C 408 17.23 11.20 1.66
C VAL C 408 17.51 11.41 0.18
N THR C 409 17.02 10.50 -0.65
CA THR C 409 17.25 10.63 -2.09
C THR C 409 16.43 11.78 -2.68
N GLN C 410 15.20 11.96 -2.21
CA GLN C 410 14.35 13.01 -2.74
C GLN C 410 14.91 14.39 -2.43
N ASN C 411 15.39 14.60 -1.20
CA ASN C 411 16.03 15.88 -0.88
C ASN C 411 17.35 16.03 -1.61
N THR C 412 18.02 14.92 -1.91
CA THR C 412 19.30 15.00 -2.60
C THR C 412 19.11 15.44 -4.05
N LEU C 413 18.13 14.88 -4.73
CA LEU C 413 17.90 15.20 -6.14
C LEU C 413 17.35 16.61 -6.34
N ARG C 414 17.01 17.31 -5.27
CA ARG C 414 16.59 18.71 -5.38
C ARG C 414 17.76 19.68 -5.29
N VAL C 415 18.96 19.20 -4.95
CA VAL C 415 20.12 20.07 -4.89
C VAL C 415 21.25 19.61 -5.81
N VAL C 416 21.30 18.35 -6.21
CA VAL C 416 22.35 17.87 -7.10
C VAL C 416 21.93 18.10 -8.54
N LYS C 417 22.87 17.96 -9.47
CA LYS C 417 22.60 18.14 -10.89
C LYS C 417 22.75 16.85 -11.69
N VAL C 418 23.42 15.85 -11.16
CA VAL C 418 23.63 14.57 -11.84
C VAL C 418 23.11 13.45 -10.95
N PHE C 419 22.41 12.50 -11.56
CA PHE C 419 21.77 11.39 -10.83
C PHE C 419 22.17 10.08 -11.49
N TRP C 420 22.99 9.29 -10.79
CA TRP C 420 23.45 8.00 -11.28
C TRP C 420 22.66 6.91 -10.55
N GLY C 421 21.44 6.69 -11.00
CA GLY C 421 20.57 5.72 -10.35
C GLY C 421 20.99 4.31 -10.69
N LEU C 422 21.29 3.50 -9.67
CA LEU C 422 21.69 2.12 -9.88
C LEU C 422 20.47 1.20 -9.79
N ASP C 423 20.44 0.20 -10.65
CA ASP C 423 19.31 -0.71 -10.77
C ASP C 423 19.71 -2.10 -10.30
N SER C 424 18.81 -2.74 -9.55
CA SER C 424 19.08 -4.09 -9.05
C SER C 424 18.90 -5.14 -10.13
N SER C 425 17.89 -4.96 -10.99
CA SER C 425 17.61 -5.95 -12.04
C SER C 425 18.80 -6.08 -12.98
N LEU C 426 19.51 -4.99 -13.24
CA LEU C 426 20.69 -5.06 -14.08
C LEU C 426 21.89 -5.59 -13.33
N ALA C 427 21.98 -5.31 -12.02
CA ALA C 427 23.10 -5.81 -11.24
C ALA C 427 23.04 -7.32 -11.10
N GLN C 428 21.83 -7.87 -10.93
CA GLN C 428 21.69 -9.31 -10.83
C GLN C 428 21.99 -10.00 -12.16
N LYS C 429 21.70 -9.33 -13.28
CA LYS C 429 22.05 -9.86 -14.58
C LYS C 429 23.52 -9.65 -14.94
N ARG C 430 24.35 -9.27 -13.96
CA ARG C 430 25.78 -9.03 -14.16
C ARG C 430 26.02 -7.96 -15.23
N HIS C 431 25.14 -6.97 -15.28
CA HIS C 431 25.32 -5.78 -16.10
C HIS C 431 25.98 -4.71 -15.23
N PHE C 432 27.15 -4.25 -15.67
CA PHE C 432 27.90 -3.27 -14.90
C PHE C 432 28.60 -2.27 -15.82
N PRO C 433 28.65 -0.99 -15.44
CA PRO C 433 28.00 -0.43 -14.24
C PRO C 433 26.48 -0.40 -14.39
N SER C 434 25.78 -0.86 -13.34
CA SER C 434 24.33 -1.06 -13.40
C SER C 434 23.59 0.28 -13.25
N ILE C 435 23.80 1.16 -14.22
CA ILE C 435 23.18 2.47 -14.25
C ILE C 435 21.95 2.38 -15.14
N ASN C 436 20.78 2.73 -14.59
CA ASN C 436 19.53 2.69 -15.34
C ASN C 436 19.50 3.89 -16.29
N TRP C 437 19.60 3.61 -17.59
CA TRP C 437 19.71 4.69 -18.57
C TRP C 437 18.45 5.53 -18.62
N ILE C 438 17.28 4.88 -18.65
CA ILE C 438 16.02 5.63 -18.67
C ILE C 438 15.87 6.43 -17.39
N GLN C 439 16.20 5.83 -16.24
CA GLN C 439 15.93 6.46 -14.96
C GLN C 439 16.94 7.55 -14.63
N SER C 440 18.22 7.33 -14.95
CA SER C 440 19.25 8.30 -14.64
C SER C 440 19.13 9.53 -15.55
N TYR C 441 19.81 10.60 -15.15
CA TYR C 441 19.81 11.84 -15.93
C TYR C 441 21.04 12.66 -15.54
N SER C 442 21.20 13.79 -16.23
CA SER C 442 22.31 14.71 -15.97
C SER C 442 21.92 16.07 -16.52
N LEU C 443 21.92 17.09 -15.64
CA LEU C 443 21.63 18.45 -16.09
C LEU C 443 22.78 19.04 -16.88
N TYR C 444 23.96 18.41 -16.85
CA TYR C 444 25.13 18.88 -17.59
C TYR C 444 25.22 18.29 -18.98
N SER C 445 24.29 17.40 -19.35
CA SER C 445 24.40 16.70 -20.63
C SER C 445 24.32 17.67 -21.81
N THR C 446 23.69 18.83 -21.61
CA THR C 446 23.57 19.79 -22.70
C THR C 446 24.87 20.54 -22.93
N GLU C 447 25.51 21.00 -21.86
CA GLU C 447 26.70 21.82 -22.00
C GLU C 447 27.92 20.97 -22.34
N VAL C 448 28.01 19.77 -21.78
CA VAL C 448 29.11 18.88 -22.13
C VAL C 448 29.01 18.46 -23.59
N GLY C 449 27.79 18.32 -24.12
CA GLY C 449 27.65 18.04 -25.53
C GLY C 449 28.22 19.13 -26.40
N ARG C 450 28.07 20.39 -25.98
CA ARG C 450 28.60 21.50 -26.75
C ARG C 450 30.13 21.51 -26.70
N TYR C 451 30.70 21.21 -25.54
CA TYR C 451 32.16 21.17 -25.42
C TYR C 451 32.74 20.00 -26.21
N MSE C 452 32.18 18.80 -26.04
CA MSE C 452 32.67 17.61 -26.72
C MSE C 452 32.52 17.73 -28.24
O MSE C 452 33.32 17.16 -28.98
CB MSE C 452 31.94 16.37 -26.21
CG MSE C 452 32.27 15.98 -24.78
SE MSE C 452 34.12 15.42 -24.59
CE MSE C 452 34.09 13.90 -25.82
N ASP C 453 31.50 18.47 -28.68
CA ASP C 453 31.34 18.71 -30.12
C ASP C 453 32.52 19.48 -30.68
N GLN C 454 33.17 20.28 -29.85
CA GLN C 454 34.23 21.18 -30.30
C GLN C 454 35.61 20.54 -30.21
N ILE C 455 35.84 19.72 -29.18
CA ILE C 455 37.18 19.18 -28.95
C ILE C 455 37.58 18.21 -30.05
N LEU C 456 36.70 17.26 -30.37
CA LEU C 456 36.96 16.33 -31.46
C LEU C 456 36.39 16.79 -32.79
N GLN C 457 35.68 17.93 -32.80
CA GLN C 457 35.08 18.49 -34.02
C GLN C 457 34.16 17.48 -34.69
N GLN C 458 33.23 16.94 -33.90
CA GLN C 458 32.23 16.01 -34.39
C GLN C 458 30.91 16.31 -33.70
N ASP C 459 29.80 16.10 -34.41
CA ASP C 459 28.47 16.33 -33.85
C ASP C 459 28.19 15.24 -32.81
N TRP C 460 28.75 15.46 -31.62
CA TRP C 460 28.69 14.48 -30.54
C TRP C 460 27.41 14.63 -29.73
N SER C 461 26.93 15.87 -29.55
CA SER C 461 25.74 16.10 -28.74
C SER C 461 24.49 15.48 -29.37
N ASP C 462 24.45 15.38 -30.70
CA ASP C 462 23.29 14.82 -31.37
C ASP C 462 23.43 13.34 -31.67
N MSE C 463 24.65 12.80 -31.68
CA MSE C 463 24.83 11.37 -31.86
C MSE C 463 24.71 10.68 -30.51
O MSE C 463 24.43 9.49 -30.42
CB MSE C 463 26.18 11.07 -32.53
CG MSE C 463 27.40 11.28 -31.64
SE MSE C 463 29.05 11.56 -32.67
CE MSE C 463 28.63 10.44 -34.21
N VAL C 464 24.92 11.46 -29.45
CA VAL C 464 24.57 10.98 -28.11
C VAL C 464 23.05 11.00 -27.93
N THR C 465 22.39 12.02 -28.47
CA THR C 465 20.94 12.07 -28.44
C THR C 465 20.33 10.90 -29.21
N GLU C 466 20.99 10.50 -30.29
CA GLU C 466 20.49 9.36 -31.07
C GLU C 466 20.64 8.06 -30.28
N GLY C 467 21.73 7.92 -29.53
CA GLY C 467 21.88 6.73 -28.70
C GLY C 467 20.88 6.66 -27.57
N MSE C 468 20.58 7.81 -26.96
CA MSE C 468 19.60 7.88 -25.90
C MSE C 468 18.21 7.62 -26.45
O MSE C 468 17.38 6.98 -25.81
CB MSE C 468 19.67 9.25 -25.21
CG MSE C 468 18.90 9.30 -23.90
SE MSE C 468 19.41 7.82 -22.77
CE MSE C 468 19.00 8.63 -21.05
N ARG C 469 17.97 8.13 -27.66
CA ARG C 469 16.69 7.89 -28.32
C ARG C 469 16.50 6.41 -28.62
N ILE C 470 17.55 5.73 -29.08
CA ILE C 470 17.48 4.30 -29.35
C ILE C 470 17.18 3.55 -28.06
N LEU C 471 17.87 3.90 -26.97
CA LEU C 471 17.59 3.26 -25.69
C LEU C 471 16.22 3.66 -25.15
N GLN C 472 15.75 4.88 -25.48
CA GLN C 472 14.41 5.27 -25.11
C GLN C 472 13.37 4.55 -25.95
N GLU C 473 13.67 4.34 -27.24
CA GLU C 473 12.72 3.64 -28.10
C GLU C 473 12.61 2.17 -27.70
N GLU C 474 13.71 1.57 -27.23
CA GLU C 474 13.65 0.18 -26.79
C GLU C 474 12.73 0.05 -25.58
N GLU C 475 12.87 0.94 -24.60
CA GLU C 475 12.01 0.89 -23.42
C GLU C 475 10.56 1.04 -23.80
N GLN C 476 10.26 1.88 -24.81
CA GLN C 476 8.89 1.97 -25.31
C GLN C 476 8.48 0.66 -25.99
N LEU C 477 9.36 0.11 -26.82
CA LEU C 477 9.06 -1.17 -27.46
C LEU C 477 8.95 -2.28 -26.43
N ASN C 478 9.98 -2.41 -25.57
CA ASN C 478 10.03 -3.51 -24.62
C ASN C 478 8.81 -3.53 -23.71
N GLU C 479 8.29 -2.35 -23.36
CA GLU C 479 7.15 -2.30 -22.45
C GLU C 479 5.85 -2.66 -23.17
N ILE C 480 5.72 -2.25 -24.44
CA ILE C 480 4.58 -2.67 -25.25
C ILE C 480 4.77 -4.07 -25.82
N VAL C 481 5.95 -4.66 -25.66
CA VAL C 481 6.24 -5.95 -26.26
C VAL C 481 6.49 -7.05 -25.23
N ARG C 482 6.71 -6.70 -23.95
CA ARG C 482 6.85 -7.72 -22.92
C ARG C 482 5.67 -8.68 -22.93
N LEU C 483 4.46 -8.13 -22.88
CA LEU C 483 3.23 -8.89 -22.74
C LEU C 483 2.67 -9.34 -24.09
N VAL C 484 2.71 -8.45 -25.09
CA VAL C 484 2.22 -8.80 -26.42
C VAL C 484 3.14 -9.83 -27.07
N GLY C 485 4.45 -9.68 -26.91
CA GLY C 485 5.40 -10.51 -27.62
C GLY C 485 5.91 -9.85 -28.89
N ILE C 486 7.07 -10.32 -29.35
CA ILE C 486 7.77 -9.69 -30.45
C ILE C 486 7.53 -10.40 -31.77
N ASP C 487 6.62 -11.36 -31.81
CA ASP C 487 6.48 -12.16 -33.03
C ASP C 487 5.96 -11.32 -34.19
N SER C 488 5.08 -10.37 -33.92
CA SER C 488 4.58 -9.46 -34.93
C SER C 488 5.43 -8.20 -35.06
N LEU C 489 6.65 -8.21 -34.52
CA LEU C 489 7.53 -7.05 -34.63
C LEU C 489 7.90 -6.80 -36.08
N SER C 490 7.69 -5.58 -36.53
CA SER C 490 8.04 -5.22 -37.89
C SER C 490 9.55 -5.33 -38.09
N ASP C 491 9.96 -5.58 -39.34
CA ASP C 491 11.37 -5.77 -39.63
C ASP C 491 12.19 -4.55 -39.24
N ASN C 492 11.64 -3.35 -39.46
CA ASN C 492 12.34 -2.13 -39.10
C ASN C 492 12.49 -2.02 -37.59
N ASP C 493 11.41 -2.29 -36.86
CA ASP C 493 11.46 -2.21 -35.40
C ASP C 493 12.44 -3.23 -34.82
N ARG C 494 12.58 -4.40 -35.45
CA ARG C 494 13.47 -5.42 -34.91
C ARG C 494 14.92 -4.96 -34.99
N LEU C 495 15.28 -4.18 -36.01
CA LEU C 495 16.63 -3.66 -36.11
C LEU C 495 16.97 -2.78 -34.90
N THR C 496 16.04 -1.91 -34.51
CA THR C 496 16.24 -1.07 -33.35
C THR C 496 16.50 -1.90 -32.10
N LEU C 497 15.82 -3.04 -31.99
CA LEU C 497 16.07 -3.93 -30.86
C LEU C 497 17.49 -4.45 -30.87
N GLU C 498 17.99 -4.85 -32.06
CA GLU C 498 19.37 -5.28 -32.16
C GLU C 498 20.35 -4.12 -32.06
N VAL C 499 19.91 -2.90 -32.32
CA VAL C 499 20.76 -1.74 -32.09
C VAL C 499 20.88 -1.48 -30.60
N ALA C 500 19.76 -1.56 -29.88
CA ALA C 500 19.78 -1.31 -28.44
C ALA C 500 20.55 -2.40 -27.70
N LYS C 501 20.45 -3.65 -28.17
CA LYS C 501 21.21 -4.72 -27.54
C LYS C 501 22.70 -4.50 -27.71
N SER C 502 23.10 -3.98 -28.87
CA SER C 502 24.52 -3.68 -29.09
C SER C 502 24.97 -2.52 -28.21
N ILE C 503 24.11 -1.52 -28.03
CA ILE C 503 24.47 -0.40 -27.17
C ILE C 503 24.60 -0.84 -25.71
N ARG C 504 23.81 -1.83 -25.30
CA ARG C 504 23.76 -2.19 -23.89
C ARG C 504 24.92 -3.10 -23.50
N GLU C 505 25.22 -4.11 -24.30
CA GLU C 505 26.24 -5.07 -23.94
C GLU C 505 27.64 -4.64 -24.37
N ASP C 506 27.75 -3.83 -25.42
CA ASP C 506 29.07 -3.45 -25.92
C ASP C 506 29.60 -2.18 -25.25
N TYR C 507 28.75 -1.16 -25.11
CA TYR C 507 29.20 0.13 -24.61
C TYR C 507 28.91 0.32 -23.12
N LEU C 508 27.67 0.07 -22.70
CA LEU C 508 27.32 0.31 -21.30
C LEU C 508 27.90 -0.76 -20.40
N GLN C 509 27.89 -2.02 -20.84
CA GLN C 509 28.41 -3.11 -20.01
C GLN C 509 29.94 -3.06 -20.03
N GLN C 510 30.53 -2.72 -18.88
CA GLN C 510 31.97 -2.65 -18.75
C GLN C 510 32.35 -3.07 -17.33
N ASN C 511 33.42 -3.84 -17.23
CA ASN C 511 33.87 -4.38 -15.96
C ASN C 511 35.13 -3.65 -15.51
N ALA C 512 35.15 -3.27 -14.23
CA ALA C 512 36.30 -2.54 -13.70
C ALA C 512 37.51 -3.44 -13.54
N PHE C 513 37.29 -4.73 -13.26
CA PHE C 513 38.40 -5.61 -12.90
C PHE C 513 39.34 -5.85 -14.07
N ASP C 514 38.79 -6.03 -15.27
CA ASP C 514 39.62 -6.12 -16.46
C ASP C 514 40.30 -4.78 -16.71
N ASP C 515 41.63 -4.81 -16.87
CA ASP C 515 42.41 -3.59 -16.95
C ASP C 515 41.94 -2.69 -18.09
N VAL C 516 41.39 -3.26 -19.16
CA VAL C 516 41.10 -2.50 -20.35
C VAL C 516 39.76 -1.76 -20.22
N ASP C 517 38.71 -2.47 -19.77
CA ASP C 517 37.39 -1.87 -19.71
C ASP C 517 37.30 -0.81 -18.63
N THR C 518 38.28 -0.76 -17.73
CA THR C 518 38.25 0.19 -16.63
C THR C 518 38.32 1.63 -17.15
N PHE C 519 39.15 1.89 -18.16
CA PHE C 519 39.30 3.23 -18.70
C PHE C 519 38.96 3.23 -20.18
N THR C 520 38.12 4.20 -20.58
CA THR C 520 37.86 4.50 -21.98
C THR C 520 38.20 5.96 -22.22
N SER C 521 39.11 6.22 -23.15
CA SER C 521 39.49 7.59 -23.45
C SER C 521 38.45 8.25 -24.34
N ARG C 522 38.61 9.56 -24.54
CA ARG C 522 37.67 10.30 -25.37
C ARG C 522 37.74 9.85 -26.82
N GLU C 523 38.90 9.40 -27.28
CA GLU C 523 39.01 8.92 -28.65
C GLU C 523 38.41 7.52 -28.80
N LYS C 524 38.46 6.71 -27.75
CA LYS C 524 37.87 5.38 -27.80
C LYS C 524 36.35 5.44 -27.68
N GLN C 525 35.84 6.30 -26.79
CA GLN C 525 34.40 6.42 -26.61
C GLN C 525 33.72 6.89 -27.89
N PHE C 526 34.44 7.62 -28.74
CA PHE C 526 33.85 8.06 -30.01
C PHE C 526 33.86 6.94 -31.02
N ASN C 527 34.99 6.24 -31.15
CA ASN C 527 35.13 5.21 -32.18
C ASN C 527 34.10 4.10 -32.00
N MSE C 528 33.90 3.65 -30.77
CA MSE C 528 32.92 2.60 -30.49
C MSE C 528 31.50 3.09 -30.76
O MSE C 528 30.67 2.36 -31.30
CB MSE C 528 33.05 2.13 -29.04
CG MSE C 528 34.35 1.42 -28.74
SE MSE C 528 34.47 0.93 -26.87
CE MSE C 528 34.56 2.73 -26.13
N LEU C 529 31.22 4.33 -30.35
CA LEU C 529 29.93 4.94 -30.68
C LEU C 529 29.79 5.10 -32.19
N LYS C 530 30.87 5.45 -32.87
CA LYS C 530 30.80 5.65 -34.32
C LYS C 530 30.48 4.34 -35.02
N VAL C 531 30.96 3.21 -34.48
CA VAL C 531 30.68 1.93 -35.10
C VAL C 531 29.23 1.54 -34.89
N ILE C 532 28.74 1.64 -33.66
CA ILE C 532 27.40 1.17 -33.35
C ILE C 532 26.35 2.09 -33.97
N LEU C 533 26.62 3.40 -34.00
CA LEU C 533 25.62 4.34 -34.52
C LEU C 533 25.57 4.29 -36.05
N THR C 534 26.73 4.33 -36.70
CA THR C 534 26.76 4.22 -38.16
C THR C 534 26.22 2.86 -38.61
N PHE C 535 26.40 1.82 -37.80
CA PHE C 535 25.78 0.53 -38.08
C PHE C 535 24.27 0.68 -38.16
N GLY C 536 23.64 1.14 -37.08
CA GLY C 536 22.20 1.30 -37.06
C GLY C 536 21.70 2.29 -38.09
N LYS C 537 22.55 3.22 -38.51
CA LYS C 537 22.14 4.20 -39.52
C LYS C 537 22.28 3.65 -40.93
N GLU C 538 23.38 2.96 -41.21
CA GLU C 538 23.57 2.42 -42.56
C GLU C 538 22.87 1.07 -42.73
N ALA C 539 22.71 0.30 -41.66
CA ALA C 539 21.91 -0.92 -41.77
C ALA C 539 20.42 -0.60 -41.86
N ARG C 540 20.00 0.58 -41.41
CA ARG C 540 18.67 1.06 -41.76
C ARG C 540 18.52 1.16 -43.27
N LYS C 541 19.55 1.70 -43.95
CA LYS C 541 19.51 1.77 -45.40
C LYS C 541 19.52 0.38 -46.03
N ALA C 542 20.07 -0.61 -45.32
CA ALA C 542 20.07 -1.97 -45.85
C ALA C 542 18.67 -2.58 -45.75
N LEU C 543 17.98 -2.34 -44.63
CA LEU C 543 16.63 -2.88 -44.48
C LEU C 543 15.64 -2.15 -45.37
N SER C 544 15.94 -0.91 -45.74
CA SER C 544 15.10 -0.17 -46.68
C SER C 544 15.44 -0.49 -48.12
N LEU C 545 16.35 -1.44 -48.37
CA LEU C 545 16.61 -1.96 -49.70
C LEU C 545 15.82 -3.23 -49.97
N GLY C 546 14.63 -3.34 -49.42
CA GLY C 546 13.81 -4.54 -49.61
C GLY C 546 14.41 -5.79 -49.02
N ALA C 547 15.14 -5.65 -47.91
CA ALA C 547 15.79 -6.78 -47.28
C ALA C 547 14.96 -7.28 -46.10
N TYR C 548 14.99 -8.60 -45.91
CA TYR C 548 14.35 -9.21 -44.76
C TYR C 548 15.23 -9.00 -43.53
N PHE C 549 14.64 -9.10 -42.35
CA PHE C 549 15.43 -8.88 -41.14
C PHE C 549 16.46 -9.98 -40.94
N ASN C 550 16.01 -11.24 -41.01
CA ASN C 550 16.86 -12.38 -40.70
C ASN C 550 18.21 -12.30 -41.38
N GLU C 551 18.24 -11.77 -42.61
CA GLU C 551 19.42 -11.85 -43.46
C GLU C 551 20.58 -10.99 -42.97
N ILE C 552 20.41 -9.67 -42.94
CA ILE C 552 21.55 -8.77 -42.75
C ILE C 552 22.33 -9.12 -41.49
N MSE C 553 21.65 -9.63 -40.48
CA MSE C 553 22.35 -10.06 -39.28
C MSE C 553 23.23 -11.28 -39.57
O MSE C 553 24.42 -11.25 -39.28
CB MSE C 553 21.36 -10.40 -38.15
CG MSE C 553 21.83 -11.55 -37.26
SE MSE C 553 21.69 -11.25 -35.34
CE MSE C 553 22.21 -13.03 -34.73
N GLU C 554 22.64 -12.32 -40.15
CA GLU C 554 23.35 -13.57 -40.37
C GLU C 554 24.64 -13.34 -41.14
N GLY C 555 24.62 -12.42 -42.10
CA GLY C 555 25.80 -12.06 -42.85
C GLY C 555 26.65 -10.97 -42.25
N THR C 556 26.43 -10.62 -40.97
CA THR C 556 27.26 -9.62 -40.30
C THR C 556 27.70 -10.07 -38.92
N VAL C 557 27.69 -11.38 -38.65
CA VAL C 557 28.11 -11.84 -37.33
C VAL C 557 29.59 -11.58 -37.11
N ALA C 558 30.37 -11.51 -38.18
CA ALA C 558 31.80 -11.27 -38.03
C ALA C 558 32.08 -9.81 -37.70
N VAL C 559 31.34 -8.89 -38.33
CA VAL C 559 31.44 -7.49 -37.95
C VAL C 559 30.89 -7.27 -36.55
N ARG C 560 29.78 -7.92 -36.24
CA ARG C 560 29.10 -7.68 -34.96
C ARG C 560 29.90 -8.20 -33.77
N GLU C 561 30.91 -9.03 -33.99
CA GLU C 561 31.77 -9.52 -32.92
C GLU C 561 32.94 -8.58 -32.67
N ARG C 562 33.56 -8.10 -33.74
CA ARG C 562 34.56 -7.03 -33.63
C ARG C 562 33.97 -5.82 -32.91
N ILE C 563 32.65 -5.63 -33.03
CA ILE C 563 31.97 -4.57 -32.29
C ILE C 563 31.90 -4.92 -30.81
N SER C 564 31.85 -6.20 -30.47
CA SER C 564 31.76 -6.61 -29.08
C SER C 564 33.07 -6.32 -28.34
N ARG C 565 34.20 -6.68 -28.95
CA ARG C 565 35.50 -6.47 -28.35
C ARG C 565 36.08 -5.10 -28.66
N SER C 566 35.21 -4.12 -28.98
CA SER C 566 35.71 -2.78 -29.29
C SER C 566 36.24 -2.08 -28.05
N LYS C 567 35.72 -2.42 -26.87
CA LYS C 567 36.26 -1.86 -25.64
C LYS C 567 37.68 -2.36 -25.41
N TYR C 568 38.00 -3.56 -25.91
CA TYR C 568 39.26 -4.20 -25.59
C TYR C 568 40.45 -3.60 -26.33
N ILE C 569 40.19 -2.81 -27.37
CA ILE C 569 41.29 -2.28 -28.19
C ILE C 569 42.17 -1.38 -27.36
N PRO C 570 43.49 -1.57 -27.34
CA PRO C 570 44.37 -0.66 -26.60
C PRO C 570 44.31 0.75 -27.20
N GLU C 571 44.68 1.72 -26.37
CA GLU C 571 44.60 3.12 -26.80
C GLU C 571 45.43 3.37 -28.05
N GLU C 572 46.57 2.68 -28.17
CA GLU C 572 47.42 2.88 -29.34
C GLU C 572 46.79 2.28 -30.60
N GLU C 573 46.04 1.19 -30.45
CA GLU C 573 45.50 0.45 -31.59
C GLU C 573 44.07 0.85 -31.93
N LEU C 574 43.75 2.15 -31.82
CA LEU C 574 42.38 2.60 -31.99
C LEU C 574 41.90 2.42 -33.43
N ALA C 575 42.82 2.49 -34.39
CA ALA C 575 42.48 2.33 -35.81
C ALA C 575 41.67 1.06 -36.03
N LYS C 576 41.87 0.08 -35.15
CA LYS C 576 41.07 -1.14 -35.19
C LYS C 576 39.58 -0.83 -35.04
N ILE C 577 39.26 0.11 -34.16
CA ILE C 577 37.85 0.44 -33.93
C ILE C 577 37.29 1.25 -35.08
N SER C 578 38.04 2.24 -35.57
CA SER C 578 37.56 3.09 -36.65
C SER C 578 37.46 2.34 -37.97
N SER C 579 38.17 1.22 -38.12
CA SER C 579 38.12 0.45 -39.35
C SER C 579 36.84 -0.36 -39.48
N ILE C 580 36.03 -0.45 -38.41
CA ILE C 580 34.78 -1.18 -38.48
C ILE C 580 33.70 -0.42 -39.22
N ASN C 581 33.91 0.87 -39.50
CA ASN C 581 32.90 1.66 -40.18
C ASN C 581 32.79 1.28 -41.64
N GLU C 582 33.92 0.93 -42.27
CA GLU C 582 33.90 0.62 -43.70
C GLU C 582 33.44 -0.81 -43.96
N GLU C 583 33.76 -1.74 -43.06
CA GLU C 583 33.35 -3.12 -43.27
C GLU C 583 31.86 -3.30 -43.02
N ILE C 584 31.29 -2.50 -42.11
CA ILE C 584 29.85 -2.57 -41.89
C ILE C 584 29.11 -2.03 -43.11
N LYS C 585 29.68 -1.04 -43.79
CA LYS C 585 29.06 -0.53 -45.01
C LYS C 585 29.14 -1.54 -46.13
N GLU C 586 30.27 -2.25 -46.24
CA GLU C 586 30.46 -3.23 -47.30
C GLU C 586 29.71 -4.52 -47.01
N GLU D 11 15.87 46.40 25.63
CA GLU D 11 16.68 45.28 25.15
C GLU D 11 16.72 44.18 26.19
N TYR D 12 16.62 42.93 25.72
CA TYR D 12 16.53 41.75 26.59
C TYR D 12 17.81 40.94 26.49
N ARG D 13 18.37 40.58 27.63
CA ARG D 13 19.52 39.69 27.73
C ARG D 13 19.15 38.41 28.45
N THR D 14 17.93 37.94 28.23
CA THR D 14 17.38 36.78 28.93
C THR D 14 17.17 35.65 27.93
N ILE D 15 18.17 34.78 27.82
CA ILE D 15 18.11 33.60 26.97
C ILE D 15 17.99 32.38 27.86
N LYS D 16 16.86 31.68 27.76
CA LYS D 16 16.60 30.52 28.61
C LYS D 16 16.99 29.22 27.93
N GLU D 17 16.34 28.91 26.80
CA GLU D 17 16.55 27.65 26.10
C GLU D 17 17.06 27.91 24.68
N VAL D 18 17.95 27.04 24.22
CA VAL D 18 18.46 27.07 22.86
C VAL D 18 18.58 25.63 22.39
N VAL D 19 17.72 25.24 21.44
CA VAL D 19 17.65 23.88 20.93
C VAL D 19 17.88 23.98 19.43
N GLY D 20 19.11 23.70 18.99
CA GLY D 20 19.47 23.85 17.61
C GLY D 20 19.42 25.29 17.17
N PRO D 21 18.92 25.53 15.94
CA PRO D 21 18.76 26.91 15.47
C PRO D 21 17.60 27.66 16.14
N LEU D 22 16.85 27.02 17.03
CA LEU D 22 15.75 27.66 17.72
C LEU D 22 16.19 28.10 19.11
N MSE D 23 15.67 29.22 19.56
CA MSE D 23 15.98 29.71 20.91
C MSE D 23 14.77 30.41 21.53
O MSE D 23 13.94 30.98 20.82
CB MSE D 23 17.19 30.64 20.87
CG MSE D 23 16.91 32.05 20.37
SE MSE D 23 18.54 33.06 19.98
CE MSE D 23 19.56 32.68 21.59
N ALA D 24 14.68 30.38 22.86
CA ALA D 24 13.57 30.97 23.59
C ALA D 24 14.09 32.11 24.46
N VAL D 25 13.30 33.18 24.54
CA VAL D 25 13.66 34.38 25.29
C VAL D 25 12.52 34.67 26.27
N GLU D 26 12.83 34.61 27.56
CA GLU D 26 11.84 34.90 28.59
C GLU D 26 11.82 36.39 28.91
N LYS D 27 10.94 36.78 29.83
CA LYS D 27 10.77 38.16 30.26
C LYS D 27 10.43 39.07 29.09
N VAL D 28 9.34 38.72 28.40
CA VAL D 28 8.91 39.42 27.20
C VAL D 28 7.48 39.90 27.37
N SER D 29 7.11 40.91 26.60
CA SER D 29 5.77 41.48 26.65
C SER D 29 5.50 42.22 25.36
N GLY D 30 4.25 42.15 24.90
CA GLY D 30 3.88 42.81 23.66
C GLY D 30 4.51 42.21 22.42
N VAL D 31 4.98 40.97 22.49
CA VAL D 31 5.60 40.32 21.35
C VAL D 31 4.52 39.80 20.42
N LYS D 32 4.77 39.86 19.12
CA LYS D 32 3.82 39.42 18.11
C LYS D 32 4.38 38.25 17.32
N TYR D 33 3.51 37.61 16.55
CA TYR D 33 3.91 36.46 15.75
C TYR D 33 4.61 36.93 14.48
N GLU D 34 5.60 36.14 14.04
CA GLU D 34 6.45 36.48 12.89
C GLU D 34 7.13 37.84 13.07
N GLU D 35 7.35 38.24 14.31
CA GLU D 35 8.03 39.50 14.60
C GLU D 35 9.54 39.32 14.42
N LEU D 36 10.18 40.34 13.85
CA LEU D 36 11.61 40.29 13.63
C LEU D 36 12.36 40.56 14.92
N ILE D 37 13.37 39.74 15.21
CA ILE D 37 14.21 39.91 16.38
C ILE D 37 15.66 40.04 15.92
N GLU D 38 16.53 40.40 16.86
CA GLU D 38 17.94 40.65 16.57
C GLU D 38 18.77 40.21 17.77
N VAL D 39 19.62 39.20 17.57
CA VAL D 39 20.44 38.67 18.65
C VAL D 39 21.77 39.41 18.70
N ARG D 40 22.14 39.88 19.88
CA ARG D 40 23.43 40.52 20.11
C ARG D 40 24.28 39.54 20.91
N MSE D 41 25.24 38.91 20.25
CA MSE D 41 26.06 37.87 20.86
C MSE D 41 27.13 38.42 21.79
O MSE D 41 27.33 39.63 21.89
CB MSE D 41 26.73 37.01 19.78
CG MSE D 41 25.74 36.20 18.94
SE MSE D 41 26.61 35.24 17.48
CE MSE D 41 27.93 34.24 18.50
N GLN D 42 27.84 37.51 22.47
CA GLN D 42 28.83 37.92 23.45
C GLN D 42 30.05 38.53 22.78
N ASN D 43 30.29 38.20 21.52
CA ASN D 43 31.41 38.76 20.77
C ASN D 43 31.01 39.95 19.92
N GLY D 44 29.79 40.47 20.09
CA GLY D 44 29.34 41.60 19.31
C GLY D 44 28.69 41.25 17.99
N GLU D 45 28.72 39.97 17.60
CA GLU D 45 28.11 39.57 16.34
C GLU D 45 26.60 39.74 16.39
N ILE D 46 26.01 40.19 15.29
CA ILE D 46 24.58 40.48 15.21
C ILE D 46 23.93 39.45 14.30
N ARG D 47 22.91 38.77 14.82
CA ARG D 47 22.13 37.83 14.05
C ARG D 47 20.65 38.14 14.19
N ARG D 48 19.90 37.90 13.13
CA ARG D 48 18.49 38.24 13.04
C ARG D 48 17.65 36.98 13.20
N GLY D 49 16.36 37.19 13.47
CA GLY D 49 15.46 36.07 13.67
C GLY D 49 14.02 36.48 13.51
N GLN D 50 13.16 35.47 13.41
CA GLN D 50 11.73 35.67 13.28
C GLN D 50 11.01 34.87 14.34
N VAL D 51 9.86 35.39 14.79
CA VAL D 51 9.11 34.77 15.86
C VAL D 51 8.28 33.63 15.27
N LEU D 52 8.58 32.40 15.67
CA LEU D 52 7.77 31.26 15.27
C LEU D 52 6.66 30.93 16.28
N GLU D 53 6.76 31.45 17.50
CA GLU D 53 5.78 31.17 18.54
C GLU D 53 5.97 32.17 19.67
N VAL D 54 4.85 32.68 20.21
CA VAL D 54 4.89 33.60 21.34
C VAL D 54 4.02 33.07 22.47
N GLN D 55 4.50 33.24 23.69
CA GLN D 55 3.74 32.98 24.91
C GLN D 55 3.81 34.23 25.78
N GLU D 56 3.02 34.24 26.85
CA GLU D 56 2.97 35.42 27.70
C GLU D 56 4.31 35.67 28.38
N ASP D 57 4.97 34.61 28.84
CA ASP D 57 6.24 34.74 29.55
C ASP D 57 7.45 34.36 28.72
N LYS D 58 7.27 33.93 27.47
CA LYS D 58 8.41 33.53 26.65
C LYS D 58 8.01 33.58 25.17
N ALA D 59 9.03 33.58 24.32
CA ALA D 59 8.80 33.63 22.88
C ALA D 59 9.94 32.90 22.18
N MSE D 60 9.60 31.92 21.35
CA MSE D 60 10.58 31.16 20.58
C MSE D 60 10.86 31.83 19.23
O MSE D 60 9.95 32.29 18.57
CB MSE D 60 10.10 29.72 20.36
CG MSE D 60 11.05 28.83 19.59
SE MSE D 60 10.30 27.09 19.16
CE MSE D 60 8.86 27.65 17.96
N VAL D 61 12.13 31.87 18.84
CA VAL D 61 12.54 32.48 17.57
C VAL D 61 13.59 31.60 16.92
N GLN D 62 13.55 31.54 15.58
CA GLN D 62 14.57 30.86 14.80
C GLN D 62 15.54 31.88 14.24
N ILE D 63 16.83 31.68 14.49
CA ILE D 63 17.86 32.56 14.00
C ILE D 63 18.21 32.18 12.57
N PHE D 64 18.30 33.18 11.69
CA PHE D 64 18.66 32.90 10.30
C PHE D 64 20.06 32.33 10.21
N GLU D 65 21.05 33.05 10.75
CA GLU D 65 22.43 32.59 10.68
C GLU D 65 22.70 31.37 11.56
N GLY D 66 21.78 31.01 12.45
CA GLY D 66 21.95 29.87 13.32
C GLY D 66 22.39 30.27 14.71
N THR D 67 22.46 29.27 15.59
CA THR D 67 22.86 29.47 16.98
C THR D 67 24.26 28.90 17.24
N SER D 68 25.11 28.88 16.22
CA SER D 68 26.45 28.30 16.37
C SER D 68 27.34 29.25 17.15
N GLY D 69 27.77 28.83 18.34
CA GLY D 69 28.69 29.63 19.13
C GLY D 69 28.04 30.69 20.00
N ILE D 70 26.74 30.58 20.27
CA ILE D 70 26.02 31.60 21.03
C ILE D 70 26.03 31.20 22.51
N ASN D 71 26.49 32.11 23.36
CA ASN D 71 26.48 31.91 24.80
C ASN D 71 25.20 32.50 25.37
N LEU D 72 24.38 31.66 26.01
CA LEU D 72 23.07 32.11 26.45
C LEU D 72 23.18 33.19 27.52
N LYS D 73 24.17 33.06 28.40
CA LYS D 73 24.26 33.96 29.55
C LYS D 73 24.66 35.37 29.12
N ASN D 74 25.58 35.49 28.16
CA ASN D 74 26.13 36.77 27.77
C ASN D 74 25.59 37.28 26.45
N SER D 75 24.49 36.73 25.96
CA SER D 75 23.87 37.18 24.72
C SER D 75 22.66 38.05 25.01
N SER D 76 22.23 38.78 23.98
CA SER D 76 21.11 39.70 24.10
C SER D 76 20.25 39.58 22.84
N VAL D 77 18.97 39.95 22.97
CA VAL D 77 18.01 39.86 21.88
C VAL D 77 17.17 41.13 21.84
N ARG D 78 17.03 41.70 20.65
CA ARG D 78 16.26 42.93 20.45
C ARG D 78 15.02 42.62 19.62
N PHE D 79 13.85 43.05 20.10
CA PHE D 79 12.60 42.86 19.38
C PHE D 79 12.30 44.12 18.57
N LEU D 80 12.11 43.95 17.26
CA LEU D 80 11.91 45.09 16.38
C LEU D 80 10.47 45.59 16.39
N GLY D 81 9.50 44.70 16.64
CA GLY D 81 8.12 45.10 16.68
C GLY D 81 7.43 45.17 15.34
N HIS D 82 7.98 44.54 14.31
CA HIS D 82 7.37 44.55 12.98
C HIS D 82 7.82 43.30 12.24
N PRO D 83 6.97 42.72 11.39
CA PRO D 83 7.37 41.53 10.64
C PRO D 83 8.25 41.85 9.45
N LEU D 84 8.40 40.89 8.55
CA LEU D 84 9.18 41.10 7.33
C LEU D 84 8.42 42.01 6.39
N GLN D 85 8.88 43.25 6.25
CA GLN D 85 8.27 44.21 5.34
C GLN D 85 9.19 44.43 4.15
N LEU D 86 8.60 44.86 3.04
CA LEU D 86 9.32 45.13 1.81
C LEU D 86 9.45 46.64 1.61
N GLY D 87 10.67 47.11 1.43
CA GLY D 87 10.88 48.51 1.08
C GLY D 87 10.56 48.75 -0.38
N VAL D 88 9.29 48.90 -0.70
CA VAL D 88 8.84 48.96 -2.09
C VAL D 88 9.16 50.33 -2.67
N SER D 89 9.49 50.35 -3.96
CA SER D 89 9.74 51.58 -4.69
C SER D 89 9.70 51.28 -6.18
N GLU D 90 9.58 52.33 -6.98
CA GLU D 90 9.55 52.17 -8.43
C GLU D 90 10.94 51.98 -9.02
N ASP D 91 11.99 52.33 -8.29
CA ASP D 91 13.36 52.17 -8.76
C ASP D 91 13.86 50.74 -8.65
N MSE D 92 13.00 49.79 -8.29
CA MSE D 92 13.39 48.39 -8.13
C MSE D 92 13.62 47.71 -9.48
O MSE D 92 14.20 46.62 -9.53
CB MSE D 92 12.31 47.63 -7.35
CG MSE D 92 12.22 47.99 -5.87
SE MSE D 92 10.68 47.15 -5.00
CE MSE D 92 10.99 45.32 -5.57
N ILE D 93 13.17 48.34 -10.55
CA ILE D 93 13.29 47.75 -11.89
C ILE D 93 14.76 47.65 -12.25
N GLY D 94 15.21 46.44 -12.58
CA GLY D 94 16.59 46.19 -12.89
C GLY D 94 17.45 45.76 -11.72
N ARG D 95 16.90 45.76 -10.51
CA ARG D 95 17.64 45.42 -9.30
C ARG D 95 17.31 43.99 -8.87
N VAL D 96 18.31 43.29 -8.36
CA VAL D 96 18.17 41.91 -7.92
C VAL D 96 18.41 41.85 -6.41
N PHE D 97 17.46 41.28 -5.67
CA PHE D 97 17.54 41.15 -4.24
C PHE D 97 17.71 39.68 -3.86
N ASP D 98 17.63 39.40 -2.56
CA ASP D 98 17.65 38.03 -2.05
C ASP D 98 16.28 37.68 -1.50
N GLY D 99 16.22 36.57 -0.76
CA GLY D 99 14.95 36.11 -0.23
C GLY D 99 14.36 37.00 0.84
N LEU D 100 15.15 37.95 1.36
CA LEU D 100 14.70 38.84 2.42
C LEU D 100 14.70 40.29 1.97
N GLY D 101 14.78 40.55 0.67
CA GLY D 101 14.80 41.91 0.17
C GLY D 101 16.13 42.62 0.26
N ARG D 102 17.17 41.96 0.75
CA ARG D 102 18.49 42.58 0.82
C ARG D 102 19.08 42.70 -0.59
N PRO D 103 19.85 43.75 -0.87
CA PRO D 103 20.45 43.88 -2.19
C PRO D 103 21.48 42.79 -2.45
N LYS D 104 21.57 42.37 -3.71
CA LYS D 104 22.50 41.34 -4.14
C LYS D 104 23.43 41.79 -5.25
N ASP D 105 23.02 42.74 -6.09
CA ASP D 105 23.83 43.18 -7.22
C ASP D 105 24.82 44.28 -6.84
N ASN D 106 24.82 44.73 -5.59
CA ASN D 106 25.74 45.77 -5.11
C ASN D 106 25.60 47.06 -5.94
N GLY D 107 24.37 47.39 -6.30
CA GLY D 107 24.10 48.63 -6.99
C GLY D 107 23.74 49.73 -6.01
N PRO D 108 23.15 50.82 -6.52
CA PRO D 108 22.78 51.93 -5.64
C PRO D 108 21.61 51.56 -4.73
N GLU D 109 21.58 52.21 -3.58
CA GLU D 109 20.52 51.97 -2.61
C GLU D 109 19.19 52.48 -3.12
N ILE D 110 18.11 51.90 -2.61
CA ILE D 110 16.75 52.25 -3.02
C ILE D 110 16.04 52.87 -1.82
N LEU D 111 15.60 54.12 -1.97
CA LEU D 111 14.79 54.78 -0.96
C LEU D 111 13.36 54.26 -1.06
N PRO D 112 12.87 53.58 -0.03
CA PRO D 112 11.54 52.96 -0.13
C PRO D 112 10.43 54.01 -0.20
N GLU D 113 9.54 53.84 -1.17
CA GLU D 113 8.35 54.69 -1.24
C GLU D 113 7.37 54.32 -0.12
N LYS D 114 7.26 53.03 0.19
CA LYS D 114 6.40 52.54 1.26
C LYS D 114 7.01 51.27 1.83
N TYR D 115 6.57 50.90 3.03
CA TYR D 115 6.94 49.65 3.66
C TYR D 115 5.67 48.82 3.84
N LEU D 116 5.54 47.76 3.05
CA LEU D 116 4.36 46.91 3.07
C LEU D 116 4.73 45.53 3.62
N ASP D 117 3.89 45.00 4.49
CA ASP D 117 4.10 43.64 4.98
C ASP D 117 3.89 42.65 3.85
N ILE D 118 4.73 41.61 3.81
CA ILE D 118 4.75 40.71 2.66
C ILE D 118 3.53 39.82 2.57
N ASN D 119 2.62 39.86 3.54
CA ASN D 119 1.47 38.96 3.53
C ASN D 119 0.49 39.34 2.44
N GLY D 120 0.17 40.63 2.32
CA GLY D 120 -0.82 41.07 1.34
C GLY D 120 -2.24 40.94 1.84
N GLU D 121 -3.18 41.18 0.92
CA GLU D 121 -4.59 41.16 1.23
C GLU D 121 -5.32 40.26 0.24
N VAL D 122 -6.47 39.75 0.67
CA VAL D 122 -7.27 38.84 -0.15
C VAL D 122 -8.10 39.64 -1.12
N ILE D 123 -8.04 39.27 -2.40
CA ILE D 123 -8.79 39.96 -3.44
C ILE D 123 -10.26 39.62 -3.32
N ASN D 124 -11.12 40.63 -3.38
CA ASN D 124 -12.56 40.41 -3.41
C ASN D 124 -12.94 39.68 -4.68
N PRO D 125 -13.63 38.54 -4.60
CA PRO D 125 -13.95 37.79 -5.83
C PRO D 125 -14.85 38.54 -6.79
N ILE D 126 -15.76 39.39 -6.29
CA ILE D 126 -16.60 40.14 -7.21
C ILE D 126 -15.83 41.32 -7.79
N ALA D 127 -14.78 41.77 -7.12
CA ALA D 127 -13.94 42.83 -7.66
C ALA D 127 -12.99 42.31 -8.74
N ARG D 128 -12.74 41.00 -8.76
CA ARG D 128 -11.86 40.42 -9.76
C ARG D 128 -12.48 40.55 -11.15
N ASP D 129 -11.65 40.83 -12.14
CA ASP D 129 -12.08 41.04 -13.51
C ASP D 129 -11.70 39.85 -14.37
N TYR D 130 -12.35 39.73 -15.52
CA TYR D 130 -12.12 38.59 -16.39
C TYR D 130 -10.87 38.80 -17.22
N PRO D 131 -9.90 37.87 -17.20
CA PRO D 131 -8.73 38.00 -18.09
C PRO D 131 -9.13 37.77 -19.54
N ASP D 132 -8.86 38.76 -20.39
CA ASP D 132 -9.28 38.70 -21.79
C ASP D 132 -8.15 38.80 -22.80
N GLU D 133 -6.96 39.21 -22.39
CA GLU D 133 -5.88 39.47 -23.34
C GLU D 133 -4.98 38.24 -23.50
N PHE D 134 -4.59 37.97 -24.74
CA PHE D 134 -3.74 36.84 -25.06
C PHE D 134 -2.27 37.17 -24.80
N ILE D 135 -1.51 36.18 -24.38
CA ILE D 135 -0.09 36.33 -24.10
C ILE D 135 0.69 35.39 -25.02
N GLN D 136 1.60 35.96 -25.81
CA GLN D 136 2.40 35.18 -26.75
C GLN D 136 3.69 34.78 -26.05
N THR D 137 3.74 33.55 -25.55
CA THR D 137 4.93 33.04 -24.88
C THR D 137 6.01 32.60 -25.86
N GLY D 138 5.73 32.58 -27.16
CA GLY D 138 6.69 32.13 -28.13
C GLY D 138 6.80 30.62 -28.27
N ILE D 139 6.05 29.85 -27.49
CA ILE D 139 6.10 28.40 -27.53
C ILE D 139 4.86 27.89 -28.26
N SER D 140 5.07 27.03 -29.25
CA SER D 140 3.94 26.50 -30.02
C SER D 140 3.06 25.62 -29.16
N ALA D 141 3.67 24.82 -28.27
CA ALA D 141 2.90 23.91 -27.43
C ALA D 141 2.05 24.64 -26.42
N ILE D 142 2.38 25.89 -26.10
CA ILE D 142 1.66 26.64 -25.08
C ILE D 142 0.68 27.59 -25.75
N ASP D 143 1.19 28.50 -26.59
CA ASP D 143 0.36 29.56 -27.13
C ASP D 143 -0.81 29.03 -27.97
N HIS D 144 -0.66 27.84 -28.54
CA HIS D 144 -1.67 27.27 -29.42
C HIS D 144 -2.62 26.32 -28.70
N LEU D 145 -2.08 25.38 -27.94
CA LEU D 145 -2.89 24.33 -27.34
C LEU D 145 -3.21 24.55 -25.87
N ASN D 146 -2.44 25.40 -25.18
CA ASN D 146 -2.64 25.67 -23.76
C ASN D 146 -2.44 27.17 -23.51
N THR D 147 -3.32 27.98 -24.09
CA THR D 147 -3.08 29.41 -24.19
C THR D 147 -3.07 30.08 -22.83
N LEU D 148 -2.04 30.90 -22.59
CA LEU D 148 -1.95 31.71 -21.38
C LEU D 148 -2.68 33.02 -21.58
N VAL D 149 -3.37 33.48 -20.53
CA VAL D 149 -4.16 34.69 -20.58
C VAL D 149 -3.64 35.67 -19.53
N ARG D 150 -3.76 36.96 -19.83
CA ARG D 150 -3.21 38.01 -18.96
C ARG D 150 -4.07 38.11 -17.70
N GLY D 151 -3.55 37.56 -16.61
CA GLY D 151 -4.27 37.47 -15.37
C GLY D 151 -4.60 36.06 -14.93
N GLN D 152 -3.99 35.04 -15.53
CA GLN D 152 -4.29 33.64 -15.26
C GLN D 152 -3.22 33.03 -14.37
N LYS D 153 -3.65 32.07 -13.54
CA LYS D 153 -2.74 31.24 -12.77
C LYS D 153 -2.53 29.95 -13.55
N LEU D 154 -1.40 29.84 -14.23
CA LEU D 154 -1.06 28.65 -15.02
C LEU D 154 0.31 28.14 -14.60
N PRO D 155 0.39 27.03 -13.88
CA PRO D 155 1.69 26.55 -13.40
C PRO D 155 2.41 25.67 -14.41
N VAL D 156 3.60 25.22 -14.06
CA VAL D 156 4.40 24.33 -14.90
C VAL D 156 4.80 23.14 -14.04
N PHE D 157 4.21 21.98 -14.30
CA PHE D 157 4.53 20.77 -13.55
C PHE D 157 5.75 20.11 -14.20
N SER D 158 6.88 20.14 -13.50
CA SER D 158 8.13 19.57 -13.98
C SER D 158 8.57 18.43 -13.05
N GLY D 159 9.82 18.03 -13.17
CA GLY D 159 10.36 16.98 -12.33
C GLY D 159 11.84 17.17 -12.10
N SER D 160 12.38 16.37 -11.18
CA SER D 160 13.79 16.41 -10.85
C SER D 160 14.60 15.89 -12.03
N GLY D 161 15.31 16.78 -12.71
CA GLY D 161 16.08 16.44 -13.88
C GLY D 161 15.50 16.95 -15.18
N LEU D 162 14.23 17.37 -15.18
CA LEU D 162 13.60 17.90 -16.38
C LEU D 162 14.07 19.34 -16.61
N PRO D 163 14.22 19.76 -17.86
CA PRO D 163 14.73 21.11 -18.13
C PRO D 163 13.71 22.20 -17.85
N HIS D 164 13.39 22.40 -16.57
CA HIS D 164 12.49 23.49 -16.22
C HIS D 164 13.20 24.82 -16.07
N LYS D 165 14.52 24.80 -15.85
CA LYS D 165 15.26 26.06 -15.75
C LYS D 165 15.41 26.72 -17.11
N GLU D 166 15.68 25.92 -18.16
CA GLU D 166 15.77 26.47 -19.50
C GLU D 166 14.42 27.03 -19.94
N LEU D 167 13.34 26.35 -19.59
CA LEU D 167 12.02 26.82 -19.98
C LEU D 167 11.61 28.05 -19.18
N ALA D 168 12.04 28.15 -17.93
CA ALA D 168 11.74 29.33 -17.13
C ALA D 168 12.46 30.56 -17.68
N ALA D 169 13.68 30.37 -18.18
CA ALA D 169 14.41 31.46 -18.80
C ALA D 169 13.89 31.81 -20.18
N GLN D 170 13.14 30.90 -20.82
CA GLN D 170 12.63 31.17 -22.16
C GLN D 170 11.30 31.91 -22.11
N ILE D 171 10.43 31.51 -21.19
CA ILE D 171 9.11 32.14 -21.12
C ILE D 171 9.23 33.60 -20.71
N ALA D 172 10.00 33.88 -19.67
CA ALA D 172 10.16 35.27 -19.23
C ALA D 172 10.91 36.10 -20.27
N ARG D 173 11.70 35.46 -21.13
CA ARG D 173 12.41 36.19 -22.18
C ARG D 173 11.50 36.46 -23.37
N GLN D 174 10.59 35.54 -23.66
CA GLN D 174 9.76 35.62 -24.87
C GLN D 174 8.32 36.03 -24.57
N ALA D 175 8.03 36.48 -23.35
CA ALA D 175 6.67 36.87 -22.99
C ALA D 175 6.39 38.29 -23.46
N THR D 176 5.36 38.45 -24.29
CA THR D 176 4.98 39.76 -24.79
C THR D 176 3.50 39.78 -25.12
N VAL D 177 2.92 40.97 -25.07
CA VAL D 177 1.50 41.18 -25.37
C VAL D 177 1.39 41.88 -26.72
N LEU D 178 0.38 41.51 -27.49
CA LEU D 178 0.23 42.01 -28.85
C LEU D 178 -0.35 43.42 -28.86
N ASP D 179 0.27 44.31 -29.63
CA ASP D 179 -0.28 45.62 -30.00
C ASP D 179 -0.68 46.46 -28.79
N SER D 180 -0.17 46.14 -27.60
CA SER D 180 -0.57 46.89 -26.42
C SER D 180 0.25 48.16 -26.25
N SER D 181 1.44 48.20 -26.84
CA SER D 181 2.38 49.33 -26.76
C SER D 181 2.86 49.61 -25.34
N ASP D 182 2.64 48.69 -24.41
CA ASP D 182 3.16 48.79 -23.05
C ASP D 182 3.96 47.54 -22.74
N ASP D 183 5.15 47.72 -22.15
CA ASP D 183 6.05 46.60 -21.93
C ASP D 183 5.59 45.75 -20.75
N PHE D 184 5.76 44.43 -20.89
CA PHE D 184 5.41 43.50 -19.83
C PHE D 184 6.43 43.59 -18.69
N ALA D 185 5.93 43.51 -17.45
CA ALA D 185 6.78 43.48 -16.28
C ALA D 185 6.93 42.05 -15.80
N VAL D 186 8.16 41.66 -15.50
CA VAL D 186 8.49 40.30 -15.08
C VAL D 186 8.97 40.33 -13.64
N VAL D 187 8.38 39.49 -12.80
CA VAL D 187 8.79 39.32 -11.41
C VAL D 187 9.21 37.87 -11.25
N PHE D 188 10.52 37.63 -11.22
CA PHE D 188 11.07 36.30 -11.08
C PHE D 188 11.51 36.08 -9.64
N ALA D 189 11.21 34.89 -9.10
CA ALA D 189 11.50 34.57 -7.71
C ALA D 189 12.05 33.15 -7.64
N ALA D 190 13.37 33.04 -7.44
CA ALA D 190 14.01 31.74 -7.29
C ALA D 190 13.92 31.30 -5.83
N ILE D 191 13.27 30.18 -5.58
CA ILE D 191 12.96 29.72 -4.22
C ILE D 191 13.80 28.48 -3.97
N GLY D 192 14.86 28.64 -3.17
CA GLY D 192 15.64 27.49 -2.72
C GLY D 192 16.38 26.75 -3.81
N ILE D 193 16.72 27.42 -4.91
CA ILE D 193 17.45 26.78 -5.99
C ILE D 193 18.93 26.80 -5.68
N THR D 194 19.71 26.08 -6.48
CA THR D 194 21.15 26.04 -6.30
C THR D 194 21.79 27.31 -6.86
N PHE D 195 23.03 27.55 -6.44
CA PHE D 195 23.76 28.71 -6.94
C PHE D 195 24.02 28.61 -8.43
N GLU D 196 24.16 27.39 -8.95
CA GLU D 196 24.36 27.21 -10.38
C GLU D 196 23.09 27.57 -11.16
N GLU D 197 21.95 27.01 -10.75
CA GLU D 197 20.69 27.34 -11.41
C GLU D 197 20.34 28.81 -11.21
N ALA D 198 20.71 29.38 -10.06
CA ALA D 198 20.49 30.81 -9.85
C ALA D 198 21.36 31.64 -10.77
N GLU D 199 22.62 31.23 -10.97
CA GLU D 199 23.49 31.96 -11.88
C GLU D 199 23.04 31.80 -13.32
N PHE D 200 22.45 30.66 -13.68
CA PHE D 200 21.93 30.48 -15.03
C PHE D 200 20.80 31.45 -15.31
N PHE D 201 19.93 31.68 -14.32
CA PHE D 201 18.84 32.62 -14.51
C PHE D 201 19.35 34.06 -14.60
N MSE D 202 20.24 34.44 -13.69
CA MSE D 202 20.75 35.81 -13.65
C MSE D 202 21.59 36.13 -14.88
O MSE D 202 21.55 37.25 -15.38
CB MSE D 202 21.58 36.03 -12.38
CG MSE D 202 20.79 35.97 -11.08
SE MSE D 202 21.87 36.41 -9.52
CE MSE D 202 23.20 34.99 -9.67
N GLU D 203 22.35 35.15 -15.36
CA GLU D 203 23.17 35.38 -16.54
C GLU D 203 22.31 35.48 -17.80
N ASP D 204 21.16 34.82 -17.82
CA ASP D 204 20.31 34.85 -19.00
C ASP D 204 19.48 36.14 -19.07
N PHE D 205 19.07 36.66 -17.90
CA PHE D 205 18.32 37.90 -17.89
C PHE D 205 19.20 39.10 -18.21
N ARG D 206 20.48 39.05 -17.84
CA ARG D 206 21.38 40.17 -18.13
C ARG D 206 21.88 40.15 -19.57
N GLN D 207 22.11 38.95 -20.13
CA GLN D 207 22.68 38.84 -21.46
C GLN D 207 21.68 39.21 -22.55
N THR D 208 20.39 39.15 -22.26
CA THR D 208 19.36 39.41 -23.26
C THR D 208 18.66 40.75 -23.07
N GLY D 209 19.01 41.51 -22.04
CA GLY D 209 18.34 42.76 -21.78
C GLY D 209 17.00 42.63 -21.08
N ALA D 210 16.59 41.41 -20.73
CA ALA D 210 15.34 41.24 -20.01
C ALA D 210 15.42 41.74 -18.57
N ILE D 211 16.63 41.92 -18.04
CA ILE D 211 16.78 42.45 -16.69
C ILE D 211 16.30 43.89 -16.63
N ASP D 212 16.35 44.60 -17.77
CA ASP D 212 15.81 45.96 -17.84
C ASP D 212 14.30 45.99 -17.64
N ARG D 213 13.64 44.84 -17.68
CA ARG D 213 12.19 44.76 -17.47
C ARG D 213 11.83 43.98 -16.21
N SER D 214 12.81 43.47 -15.47
CA SER D 214 12.55 42.47 -14.44
C SER D 214 13.02 42.94 -13.08
N VAL D 215 12.43 42.34 -12.05
CA VAL D 215 12.86 42.49 -10.66
C VAL D 215 13.03 41.08 -10.10
N MSE D 216 14.26 40.71 -9.77
CA MSE D 216 14.54 39.34 -9.35
C MSE D 216 14.79 39.20 -7.86
O MSE D 216 15.55 39.98 -7.27
CB MSE D 216 15.74 38.80 -10.13
CG MSE D 216 15.59 38.90 -11.65
SE MSE D 216 17.17 38.30 -12.62
CE MSE D 216 17.17 36.42 -12.08
N PHE D 217 14.15 38.20 -7.25
CA PHE D 217 14.40 37.81 -5.88
C PHE D 217 15.08 36.45 -5.88
N MSE D 218 16.24 36.37 -5.24
CA MSE D 218 17.04 35.15 -5.30
C MSE D 218 17.31 34.53 -3.93
O MSE D 218 18.12 35.04 -3.16
CB MSE D 218 18.37 35.42 -6.01
CG MSE D 218 18.21 36.11 -7.35
SE MSE D 218 17.04 35.13 -8.58
CE MSE D 218 18.27 33.68 -9.05
N ASN D 219 16.62 33.43 -3.64
CA ASN D 219 16.79 32.68 -2.41
C ASN D 219 17.48 31.37 -2.71
N LEU D 220 18.68 31.18 -2.17
CA LEU D 220 19.45 29.99 -2.43
C LEU D 220 18.93 28.81 -1.58
N ALA D 221 19.52 27.64 -1.81
CA ALA D 221 19.09 26.45 -1.11
C ALA D 221 19.66 26.38 0.31
N ASN D 222 20.90 26.83 0.48
CA ASN D 222 21.54 26.76 1.80
C ASN D 222 21.06 27.85 2.74
N ASP D 223 20.32 28.84 2.25
CA ASP D 223 19.75 29.87 3.09
C ASP D 223 18.68 29.27 4.01
N PRO D 224 18.35 29.95 5.11
CA PRO D 224 17.45 29.36 6.10
C PRO D 224 16.08 29.01 5.51
N ALA D 225 15.40 28.08 6.18
CA ALA D 225 14.07 27.69 5.75
C ALA D 225 13.09 28.83 5.91
N ILE D 226 13.23 29.63 6.96
CA ILE D 226 12.36 30.79 7.14
C ILE D 226 12.62 31.81 6.04
N GLU D 227 13.80 31.76 5.42
CA GLU D 227 14.06 32.65 4.30
C GLU D 227 13.35 32.18 3.04
N ARG D 228 13.13 30.87 2.89
CA ARG D 228 12.43 30.38 1.71
C ARG D 228 10.94 30.69 1.79
N ILE D 229 10.38 30.76 2.99
CA ILE D 229 8.94 30.96 3.12
C ILE D 229 8.56 32.39 2.74
N ALA D 230 9.43 33.36 3.06
CA ALA D 230 9.13 34.75 2.76
C ALA D 230 9.41 35.12 1.32
N THR D 231 10.17 34.30 0.59
CA THR D 231 10.57 34.66 -0.76
C THR D 231 9.38 34.83 -1.71
N PRO D 232 8.40 33.93 -1.76
CA PRO D 232 7.21 34.21 -2.59
C PRO D 232 6.41 35.40 -2.07
N ARG D 233 6.38 35.60 -0.75
CA ARG D 233 5.65 36.74 -0.19
C ARG D 233 6.34 38.06 -0.52
N MSE D 234 7.65 38.04 -0.75
CA MSE D 234 8.38 39.23 -1.15
C MSE D 234 8.06 39.61 -2.59
O MSE D 234 7.85 40.78 -2.91
CB MSE D 234 9.88 39.02 -1.00
CG MSE D 234 10.37 38.96 0.45
SE MSE D 234 10.74 40.72 1.20
CE MSE D 234 11.11 40.19 3.05
N ALA D 235 8.03 38.59 -3.45
CA ALA D 235 7.82 38.85 -4.88
C ALA D 235 6.40 39.30 -5.17
N LEU D 236 5.42 38.62 -4.56
CA LEU D 236 4.02 38.95 -4.83
C LEU D 236 3.65 40.31 -4.26
N THR D 237 4.31 40.74 -3.18
CA THR D 237 4.04 42.06 -2.63
C THR D 237 4.55 43.15 -3.55
N ALA D 238 5.71 42.93 -4.18
CA ALA D 238 6.21 43.87 -5.16
C ALA D 238 5.42 43.79 -6.45
N ALA D 239 5.05 42.57 -6.87
CA ALA D 239 4.21 42.43 -8.05
C ALA D 239 2.84 43.02 -7.83
N GLU D 240 2.31 42.92 -6.61
CA GLU D 240 1.07 43.59 -6.26
C GLU D 240 1.21 45.10 -6.38
N TYR D 241 2.37 45.63 -6.01
CA TYR D 241 2.58 47.07 -6.05
C TYR D 241 2.79 47.57 -7.47
N LEU D 242 3.55 46.82 -8.28
CA LEU D 242 3.82 47.25 -9.64
C LEU D 242 2.55 47.24 -10.48
N ALA D 243 1.68 46.25 -10.25
CA ALA D 243 0.49 46.08 -11.09
C ALA D 243 -0.70 46.88 -10.58
N TYR D 244 -1.01 46.76 -9.29
CA TYR D 244 -2.24 47.37 -8.76
C TYR D 244 -2.04 48.81 -8.33
N GLU D 245 -0.84 49.18 -7.89
CA GLU D 245 -0.59 50.56 -7.48
C GLU D 245 -0.12 51.43 -8.64
N LYS D 246 0.56 50.84 -9.62
CA LYS D 246 1.09 51.60 -10.76
C LYS D 246 0.39 51.31 -12.07
N GLY D 247 -0.39 50.24 -12.15
CA GLY D 247 -1.09 49.94 -13.39
C GLY D 247 -0.31 49.12 -14.39
N MSE D 248 0.81 48.53 -13.99
CA MSE D 248 1.60 47.72 -14.90
C MSE D 248 1.00 46.33 -15.09
O MSE D 248 0.22 45.86 -14.27
CB MSE D 248 3.04 47.56 -14.39
CG MSE D 248 3.78 48.87 -14.18
SE MSE D 248 5.57 48.55 -13.46
CE MSE D 248 6.16 50.40 -13.27
N HIS D 249 1.37 45.67 -16.19
CA HIS D 249 1.04 44.27 -16.42
C HIS D 249 2.23 43.44 -15.99
N VAL D 250 2.03 42.59 -14.99
CA VAL D 250 3.11 41.90 -14.30
C VAL D 250 3.03 40.41 -14.58
N LEU D 251 4.18 39.80 -14.88
CA LEU D 251 4.31 38.36 -15.04
C LEU D 251 5.16 37.82 -13.89
N VAL D 252 4.58 36.93 -13.08
CA VAL D 252 5.23 36.38 -11.90
C VAL D 252 5.65 34.95 -12.20
N ILE D 253 6.93 34.66 -11.99
CA ILE D 253 7.50 33.34 -12.24
C ILE D 253 8.21 32.86 -10.97
N MSE D 254 7.92 31.63 -10.55
CA MSE D 254 8.50 31.09 -9.32
C MSE D 254 8.98 29.63 -9.48
O MSE D 254 8.26 28.79 -10.00
CB MSE D 254 7.49 31.19 -8.18
CG MSE D 254 7.27 32.61 -7.67
SE MSE D 254 5.60 32.81 -6.70
CE MSE D 254 4.38 32.46 -8.18
N THR D 255 10.19 29.36 -8.98
CA THR D 255 10.79 28.03 -9.07
C THR D 255 11.97 27.99 -8.09
N ASP D 256 12.12 26.87 -7.39
CA ASP D 256 11.21 25.72 -7.43
C ASP D 256 10.17 25.87 -6.32
N MSE D 257 8.92 25.53 -6.63
CA MSE D 257 7.84 25.69 -5.64
C MSE D 257 7.88 24.60 -4.57
O MSE D 257 7.36 24.78 -3.47
CB MSE D 257 6.48 25.70 -6.32
CG MSE D 257 5.99 27.10 -6.71
SE MSE D 257 6.52 28.44 -5.39
CE MSE D 257 4.79 29.29 -5.08
N THR D 258 8.50 23.46 -4.89
CA THR D 258 8.53 22.36 -3.93
C THR D 258 9.40 22.71 -2.73
N ASN D 259 10.49 23.44 -2.95
CA ASN D 259 11.36 23.82 -1.84
C ASN D 259 10.65 24.76 -0.87
N TYR D 260 9.64 25.48 -1.35
CA TYR D 260 8.84 26.31 -0.44
C TYR D 260 8.02 25.45 0.50
N ALA D 261 7.53 24.31 0.01
CA ALA D 261 6.74 23.42 0.87
C ALA D 261 7.62 22.74 1.91
N GLU D 262 8.82 22.31 1.50
CA GLU D 262 9.74 21.69 2.46
C GLU D 262 10.13 22.67 3.56
N ALA D 263 10.23 23.96 3.22
CA ALA D 263 10.52 24.97 4.24
C ALA D 263 9.38 25.08 5.24
N LEU D 264 8.15 24.87 4.78
CA LEU D 264 7.02 24.85 5.70
C LEU D 264 7.10 23.65 6.63
N ARG D 265 7.62 22.53 6.13
CA ARG D 265 7.74 21.34 6.97
C ARG D 265 8.75 21.54 8.08
N GLU D 266 9.90 22.16 7.76
CA GLU D 266 10.89 22.43 8.79
C GLU D 266 10.35 23.41 9.84
N ILE D 267 9.48 24.33 9.42
CA ILE D 267 8.85 25.22 10.38
C ILE D 267 7.73 24.51 11.13
N SER D 268 6.96 23.68 10.41
CA SER D 268 5.87 22.95 11.05
C SER D 268 6.39 21.97 12.09
N ALA D 269 7.46 21.25 11.77
CA ALA D 269 8.05 20.33 12.74
C ALA D 269 8.73 21.08 13.86
N ALA D 270 9.18 22.32 13.61
CA ALA D 270 9.78 23.11 14.68
C ALA D 270 8.74 23.52 15.71
N ARG D 271 7.47 23.61 15.32
CA ARG D 271 6.39 23.90 16.23
C ARG D 271 5.70 22.63 16.73
N ARG D 272 6.23 21.45 16.39
CA ARG D 272 5.68 20.17 16.81
C ARG D 272 4.23 20.00 16.36
N GLU D 273 3.99 20.35 15.09
CA GLU D 273 2.67 20.15 14.48
C GLU D 273 2.64 18.82 13.76
N VAL D 274 1.61 18.02 14.00
CA VAL D 274 1.49 16.75 13.30
C VAL D 274 1.12 17.00 11.84
N PRO D 275 1.83 16.41 10.88
CA PRO D 275 1.54 16.67 9.47
C PRO D 275 0.19 16.10 9.05
N GLY D 276 -0.20 16.43 7.82
CA GLY D 276 -1.44 15.93 7.25
C GLY D 276 -1.21 14.81 6.25
N ARG D 277 -1.60 15.03 5.00
CA ARG D 277 -1.43 14.01 3.98
C ARG D 277 0.02 13.98 3.51
N ARG D 278 0.64 12.80 3.60
CA ARG D 278 1.97 12.55 3.05
C ARG D 278 3.04 13.38 3.75
N GLY D 279 2.83 13.66 5.03
CA GLY D 279 3.87 14.31 5.82
C GLY D 279 4.00 15.80 5.59
N TYR D 280 2.92 16.47 5.23
CA TYR D 280 2.92 17.90 4.99
C TYR D 280 1.95 18.59 5.94
N PRO D 281 2.16 19.87 6.23
CA PRO D 281 1.28 20.57 7.18
C PRO D 281 -0.14 20.63 6.67
N GLY D 282 -1.09 20.69 7.61
CA GLY D 282 -2.49 20.63 7.26
C GLY D 282 -3.01 21.87 6.57
N TYR D 283 -2.47 23.04 6.93
CA TYR D 283 -2.92 24.31 6.38
C TYR D 283 -2.29 24.64 5.03
N LEU D 284 -1.70 23.67 4.34
CA LEU D 284 -1.02 23.95 3.08
C LEU D 284 -1.98 24.52 2.04
N TYR D 285 -3.21 23.99 1.99
CA TYR D 285 -4.18 24.48 1.02
C TYR D 285 -4.41 25.98 1.17
N THR D 286 -4.52 26.45 2.42
CA THR D 286 -4.63 27.89 2.66
C THR D 286 -3.33 28.59 2.30
N ASN D 287 -2.19 27.94 2.58
CA ASN D 287 -0.90 28.57 2.35
C ASN D 287 -0.62 28.77 0.86
N LEU D 288 -0.92 27.77 0.04
CA LEU D 288 -0.64 27.88 -1.39
C LEU D 288 -1.66 28.78 -2.07
N ALA D 289 -2.93 28.70 -1.66
CA ALA D 289 -3.95 29.55 -2.26
C ALA D 289 -3.74 31.02 -1.90
N THR D 290 -3.16 31.28 -0.72
CA THR D 290 -2.88 32.66 -0.34
C THR D 290 -1.91 33.31 -1.32
N LEU D 291 -0.98 32.54 -1.85
CA LEU D 291 -0.01 33.05 -2.80
C LEU D 291 -0.50 32.98 -4.24
N PHE D 292 -1.25 31.93 -4.59
CA PHE D 292 -1.65 31.74 -5.98
C PHE D 292 -2.80 32.65 -6.40
N GLU D 293 -3.58 33.15 -5.45
CA GLU D 293 -4.74 33.98 -5.77
C GLU D 293 -4.44 35.48 -5.69
N ARG D 294 -3.18 35.86 -5.44
CA ARG D 294 -2.78 37.26 -5.49
C ARG D 294 -2.43 37.64 -6.93
N ALA D 295 -3.42 37.50 -7.81
CA ALA D 295 -3.20 37.72 -9.23
C ALA D 295 -4.53 38.02 -9.90
N GLY D 296 -4.45 38.40 -11.18
CA GLY D 296 -5.61 38.69 -11.99
C GLY D 296 -5.86 40.18 -12.13
N ARG D 297 -6.60 40.53 -13.17
CA ARG D 297 -6.98 41.92 -13.39
C ARG D 297 -8.05 42.34 -12.39
N ILE D 298 -8.03 43.62 -12.01
CA ILE D 298 -8.94 44.18 -11.03
C ILE D 298 -9.85 45.17 -11.72
N ARG D 299 -11.14 45.14 -11.36
CA ARG D 299 -12.09 46.11 -11.90
C ARG D 299 -11.72 47.51 -11.44
N GLY D 300 -11.66 48.44 -12.39
CA GLY D 300 -11.28 49.81 -12.10
C GLY D 300 -9.80 50.10 -12.20
N LEU D 301 -8.96 49.08 -12.32
CA LEU D 301 -7.52 49.25 -12.43
C LEU D 301 -7.03 48.64 -13.74
N LYS D 302 -6.08 49.33 -14.38
CA LYS D 302 -5.56 48.86 -15.67
C LYS D 302 -4.51 47.77 -15.51
N GLY D 303 -3.90 47.64 -14.34
CA GLY D 303 -2.85 46.66 -14.16
C GLY D 303 -3.38 45.24 -14.00
N SER D 304 -2.45 44.29 -14.05
CA SER D 304 -2.80 42.88 -13.95
C SER D 304 -1.59 42.09 -13.49
N VAL D 305 -1.85 40.99 -12.80
CA VAL D 305 -0.81 40.09 -12.31
C VAL D 305 -1.04 38.71 -12.93
N THR D 306 0.02 38.17 -13.53
CA THR D 306 -0.01 36.83 -14.13
C THR D 306 1.00 35.96 -13.42
N GLN D 307 0.53 34.89 -12.80
CA GLN D 307 1.38 34.01 -12.00
C GLN D 307 1.65 32.71 -12.75
N ILE D 308 2.92 32.30 -12.78
CA ILE D 308 3.33 31.05 -13.42
C ILE D 308 4.22 30.29 -12.44
N PRO D 309 3.66 29.53 -11.51
CA PRO D 309 4.50 28.73 -10.61
C PRO D 309 5.15 27.56 -11.34
N ILE D 310 6.28 27.12 -10.81
CA ILE D 310 7.00 25.97 -11.35
C ILE D 310 7.38 25.06 -10.19
N LEU D 311 6.93 23.82 -10.22
CA LEU D 311 7.19 22.86 -9.17
C LEU D 311 7.62 21.53 -9.76
N THR D 312 8.55 20.86 -9.10
CA THR D 312 8.97 19.51 -9.47
C THR D 312 8.25 18.50 -8.59
N MSE D 313 7.54 17.58 -9.22
CA MSE D 313 6.77 16.58 -8.50
C MSE D 313 7.66 15.49 -7.93
O MSE D 313 8.46 14.89 -8.65
CB MSE D 313 5.71 15.96 -9.42
CG MSE D 313 4.76 16.98 -10.04
SE MSE D 313 3.53 16.22 -11.36
CE MSE D 313 4.83 15.66 -12.70
N PRO D 314 7.52 15.22 -6.63
CA PRO D 314 8.28 14.12 -6.03
C PRO D 314 7.86 12.79 -6.66
N GLU D 315 8.86 12.03 -7.12
CA GLU D 315 8.68 10.74 -7.78
C GLU D 315 7.75 10.83 -8.99
N ASP D 316 7.58 12.03 -9.54
CA ASP D 316 6.74 12.28 -10.71
C ASP D 316 5.30 11.83 -10.46
N ASP D 317 4.81 12.10 -9.25
CA ASP D 317 3.48 11.70 -8.84
C ASP D 317 2.54 12.89 -8.89
N LYS D 318 1.38 12.71 -9.55
CA LYS D 318 0.42 13.79 -9.64
C LYS D 318 -0.50 13.84 -8.42
N THR D 319 -0.66 12.71 -7.73
CA THR D 319 -1.47 12.68 -6.52
C THR D 319 -0.73 13.20 -5.29
N HIS D 320 0.51 13.63 -5.44
CA HIS D 320 1.25 14.23 -4.34
C HIS D 320 0.57 15.54 -3.92
N PRO D 321 0.63 15.88 -2.63
CA PRO D 321 -0.08 17.09 -2.18
C PRO D 321 0.33 18.37 -2.87
N ILE D 322 1.57 18.47 -3.36
CA ILE D 322 2.02 19.74 -3.94
C ILE D 322 1.33 19.96 -5.29
N PRO D 323 1.35 19.02 -6.24
CA PRO D 323 0.62 19.26 -7.50
C PRO D 323 -0.87 19.00 -7.41
N ASP D 324 -1.33 18.19 -6.44
CA ASP D 324 -2.76 17.94 -6.32
C ASP D 324 -3.50 19.19 -5.86
N LEU D 325 -2.95 19.91 -4.89
CA LEU D 325 -3.61 21.12 -4.41
C LEU D 325 -3.40 22.27 -5.37
N THR D 326 -2.28 22.30 -6.09
CA THR D 326 -2.05 23.36 -7.07
C THR D 326 -3.06 23.27 -8.22
N GLY D 327 -3.39 22.05 -8.64
CA GLY D 327 -4.38 21.88 -9.69
C GLY D 327 -5.76 22.31 -9.26
N TYR D 328 -6.04 22.27 -7.95
CA TYR D 328 -7.31 22.74 -7.44
C TYR D 328 -7.38 24.25 -7.33
N ILE D 329 -6.23 24.93 -7.37
CA ILE D 329 -6.17 26.38 -7.18
C ILE D 329 -5.93 27.11 -8.50
N THR D 330 -5.05 26.58 -9.34
CA THR D 330 -4.66 27.26 -10.58
C THR D 330 -5.52 26.79 -11.75
N GLU D 331 -5.70 27.67 -12.72
CA GLU D 331 -6.49 27.37 -13.92
C GLU D 331 -5.61 26.64 -14.91
N GLY D 332 -5.63 25.31 -14.83
CA GLY D 332 -4.85 24.50 -15.74
C GLY D 332 -3.50 24.11 -15.17
N GLN D 333 -2.70 23.48 -16.03
CA GLN D 333 -1.35 23.07 -15.65
C GLN D 333 -0.58 22.71 -16.91
N ILE D 334 0.71 23.05 -16.92
CA ILE D 334 1.63 22.69 -17.99
C ILE D 334 2.52 21.58 -17.46
N ILE D 335 2.45 20.40 -18.09
CA ILE D 335 3.11 19.20 -17.60
C ILE D 335 4.24 18.82 -18.54
N LEU D 336 5.42 18.58 -17.97
CA LEU D 336 6.57 18.08 -18.70
C LEU D 336 6.79 16.61 -18.36
N THR D 337 7.24 15.84 -19.34
CA THR D 337 7.43 14.40 -19.18
C THR D 337 8.89 14.03 -19.39
N ARG D 338 9.33 13.02 -18.65
CA ARG D 338 10.72 12.58 -18.76
C ARG D 338 10.96 11.82 -20.06
N GLU D 339 9.91 11.23 -20.63
CA GLU D 339 10.08 10.46 -21.87
C GLU D 339 10.37 11.39 -23.04
N LEU D 340 9.73 12.56 -23.09
CA LEU D 340 9.97 13.47 -24.20
C LEU D 340 11.35 14.11 -24.11
N TYR D 341 11.88 14.30 -22.90
CA TYR D 341 13.18 14.93 -22.76
C TYR D 341 14.33 14.00 -23.14
N LYS D 342 14.18 12.70 -22.90
CA LYS D 342 15.22 11.75 -23.22
C LYS D 342 15.28 11.41 -24.70
N SER D 343 14.31 11.90 -25.49
CA SER D 343 14.31 11.69 -26.94
C SER D 343 14.82 12.91 -27.71
N GLY D 344 14.99 14.04 -27.05
CA GLY D 344 15.46 15.24 -27.69
C GLY D 344 14.41 16.26 -28.05
N ILE D 345 13.27 16.26 -27.36
CA ILE D 345 12.18 17.18 -27.64
C ILE D 345 12.30 18.34 -26.65
N GLN D 346 12.59 19.53 -27.16
CA GLN D 346 12.74 20.72 -26.33
C GLN D 346 11.80 21.82 -26.83
N PRO D 347 10.90 22.35 -25.99
CA PRO D 347 10.68 21.90 -24.61
C PRO D 347 9.84 20.64 -24.53
N PRO D 348 10.19 19.73 -23.62
CA PRO D 348 9.40 18.49 -23.47
C PRO D 348 8.08 18.73 -22.75
N ILE D 349 7.14 19.35 -23.45
CA ILE D 349 5.83 19.68 -22.90
C ILE D 349 4.81 18.75 -23.54
N ASP D 350 4.25 17.86 -22.74
CA ASP D 350 3.20 16.95 -23.21
C ASP D 350 1.87 17.68 -23.17
N VAL D 351 1.19 17.76 -24.30
CA VAL D 351 -0.05 18.52 -24.37
C VAL D 351 -1.27 17.68 -23.99
N LEU D 352 -1.16 16.36 -24.02
CA LEU D 352 -2.29 15.51 -23.67
C LEU D 352 -2.71 15.67 -22.21
N PRO D 353 -1.82 15.59 -21.22
CA PRO D 353 -2.26 15.83 -19.84
C PRO D 353 -2.32 17.30 -19.46
N SER D 354 -1.76 18.18 -20.28
CA SER D 354 -1.82 19.61 -20.01
C SER D 354 -3.14 20.19 -20.52
N LEU D 355 -3.70 21.11 -19.73
CA LEU D 355 -4.94 21.78 -20.09
C LEU D 355 -4.86 23.24 -19.64
N SER D 356 -5.65 24.09 -20.28
CA SER D 356 -5.73 25.50 -19.95
C SER D 356 -7.19 25.86 -19.72
N ARG D 357 -7.53 26.24 -18.50
CA ARG D 357 -8.92 26.48 -18.13
C ARG D 357 -9.45 27.83 -18.59
N LEU D 358 -8.63 28.64 -19.26
CA LEU D 358 -9.08 29.94 -19.75
C LEU D 358 -8.67 30.16 -21.20
N LYS D 359 -8.29 29.11 -21.91
CA LYS D 359 -7.81 29.26 -23.27
C LYS D 359 -8.90 29.68 -24.24
N ASP D 360 -10.17 29.50 -23.88
CA ASP D 360 -11.25 29.80 -24.82
C ASP D 360 -11.35 31.29 -25.10
N LYS D 361 -11.17 32.13 -24.07
CA LYS D 361 -11.21 33.57 -24.31
C LYS D 361 -9.94 34.06 -24.98
N GLY D 362 -8.82 33.36 -24.78
CA GLY D 362 -7.55 33.86 -25.28
C GLY D 362 -7.38 33.73 -26.78
N THR D 363 -8.10 32.81 -27.41
CA THR D 363 -7.87 32.47 -28.81
C THR D 363 -9.13 32.71 -29.62
N GLY D 364 -9.01 33.48 -30.68
CA GLY D 364 -10.12 33.74 -31.57
C GLY D 364 -9.83 34.94 -32.45
N ALA D 365 -10.88 35.39 -33.14
CA ALA D 365 -10.77 36.56 -33.99
C ALA D 365 -10.55 37.80 -33.14
N GLY D 366 -9.60 38.63 -33.53
CA GLY D 366 -9.22 39.78 -32.74
C GLY D 366 -8.19 39.40 -31.69
N LYS D 367 -8.34 38.22 -31.10
CA LYS D 367 -7.39 37.71 -30.13
C LYS D 367 -6.11 37.26 -30.84
N THR D 368 -6.22 36.21 -31.66
CA THR D 368 -5.08 35.67 -32.39
C THR D 368 -5.43 35.50 -33.87
N ARG D 369 -6.28 34.53 -34.18
CA ARG D 369 -6.81 34.34 -35.52
C ARG D 369 -8.04 33.45 -35.40
N GLU D 370 -8.88 33.47 -36.44
CA GLU D 370 -10.13 32.75 -36.38
C GLU D 370 -9.92 31.24 -36.31
N ASP D 371 -8.80 30.75 -36.84
CA ASP D 371 -8.57 29.31 -36.91
C ASP D 371 -7.84 28.77 -35.69
N HIS D 372 -7.77 29.54 -34.60
CA HIS D 372 -7.01 29.10 -33.44
C HIS D 372 -7.73 27.97 -32.70
N ALA D 373 -9.03 28.13 -32.47
CA ALA D 373 -9.77 27.13 -31.71
C ALA D 373 -9.96 25.85 -32.53
N ALA D 374 -10.14 25.99 -33.84
CA ALA D 374 -10.42 24.81 -34.66
C ALA D 374 -9.15 23.98 -34.87
N THR D 375 -8.04 24.63 -35.17
CA THR D 375 -6.80 23.88 -35.38
C THR D 375 -6.28 23.24 -34.10
N MSE D 376 -6.60 23.84 -32.95
CA MSE D 376 -6.23 23.27 -31.66
C MSE D 376 -6.91 21.94 -31.47
O MSE D 376 -6.26 20.93 -31.20
CB MSE D 376 -6.58 24.23 -30.53
CG MSE D 376 -6.27 23.70 -29.15
SE MSE D 376 -6.89 24.88 -27.73
CE MSE D 376 -8.80 24.80 -28.07
N ASN D 377 -8.24 21.94 -31.63
CA ASN D 377 -9.01 20.71 -31.48
C ASN D 377 -8.70 19.69 -32.56
N GLN D 378 -8.20 20.14 -33.72
CA GLN D 378 -7.88 19.20 -34.80
C GLN D 378 -6.53 18.52 -34.56
N LEU D 379 -5.50 19.32 -34.26
CA LEU D 379 -4.20 18.74 -33.94
C LEU D 379 -4.21 17.95 -32.64
N PHE D 380 -5.18 18.23 -31.76
CA PHE D 380 -5.26 17.50 -30.49
C PHE D 380 -5.72 16.07 -30.72
N ALA D 381 -6.79 15.88 -31.50
CA ALA D 381 -7.28 14.54 -31.79
C ALA D 381 -6.38 13.82 -32.79
N ALA D 382 -5.69 14.57 -33.65
CA ALA D 382 -4.81 13.94 -34.63
C ALA D 382 -3.60 13.30 -33.96
N TYR D 383 -3.16 13.84 -32.83
CA TYR D 383 -2.02 13.29 -32.12
C TYR D 383 -2.40 12.01 -31.38
N ALA D 384 -3.54 12.02 -30.70
CA ALA D 384 -3.98 10.84 -29.97
C ALA D 384 -4.25 9.68 -30.91
N GLN D 385 -4.78 9.98 -32.10
CA GLN D 385 -4.98 8.91 -33.09
C GLN D 385 -3.66 8.48 -33.71
N GLY D 386 -2.75 9.44 -33.93
CA GLY D 386 -1.45 9.09 -34.48
C GLY D 386 -0.59 8.32 -33.50
N LYS D 387 -0.73 8.61 -32.21
CA LYS D 387 0.05 7.89 -31.21
C LYS D 387 -0.46 6.46 -31.03
N GLN D 388 -1.78 6.27 -31.10
CA GLN D 388 -2.32 4.92 -31.00
C GLN D 388 -2.04 4.11 -32.26
N ALA D 389 -1.90 4.78 -33.40
CA ALA D 389 -1.55 4.08 -34.64
C ALA D 389 -0.11 3.58 -34.59
N LYS D 390 0.80 4.38 -34.06
CA LYS D 390 2.19 3.93 -33.92
C LYS D 390 2.26 2.74 -32.97
N GLU D 391 1.43 2.72 -31.94
CA GLU D 391 1.39 1.57 -31.05
C GLU D 391 0.74 0.37 -31.72
N LEU D 392 -0.22 0.61 -32.62
CA LEU D 392 -0.82 -0.49 -33.37
C LEU D 392 0.21 -1.15 -34.29
N ALA D 393 1.18 -0.38 -34.78
CA ALA D 393 2.26 -0.94 -35.57
C ALA D 393 3.21 -1.76 -34.70
N VAL D 394 3.17 -1.57 -33.39
CA VAL D 394 4.00 -2.37 -32.49
C VAL D 394 3.28 -3.63 -32.05
N VAL D 395 1.96 -3.57 -31.92
CA VAL D 395 1.18 -4.73 -31.49
C VAL D 395 0.80 -5.60 -32.69
N LEU D 396 0.25 -4.99 -33.74
CA LEU D 396 -0.24 -5.73 -34.89
C LEU D 396 0.68 -5.65 -36.09
N GLY D 397 1.81 -4.96 -35.98
CA GLY D 397 2.73 -4.82 -37.10
C GLY D 397 2.30 -3.73 -38.06
N GLU D 398 3.23 -3.38 -38.96
CA GLU D 398 2.94 -2.35 -39.95
C GLU D 398 1.96 -2.82 -41.00
N SER D 399 1.77 -4.14 -41.15
CA SER D 399 0.85 -4.63 -42.16
C SER D 399 -0.60 -4.32 -41.79
N ALA D 400 -0.92 -4.23 -40.50
CA ALA D 400 -2.27 -3.89 -40.09
C ALA D 400 -2.58 -2.41 -40.29
N LEU D 401 -1.56 -1.57 -40.41
CA LEU D 401 -1.77 -0.15 -40.63
C LEU D 401 -2.19 0.10 -42.08
N SER D 402 -3.26 0.86 -42.26
CA SER D 402 -3.75 1.19 -43.59
C SER D 402 -2.99 2.40 -44.15
N ASP D 403 -3.42 2.85 -45.32
CA ASP D 403 -2.81 4.05 -45.91
C ASP D 403 -3.07 5.28 -45.07
N ILE D 404 -4.21 5.34 -44.40
CA ILE D 404 -4.52 6.48 -43.54
C ILE D 404 -3.75 6.39 -42.24
N ASP D 405 -3.64 5.18 -41.68
CA ASP D 405 -2.90 4.99 -40.43
C ASP D 405 -1.42 5.30 -40.59
N LYS D 406 -0.86 5.06 -41.79
CA LYS D 406 0.55 5.37 -42.01
C LYS D 406 0.78 6.88 -41.98
N ILE D 407 -0.22 7.66 -42.35
CA ILE D 407 -0.09 9.12 -42.29
C ILE D 407 -0.24 9.60 -40.86
N TYR D 408 -1.14 8.99 -40.09
CA TYR D 408 -1.32 9.38 -38.70
C TYR D 408 -0.06 9.07 -37.88
N ALA D 409 0.56 7.92 -38.12
CA ALA D 409 1.80 7.61 -37.43
C ALA D 409 2.92 8.54 -37.86
N LYS D 410 2.89 8.99 -39.12
CA LYS D 410 3.86 9.97 -39.58
C LYS D 410 3.57 11.35 -39.01
N PHE D 411 2.31 11.64 -38.70
CA PHE D 411 1.96 12.94 -38.13
C PHE D 411 2.52 13.07 -36.72
N ALA D 412 2.17 12.12 -35.84
CA ALA D 412 2.65 12.16 -34.47
C ALA D 412 4.16 12.28 -34.43
N GLU D 413 4.86 11.49 -35.24
CA GLU D 413 6.32 11.52 -35.24
C GLU D 413 6.84 12.90 -35.64
N ARG D 414 6.20 13.54 -36.62
CA ARG D 414 6.62 14.89 -36.99
C ARG D 414 6.16 15.92 -35.95
N PHE D 415 4.96 15.73 -35.39
CA PHE D 415 4.47 16.66 -34.38
C PHE D 415 5.35 16.66 -33.15
N GLU D 416 5.93 15.50 -32.81
CA GLU D 416 6.85 15.44 -31.68
C GLU D 416 8.17 16.12 -32.00
N ASN D 417 8.64 15.98 -33.24
CA ASN D 417 9.98 16.41 -33.59
C ASN D 417 10.04 17.80 -34.22
N GLU D 418 8.93 18.28 -34.77
CA GLU D 418 8.93 19.56 -35.48
C GLU D 418 8.04 20.61 -34.85
N TYR D 419 6.95 20.22 -34.19
CA TYR D 419 6.02 21.20 -33.60
C TYR D 419 6.43 21.53 -32.17
N VAL D 420 6.35 20.54 -31.27
CA VAL D 420 6.68 20.78 -29.87
C VAL D 420 8.18 21.00 -29.71
N ASN D 421 8.98 20.16 -30.37
CA ASN D 421 10.43 20.31 -30.35
C ASN D 421 10.85 21.52 -31.16
N GLN D 422 10.87 22.69 -30.53
CA GLN D 422 11.26 23.93 -31.20
C GLN D 422 12.58 24.50 -30.70
N GLY D 423 12.93 24.27 -29.45
CA GLY D 423 14.17 24.82 -28.91
C GLY D 423 13.92 25.80 -27.78
N PHE D 424 14.81 25.79 -26.78
CA PHE D 424 14.65 26.70 -25.65
C PHE D 424 15.04 28.14 -25.98
N TYR D 425 15.52 28.41 -27.20
CA TYR D 425 15.88 29.76 -27.63
C TYR D 425 15.15 30.12 -28.92
N THR D 426 13.97 29.56 -29.14
CA THR D 426 13.21 29.76 -30.38
C THR D 426 11.88 30.44 -30.04
N ASN D 427 11.75 31.71 -30.42
CA ASN D 427 10.50 32.45 -30.25
C ASN D 427 9.71 32.32 -31.55
N ARG D 428 8.56 31.66 -31.47
CA ARG D 428 7.65 31.52 -32.60
C ARG D 428 6.43 32.40 -32.40
N THR D 429 6.16 33.26 -33.37
CA THR D 429 4.97 34.10 -33.32
C THR D 429 3.71 33.24 -33.45
N ILE D 430 2.58 33.84 -33.08
CA ILE D 430 1.31 33.13 -33.21
C ILE D 430 1.02 32.82 -34.67
N THR D 431 1.50 33.67 -35.59
CA THR D 431 1.30 33.42 -37.01
C THR D 431 2.14 32.22 -37.48
N GLU D 432 3.40 32.15 -37.04
CA GLU D 432 4.26 31.05 -37.44
C GLU D 432 3.83 29.74 -36.78
N THR D 433 3.17 29.82 -35.62
CA THR D 433 2.75 28.61 -34.93
C THR D 433 1.57 27.96 -35.63
N LEU D 434 0.54 28.76 -35.96
CA LEU D 434 -0.65 28.19 -36.59
C LEU D 434 -0.34 27.64 -37.97
N ASP D 435 0.51 28.33 -38.73
CA ASP D 435 0.83 27.87 -40.08
C ASP D 435 1.59 26.55 -40.05
N LEU D 436 2.44 26.35 -39.04
CA LEU D 436 3.13 25.07 -38.91
C LEU D 436 2.13 23.95 -38.62
N GLY D 437 1.12 24.22 -37.79
CA GLY D 437 0.10 23.22 -37.53
C GLY D 437 -0.65 22.82 -38.79
N TRP D 438 -0.86 23.77 -39.70
CA TRP D 438 -1.54 23.45 -40.94
C TRP D 438 -0.66 22.58 -41.85
N GLU D 439 0.65 22.84 -41.84
CA GLU D 439 1.56 22.02 -42.64
C GLU D 439 1.59 20.59 -42.13
N LEU D 440 1.60 20.43 -40.80
CA LEU D 440 1.55 19.08 -40.22
C LEU D 440 0.19 18.45 -40.45
N LEU D 441 -0.88 19.24 -40.49
CA LEU D 441 -2.21 18.73 -40.78
C LEU D 441 -2.45 18.54 -42.26
N ALA D 442 -1.61 19.14 -43.12
CA ALA D 442 -1.74 18.97 -44.55
C ALA D 442 -1.36 17.57 -45.02
N MSE D 443 -0.73 16.77 -44.16
CA MSE D 443 -0.37 15.41 -44.50
C MSE D 443 -1.60 14.53 -44.58
O MSE D 443 -1.76 13.74 -45.49
CB MSE D 443 0.63 14.84 -43.48
CG MSE D 443 1.80 15.76 -43.19
SE MSE D 443 2.84 15.14 -41.66
CE MSE D 443 3.46 13.43 -42.38
N LEU D 444 -2.47 14.67 -43.59
CA LEU D 444 -3.71 13.93 -43.57
C LEU D 444 -4.65 14.46 -44.65
N PRO D 445 -5.46 13.59 -45.26
CA PRO D 445 -6.46 14.08 -46.22
C PRO D 445 -7.52 14.91 -45.51
N ARG D 446 -8.31 15.63 -46.31
CA ARG D 446 -9.38 16.44 -45.73
C ARG D 446 -10.37 15.57 -44.95
N THR D 447 -10.69 14.39 -45.47
CA THR D 447 -11.61 13.50 -44.79
C THR D 447 -11.16 13.20 -43.37
N GLU D 448 -9.85 13.26 -43.11
CA GLU D 448 -9.38 13.08 -41.74
C GLU D 448 -9.71 14.29 -40.87
N LEU D 449 -9.58 15.49 -41.42
CA LEU D 449 -9.84 16.72 -40.68
C LEU D 449 -11.35 16.95 -40.62
N LYS D 450 -11.96 16.54 -39.52
CA LYS D 450 -13.40 16.66 -39.34
C LYS D 450 -13.80 17.80 -38.42
N ARG D 451 -12.96 18.14 -37.45
CA ARG D 451 -13.31 19.20 -36.50
C ARG D 451 -13.36 20.56 -37.19
N ILE D 452 -12.54 20.77 -38.22
CA ILE D 452 -12.44 22.07 -38.88
C ILE D 452 -13.50 22.15 -39.97
N LYS D 453 -14.31 23.20 -39.92
CA LYS D 453 -15.32 23.42 -40.96
C LYS D 453 -14.65 23.77 -42.28
N ASP D 454 -15.34 23.44 -43.37
CA ASP D 454 -14.75 23.61 -44.70
C ASP D 454 -14.65 25.07 -45.10
N ASP D 455 -15.35 25.97 -44.41
CA ASP D 455 -15.23 27.40 -44.70
C ASP D 455 -13.81 27.89 -44.40
N LEU D 456 -13.28 27.51 -43.24
CA LEU D 456 -11.91 27.86 -42.89
C LEU D 456 -10.90 26.80 -43.34
N LEU D 457 -11.36 25.58 -43.63
CA LEU D 457 -10.45 24.56 -44.14
C LEU D 457 -10.01 24.89 -45.56
N ASP D 458 -10.89 25.51 -46.34
CA ASP D 458 -10.55 25.94 -47.69
C ASP D 458 -9.86 27.30 -47.72
N LYS D 459 -9.53 27.86 -46.56
CA LYS D 459 -8.91 29.16 -46.46
C LYS D 459 -7.41 29.08 -46.17
N TYR D 460 -6.97 28.10 -45.37
CA TYR D 460 -5.59 28.01 -44.95
C TYR D 460 -4.90 26.71 -45.33
N LEU D 461 -5.63 25.66 -45.67
CA LEU D 461 -5.00 24.37 -45.95
C LEU D 461 -4.22 24.43 -47.26
N PRO D 462 -2.90 24.19 -47.23
CA PRO D 462 -2.08 24.20 -48.46
C PRO D 462 -2.27 22.95 -49.31
N GLU E 11 -26.87 17.38 40.97
CA GLU E 11 -26.45 17.79 39.65
C GLU E 11 -25.14 18.58 39.70
N TYR E 12 -24.07 17.92 39.25
CA TYR E 12 -22.73 18.51 39.31
C TYR E 12 -22.56 19.55 38.21
N ARG E 13 -21.93 20.68 38.56
CA ARG E 13 -21.66 21.75 37.61
C ARG E 13 -20.15 21.97 37.44
N THR E 14 -19.35 20.98 37.81
CA THR E 14 -17.89 21.08 37.72
C THR E 14 -17.41 20.52 36.38
N ILE E 15 -17.69 21.27 35.33
CA ILE E 15 -17.14 20.97 34.01
C ILE E 15 -15.72 21.49 33.96
N LYS E 16 -14.77 20.60 33.74
CA LYS E 16 -13.38 21.02 33.66
C LYS E 16 -12.95 21.31 32.23
N GLU E 17 -13.17 20.37 31.32
CA GLU E 17 -12.70 20.51 29.94
C GLU E 17 -13.77 20.04 28.97
N VAL E 18 -13.82 20.68 27.80
CA VAL E 18 -14.69 20.30 26.70
C VAL E 18 -13.84 20.34 25.44
N VAL E 19 -13.39 19.18 24.98
CA VAL E 19 -12.51 19.08 23.81
C VAL E 19 -13.19 18.18 22.79
N GLY E 20 -13.65 18.78 21.69
CA GLY E 20 -14.34 18.04 20.66
C GLY E 20 -15.61 17.40 21.17
N PRO E 21 -15.83 16.13 20.81
CA PRO E 21 -16.99 15.41 21.36
C PRO E 21 -16.80 14.96 22.80
N LEU E 22 -15.58 15.01 23.32
CA LEU E 22 -15.29 14.55 24.67
C LEU E 22 -15.52 15.66 25.69
N MSE E 23 -15.58 15.26 26.96
CA MSE E 23 -15.81 16.19 28.05
C MSE E 23 -15.37 15.61 29.38
O MSE E 23 -15.69 14.46 29.70
CB MSE E 23 -17.28 16.58 28.09
CG MSE E 23 -17.64 17.68 29.06
SE MSE E 23 -19.52 18.04 28.79
CE MSE E 23 -20.25 16.76 30.06
N ALA E 24 -14.65 16.40 30.17
CA ALA E 24 -14.13 15.97 31.46
C ALA E 24 -14.91 16.67 32.58
N VAL E 25 -15.21 15.91 33.62
CA VAL E 25 -15.94 16.41 34.79
C VAL E 25 -15.14 16.06 36.03
N GLU E 26 -14.66 17.07 36.74
CA GLU E 26 -13.82 16.88 37.91
C GLU E 26 -14.66 16.91 39.19
N LYS E 27 -14.06 16.44 40.27
CA LYS E 27 -14.66 16.41 41.61
C LYS E 27 -16.01 15.67 41.58
N VAL E 28 -15.94 14.38 41.29
CA VAL E 28 -17.11 13.51 41.33
C VAL E 28 -16.84 12.38 42.31
N SER E 29 -17.93 11.71 42.72
CA SER E 29 -17.85 10.65 43.71
C SER E 29 -18.72 9.49 43.26
N GLY E 30 -18.11 8.34 43.05
CA GLY E 30 -18.87 7.15 42.70
C GLY E 30 -19.31 7.07 41.26
N VAL E 31 -18.57 7.68 40.34
CA VAL E 31 -18.90 7.60 38.92
C VAL E 31 -18.39 6.27 38.39
N LYS E 32 -19.28 5.50 37.78
CA LYS E 32 -18.96 4.17 37.28
C LYS E 32 -18.69 4.20 35.78
N TYR E 33 -18.07 3.13 35.30
CA TYR E 33 -17.74 3.02 33.88
C TYR E 33 -19.01 2.76 33.07
N GLU E 34 -19.06 3.32 31.86
CA GLU E 34 -20.16 3.13 30.93
C GLU E 34 -21.48 3.62 31.53
N GLU E 35 -21.43 4.64 32.37
CA GLU E 35 -22.61 5.18 33.03
C GLU E 35 -23.22 6.27 32.15
N LEU E 36 -24.54 6.20 31.96
CA LEU E 36 -25.24 7.19 31.16
C LEU E 36 -25.41 8.48 31.96
N ILE E 37 -25.02 9.61 31.37
CA ILE E 37 -25.08 10.90 32.04
C ILE E 37 -26.15 11.76 31.38
N GLU E 38 -26.46 12.88 32.03
CA GLU E 38 -27.47 13.82 31.55
C GLU E 38 -26.95 15.23 31.77
N VAL E 39 -26.62 15.92 30.68
CA VAL E 39 -26.02 17.25 30.74
C VAL E 39 -27.11 18.29 30.53
N ARG E 40 -27.19 19.26 31.43
CA ARG E 40 -28.13 20.37 31.33
C ARG E 40 -27.33 21.64 31.01
N MSE E 41 -27.47 22.14 29.80
CA MSE E 41 -26.72 23.32 29.36
C MSE E 41 -27.30 24.62 29.88
O MSE E 41 -28.29 24.64 30.61
CB MSE E 41 -26.66 23.36 27.83
CG MSE E 41 -25.68 22.38 27.21
SE MSE E 41 -26.02 22.08 25.31
CE MSE E 41 -27.72 21.14 25.47
N GLN E 42 -26.65 25.72 29.50
CA GLN E 42 -27.03 27.03 30.03
C GLN E 42 -28.39 27.49 29.54
N ASN E 43 -28.93 26.85 28.50
CA ASN E 43 -30.22 27.25 27.95
C ASN E 43 -31.34 26.28 28.33
N GLY E 44 -31.10 25.39 29.28
CA GLY E 44 -32.11 24.44 29.69
C GLY E 44 -32.25 23.22 28.81
N GLU E 45 -31.56 23.18 27.66
CA GLU E 45 -31.61 22.03 26.78
C GLU E 45 -30.86 20.86 27.37
N ILE E 46 -31.34 19.65 27.10
CA ILE E 46 -30.82 18.43 27.69
C ILE E 46 -30.16 17.58 26.60
N ARG E 47 -28.92 17.15 26.84
CA ARG E 47 -28.21 16.24 25.97
C ARG E 47 -27.68 15.07 26.80
N ARG E 48 -27.85 13.86 26.29
CA ARG E 48 -27.38 12.66 26.97
C ARG E 48 -25.97 12.31 26.55
N GLY E 49 -25.23 11.69 27.46
CA GLY E 49 -23.87 11.26 27.20
C GLY E 49 -23.58 9.87 27.72
N GLN E 50 -22.30 9.53 27.87
CA GLN E 50 -21.90 8.20 28.34
C GLN E 50 -20.49 8.29 28.89
N VAL E 51 -20.27 7.71 30.07
CA VAL E 51 -18.95 7.74 30.69
C VAL E 51 -18.03 6.81 29.91
N LEU E 52 -17.11 7.40 29.14
CA LEU E 52 -16.13 6.60 28.42
C LEU E 52 -14.98 6.16 29.32
N GLU E 53 -14.75 6.85 30.44
CA GLU E 53 -13.63 6.57 31.32
C GLU E 53 -13.79 7.41 32.58
N VAL E 54 -13.47 6.82 33.73
CA VAL E 54 -13.53 7.50 35.01
C VAL E 54 -12.20 7.29 35.74
N GLN E 55 -11.68 8.36 36.33
CA GLN E 55 -10.38 8.32 37.00
C GLN E 55 -10.38 9.33 38.14
N GLU E 56 -10.06 8.85 39.34
CA GLU E 56 -9.96 9.68 40.56
C GLU E 56 -11.29 10.41 40.73
N ASP E 57 -11.28 11.72 40.94
CA ASP E 57 -12.51 12.52 40.97
C ASP E 57 -12.86 13.08 39.61
N LYS E 58 -12.23 12.58 38.54
CA LYS E 58 -12.51 13.01 37.18
C LYS E 58 -13.31 11.93 36.44
N ALA E 59 -13.93 12.34 35.34
CA ALA E 59 -14.74 11.42 34.54
C ALA E 59 -14.85 11.98 33.13
N MSE E 60 -14.32 11.25 32.16
CA MSE E 60 -14.41 11.66 30.75
C MSE E 60 -15.65 11.05 30.09
O MSE E 60 -15.86 9.84 30.13
CB MSE E 60 -13.16 11.25 29.98
CG MSE E 60 -11.88 11.99 30.39
SE MSE E 60 -11.09 11.40 32.07
CE MSE E 60 -9.54 12.59 32.11
N VAL E 61 -16.46 11.90 29.47
CA VAL E 61 -17.70 11.47 28.83
C VAL E 61 -17.75 12.02 27.40
N GLN E 62 -18.57 11.38 26.59
CA GLN E 62 -18.83 11.83 25.22
C GLN E 62 -20.33 12.02 25.06
N ILE E 63 -20.73 13.24 24.71
CA ILE E 63 -22.14 13.55 24.51
C ILE E 63 -22.57 13.04 23.15
N PHE E 64 -23.78 12.47 23.09
CA PHE E 64 -24.26 11.86 21.85
C PHE E 64 -24.40 12.89 20.74
N GLU E 65 -25.05 14.01 21.04
CA GLU E 65 -25.33 15.03 20.02
C GLU E 65 -24.15 15.94 19.73
N GLY E 66 -23.08 15.85 20.50
CA GLY E 66 -21.93 16.71 20.33
C GLY E 66 -21.83 17.74 21.44
N THR E 67 -20.84 18.61 21.30
CA THR E 67 -20.55 19.63 22.30
C THR E 67 -20.56 21.02 21.68
N SER E 68 -21.45 21.26 20.72
CA SER E 68 -21.53 22.56 20.07
C SER E 68 -22.41 23.49 20.88
N GLY E 69 -21.88 24.68 21.19
CA GLY E 69 -22.64 25.68 21.92
C GLY E 69 -22.80 25.40 23.39
N ILE E 70 -21.82 24.75 24.02
CA ILE E 70 -21.88 24.40 25.43
C ILE E 70 -21.08 25.41 26.23
N ASN E 71 -21.70 25.97 27.27
CA ASN E 71 -20.99 26.84 28.21
C ASN E 71 -20.62 26.00 29.43
N LEU E 72 -19.33 25.68 29.54
CA LEU E 72 -18.85 24.83 30.62
C LEU E 72 -19.06 25.46 32.00
N LYS E 73 -19.20 26.78 32.07
CA LYS E 73 -19.32 27.44 33.36
C LYS E 73 -20.68 27.17 33.99
N ASN E 74 -21.74 27.56 33.30
CA ASN E 74 -23.09 27.49 33.84
C ASN E 74 -23.82 26.20 33.47
N SER E 75 -23.09 25.17 33.04
CA SER E 75 -23.70 23.89 32.70
C SER E 75 -23.59 22.91 33.86
N SER E 76 -24.53 21.97 33.91
CA SER E 76 -24.58 20.96 34.96
C SER E 76 -24.76 19.58 34.36
N VAL E 77 -24.15 18.58 35.00
CA VAL E 77 -24.17 17.20 34.53
C VAL E 77 -24.79 16.35 35.62
N ARG E 78 -25.73 15.47 35.24
CA ARG E 78 -26.38 14.55 36.15
C ARG E 78 -26.01 13.12 35.77
N PHE E 79 -25.57 12.34 36.76
CA PHE E 79 -25.19 10.95 36.56
C PHE E 79 -26.37 10.07 36.95
N LEU E 80 -26.87 9.28 36.00
CA LEU E 80 -28.07 8.49 36.23
C LEU E 80 -27.81 7.24 37.05
N GLY E 81 -26.58 6.73 37.04
CA GLY E 81 -26.26 5.54 37.80
C GLY E 81 -26.54 4.24 37.10
N HIS E 82 -26.74 4.26 35.79
CA HIS E 82 -27.03 3.07 35.02
C HIS E 82 -26.49 3.25 33.62
N PRO E 83 -26.11 2.17 32.93
CA PRO E 83 -25.68 2.31 31.52
C PRO E 83 -26.85 2.65 30.61
N LEU E 84 -26.61 2.65 29.31
CA LEU E 84 -27.71 2.86 28.37
C LEU E 84 -28.68 1.69 28.45
N GLN E 85 -29.97 2.00 28.59
CA GLN E 85 -30.99 1.00 28.84
C GLN E 85 -32.09 1.09 27.78
N LEU E 86 -33.06 0.18 27.90
CA LEU E 86 -34.20 0.14 27.00
C LEU E 86 -35.43 -0.28 27.79
N GLY E 87 -36.51 0.48 27.66
CA GLY E 87 -37.76 0.09 28.29
C GLY E 87 -38.52 -0.92 27.45
N VAL E 88 -38.56 -2.17 27.90
CA VAL E 88 -39.19 -3.25 27.15
C VAL E 88 -40.59 -3.48 27.68
N SER E 89 -41.48 -3.90 26.79
CA SER E 89 -42.86 -4.20 27.13
C SER E 89 -43.47 -5.03 26.02
N GLU E 90 -44.66 -5.56 26.27
CA GLU E 90 -45.37 -6.35 25.27
C GLU E 90 -46.03 -5.47 24.20
N ASP E 91 -46.11 -4.16 24.43
CA ASP E 91 -46.79 -3.25 23.51
C ASP E 91 -45.87 -2.73 22.41
N MSE E 92 -44.66 -3.27 22.29
CA MSE E 92 -43.73 -2.80 21.27
C MSE E 92 -44.09 -3.34 19.90
O MSE E 92 -43.63 -2.82 18.87
CB MSE E 92 -42.29 -3.20 21.62
CG MSE E 92 -41.87 -2.78 23.02
SE MSE E 92 -40.04 -3.29 23.44
CE MSE E 92 -39.08 -2.00 22.33
N ILE E 93 -44.91 -4.39 19.87
CA ILE E 93 -45.34 -4.99 18.61
C ILE E 93 -46.25 -3.99 17.89
N GLY E 94 -45.84 -3.59 16.69
CA GLY E 94 -46.59 -2.62 15.92
C GLY E 94 -46.14 -1.18 16.07
N ARG E 95 -45.07 -0.92 16.81
CA ARG E 95 -44.57 0.41 17.05
C ARG E 95 -43.26 0.64 16.31
N VAL E 96 -42.87 1.90 16.23
CA VAL E 96 -41.64 2.32 15.55
C VAL E 96 -40.87 3.22 16.50
N PHE E 97 -39.61 2.88 16.78
CA PHE E 97 -38.75 3.63 17.67
C PHE E 97 -37.56 4.18 16.91
N ASP E 98 -36.86 5.12 17.54
CA ASP E 98 -35.68 5.73 16.94
C ASP E 98 -34.44 4.95 17.36
N GLY E 99 -33.26 5.55 17.20
CA GLY E 99 -32.04 4.87 17.57
C GLY E 99 -31.89 4.68 19.06
N LEU E 100 -32.47 5.59 19.85
CA LEU E 100 -32.43 5.51 21.31
C LEU E 100 -33.71 4.94 21.89
N GLY E 101 -34.54 4.31 21.08
CA GLY E 101 -35.74 3.68 21.57
C GLY E 101 -36.89 4.63 21.88
N ARG E 102 -36.82 5.86 21.41
CA ARG E 102 -37.86 6.87 21.63
C ARG E 102 -38.94 6.76 20.57
N PRO E 103 -40.20 7.02 20.92
CA PRO E 103 -41.29 6.83 19.96
C PRO E 103 -41.16 7.76 18.76
N LYS E 104 -41.34 7.18 17.57
CA LYS E 104 -41.29 7.93 16.32
C LYS E 104 -42.62 8.03 15.60
N ASP E 105 -43.51 7.04 15.79
CA ASP E 105 -44.81 7.07 15.12
C ASP E 105 -45.80 8.00 15.79
N ASN E 106 -45.40 8.69 16.86
CA ASN E 106 -46.29 9.59 17.60
C ASN E 106 -47.52 8.86 18.11
N GLY E 107 -47.34 7.61 18.53
CA GLY E 107 -48.41 6.84 19.11
C GLY E 107 -48.52 7.06 20.60
N PRO E 108 -49.34 6.26 21.28
CA PRO E 108 -49.53 6.44 22.72
C PRO E 108 -48.25 6.11 23.49
N GLU E 109 -48.19 6.63 24.71
CA GLU E 109 -47.00 6.45 25.54
C GLU E 109 -46.85 4.99 25.93
N ILE E 110 -45.61 4.51 25.85
CA ILE E 110 -45.31 3.11 26.16
C ILE E 110 -44.97 3.00 27.64
N LEU E 111 -45.56 2.00 28.30
CA LEU E 111 -45.30 1.73 29.71
C LEU E 111 -44.38 0.51 29.81
N PRO E 112 -43.10 0.69 30.07
CA PRO E 112 -42.17 -0.46 30.05
C PRO E 112 -42.41 -1.39 31.23
N GLU E 113 -42.26 -2.69 30.96
CA GLU E 113 -42.37 -3.69 32.03
C GLU E 113 -41.08 -3.77 32.83
N LYS E 114 -39.93 -3.81 32.16
CA LYS E 114 -38.64 -3.85 32.80
C LYS E 114 -37.67 -2.96 32.03
N TYR E 115 -36.50 -2.72 32.62
CA TYR E 115 -35.43 -1.96 31.99
C TYR E 115 -34.19 -2.84 31.91
N LEU E 116 -33.72 -3.09 30.70
CA LEU E 116 -32.58 -3.96 30.46
C LEU E 116 -31.42 -3.19 29.86
N ASP E 117 -30.20 -3.56 30.25
CA ASP E 117 -29.01 -2.98 29.65
C ASP E 117 -28.95 -3.35 28.17
N ILE E 118 -28.62 -2.37 27.32
CA ILE E 118 -28.56 -2.64 25.90
C ILE E 118 -27.43 -3.62 25.58
N ASN E 119 -26.43 -3.71 26.47
CA ASN E 119 -25.38 -4.70 26.28
C ASN E 119 -25.86 -6.10 26.64
N GLY E 120 -26.79 -6.22 27.59
CA GLY E 120 -27.32 -7.52 27.95
C GLY E 120 -26.31 -8.38 28.69
N GLU E 121 -26.47 -9.70 28.54
CA GLU E 121 -25.60 -10.67 29.18
C GLU E 121 -25.33 -11.81 28.21
N VAL E 122 -24.22 -12.52 28.45
CA VAL E 122 -23.78 -13.58 27.56
C VAL E 122 -24.55 -14.85 27.85
N ILE E 123 -24.97 -15.54 26.79
CA ILE E 123 -25.63 -16.83 26.95
C ILE E 123 -24.63 -17.86 27.44
N ASN E 124 -24.98 -18.56 28.51
CA ASN E 124 -24.11 -19.61 29.06
C ASN E 124 -23.99 -20.74 28.05
N PRO E 125 -22.79 -21.12 27.64
CA PRO E 125 -22.67 -22.18 26.62
C PRO E 125 -23.29 -23.50 27.03
N ILE E 126 -23.40 -23.78 28.33
CA ILE E 126 -24.02 -25.03 28.73
C ILE E 126 -25.53 -24.92 28.70
N ALA E 127 -26.08 -23.71 28.86
CA ALA E 127 -27.51 -23.50 28.75
C ALA E 127 -27.95 -23.21 27.32
N ARG E 128 -27.01 -23.08 26.39
CA ARG E 128 -27.33 -22.80 25.01
C ARG E 128 -27.90 -24.03 24.32
N ASP E 129 -28.96 -23.84 23.54
CA ASP E 129 -29.57 -24.90 22.75
C ASP E 129 -29.23 -24.72 21.28
N TYR E 130 -29.00 -25.83 20.58
CA TYR E 130 -28.63 -25.79 19.18
C TYR E 130 -29.84 -25.38 18.32
N PRO E 131 -29.60 -24.79 17.15
CA PRO E 131 -30.72 -24.42 16.27
C PRO E 131 -31.52 -25.64 15.87
N ASP E 132 -32.85 -25.47 15.76
CA ASP E 132 -33.75 -26.57 15.46
C ASP E 132 -34.81 -26.14 14.46
N GLU E 133 -35.32 -27.15 13.74
CA GLU E 133 -36.39 -27.04 12.73
C GLU E 133 -35.97 -25.98 11.71
N PHE E 134 -36.90 -25.13 11.26
CA PHE E 134 -36.64 -24.25 10.12
C PHE E 134 -37.66 -23.10 10.14
N ILE E 135 -37.31 -22.00 9.47
CA ILE E 135 -38.15 -20.80 9.44
C ILE E 135 -38.33 -20.41 7.98
N GLN E 136 -39.57 -20.36 7.52
CA GLN E 136 -39.82 -20.13 6.10
C GLN E 136 -39.43 -18.71 5.70
N THR E 137 -38.54 -18.61 4.72
CA THR E 137 -38.11 -17.32 4.18
C THR E 137 -38.85 -16.95 2.90
N GLY E 138 -39.67 -17.84 2.37
CA GLY E 138 -40.44 -17.53 1.17
C GLY E 138 -39.59 -17.32 -0.06
N ILE E 139 -38.32 -17.71 0.02
CA ILE E 139 -37.40 -17.59 -1.10
C ILE E 139 -36.82 -18.97 -1.38
N SER E 140 -36.87 -19.39 -2.65
CA SER E 140 -36.42 -20.74 -3.00
C SER E 140 -34.94 -20.92 -2.75
N ALA E 141 -34.13 -19.89 -3.03
CA ALA E 141 -32.70 -20.00 -2.83
C ALA E 141 -32.32 -20.13 -1.36
N ILE E 142 -33.18 -19.67 -0.45
CA ILE E 142 -32.91 -19.77 0.98
C ILE E 142 -33.58 -21.02 1.53
N ASP E 143 -34.91 -21.11 1.38
CA ASP E 143 -35.67 -22.18 2.03
C ASP E 143 -35.12 -23.56 1.72
N HIS E 144 -34.54 -23.76 0.54
CA HIS E 144 -34.07 -25.06 0.11
C HIS E 144 -32.54 -25.16 0.12
N LEU E 145 -31.86 -24.29 -0.63
CA LEU E 145 -30.43 -24.44 -0.80
C LEU E 145 -29.64 -23.95 0.42
N ASN E 146 -30.10 -22.89 1.08
CA ASN E 146 -29.40 -22.29 2.21
C ASN E 146 -30.40 -22.07 3.34
N THR E 147 -30.85 -23.17 3.95
CA THR E 147 -31.98 -23.13 4.86
C THR E 147 -31.68 -22.26 6.09
N LEU E 148 -32.65 -21.42 6.46
CA LEU E 148 -32.54 -20.60 7.66
C LEU E 148 -33.15 -21.37 8.84
N VAL E 149 -32.42 -21.41 9.94
CA VAL E 149 -32.80 -22.19 11.11
C VAL E 149 -33.01 -21.26 12.29
N ARG E 150 -33.90 -21.67 13.20
CA ARG E 150 -34.22 -20.87 14.38
C ARG E 150 -32.98 -20.76 15.28
N GLY E 151 -32.44 -19.56 15.39
CA GLY E 151 -31.24 -19.32 16.16
C GLY E 151 -29.95 -19.28 15.36
N GLN E 152 -30.03 -19.08 14.05
CA GLN E 152 -28.85 -19.10 13.19
C GLN E 152 -28.44 -17.68 12.81
N LYS E 153 -27.14 -17.46 12.75
CA LYS E 153 -26.57 -16.20 12.27
C LYS E 153 -26.29 -16.36 10.79
N LEU E 154 -27.21 -15.89 9.94
CA LEU E 154 -27.08 -16.01 8.49
C LEU E 154 -27.22 -14.65 7.84
N PRO E 155 -26.13 -14.05 7.38
CA PRO E 155 -26.18 -12.71 6.80
C PRO E 155 -26.45 -12.74 5.31
N VAL E 156 -26.65 -11.54 4.76
CA VAL E 156 -26.90 -11.34 3.34
C VAL E 156 -25.90 -10.31 2.83
N PHE E 157 -24.93 -10.76 2.03
CA PHE E 157 -23.89 -9.87 1.50
C PHE E 157 -24.40 -9.25 0.20
N SER E 158 -24.39 -7.93 0.14
CA SER E 158 -24.94 -7.21 -1.00
C SER E 158 -23.93 -6.15 -1.45
N GLY E 159 -24.40 -5.18 -2.23
CA GLY E 159 -23.58 -4.08 -2.67
C GLY E 159 -24.43 -2.86 -2.95
N SER E 160 -23.76 -1.72 -3.08
CA SER E 160 -24.45 -0.47 -3.39
C SER E 160 -25.03 -0.54 -4.80
N GLY E 161 -26.37 -0.50 -4.89
CA GLY E 161 -27.09 -0.64 -6.13
C GLY E 161 -27.89 -1.93 -6.22
N LEU E 162 -27.43 -2.98 -5.55
CA LEU E 162 -28.15 -4.25 -5.55
C LEU E 162 -29.42 -4.13 -4.70
N PRO E 163 -30.47 -4.84 -5.09
CA PRO E 163 -31.78 -4.66 -4.42
C PRO E 163 -31.89 -5.44 -3.11
N HIS E 164 -30.97 -5.17 -2.19
CA HIS E 164 -31.02 -5.82 -0.89
C HIS E 164 -32.11 -5.25 0.02
N LYS E 165 -32.58 -4.04 -0.27
CA LYS E 165 -33.68 -3.49 0.53
C LYS E 165 -34.98 -4.22 0.23
N GLU E 166 -35.20 -4.60 -1.03
CA GLU E 166 -36.42 -5.33 -1.39
C GLU E 166 -36.42 -6.71 -0.78
N LEU E 167 -35.28 -7.40 -0.79
CA LEU E 167 -35.21 -8.74 -0.22
C LEU E 167 -35.39 -8.70 1.29
N ALA E 168 -34.88 -7.65 1.94
CA ALA E 168 -35.06 -7.51 3.38
C ALA E 168 -36.53 -7.29 3.72
N ALA E 169 -37.22 -6.43 2.96
CA ALA E 169 -38.64 -6.25 3.16
C ALA E 169 -39.43 -7.49 2.78
N GLN E 170 -38.94 -8.25 1.80
CA GLN E 170 -39.62 -9.48 1.40
C GLN E 170 -39.59 -10.51 2.52
N ILE E 171 -38.42 -10.66 3.16
CA ILE E 171 -38.30 -11.64 4.24
C ILE E 171 -39.09 -11.20 5.46
N ALA E 172 -39.08 -9.90 5.76
CA ALA E 172 -39.73 -9.40 6.97
C ALA E 172 -41.24 -9.54 6.92
N ARG E 173 -41.82 -9.73 5.73
CA ARG E 173 -43.26 -9.92 5.61
C ARG E 173 -43.64 -11.35 5.24
N GLN E 174 -42.67 -12.20 4.89
CA GLN E 174 -42.95 -13.58 4.50
C GLN E 174 -42.41 -14.60 5.49
N ALA E 175 -41.64 -14.18 6.49
CA ALA E 175 -41.07 -15.12 7.45
C ALA E 175 -42.12 -15.59 8.43
N THR E 176 -42.11 -16.90 8.71
CA THR E 176 -43.07 -17.49 9.64
C THR E 176 -42.55 -18.85 10.08
N VAL E 177 -43.25 -19.44 11.04
CA VAL E 177 -42.93 -20.76 11.57
C VAL E 177 -44.07 -21.70 11.23
N LEU E 178 -43.75 -22.85 10.61
CA LEU E 178 -44.76 -23.80 10.21
C LEU E 178 -45.29 -24.58 11.41
N ASP E 179 -46.58 -24.90 11.37
CA ASP E 179 -47.27 -25.63 12.45
C ASP E 179 -47.17 -24.88 13.78
N SER E 180 -47.25 -23.56 13.72
CA SER E 180 -47.20 -22.68 14.89
C SER E 180 -48.02 -21.44 14.56
N SER E 181 -48.66 -20.86 15.58
CA SER E 181 -49.60 -19.77 15.34
C SER E 181 -49.38 -18.62 16.31
N ASP E 182 -49.17 -17.43 15.76
CA ASP E 182 -49.16 -16.16 16.50
C ASP E 182 -48.04 -16.11 17.53
N ASP E 183 -46.93 -16.80 17.27
CA ASP E 183 -45.77 -16.80 18.15
C ASP E 183 -44.51 -16.35 17.43
N PHE E 184 -44.66 -15.65 16.31
CA PHE E 184 -43.54 -15.24 15.47
C PHE E 184 -43.57 -13.73 15.28
N ALA E 185 -42.43 -13.08 15.52
CA ALA E 185 -42.30 -11.64 15.35
C ALA E 185 -41.02 -11.33 14.59
N VAL E 186 -40.92 -10.11 14.09
CA VAL E 186 -39.79 -9.67 13.28
C VAL E 186 -39.33 -8.32 13.81
N VAL E 187 -38.08 -8.26 14.28
CA VAL E 187 -37.50 -7.04 14.82
C VAL E 187 -36.63 -6.44 13.72
N PHE E 188 -37.13 -5.37 13.10
CA PHE E 188 -36.45 -4.71 11.99
C PHE E 188 -35.69 -3.51 12.52
N ALA E 189 -34.37 -3.50 12.31
CA ALA E 189 -33.49 -2.44 12.80
C ALA E 189 -32.78 -1.79 11.63
N ALA E 190 -33.01 -0.50 11.43
CA ALA E 190 -32.35 0.28 10.40
C ALA E 190 -31.17 1.03 11.03
N ILE E 191 -30.01 0.98 10.39
CA ILE E 191 -28.79 1.57 10.91
C ILE E 191 -28.25 2.52 9.85
N GLY E 192 -28.43 3.82 10.07
CA GLY E 192 -27.83 4.84 9.22
C GLY E 192 -28.24 4.78 7.77
N ILE E 193 -29.51 5.05 7.49
CA ILE E 193 -30.02 5.05 6.12
C ILE E 193 -30.63 6.41 5.83
N THR E 194 -31.00 6.62 4.56
CA THR E 194 -31.58 7.88 4.13
C THR E 194 -33.05 7.95 4.55
N PHE E 195 -33.64 9.13 4.38
CA PHE E 195 -35.04 9.30 4.70
C PHE E 195 -35.94 8.60 3.69
N GLU E 196 -35.55 8.61 2.42
CA GLU E 196 -36.35 7.95 1.40
C GLU E 196 -36.28 6.43 1.53
N GLU E 197 -35.10 5.91 1.87
CA GLU E 197 -34.99 4.47 2.11
C GLU E 197 -35.71 4.07 3.39
N ALA E 198 -35.83 5.00 4.35
CA ALA E 198 -36.57 4.69 5.58
C ALA E 198 -38.06 4.60 5.31
N GLU E 199 -38.60 5.55 4.56
CA GLU E 199 -40.02 5.50 4.21
C GLU E 199 -40.35 4.35 3.27
N PHE E 200 -39.35 3.81 2.58
CA PHE E 200 -39.55 2.58 1.81
C PHE E 200 -40.07 1.46 2.70
N PHE E 201 -39.37 1.20 3.80
CA PHE E 201 -39.80 0.13 4.70
C PHE E 201 -41.05 0.51 5.46
N MSE E 202 -41.18 1.79 5.84
CA MSE E 202 -42.35 2.27 6.56
C MSE E 202 -43.63 2.05 5.74
O MSE E 202 -44.64 1.56 6.27
CB MSE E 202 -42.21 3.76 6.89
CG MSE E 202 -41.13 4.07 7.91
SE MSE E 202 -41.57 3.47 9.72
CE MSE E 202 -43.19 4.54 9.99
N GLU E 203 -43.59 2.41 4.47
CA GLU E 203 -44.75 2.23 3.60
C GLU E 203 -45.01 0.76 3.32
N ASP E 204 -43.94 -0.04 3.19
CA ASP E 204 -44.10 -1.45 2.85
C ASP E 204 -44.63 -2.23 4.05
N PHE E 205 -44.19 -1.88 5.27
CA PHE E 205 -44.61 -2.62 6.44
C PHE E 205 -46.08 -2.40 6.75
N ARG E 206 -46.59 -1.20 6.48
CA ARG E 206 -47.98 -0.90 6.83
C ARG E 206 -48.95 -1.44 5.79
N GLN E 207 -48.61 -1.31 4.49
CA GLN E 207 -49.52 -1.77 3.45
C GLN E 207 -49.61 -3.29 3.42
N THR E 208 -48.47 -3.98 3.58
CA THR E 208 -48.47 -5.44 3.60
C THR E 208 -48.95 -6.01 4.92
N GLY E 209 -49.23 -5.17 5.91
CA GLY E 209 -49.70 -5.66 7.19
C GLY E 209 -48.64 -6.25 8.08
N ALA E 210 -47.37 -6.23 7.66
CA ALA E 210 -46.30 -6.81 8.47
C ALA E 210 -45.97 -5.96 9.68
N ILE E 211 -46.46 -4.72 9.74
CA ILE E 211 -46.22 -3.88 10.91
C ILE E 211 -46.93 -4.46 12.13
N ASP E 212 -48.06 -5.12 11.92
CA ASP E 212 -48.85 -5.66 13.02
C ASP E 212 -48.12 -6.75 13.80
N ARG E 213 -47.02 -7.28 13.27
CA ARG E 213 -46.28 -8.33 13.95
C ARG E 213 -44.79 -8.01 14.01
N SER E 214 -44.42 -6.73 13.98
CA SER E 214 -43.03 -6.33 13.90
C SER E 214 -42.74 -5.20 14.88
N VAL E 215 -41.50 -5.17 15.35
CA VAL E 215 -40.99 -4.10 16.20
C VAL E 215 -39.85 -3.44 15.45
N MSE E 216 -40.06 -2.18 15.06
CA MSE E 216 -39.10 -1.50 14.19
C MSE E 216 -38.32 -0.39 14.90
O MSE E 216 -38.89 0.44 15.60
CB MSE E 216 -39.84 -0.91 12.98
CG MSE E 216 -40.67 -1.94 12.22
SE MSE E 216 -41.65 -1.18 10.72
CE MSE E 216 -40.13 -0.67 9.61
N PHE E 217 -37.00 -0.40 14.70
CA PHE E 217 -36.11 0.63 15.23
C PHE E 217 -35.45 1.33 14.05
N MSE E 218 -35.72 2.62 13.90
CA MSE E 218 -35.22 3.37 12.74
C MSE E 218 -34.15 4.37 13.14
O MSE E 218 -34.35 5.21 14.02
CB MSE E 218 -36.38 4.09 12.04
CG MSE E 218 -37.57 3.19 11.75
SE MSE E 218 -37.13 1.72 10.55
CE MSE E 218 -36.87 2.73 8.91
N ASN E 219 -33.00 4.29 12.47
CA ASN E 219 -31.88 5.21 12.68
C ASN E 219 -31.45 5.76 11.33
N LEU E 220 -31.58 7.08 11.17
CA LEU E 220 -31.31 7.72 9.90
C LEU E 220 -29.82 7.96 9.71
N ALA E 221 -29.45 8.42 8.51
CA ALA E 221 -28.05 8.71 8.23
C ALA E 221 -27.59 9.99 8.90
N ASN E 222 -28.49 10.94 9.11
CA ASN E 222 -28.15 12.19 9.76
C ASN E 222 -28.28 12.12 11.29
N ASP E 223 -28.65 10.96 11.83
CA ASP E 223 -28.70 10.78 13.26
C ASP E 223 -27.28 10.75 13.84
N PRO E 224 -27.13 11.03 15.14
CA PRO E 224 -25.79 10.99 15.75
C PRO E 224 -25.13 9.63 15.57
N ALA E 225 -23.81 9.65 15.38
CA ALA E 225 -23.07 8.42 15.13
C ALA E 225 -23.08 7.47 16.33
N ILE E 226 -23.28 8.00 17.53
CA ILE E 226 -23.41 7.12 18.69
C ILE E 226 -24.77 6.46 18.69
N GLU E 227 -25.81 7.18 18.22
CA GLU E 227 -27.11 6.56 18.07
C GLU E 227 -27.09 5.51 16.96
N ARG E 228 -26.14 5.62 16.03
CA ARG E 228 -26.02 4.60 14.99
C ARG E 228 -25.42 3.32 15.54
N ILE E 229 -24.41 3.44 16.41
CA ILE E 229 -23.78 2.24 16.97
C ILE E 229 -24.56 1.65 18.13
N ALA E 230 -25.52 2.39 18.68
CA ALA E 230 -26.39 1.87 19.74
C ALA E 230 -27.72 1.39 19.21
N THR E 231 -28.01 1.58 17.92
CA THR E 231 -29.29 1.15 17.37
C THR E 231 -29.43 -0.37 17.36
N PRO E 232 -28.48 -1.16 16.84
CA PRO E 232 -28.67 -2.62 16.83
C PRO E 232 -28.73 -3.21 18.24
N ARG E 233 -28.10 -2.56 19.22
CA ARG E 233 -28.17 -3.07 20.59
C ARG E 233 -29.57 -2.88 21.18
N MSE E 234 -30.29 -1.85 20.76
CA MSE E 234 -31.65 -1.62 21.21
C MSE E 234 -32.57 -2.71 20.68
O MSE E 234 -33.42 -3.23 21.40
CB MSE E 234 -32.14 -0.25 20.75
CG MSE E 234 -31.46 0.93 21.41
SE MSE E 234 -32.27 1.43 23.11
CE MSE E 234 -31.06 2.86 23.64
N ALA E 235 -32.39 -3.05 19.41
CA ALA E 235 -33.25 -4.05 18.77
C ALA E 235 -33.06 -5.41 19.40
N LEU E 236 -31.80 -5.81 19.65
CA LEU E 236 -31.54 -7.14 20.20
C LEU E 236 -31.98 -7.24 21.65
N THR E 237 -31.94 -6.14 22.40
CA THR E 237 -32.45 -6.17 23.76
C THR E 237 -33.96 -6.38 23.77
N ALA E 238 -34.68 -5.70 22.87
CA ALA E 238 -36.10 -5.95 22.75
C ALA E 238 -36.37 -7.31 22.11
N ALA E 239 -35.45 -7.79 21.28
CA ALA E 239 -35.62 -9.12 20.68
C ALA E 239 -35.46 -10.20 21.74
N GLU E 240 -34.47 -10.07 22.61
CA GLU E 240 -34.28 -11.05 23.67
C GLU E 240 -35.42 -11.01 24.68
N TYR E 241 -36.11 -9.87 24.78
CA TYR E 241 -37.24 -9.78 25.69
C TYR E 241 -38.45 -10.55 25.14
N LEU E 242 -38.72 -10.40 23.84
CA LEU E 242 -39.88 -11.07 23.27
C LEU E 242 -39.63 -12.56 23.09
N ALA E 243 -38.38 -12.98 23.02
CA ALA E 243 -38.06 -14.37 22.72
C ALA E 243 -37.83 -15.20 23.98
N TYR E 244 -37.12 -14.66 24.96
CA TYR E 244 -36.77 -15.43 26.15
C TYR E 244 -37.71 -15.19 27.32
N GLU E 245 -38.32 -14.02 27.42
CA GLU E 245 -39.29 -13.75 28.48
C GLU E 245 -40.74 -13.90 28.02
N LYS E 246 -40.98 -13.93 26.71
CA LYS E 246 -42.33 -14.14 26.19
C LYS E 246 -42.45 -15.36 25.30
N GLY E 247 -41.35 -16.02 24.96
CA GLY E 247 -41.41 -17.27 24.22
C GLY E 247 -41.83 -17.13 22.77
N MSE E 248 -41.31 -16.12 22.07
CA MSE E 248 -41.63 -15.94 20.66
C MSE E 248 -40.42 -16.21 19.77
O MSE E 248 -39.29 -15.84 20.09
CB MSE E 248 -42.14 -14.52 20.39
CG MSE E 248 -43.43 -14.15 21.10
SE MSE E 248 -44.17 -12.50 20.37
CE MSE E 248 -44.57 -11.58 22.04
N HIS E 249 -40.67 -16.86 18.63
CA HIS E 249 -39.63 -17.03 17.61
C HIS E 249 -39.38 -15.67 16.96
N VAL E 250 -38.35 -14.97 17.43
CA VAL E 250 -38.09 -13.60 17.00
C VAL E 250 -37.02 -13.61 15.92
N LEU E 251 -37.31 -12.91 14.81
CA LEU E 251 -36.37 -12.72 13.73
C LEU E 251 -35.86 -11.28 13.78
N VAL E 252 -34.56 -11.10 13.57
CA VAL E 252 -33.91 -9.79 13.68
C VAL E 252 -33.24 -9.49 12.34
N ILE E 253 -33.81 -8.56 11.59
CA ILE E 253 -33.26 -8.11 10.32
C ILE E 253 -32.59 -6.76 10.53
N MSE E 254 -31.33 -6.65 10.12
CA MSE E 254 -30.56 -5.42 10.31
C MSE E 254 -29.85 -4.96 9.04
O MSE E 254 -29.22 -5.76 8.34
CB MSE E 254 -29.54 -5.61 11.44
CG MSE E 254 -30.16 -5.77 12.82
SE MSE E 254 -28.83 -6.17 14.19
CE MSE E 254 -28.20 -7.88 13.52
N THR E 255 -29.97 -3.67 8.74
CA THR E 255 -29.34 -3.07 7.57
C THR E 255 -29.33 -1.56 7.75
N ASP E 256 -28.22 -0.92 7.41
CA ASP E 256 -27.04 -1.58 6.86
C ASP E 256 -25.96 -1.73 7.93
N MSE E 257 -25.18 -2.80 7.84
CA MSE E 257 -24.09 -3.05 8.77
C MSE E 257 -22.85 -2.26 8.39
O MSE E 257 -22.00 -1.95 9.23
CB MSE E 257 -23.78 -4.54 8.84
CG MSE E 257 -24.93 -5.39 9.35
SE MSE E 257 -25.62 -4.73 11.06
CE MSE E 257 -23.99 -4.84 12.11
N THR E 258 -22.73 -1.94 7.10
CA THR E 258 -21.64 -1.08 6.65
C THR E 258 -21.75 0.29 7.29
N ASN E 259 -22.96 0.85 7.32
CA ASN E 259 -23.15 2.15 7.97
C ASN E 259 -22.91 2.07 9.46
N TYR E 260 -23.05 0.88 10.05
CA TYR E 260 -22.65 0.68 11.43
C TYR E 260 -21.14 0.69 11.57
N ALA E 261 -20.43 0.08 10.61
CA ALA E 261 -18.98 0.04 10.66
C ALA E 261 -18.40 1.42 10.43
N GLU E 262 -19.02 2.22 9.56
CA GLU E 262 -18.56 3.59 9.37
C GLU E 262 -18.79 4.43 10.61
N ALA E 263 -19.95 4.28 11.24
CA ALA E 263 -20.23 5.02 12.47
C ALA E 263 -19.34 4.55 13.61
N LEU E 264 -18.90 3.29 13.58
CA LEU E 264 -17.99 2.81 14.61
C LEU E 264 -16.58 3.36 14.39
N ARG E 265 -16.14 3.46 13.14
CA ARG E 265 -14.84 4.06 12.85
C ARG E 265 -14.87 5.57 13.06
N GLU E 266 -16.03 6.19 12.91
CA GLU E 266 -16.14 7.63 13.14
C GLU E 266 -15.95 7.96 14.62
N ILE E 267 -16.56 7.16 15.50
CA ILE E 267 -16.39 7.39 16.94
C ILE E 267 -14.98 7.01 17.37
N SER E 268 -14.39 5.98 16.74
CA SER E 268 -13.02 5.60 17.07
C SER E 268 -12.05 6.72 16.72
N ALA E 269 -12.21 7.32 15.54
CA ALA E 269 -11.38 8.46 15.18
C ALA E 269 -11.69 9.67 16.06
N ALA E 270 -12.93 9.77 16.55
CA ALA E 270 -13.27 10.88 17.42
C ALA E 270 -12.57 10.77 18.77
N ARG E 271 -12.38 9.54 19.25
CA ARG E 271 -11.68 9.29 20.49
C ARG E 271 -10.20 9.02 20.28
N ARG E 272 -9.72 9.06 19.03
CA ARG E 272 -8.31 8.89 18.69
C ARG E 272 -7.76 7.56 19.21
N GLU E 273 -8.38 6.49 18.73
CA GLU E 273 -7.93 5.13 19.01
C GLU E 273 -7.03 4.65 17.87
N VAL E 274 -6.15 3.70 18.19
CA VAL E 274 -5.22 3.16 17.21
C VAL E 274 -5.99 2.49 16.09
N PRO E 275 -5.88 2.96 14.85
CA PRO E 275 -6.65 2.35 13.76
C PRO E 275 -6.06 1.02 13.35
N GLY E 276 -6.94 0.05 13.08
CA GLY E 276 -6.50 -1.26 12.65
C GLY E 276 -6.39 -1.37 11.14
N ARG E 277 -6.89 -2.47 10.59
CA ARG E 277 -6.83 -2.70 9.16
C ARG E 277 -7.89 -1.87 8.45
N ARG E 278 -7.49 -1.17 7.39
CA ARG E 278 -8.39 -0.32 6.61
C ARG E 278 -9.03 0.77 7.46
N GLY E 279 -8.31 1.28 8.45
CA GLY E 279 -8.80 2.36 9.28
C GLY E 279 -9.78 1.96 10.36
N TYR E 280 -10.45 0.82 10.21
CA TYR E 280 -11.45 0.41 11.17
C TYR E 280 -10.81 0.04 12.50
N PRO E 281 -11.57 0.10 13.59
CA PRO E 281 -11.03 -0.29 14.90
C PRO E 281 -10.57 -1.74 14.90
N GLY E 282 -9.48 -1.99 15.61
CA GLY E 282 -8.97 -3.35 15.71
C GLY E 282 -9.92 -4.28 16.44
N TYR E 283 -10.77 -3.73 17.30
CA TYR E 283 -11.75 -4.51 18.02
C TYR E 283 -13.07 -4.64 17.26
N LEU E 284 -13.03 -4.53 15.93
CA LEU E 284 -14.25 -4.63 15.14
C LEU E 284 -14.84 -6.04 15.22
N TYR E 285 -13.99 -7.06 15.21
CA TYR E 285 -14.48 -8.43 15.32
C TYR E 285 -15.16 -8.66 16.66
N THR E 286 -14.58 -8.11 17.74
CA THR E 286 -15.19 -8.26 19.05
C THR E 286 -16.50 -7.51 19.13
N ASN E 287 -16.53 -6.27 18.64
CA ASN E 287 -17.73 -5.45 18.71
C ASN E 287 -18.86 -6.05 17.86
N LEU E 288 -18.52 -6.59 16.69
CA LEU E 288 -19.53 -7.26 15.87
C LEU E 288 -20.00 -8.54 16.54
N ALA E 289 -19.10 -9.24 17.23
CA ALA E 289 -19.47 -10.49 17.87
C ALA E 289 -20.42 -10.26 19.04
N THR E 290 -20.29 -9.13 19.73
CA THR E 290 -21.22 -8.83 20.82
C THR E 290 -22.64 -8.59 20.30
N LEU E 291 -22.81 -8.43 18.99
CA LEU E 291 -24.12 -8.29 18.38
C LEU E 291 -24.61 -9.57 17.73
N PHE E 292 -23.72 -10.36 17.14
CA PHE E 292 -24.14 -11.56 16.42
C PHE E 292 -24.30 -12.76 17.35
N GLU E 293 -23.51 -12.82 18.43
CA GLU E 293 -23.64 -13.92 19.39
C GLU E 293 -24.89 -13.81 20.25
N ARG E 294 -25.69 -12.75 20.07
CA ARG E 294 -26.96 -12.66 20.78
C ARG E 294 -27.95 -13.70 20.28
N ALA E 295 -27.79 -14.16 19.04
CA ALA E 295 -28.69 -15.14 18.48
C ALA E 295 -28.41 -16.53 19.04
N GLY E 296 -29.38 -17.42 18.89
CA GLY E 296 -29.26 -18.77 19.41
C GLY E 296 -30.41 -19.18 20.29
N ARG E 297 -30.56 -20.47 20.53
CA ARG E 297 -31.62 -20.99 21.37
C ARG E 297 -31.10 -21.34 22.76
N ILE E 298 -32.00 -21.39 23.72
CA ILE E 298 -31.67 -21.67 25.12
C ILE E 298 -32.42 -22.92 25.56
N ARG E 299 -31.73 -23.78 26.32
CA ARG E 299 -32.36 -24.99 26.83
C ARG E 299 -33.53 -24.64 27.74
N GLY E 300 -34.66 -25.33 27.55
CA GLY E 300 -35.81 -25.12 28.40
C GLY E 300 -36.43 -23.75 28.29
N LEU E 301 -36.25 -23.08 27.14
CA LEU E 301 -36.81 -21.76 26.90
C LEU E 301 -37.44 -21.74 25.52
N LYS E 302 -38.75 -21.55 25.47
CA LYS E 302 -39.44 -21.42 24.20
C LYS E 302 -39.03 -20.13 23.51
N GLY E 303 -39.20 -20.10 22.19
CA GLY E 303 -38.80 -18.96 21.40
C GLY E 303 -37.33 -19.02 21.02
N SER E 304 -36.95 -18.13 20.10
CA SER E 304 -35.60 -18.11 19.59
C SER E 304 -35.29 -16.74 19.01
N VAL E 305 -34.01 -16.35 19.10
CA VAL E 305 -33.52 -15.11 18.52
C VAL E 305 -32.72 -15.47 17.28
N THR E 306 -33.22 -15.04 16.12
CA THR E 306 -32.57 -15.29 14.83
C THR E 306 -32.22 -13.96 14.18
N GLN E 307 -30.99 -13.86 13.67
CA GLN E 307 -30.49 -12.61 13.10
C GLN E 307 -30.18 -12.81 11.63
N ILE E 308 -30.67 -11.88 10.80
CA ILE E 308 -30.35 -11.85 9.38
C ILE E 308 -29.62 -10.55 9.09
N PRO E 309 -28.31 -10.50 9.26
CA PRO E 309 -27.56 -9.27 8.91
C PRO E 309 -27.60 -9.03 7.41
N ILE E 310 -27.66 -7.75 7.04
CA ILE E 310 -27.62 -7.33 5.65
C ILE E 310 -26.57 -6.23 5.52
N LEU E 311 -25.51 -6.49 4.75
CA LEU E 311 -24.41 -5.56 4.62
C LEU E 311 -24.01 -5.44 3.15
N THR E 312 -23.54 -4.26 2.79
CA THR E 312 -23.04 -3.99 1.45
C THR E 312 -21.51 -4.09 1.46
N MSE E 313 -20.96 -4.84 0.51
CA MSE E 313 -19.51 -5.01 0.41
C MSE E 313 -18.86 -3.88 -0.39
O MSE E 313 -19.13 -3.72 -1.58
CB MSE E 313 -19.18 -6.36 -0.24
CG MSE E 313 -19.67 -7.57 0.54
SE MSE E 313 -19.12 -9.27 -0.25
CE MSE E 313 -20.12 -9.19 -1.93
N PRO E 314 -18.02 -3.09 0.28
CA PRO E 314 -17.31 -2.01 -0.43
C PRO E 314 -16.39 -2.58 -1.51
N GLU E 315 -16.38 -1.92 -2.66
CA GLU E 315 -15.65 -2.33 -3.85
C GLU E 315 -16.07 -3.71 -4.35
N ASP E 316 -17.19 -4.23 -3.86
CA ASP E 316 -17.62 -5.60 -4.13
C ASP E 316 -16.53 -6.60 -3.76
N ASP E 317 -15.79 -6.29 -2.70
CA ASP E 317 -14.66 -7.10 -2.26
C ASP E 317 -15.02 -7.82 -0.98
N LYS E 318 -14.84 -9.14 -0.97
CA LYS E 318 -15.16 -9.95 0.20
C LYS E 318 -14.04 -9.96 1.24
N THR E 319 -12.82 -9.60 0.85
CA THR E 319 -11.72 -9.50 1.80
C THR E 319 -11.72 -8.19 2.58
N HIS E 320 -12.74 -7.36 2.42
CA HIS E 320 -12.85 -6.13 3.17
C HIS E 320 -13.19 -6.44 4.62
N PRO E 321 -12.70 -5.63 5.57
CA PRO E 321 -12.95 -5.93 6.99
C PRO E 321 -14.43 -6.02 7.37
N ILE E 322 -15.34 -5.46 6.58
CA ILE E 322 -16.74 -5.48 6.98
C ILE E 322 -17.37 -6.83 6.64
N PRO E 323 -17.28 -7.35 5.39
CA PRO E 323 -17.85 -8.66 5.12
C PRO E 323 -16.99 -9.81 5.63
N ASP E 324 -15.67 -9.64 5.58
CA ASP E 324 -14.75 -10.70 5.99
C ASP E 324 -14.93 -11.03 7.47
N LEU E 325 -14.74 -10.03 8.35
CA LEU E 325 -14.85 -10.28 9.78
C LEU E 325 -16.25 -10.73 10.16
N THR E 326 -17.26 -10.30 9.40
CA THR E 326 -18.62 -10.81 9.64
C THR E 326 -18.70 -12.29 9.32
N GLY E 327 -18.07 -12.72 8.22
CA GLY E 327 -18.10 -14.13 7.87
C GLY E 327 -17.43 -15.02 8.90
N TYR E 328 -16.57 -14.43 9.73
CA TYR E 328 -15.93 -15.21 10.78
C TYR E 328 -16.85 -15.44 11.96
N ILE E 329 -17.88 -14.61 12.13
CA ILE E 329 -18.80 -14.75 13.26
C ILE E 329 -20.02 -15.55 12.82
N THR E 330 -20.70 -15.08 11.79
CA THR E 330 -21.96 -15.68 11.36
C THR E 330 -21.72 -17.04 10.71
N GLU E 331 -22.71 -17.92 10.84
CA GLU E 331 -22.69 -19.23 10.18
C GLU E 331 -23.19 -19.05 8.75
N GLY E 332 -22.26 -18.98 7.81
CA GLY E 332 -22.64 -18.85 6.41
C GLY E 332 -22.82 -17.41 5.98
N GLN E 333 -23.43 -17.26 4.80
CA GLN E 333 -23.67 -15.96 4.20
C GLN E 333 -24.50 -16.15 2.94
N ILE E 334 -25.17 -15.08 2.53
CA ILE E 334 -25.99 -15.06 1.32
C ILE E 334 -25.43 -14.00 0.39
N ILE E 335 -24.91 -14.42 -0.75
CA ILE E 335 -24.21 -13.54 -1.68
C ILE E 335 -25.18 -13.01 -2.72
N LEU E 336 -25.11 -11.71 -3.00
CA LEU E 336 -25.88 -11.08 -4.07
C LEU E 336 -24.89 -10.55 -5.10
N THR E 337 -24.90 -11.15 -6.29
CA THR E 337 -23.93 -10.83 -7.33
C THR E 337 -24.52 -9.83 -8.32
N ARG E 338 -23.63 -9.25 -9.13
CA ARG E 338 -24.02 -8.29 -10.16
C ARG E 338 -24.39 -8.96 -11.47
N GLU E 339 -23.77 -10.10 -11.80
CA GLU E 339 -24.08 -10.77 -13.06
C GLU E 339 -25.52 -11.26 -13.09
N LEU E 340 -26.03 -11.73 -11.95
CA LEU E 340 -27.41 -12.20 -11.89
C LEU E 340 -28.40 -11.04 -11.80
N TYR E 341 -28.00 -9.93 -11.18
CA TYR E 341 -28.89 -8.78 -11.09
C TYR E 341 -29.08 -8.12 -12.45
N LYS E 342 -28.03 -8.11 -13.27
CA LYS E 342 -28.17 -7.56 -14.61
C LYS E 342 -29.04 -8.43 -15.49
N SER E 343 -29.12 -9.72 -15.19
CA SER E 343 -29.95 -10.65 -15.95
C SER E 343 -31.42 -10.57 -15.60
N GLY E 344 -31.77 -9.85 -14.54
CA GLY E 344 -33.16 -9.74 -14.14
C GLY E 344 -33.62 -10.80 -13.15
N ILE E 345 -32.70 -11.40 -12.40
CA ILE E 345 -33.05 -12.45 -11.45
C ILE E 345 -33.42 -11.78 -10.12
N GLN E 346 -34.62 -12.05 -9.64
CA GLN E 346 -35.11 -11.46 -8.40
C GLN E 346 -35.48 -12.54 -7.39
N PRO E 347 -34.74 -12.67 -6.28
CA PRO E 347 -33.54 -11.90 -5.96
C PRO E 347 -32.28 -12.48 -6.60
N PRO E 348 -31.30 -11.63 -6.89
CA PRO E 348 -30.06 -12.11 -7.56
C PRO E 348 -29.12 -12.81 -6.58
N ILE E 349 -29.51 -14.01 -6.17
CA ILE E 349 -28.73 -14.80 -5.21
C ILE E 349 -27.90 -15.81 -5.99
N ASP E 350 -26.59 -15.80 -5.76
CA ASP E 350 -25.68 -16.79 -6.31
C ASP E 350 -25.45 -17.85 -5.25
N VAL E 351 -25.92 -19.08 -5.52
CA VAL E 351 -25.82 -20.13 -4.52
C VAL E 351 -24.42 -20.76 -4.50
N LEU E 352 -23.60 -20.50 -5.52
CA LEU E 352 -22.24 -21.05 -5.52
C LEU E 352 -21.39 -20.50 -4.38
N PRO E 353 -21.31 -19.19 -4.14
CA PRO E 353 -20.52 -18.71 -2.99
C PRO E 353 -21.29 -18.69 -1.68
N SER E 354 -22.60 -18.83 -1.71
CA SER E 354 -23.39 -18.79 -0.48
C SER E 354 -23.32 -20.13 0.24
N LEU E 355 -23.68 -20.11 1.52
CA LEU E 355 -23.61 -21.30 2.35
C LEU E 355 -24.46 -21.08 3.61
N SER E 356 -25.03 -22.18 4.11
CA SER E 356 -25.73 -22.20 5.39
C SER E 356 -25.17 -23.36 6.19
N ARG E 357 -24.49 -23.05 7.30
CA ARG E 357 -23.76 -24.07 8.04
C ARG E 357 -24.64 -24.87 8.99
N LEU E 358 -25.85 -24.39 9.28
CA LEU E 358 -26.75 -25.08 10.20
C LEU E 358 -27.97 -25.66 9.50
N LYS E 359 -27.96 -25.68 8.16
CA LYS E 359 -29.11 -26.17 7.41
C LYS E 359 -29.43 -27.63 7.70
N ASP E 360 -28.47 -28.40 8.24
CA ASP E 360 -28.73 -29.79 8.56
C ASP E 360 -29.77 -29.92 9.66
N LYS E 361 -29.78 -29.00 10.61
CA LYS E 361 -30.78 -28.98 11.67
C LYS E 361 -32.09 -28.36 11.21
N GLY E 362 -32.22 -28.13 9.89
CA GLY E 362 -33.42 -27.57 9.32
C GLY E 362 -34.02 -28.52 8.31
N THR E 363 -33.21 -29.42 7.77
CA THR E 363 -33.68 -30.36 6.76
C THR E 363 -34.16 -31.65 7.42
N GLY E 364 -34.62 -32.60 6.61
CA GLY E 364 -35.20 -33.83 7.11
C GLY E 364 -36.68 -33.72 7.46
N ALA E 365 -37.28 -34.87 7.74
CA ALA E 365 -38.72 -34.98 7.91
C ALA E 365 -39.19 -34.25 9.16
N GLY E 366 -40.31 -33.54 9.03
CA GLY E 366 -40.86 -32.78 10.13
C GLY E 366 -40.30 -31.39 10.26
N LYS E 367 -39.07 -31.18 9.82
CA LYS E 367 -38.53 -29.85 9.63
C LYS E 367 -38.59 -29.41 8.18
N THR E 368 -38.69 -30.36 7.25
CA THR E 368 -38.77 -30.11 5.82
C THR E 368 -39.15 -31.43 5.15
N ARG E 369 -39.31 -31.39 3.83
CA ARG E 369 -39.70 -32.61 3.13
C ARG E 369 -38.54 -33.60 3.10
N GLU E 370 -38.85 -34.88 3.25
CA GLU E 370 -37.82 -35.92 3.36
C GLU E 370 -36.80 -35.82 2.24
N ASP E 371 -37.21 -35.32 1.08
CA ASP E 371 -36.32 -35.18 -0.07
C ASP E 371 -35.41 -33.95 0.01
N HIS E 372 -35.56 -33.11 1.05
CA HIS E 372 -34.88 -31.81 1.08
C HIS E 372 -33.38 -31.96 0.94
N ALA E 373 -32.77 -32.83 1.75
CA ALA E 373 -31.32 -32.95 1.73
C ALA E 373 -30.84 -33.54 0.41
N ALA E 374 -31.59 -34.49 -0.15
CA ALA E 374 -31.15 -35.15 -1.37
C ALA E 374 -31.31 -34.21 -2.57
N THR E 375 -32.43 -33.49 -2.65
CA THR E 375 -32.66 -32.60 -3.78
C THR E 375 -31.69 -31.43 -3.78
N MSE E 376 -31.42 -30.89 -2.60
CA MSE E 376 -30.54 -29.73 -2.44
C MSE E 376 -29.16 -29.98 -3.03
O MSE E 376 -28.64 -29.16 -3.79
CB MSE E 376 -30.42 -29.38 -0.95
CG MSE E 376 -29.46 -28.26 -0.64
SE MSE E 376 -29.15 -28.07 1.29
CE MSE E 376 -28.13 -29.70 1.60
N ASN E 377 -28.58 -31.13 -2.70
CA ASN E 377 -27.22 -31.42 -3.10
C ASN E 377 -27.11 -31.78 -4.58
N GLN E 378 -28.15 -32.40 -5.16
CA GLN E 378 -28.11 -32.71 -6.57
C GLN E 378 -28.36 -31.46 -7.42
N LEU E 379 -29.20 -30.55 -6.92
CA LEU E 379 -29.38 -29.27 -7.61
C LEU E 379 -28.08 -28.47 -7.62
N PHE E 380 -27.34 -28.51 -6.52
CA PHE E 380 -26.10 -27.75 -6.42
C PHE E 380 -25.07 -28.26 -7.43
N ALA E 381 -24.88 -29.58 -7.48
CA ALA E 381 -23.89 -30.13 -8.40
C ALA E 381 -24.29 -29.94 -9.85
N ALA E 382 -25.59 -29.94 -10.14
CA ALA E 382 -26.03 -29.74 -11.50
C ALA E 382 -25.81 -28.30 -11.95
N TYR E 383 -25.99 -27.34 -11.05
CA TYR E 383 -25.73 -25.94 -11.37
C TYR E 383 -24.23 -25.70 -11.57
N ALA E 384 -23.42 -26.18 -10.63
CA ALA E 384 -21.97 -25.99 -10.72
C ALA E 384 -21.41 -26.53 -12.02
N GLN E 385 -21.88 -27.72 -12.44
CA GLN E 385 -21.46 -28.27 -13.72
C GLN E 385 -22.10 -27.49 -14.87
N GLY E 386 -23.32 -27.00 -14.67
CA GLY E 386 -24.01 -26.29 -15.73
C GLY E 386 -23.38 -24.94 -16.01
N LYS E 387 -23.10 -24.16 -14.96
CA LYS E 387 -22.38 -22.91 -15.13
C LYS E 387 -21.01 -23.17 -15.75
N GLN E 388 -20.31 -24.20 -15.24
CA GLN E 388 -19.01 -24.54 -15.79
C GLN E 388 -19.12 -24.86 -17.28
N ALA E 389 -20.19 -25.53 -17.68
CA ALA E 389 -20.40 -25.81 -19.10
C ALA E 389 -20.80 -24.54 -19.85
N LYS E 390 -21.58 -23.67 -19.21
CA LYS E 390 -21.93 -22.41 -19.85
C LYS E 390 -20.70 -21.54 -20.07
N GLU E 391 -19.71 -21.63 -19.19
CA GLU E 391 -18.46 -20.91 -19.40
C GLU E 391 -17.68 -21.49 -20.56
N LEU E 392 -17.70 -22.81 -20.73
CA LEU E 392 -16.97 -23.43 -21.83
C LEU E 392 -17.53 -22.99 -23.17
N ALA E 393 -18.81 -22.62 -23.22
CA ALA E 393 -19.41 -22.24 -24.50
C ALA E 393 -18.95 -20.86 -24.94
N VAL E 394 -18.55 -19.99 -24.02
CA VAL E 394 -18.07 -18.69 -24.46
C VAL E 394 -16.58 -18.73 -24.76
N VAL E 395 -15.78 -19.47 -23.97
CA VAL E 395 -14.34 -19.45 -24.19
C VAL E 395 -13.97 -20.27 -25.42
N LEU E 396 -14.55 -21.46 -25.55
CA LEU E 396 -14.16 -22.37 -26.62
C LEU E 396 -15.27 -22.60 -27.65
N GLY E 397 -16.33 -21.81 -27.61
CA GLY E 397 -17.45 -22.04 -28.50
C GLY E 397 -18.32 -23.18 -28.03
N GLU E 398 -19.42 -23.39 -28.76
CA GLU E 398 -20.40 -24.42 -28.43
C GLU E 398 -20.01 -25.79 -28.97
N SER E 399 -19.01 -25.87 -29.83
CA SER E 399 -18.64 -27.15 -30.43
C SER E 399 -17.69 -27.96 -29.56
N ALA E 400 -17.09 -27.36 -28.55
CA ALA E 400 -16.16 -28.06 -27.67
C ALA E 400 -16.86 -28.76 -26.51
N LEU E 401 -18.18 -28.65 -26.41
CA LEU E 401 -18.94 -29.27 -25.34
C LEU E 401 -19.74 -30.45 -25.90
N SER E 402 -19.81 -31.52 -25.12
CA SER E 402 -20.50 -32.71 -25.56
C SER E 402 -22.02 -32.51 -25.43
N ASP E 403 -22.77 -33.55 -25.81
CA ASP E 403 -24.22 -33.47 -25.76
C ASP E 403 -24.72 -33.34 -24.33
N ILE E 404 -24.03 -33.99 -23.38
CA ILE E 404 -24.45 -33.88 -21.99
C ILE E 404 -24.04 -32.53 -21.41
N ASP E 405 -23.03 -31.89 -22.00
CA ASP E 405 -22.60 -30.59 -21.50
C ASP E 405 -23.61 -29.50 -21.86
N LYS E 406 -24.20 -29.59 -23.04
CA LYS E 406 -25.18 -28.59 -23.44
C LYS E 406 -26.48 -28.73 -22.65
N ILE E 407 -26.74 -29.91 -22.10
CA ILE E 407 -27.93 -30.11 -21.29
C ILE E 407 -27.76 -29.42 -19.94
N TYR E 408 -26.61 -29.60 -19.31
CA TYR E 408 -26.35 -28.91 -18.05
C TYR E 408 -26.31 -27.41 -18.24
N ALA E 409 -25.77 -26.95 -19.37
CA ALA E 409 -25.76 -25.52 -19.65
C ALA E 409 -27.18 -25.00 -19.84
N LYS E 410 -28.05 -25.78 -20.50
CA LYS E 410 -29.44 -25.39 -20.64
C LYS E 410 -30.17 -25.45 -19.31
N PHE E 411 -29.78 -26.38 -18.43
CA PHE E 411 -30.41 -26.47 -17.12
C PHE E 411 -30.10 -25.24 -16.27
N ALA E 412 -28.86 -24.76 -16.34
CA ALA E 412 -28.45 -23.62 -15.53
C ALA E 412 -29.23 -22.36 -15.93
N GLU E 413 -29.69 -22.29 -17.18
CA GLU E 413 -30.49 -21.15 -17.60
C GLU E 413 -31.85 -21.16 -16.92
N ARG E 414 -32.53 -22.32 -16.94
CA ARG E 414 -33.83 -22.42 -16.27
C ARG E 414 -33.68 -22.32 -14.75
N PHE E 415 -32.55 -22.78 -14.20
CA PHE E 415 -32.35 -22.70 -12.76
C PHE E 415 -32.27 -21.25 -12.30
N GLU E 416 -31.57 -20.41 -13.06
CA GLU E 416 -31.43 -19.01 -12.66
C GLU E 416 -32.65 -18.18 -13.02
N ASN E 417 -33.41 -18.59 -14.03
CA ASN E 417 -34.52 -17.79 -14.52
C ASN E 417 -35.88 -18.23 -13.97
N GLU E 418 -36.00 -19.48 -13.50
CA GLU E 418 -37.25 -19.98 -12.97
C GLU E 418 -37.17 -20.32 -11.48
N TYR E 419 -36.09 -20.97 -11.05
CA TYR E 419 -35.99 -21.39 -9.65
C TYR E 419 -35.57 -20.23 -8.75
N VAL E 420 -34.46 -19.57 -9.09
CA VAL E 420 -34.00 -18.46 -8.28
C VAL E 420 -34.85 -17.22 -8.52
N ASN E 421 -35.05 -16.87 -9.79
CA ASN E 421 -35.88 -15.72 -10.16
C ASN E 421 -37.33 -16.05 -9.83
N GLN E 422 -37.81 -15.57 -8.69
CA GLN E 422 -39.20 -15.74 -8.30
C GLN E 422 -39.94 -14.42 -8.13
N GLY E 423 -39.24 -13.35 -7.79
CA GLY E 423 -39.86 -12.06 -7.57
C GLY E 423 -39.79 -11.65 -6.10
N PHE E 424 -39.61 -10.35 -5.87
CA PHE E 424 -39.53 -9.83 -4.51
C PHE E 424 -40.86 -9.82 -3.79
N TYR E 425 -41.97 -10.11 -4.48
CA TYR E 425 -43.29 -10.17 -3.88
C TYR E 425 -43.96 -11.52 -4.15
N THR E 426 -43.16 -12.58 -4.24
CA THR E 426 -43.67 -13.92 -4.54
C THR E 426 -43.23 -14.85 -3.42
N ASN E 427 -44.14 -15.11 -2.47
CA ASN E 427 -43.85 -15.97 -1.33
C ASN E 427 -44.09 -17.42 -1.71
N ARG E 428 -43.02 -18.18 -1.90
CA ARG E 428 -43.15 -19.62 -2.08
C ARG E 428 -43.20 -20.32 -0.71
N THR E 429 -43.67 -21.56 -0.72
CA THR E 429 -43.63 -22.41 0.45
C THR E 429 -42.57 -23.48 0.27
N ILE E 430 -42.26 -24.18 1.37
CA ILE E 430 -41.26 -25.23 1.30
C ILE E 430 -41.71 -26.36 0.39
N THR E 431 -43.02 -26.59 0.32
CA THR E 431 -43.55 -27.59 -0.61
C THR E 431 -43.35 -27.15 -2.05
N GLU E 432 -43.83 -25.94 -2.39
CA GLU E 432 -43.72 -25.45 -3.76
C GLU E 432 -42.27 -25.33 -4.19
N THR E 433 -41.39 -24.97 -3.27
CA THR E 433 -39.97 -24.86 -3.61
C THR E 433 -39.39 -26.21 -4.00
N LEU E 434 -39.66 -27.24 -3.18
CA LEU E 434 -39.13 -28.57 -3.48
C LEU E 434 -39.80 -29.15 -4.73
N ASP E 435 -41.09 -28.85 -4.94
CA ASP E 435 -41.76 -29.33 -6.14
C ASP E 435 -41.21 -28.66 -7.39
N LEU E 436 -40.87 -27.37 -7.30
CA LEU E 436 -40.27 -26.69 -8.44
C LEU E 436 -38.88 -27.24 -8.72
N GLY E 437 -38.16 -27.66 -7.68
CA GLY E 437 -36.83 -28.22 -7.89
C GLY E 437 -36.88 -29.61 -8.48
N TRP E 438 -37.85 -30.42 -8.07
CA TRP E 438 -37.99 -31.76 -8.63
C TRP E 438 -38.34 -31.69 -10.11
N GLU E 439 -39.19 -30.73 -10.49
CA GLU E 439 -39.55 -30.58 -11.89
C GLU E 439 -38.33 -30.24 -12.74
N LEU E 440 -37.36 -29.52 -12.15
CA LEU E 440 -36.18 -29.13 -12.90
C LEU E 440 -35.22 -30.29 -13.08
N LEU E 441 -35.24 -31.26 -12.15
CA LEU E 441 -34.32 -32.39 -12.23
C LEU E 441 -34.70 -33.37 -13.32
N ALA E 442 -35.95 -33.33 -13.79
CA ALA E 442 -36.38 -34.26 -14.84
C ALA E 442 -35.65 -34.03 -16.15
N MSE E 443 -35.06 -32.85 -16.35
CA MSE E 443 -34.25 -32.58 -17.53
C MSE E 443 -33.04 -33.50 -17.56
O MSE E 443 -32.72 -34.10 -18.59
CB MSE E 443 -33.79 -31.12 -17.55
CG MSE E 443 -34.92 -30.10 -17.49
SE MSE E 443 -34.22 -28.29 -17.34
CE MSE E 443 -33.22 -28.20 -19.01
N LEU E 444 -32.36 -33.61 -16.42
CA LEU E 444 -31.20 -34.47 -16.32
C LEU E 444 -31.65 -35.93 -16.27
N PRO E 445 -30.90 -36.84 -16.89
CA PRO E 445 -31.27 -38.25 -16.84
C PRO E 445 -31.15 -38.82 -15.44
N ARG E 446 -31.82 -39.95 -15.22
CA ARG E 446 -31.76 -40.60 -13.91
C ARG E 446 -30.37 -41.14 -13.63
N THR E 447 -29.58 -41.42 -14.67
CA THR E 447 -28.22 -41.90 -14.45
C THR E 447 -27.30 -40.77 -14.02
N GLU E 448 -27.65 -39.53 -14.35
CA GLU E 448 -26.84 -38.38 -13.95
C GLU E 448 -27.13 -37.93 -12.53
N LEU E 449 -28.29 -38.31 -11.98
CA LEU E 449 -28.63 -37.96 -10.59
C LEU E 449 -27.96 -38.97 -9.66
N LYS E 450 -26.64 -38.87 -9.59
CA LYS E 450 -25.83 -39.84 -8.86
C LYS E 450 -25.80 -39.60 -7.36
N ARG E 451 -26.35 -38.49 -6.88
CA ARG E 451 -26.33 -38.17 -5.46
C ARG E 451 -27.67 -38.42 -4.77
N ILE E 452 -28.71 -38.78 -5.52
CA ILE E 452 -30.00 -39.14 -4.96
C ILE E 452 -30.18 -40.65 -5.11
N LYS E 453 -30.52 -41.32 -4.00
CA LYS E 453 -30.67 -42.76 -4.02
C LYS E 453 -31.88 -43.16 -4.88
N ASP E 454 -31.87 -44.41 -5.35
CA ASP E 454 -32.92 -44.87 -6.25
C ASP E 454 -34.29 -44.75 -5.60
N ASP E 455 -34.31 -44.66 -4.27
CA ASP E 455 -35.57 -44.66 -3.54
C ASP E 455 -36.32 -43.35 -3.78
N LEU E 456 -35.70 -42.23 -3.42
CA LEU E 456 -36.35 -40.94 -3.60
C LEU E 456 -36.52 -40.59 -5.08
N LEU E 457 -35.75 -41.24 -5.96
CA LEU E 457 -35.91 -41.00 -7.39
C LEU E 457 -37.22 -41.58 -7.89
N ASP E 458 -37.54 -42.82 -7.49
CA ASP E 458 -38.77 -43.45 -7.94
C ASP E 458 -40.00 -42.84 -7.29
N LYS E 459 -39.83 -42.04 -6.23
CA LYS E 459 -40.96 -41.54 -5.47
C LYS E 459 -41.41 -40.16 -5.90
N TYR E 460 -40.49 -39.31 -6.36
CA TYR E 460 -40.81 -37.92 -6.63
C TYR E 460 -40.53 -37.47 -8.06
N LEU E 461 -39.61 -38.11 -8.76
CA LEU E 461 -39.22 -37.65 -10.10
C LEU E 461 -40.40 -37.78 -11.06
N PRO E 462 -40.86 -36.68 -11.67
CA PRO E 462 -41.96 -36.73 -12.63
C PRO E 462 -41.56 -37.33 -13.99
N MSE F 8 32.43 -0.59 47.64
CA MSE F 8 31.51 -1.35 48.48
C MSE F 8 30.42 -2.03 47.65
O MSE F 8 30.39 -1.91 46.43
CB MSE F 8 30.90 -0.46 49.55
N ILE F 9 29.53 -2.74 48.34
CA ILE F 9 28.46 -3.47 47.68
C ILE F 9 27.32 -2.49 47.42
N LYS F 10 27.17 -2.09 46.16
CA LYS F 10 26.15 -1.10 45.78
C LYS F 10 24.84 -1.84 45.54
N GLU F 11 23.91 -1.71 46.49
CA GLU F 11 22.60 -2.34 46.38
C GLU F 11 21.56 -1.45 47.04
N TYR F 12 20.52 -1.12 46.29
CA TYR F 12 19.43 -0.26 46.76
C TYR F 12 18.14 -1.05 46.89
N ARG F 13 17.23 -0.52 47.71
CA ARG F 13 15.95 -1.16 47.98
C ARG F 13 14.80 -0.18 47.86
N THR F 14 14.92 0.81 46.97
CA THR F 14 13.91 1.84 46.76
C THR F 14 13.46 1.77 45.30
N ILE F 15 12.62 0.80 44.98
CA ILE F 15 12.13 0.61 43.62
C ILE F 15 11.01 1.61 43.35
N LYS F 16 11.04 2.21 42.16
CA LYS F 16 10.01 3.17 41.77
C LYS F 16 8.84 2.50 41.05
N GLU F 17 9.10 1.84 39.92
CA GLU F 17 8.04 1.23 39.14
C GLU F 17 8.59 0.08 38.31
N VAL F 18 7.69 -0.84 37.96
CA VAL F 18 8.02 -2.00 37.14
C VAL F 18 6.97 -2.09 36.04
N VAL F 19 7.40 -1.92 34.79
CA VAL F 19 6.51 -1.97 33.64
C VAL F 19 7.12 -2.92 32.62
N GLY F 20 6.53 -4.11 32.48
CA GLY F 20 6.99 -5.09 31.53
C GLY F 20 8.42 -5.51 31.78
N PRO F 21 9.24 -5.50 30.71
CA PRO F 21 10.65 -5.83 30.87
C PRO F 21 11.49 -4.69 31.43
N LEU F 22 10.93 -3.49 31.50
CA LEU F 22 11.66 -2.34 32.02
C LEU F 22 11.44 -2.18 33.52
N MSE F 23 12.28 -1.34 34.12
CA MSE F 23 12.29 -1.16 35.56
C MSE F 23 12.99 0.16 35.92
O MSE F 23 13.98 0.52 35.31
CB MSE F 23 12.98 -2.34 36.25
CG MSE F 23 12.92 -2.36 37.76
SE MSE F 23 13.87 -3.90 38.47
CE MSE F 23 12.45 -4.65 39.57
N ALA F 24 12.46 0.87 36.92
CA ALA F 24 12.99 2.18 37.31
C ALA F 24 13.30 2.18 38.79
N VAL F 25 14.54 2.51 39.14
CA VAL F 25 14.98 2.62 40.52
C VAL F 25 15.30 4.08 40.80
N GLU F 26 14.92 4.56 41.98
CA GLU F 26 15.15 5.94 42.37
C GLU F 26 16.07 6.00 43.59
N LYS F 27 16.52 7.21 43.90
CA LYS F 27 17.37 7.47 45.07
C LYS F 27 18.67 6.67 45.01
N VAL F 28 19.31 6.69 43.83
CA VAL F 28 20.57 5.99 43.63
C VAL F 28 21.64 7.00 43.25
N SER F 29 22.89 6.54 43.27
CA SER F 29 24.01 7.41 42.93
C SER F 29 25.18 6.54 42.51
N GLY F 30 25.97 7.06 41.56
CA GLY F 30 27.13 6.34 41.08
C GLY F 30 26.81 5.24 40.10
N VAL F 31 25.65 5.27 39.46
CA VAL F 31 25.25 4.23 38.52
C VAL F 31 25.72 4.62 37.12
N LYS F 32 26.46 3.73 36.48
CA LYS F 32 27.02 4.00 35.16
C LYS F 32 26.10 3.46 34.07
N TYR F 33 26.30 3.98 32.86
CA TYR F 33 25.53 3.51 31.70
C TYR F 33 26.05 2.16 31.24
N GLU F 34 25.13 1.34 30.74
CA GLU F 34 25.42 -0.04 30.32
C GLU F 34 26.10 -0.83 31.45
N GLU F 35 25.48 -0.79 32.62
CA GLU F 35 26.01 -1.43 33.82
C GLU F 35 25.19 -2.67 34.14
N LEU F 36 25.87 -3.81 34.26
CA LEU F 36 25.20 -5.05 34.61
C LEU F 36 24.65 -4.97 36.03
N ILE F 37 23.40 -5.39 36.22
CA ILE F 37 22.75 -5.35 37.51
C ILE F 37 22.26 -6.75 37.88
N GLU F 38 21.77 -6.88 39.12
CA GLU F 38 21.14 -8.09 39.61
C GLU F 38 19.96 -7.70 40.49
N VAL F 39 18.88 -8.47 40.39
CA VAL F 39 17.65 -8.18 41.12
C VAL F 39 17.42 -9.28 42.14
N ARG F 40 17.63 -8.95 43.41
CA ARG F 40 17.30 -9.84 44.52
C ARG F 40 15.84 -9.58 44.90
N MSE F 41 14.99 -10.58 44.70
CA MSE F 41 13.57 -10.43 45.03
C MSE F 41 13.26 -10.88 46.45
O MSE F 41 14.16 -11.22 47.22
CB MSE F 41 12.71 -11.23 44.05
CG MSE F 41 13.03 -10.97 42.60
SE MSE F 41 12.05 -12.14 41.40
CE MSE F 41 13.52 -12.56 40.20
N GLN F 42 11.97 -10.88 46.79
CA GLN F 42 11.53 -11.25 48.12
C GLN F 42 11.54 -12.76 48.34
N ASN F 43 11.93 -13.55 47.33
CA ASN F 43 11.97 -15.01 47.47
C ASN F 43 13.36 -15.59 47.29
N GLY F 44 14.36 -14.79 46.90
CA GLY F 44 15.72 -15.25 46.73
C GLY F 44 16.19 -15.38 45.31
N GLU F 45 15.30 -15.21 44.33
CA GLU F 45 15.69 -15.38 42.94
C GLU F 45 16.53 -14.19 42.45
N ILE F 46 17.45 -14.48 41.53
CA ILE F 46 18.34 -13.49 40.96
C ILE F 46 18.11 -13.44 39.46
N ARG F 47 17.85 -12.24 38.93
CA ARG F 47 17.69 -12.05 37.49
C ARG F 47 18.56 -10.87 37.05
N ARG F 48 19.40 -11.11 36.05
CA ARG F 48 20.35 -10.12 35.59
C ARG F 48 19.67 -9.06 34.71
N GLY F 49 20.36 -7.94 34.54
CA GLY F 49 19.84 -6.86 33.72
C GLY F 49 20.92 -5.82 33.47
N GLN F 50 20.61 -4.89 32.57
CA GLN F 50 21.53 -3.84 32.17
C GLN F 50 20.86 -2.48 32.29
N VAL F 51 21.66 -1.46 32.57
CA VAL F 51 21.15 -0.10 32.71
C VAL F 51 21.02 0.52 31.33
N LEU F 52 19.87 1.14 31.07
CA LEU F 52 19.60 1.77 29.78
C LEU F 52 19.65 3.29 29.83
N GLU F 53 19.47 3.89 31.00
CA GLU F 53 19.41 5.35 31.12
C GLU F 53 19.62 5.73 32.57
N VAL F 54 20.42 6.75 32.81
CA VAL F 54 20.73 7.24 34.15
C VAL F 54 20.58 8.76 34.14
N GLN F 55 19.59 9.26 34.87
CA GLN F 55 19.38 10.69 35.01
C GLN F 55 19.04 11.01 36.45
N GLU F 56 19.69 12.05 37.00
CA GLU F 56 19.48 12.52 38.37
C GLU F 56 19.76 11.36 39.32
N ASP F 57 18.82 10.97 40.18
CA ASP F 57 18.99 9.84 41.09
C ASP F 57 18.19 8.63 40.65
N LYS F 58 17.91 8.53 39.35
CA LYS F 58 17.06 7.49 38.80
C LYS F 58 17.85 6.66 37.79
N ALA F 59 17.41 5.42 37.60
CA ALA F 59 18.08 4.51 36.68
C ALA F 59 17.05 3.56 36.09
N MSE F 60 16.92 3.58 34.76
CA MSE F 60 16.02 2.66 34.06
C MSE F 60 16.80 1.46 33.52
O MSE F 60 17.78 1.62 32.80
CB MSE F 60 15.30 3.39 32.93
CG MSE F 60 14.36 2.52 32.11
SE MSE F 60 13.32 3.56 30.82
CE MSE F 60 12.22 4.57 32.06
N VAL F 61 16.36 0.26 33.87
CA VAL F 61 17.08 -0.96 33.52
C VAL F 61 16.14 -1.90 32.78
N GLN F 62 16.73 -2.86 32.06
CA GLN F 62 16.01 -3.89 31.35
C GLN F 62 16.36 -5.25 31.95
N ILE F 63 15.34 -6.02 32.32
CA ILE F 63 15.54 -7.33 32.93
C ILE F 63 15.53 -8.39 31.85
N PHE F 64 16.62 -9.16 31.78
CA PHE F 64 16.76 -10.13 30.69
C PHE F 64 15.77 -11.28 30.84
N GLU F 65 15.62 -11.82 32.06
CA GLU F 65 14.69 -12.90 32.30
C GLU F 65 13.27 -12.41 32.54
N GLY F 66 13.02 -11.11 32.40
CA GLY F 66 11.72 -10.53 32.63
C GLY F 66 11.42 -10.32 34.10
N THR F 67 10.45 -9.44 34.35
CA THR F 67 9.92 -9.21 35.70
C THR F 67 8.62 -9.99 35.83
N SER F 68 8.73 -11.22 36.34
CA SER F 68 7.57 -12.07 36.61
C SER F 68 7.50 -12.34 38.10
N GLY F 69 6.38 -11.96 38.71
CA GLY F 69 6.19 -12.11 40.15
C GLY F 69 7.26 -11.42 40.96
N ILE F 70 7.32 -10.09 40.87
CA ILE F 70 8.30 -9.30 41.62
C ILE F 70 7.54 -8.35 42.50
N ASN F 71 7.74 -8.46 43.82
CA ASN F 71 7.20 -7.49 44.75
C ASN F 71 8.14 -6.30 44.83
N LEU F 72 7.58 -5.10 44.85
CA LEU F 72 8.41 -3.90 44.75
C LEU F 72 8.98 -3.48 46.10
N LYS F 73 8.17 -3.56 47.16
CA LYS F 73 8.61 -3.09 48.47
C LYS F 73 9.70 -3.96 49.05
N ASN F 74 9.70 -5.26 48.73
CA ASN F 74 10.59 -6.22 49.37
C ASN F 74 11.68 -6.75 48.45
N SER F 75 11.97 -6.06 47.35
CA SER F 75 13.02 -6.48 46.42
C SER F 75 14.18 -5.49 46.46
N SER F 76 15.30 -5.91 45.86
CA SER F 76 16.51 -5.10 45.84
C SER F 76 17.15 -5.19 44.45
N VAL F 77 18.00 -4.21 44.16
CA VAL F 77 18.70 -4.13 42.88
C VAL F 77 20.19 -3.97 43.17
N ARG F 78 20.98 -4.96 42.77
CA ARG F 78 22.42 -4.96 43.03
C ARG F 78 23.16 -4.52 41.78
N PHE F 79 23.76 -3.34 41.83
CA PHE F 79 24.54 -2.81 40.72
C PHE F 79 25.97 -3.33 40.81
N LEU F 80 26.48 -3.89 39.72
CA LEU F 80 27.78 -4.53 39.70
C LEU F 80 28.91 -3.59 39.29
N GLY F 81 28.60 -2.44 38.71
CA GLY F 81 29.64 -1.48 38.39
C GLY F 81 30.46 -1.77 37.16
N HIS F 82 30.04 -2.71 36.32
CA HIS F 82 30.77 -3.05 35.11
C HIS F 82 29.77 -3.52 34.07
N PRO F 83 30.08 -3.36 32.78
CA PRO F 83 29.19 -3.88 31.73
C PRO F 83 29.18 -5.40 31.75
N LEU F 84 28.26 -5.96 30.97
CA LEU F 84 28.13 -7.41 30.89
C LEU F 84 29.39 -8.01 30.24
N GLN F 85 30.00 -8.95 30.93
CA GLN F 85 31.27 -9.54 30.51
C GLN F 85 31.09 -11.03 30.25
N LEU F 86 32.09 -11.60 29.58
CA LEU F 86 32.14 -13.03 29.30
C LEU F 86 33.45 -13.58 29.82
N GLY F 87 33.38 -14.65 30.61
CA GLY F 87 34.57 -15.32 31.09
C GLY F 87 35.27 -16.11 29.99
N VAL F 88 36.22 -15.49 29.31
CA VAL F 88 36.91 -16.14 28.21
C VAL F 88 38.05 -16.99 28.73
N SER F 89 38.26 -18.13 28.07
CA SER F 89 39.31 -19.08 28.41
C SER F 89 39.36 -20.10 27.26
N GLU F 90 40.48 -20.79 27.15
CA GLU F 90 40.58 -21.84 26.16
C GLU F 90 39.78 -23.07 26.56
N ASP F 91 39.46 -23.21 27.84
CA ASP F 91 38.60 -24.30 28.29
C ASP F 91 37.17 -24.18 27.78
N MSE F 92 36.86 -23.13 27.01
CA MSE F 92 35.53 -22.96 26.42
C MSE F 92 35.29 -23.91 25.25
O MSE F 92 34.15 -24.12 24.85
CB MSE F 92 35.35 -21.51 25.93
CG MSE F 92 34.80 -20.53 26.95
SE MSE F 92 34.20 -18.87 26.09
CE MSE F 92 35.88 -18.33 25.25
N ILE F 93 36.38 -24.46 24.70
CA ILE F 93 36.27 -25.29 23.51
C ILE F 93 35.44 -26.52 23.82
N GLY F 94 34.35 -26.71 23.07
CA GLY F 94 33.49 -27.85 23.28
C GLY F 94 32.53 -27.73 24.43
N ARG F 95 32.11 -26.51 24.76
CA ARG F 95 31.22 -26.27 25.89
C ARG F 95 29.90 -25.68 25.39
N VAL F 96 28.87 -25.83 26.21
CA VAL F 96 27.52 -25.38 25.89
C VAL F 96 27.13 -24.33 26.93
N PHE F 97 26.96 -23.09 26.49
CA PHE F 97 26.53 -22.01 27.35
C PHE F 97 25.14 -21.55 26.96
N ASP F 98 24.44 -20.92 27.90
CA ASP F 98 23.10 -20.44 27.61
C ASP F 98 23.17 -19.10 26.87
N GLY F 99 22.02 -18.49 26.64
CA GLY F 99 21.98 -17.23 25.93
C GLY F 99 22.59 -16.07 26.68
N LEU F 100 22.88 -16.23 27.97
CA LEU F 100 23.56 -15.21 28.75
C LEU F 100 25.02 -15.54 29.02
N GLY F 101 25.40 -16.80 28.91
CA GLY F 101 26.77 -17.25 29.13
C GLY F 101 26.93 -18.34 30.16
N ARG F 102 25.89 -18.66 30.92
CA ARG F 102 26.01 -19.71 31.93
C ARG F 102 26.09 -21.07 31.25
N PRO F 103 27.03 -21.93 31.66
CA PRO F 103 27.11 -23.27 31.03
C PRO F 103 25.85 -24.07 31.28
N LYS F 104 25.40 -24.78 30.24
CA LYS F 104 24.18 -25.58 30.32
C LYS F 104 24.42 -27.07 30.13
N ASP F 105 25.65 -27.49 29.85
CA ASP F 105 25.94 -28.90 29.61
C ASP F 105 26.28 -29.67 30.89
N ASN F 106 26.04 -29.08 32.07
CA ASN F 106 26.25 -29.73 33.36
C ASN F 106 27.70 -30.20 33.52
N GLY F 107 28.64 -29.28 33.29
CA GLY F 107 30.05 -29.59 33.42
C GLY F 107 30.72 -28.69 34.44
N PRO F 108 32.05 -28.79 34.53
CA PRO F 108 32.79 -27.94 35.48
C PRO F 108 32.77 -26.48 35.05
N GLU F 109 32.86 -25.61 36.04
CA GLU F 109 32.87 -24.17 35.77
C GLU F 109 34.18 -23.76 35.12
N ILE F 110 34.07 -22.87 34.13
CA ILE F 110 35.25 -22.41 33.41
C ILE F 110 36.05 -21.46 34.29
N LEU F 111 37.36 -21.68 34.36
CA LEU F 111 38.27 -20.75 35.03
C LEU F 111 38.70 -19.68 34.02
N PRO F 112 38.14 -18.47 34.12
CA PRO F 112 38.35 -17.48 33.05
C PRO F 112 39.77 -16.94 33.04
N GLU F 113 40.39 -16.99 31.86
CA GLU F 113 41.66 -16.31 31.66
C GLU F 113 41.50 -14.80 31.56
N LYS F 114 40.32 -14.32 31.18
CA LYS F 114 40.07 -12.89 31.07
C LYS F 114 38.57 -12.66 31.11
N TYR F 115 38.18 -11.41 31.32
CA TYR F 115 36.79 -10.97 31.32
C TYR F 115 36.65 -9.83 30.31
N LEU F 116 36.11 -10.14 29.13
CA LEU F 116 35.98 -9.16 28.07
C LEU F 116 34.57 -8.61 28.01
N ASP F 117 34.46 -7.31 27.71
CA ASP F 117 33.17 -6.69 27.50
C ASP F 117 32.50 -7.29 26.26
N ILE F 118 31.23 -7.66 26.39
CA ILE F 118 30.53 -8.28 25.26
C ILE F 118 30.35 -7.31 24.11
N ASN F 119 30.46 -6.01 24.35
CA ASN F 119 30.33 -5.03 23.27
C ASN F 119 31.50 -5.12 22.30
N GLY F 120 32.65 -5.61 22.76
CA GLY F 120 33.80 -5.77 21.88
C GLY F 120 34.56 -4.48 21.66
N GLU F 121 35.32 -4.46 20.56
CA GLU F 121 36.11 -3.30 20.18
C GLU F 121 36.16 -3.20 18.67
N VAL F 122 36.42 -1.99 18.19
CA VAL F 122 36.49 -1.70 16.76
C VAL F 122 37.92 -1.94 16.29
N ILE F 123 38.08 -2.76 15.27
CA ILE F 123 39.38 -3.03 14.69
C ILE F 123 39.80 -1.84 13.83
N ASN F 124 41.03 -1.39 13.99
CA ASN F 124 41.54 -0.26 13.21
C ASN F 124 41.63 -0.66 11.75
N PRO F 125 41.04 0.12 10.83
CA PRO F 125 41.12 -0.25 9.40
C PRO F 125 42.53 -0.29 8.88
N ILE F 126 43.46 0.45 9.48
CA ILE F 126 44.86 0.36 9.08
C ILE F 126 45.46 -0.94 9.62
N ALA F 127 45.04 -1.35 10.81
CA ALA F 127 45.47 -2.63 11.36
C ALA F 127 44.78 -3.81 10.69
N ARG F 128 43.75 -3.56 9.89
CA ARG F 128 43.03 -4.64 9.21
C ARG F 128 43.88 -5.22 8.08
N ASP F 129 43.61 -6.49 7.78
CA ASP F 129 44.21 -7.18 6.65
C ASP F 129 43.09 -7.61 5.72
N TYR F 130 43.21 -7.27 4.44
CA TYR F 130 42.15 -7.56 3.48
C TYR F 130 42.04 -9.05 3.21
N PRO F 131 40.89 -9.67 3.45
CA PRO F 131 40.72 -11.12 3.24
C PRO F 131 40.59 -11.47 1.77
N ASP F 132 41.63 -12.08 1.22
CA ASP F 132 41.60 -12.64 -0.13
C ASP F 132 41.73 -14.16 -0.12
N GLU F 133 41.73 -14.78 1.06
CA GLU F 133 41.88 -16.22 1.19
C GLU F 133 40.73 -16.95 0.53
N PHE F 134 40.96 -18.14 -0.01
CA PHE F 134 39.88 -18.88 -0.65
C PHE F 134 39.43 -20.04 0.23
N ILE F 135 38.12 -20.17 0.43
CA ILE F 135 37.54 -21.27 1.18
C ILE F 135 36.78 -22.17 0.21
N GLN F 136 37.13 -23.46 0.22
CA GLN F 136 36.44 -24.46 -0.59
C GLN F 136 35.29 -25.02 0.25
N THR F 137 34.08 -24.57 -0.03
CA THR F 137 32.91 -25.00 0.72
C THR F 137 32.30 -26.29 0.21
N GLY F 138 32.81 -26.83 -0.90
CA GLY F 138 32.23 -28.03 -1.47
C GLY F 138 30.94 -27.80 -2.23
N ILE F 139 30.49 -26.56 -2.35
CA ILE F 139 29.24 -26.23 -3.02
C ILE F 139 29.58 -25.38 -4.24
N SER F 140 29.16 -25.85 -5.42
CA SER F 140 29.50 -25.15 -6.65
C SER F 140 28.81 -23.80 -6.74
N ALA F 141 27.62 -23.66 -6.16
CA ALA F 141 26.92 -22.39 -6.20
C ALA F 141 27.61 -21.33 -5.36
N ILE F 142 28.48 -21.74 -4.43
CA ILE F 142 29.23 -20.80 -3.61
C ILE F 142 30.64 -20.68 -4.15
N ASP F 143 31.32 -21.82 -4.29
CA ASP F 143 32.74 -21.80 -4.63
C ASP F 143 33.01 -21.15 -6.00
N HIS F 144 32.05 -21.24 -6.92
CA HIS F 144 32.22 -20.71 -8.27
C HIS F 144 31.51 -19.36 -8.44
N LEU F 145 30.28 -19.25 -7.97
CA LEU F 145 29.42 -18.11 -8.26
C LEU F 145 29.56 -16.99 -7.24
N ASN F 146 29.41 -17.30 -5.95
CA ASN F 146 29.51 -16.32 -4.87
C ASN F 146 30.59 -16.79 -3.90
N THR F 147 31.85 -16.59 -4.28
CA THR F 147 32.97 -17.21 -3.59
C THR F 147 33.04 -16.75 -2.13
N LEU F 148 33.26 -17.71 -1.23
CA LEU F 148 33.43 -17.44 0.19
C LEU F 148 34.91 -17.42 0.55
N VAL F 149 35.33 -16.40 1.27
CA VAL F 149 36.71 -16.22 1.66
C VAL F 149 36.81 -16.22 3.17
N ARG F 150 38.01 -16.52 3.68
CA ARG F 150 38.25 -16.45 5.11
C ARG F 150 38.25 -15.00 5.56
N GLY F 151 37.53 -14.72 6.64
CA GLY F 151 37.39 -13.35 7.10
C GLY F 151 36.30 -12.55 6.41
N GLN F 152 35.35 -13.22 5.78
CA GLN F 152 34.33 -12.58 4.97
C GLN F 152 33.01 -12.47 5.74
N LYS F 153 32.20 -11.47 5.37
CA LYS F 153 30.87 -11.26 5.92
C LYS F 153 29.85 -11.69 4.85
N LEU F 154 29.52 -12.97 4.85
CA LEU F 154 28.60 -13.53 3.85
C LEU F 154 27.45 -14.23 4.52
N PRO F 155 26.25 -13.63 4.55
CA PRO F 155 25.11 -14.26 5.20
C PRO F 155 24.30 -15.12 4.23
N VAL F 156 23.45 -15.96 4.82
CA VAL F 156 22.56 -16.84 4.07
C VAL F 156 21.13 -16.42 4.38
N PHE F 157 20.43 -15.90 3.37
CA PHE F 157 19.05 -15.45 3.54
C PHE F 157 18.11 -16.61 3.23
N SER F 158 17.16 -16.84 4.13
CA SER F 158 16.24 -17.95 4.01
C SER F 158 14.89 -17.51 4.55
N GLY F 159 13.91 -18.42 4.51
CA GLY F 159 12.58 -18.16 5.01
C GLY F 159 12.09 -19.23 5.96
N SER F 160 10.84 -19.07 6.40
CA SER F 160 10.24 -20.01 7.33
C SER F 160 9.98 -21.34 6.65
N GLY F 161 10.60 -22.40 7.16
CA GLY F 161 10.45 -23.73 6.63
C GLY F 161 11.50 -24.15 5.63
N LEU F 162 12.20 -23.18 5.04
CA LEU F 162 13.24 -23.52 4.06
C LEU F 162 14.39 -24.25 4.74
N PRO F 163 15.12 -25.08 4.00
CA PRO F 163 16.23 -25.85 4.59
C PRO F 163 17.46 -24.99 4.85
N HIS F 164 17.30 -23.95 5.68
CA HIS F 164 18.45 -23.13 6.05
C HIS F 164 19.35 -23.84 7.04
N LYS F 165 18.79 -24.73 7.87
CA LYS F 165 19.62 -25.44 8.84
C LYS F 165 20.38 -26.58 8.19
N GLU F 166 19.87 -27.14 7.09
CA GLU F 166 20.61 -28.18 6.38
C GLU F 166 21.81 -27.59 5.66
N LEU F 167 21.67 -26.37 5.13
CA LEU F 167 22.76 -25.77 4.37
C LEU F 167 23.92 -25.34 5.25
N ALA F 168 23.62 -24.90 6.49
CA ALA F 168 24.69 -24.44 7.37
C ALA F 168 25.56 -25.60 7.84
N ALA F 169 24.95 -26.74 8.15
CA ALA F 169 25.74 -27.90 8.55
C ALA F 169 26.61 -28.39 7.40
N GLN F 170 26.12 -28.26 6.16
CA GLN F 170 26.89 -28.72 5.01
C GLN F 170 28.16 -27.90 4.84
N ILE F 171 28.09 -26.60 5.12
CA ILE F 171 29.23 -25.72 4.86
C ILE F 171 30.34 -25.96 5.89
N ALA F 172 29.97 -25.97 7.18
CA ALA F 172 30.98 -26.20 8.21
C ALA F 172 31.55 -27.62 8.15
N ARG F 173 30.83 -28.56 7.53
CA ARG F 173 31.35 -29.92 7.40
C ARG F 173 32.42 -30.01 6.33
N GLN F 174 32.35 -29.15 5.30
CA GLN F 174 33.19 -29.29 4.12
C GLN F 174 34.14 -28.11 3.91
N ALA F 175 34.26 -27.20 4.87
CA ALA F 175 35.06 -25.99 4.68
C ALA F 175 36.53 -26.27 4.95
N THR F 176 37.38 -25.78 4.05
CA THR F 176 38.84 -25.92 4.15
C THR F 176 39.46 -24.88 3.23
N VAL F 177 40.79 -24.78 3.29
CA VAL F 177 41.54 -23.81 2.50
C VAL F 177 42.54 -24.57 1.63
N LEU F 178 42.93 -23.94 0.52
CA LEU F 178 43.82 -24.57 -0.45
C LEU F 178 45.27 -24.49 0.01
N ASP F 179 45.99 -25.59 -0.19
CA ASP F 179 47.42 -25.71 0.13
C ASP F 179 47.69 -25.44 1.61
N SER F 180 46.84 -25.99 2.47
CA SER F 180 46.99 -25.83 3.90
C SER F 180 46.14 -26.87 4.61
N SER F 181 46.47 -27.11 5.88
CA SER F 181 45.80 -28.13 6.68
C SER F 181 45.06 -27.54 7.87
N ASP F 182 44.85 -26.23 7.90
CA ASP F 182 44.28 -25.61 9.08
C ASP F 182 42.80 -25.95 9.22
N ASP F 183 42.34 -26.03 10.46
CA ASP F 183 40.96 -26.33 10.79
C ASP F 183 40.23 -25.06 11.21
N PHE F 184 38.91 -25.12 11.16
CA PHE F 184 38.05 -23.97 11.43
C PHE F 184 37.42 -24.11 12.82
N ALA F 185 37.64 -23.11 13.67
CA ALA F 185 37.05 -23.06 15.00
C ALA F 185 35.66 -22.43 14.88
N VAL F 186 34.66 -23.27 14.74
CA VAL F 186 33.29 -22.81 14.50
C VAL F 186 32.72 -22.27 15.80
N VAL F 187 31.95 -21.19 15.69
CA VAL F 187 31.25 -20.59 16.83
C VAL F 187 29.79 -20.44 16.44
N PHE F 188 28.91 -21.09 17.19
CA PHE F 188 27.48 -21.12 16.92
C PHE F 188 26.72 -20.38 18.02
N ALA F 189 25.60 -19.77 17.66
CA ALA F 189 24.77 -19.03 18.60
C ALA F 189 23.31 -19.20 18.22
N ALA F 190 22.54 -19.82 19.11
CA ALA F 190 21.11 -19.99 18.92
C ALA F 190 20.37 -18.80 19.51
N ILE F 191 19.48 -18.21 18.71
CA ILE F 191 18.75 -17.00 19.09
C ILE F 191 17.28 -17.27 18.90
N GLY F 192 16.60 -17.69 19.97
CA GLY F 192 15.16 -17.84 19.95
C GLY F 192 14.62 -18.90 19.02
N ILE F 193 15.44 -19.85 18.62
CA ILE F 193 15.00 -20.90 17.70
C ILE F 193 14.26 -21.98 18.50
N THR F 194 13.62 -22.90 17.80
CA THR F 194 12.96 -24.03 18.45
C THR F 194 13.99 -25.07 18.88
N PHE F 195 13.56 -25.97 19.76
CA PHE F 195 14.45 -27.03 20.21
C PHE F 195 14.78 -28.01 19.08
N GLU F 196 13.84 -28.22 18.16
CA GLU F 196 14.06 -29.22 17.11
C GLU F 196 15.17 -28.78 16.15
N GLU F 197 15.27 -27.48 15.87
CA GLU F 197 16.34 -27.02 15.01
C GLU F 197 17.70 -27.16 15.70
N ALA F 198 17.76 -26.81 16.99
CA ALA F 198 19.03 -26.87 17.71
C ALA F 198 19.49 -28.31 17.88
N GLU F 199 18.57 -29.22 18.19
CA GLU F 199 18.96 -30.61 18.40
C GLU F 199 19.50 -31.23 17.11
N PHE F 200 18.86 -30.93 15.98
CA PHE F 200 19.37 -31.44 14.70
C PHE F 200 20.77 -30.93 14.44
N PHE F 201 21.02 -29.65 14.71
CA PHE F 201 22.36 -29.10 14.53
C PHE F 201 23.37 -29.79 15.41
N MSE F 202 22.95 -30.18 16.62
CA MSE F 202 23.84 -30.85 17.56
C MSE F 202 24.21 -32.24 17.08
O MSE F 202 25.36 -32.67 17.21
CB MSE F 202 23.20 -30.93 18.95
CG MSE F 202 23.08 -29.57 19.66
SE MSE F 202 24.78 -28.82 20.29
CE MSE F 202 25.61 -28.43 18.57
N GLU F 203 23.23 -32.91 16.49
CA GLU F 203 23.46 -34.26 16.01
C GLU F 203 24.35 -34.26 14.78
N ASP F 204 24.22 -33.24 13.93
CA ASP F 204 25.12 -33.15 12.77
C ASP F 204 26.54 -32.84 13.21
N PHE F 205 26.70 -31.91 14.16
CA PHE F 205 28.04 -31.58 14.66
C PHE F 205 28.70 -32.81 15.27
N ARG F 206 27.95 -33.60 16.03
CA ARG F 206 28.47 -34.85 16.59
C ARG F 206 28.94 -35.78 15.47
N GLN F 207 28.07 -36.00 14.47
CA GLN F 207 28.41 -36.90 13.37
C GLN F 207 29.69 -36.46 12.68
N THR F 208 29.89 -35.16 12.51
CA THR F 208 31.05 -34.68 11.78
C THR F 208 32.35 -34.94 12.53
N GLY F 209 32.32 -34.81 13.86
CA GLY F 209 33.51 -34.85 14.67
C GLY F 209 34.09 -33.49 15.01
N ALA F 210 33.43 -32.41 14.61
CA ALA F 210 33.87 -31.06 14.91
C ALA F 210 33.16 -30.47 16.13
N ILE F 211 32.30 -31.25 16.79
CA ILE F 211 31.52 -30.74 17.91
C ILE F 211 32.44 -30.22 19.00
N ASP F 212 33.51 -30.98 19.29
CA ASP F 212 34.43 -30.58 20.34
C ASP F 212 35.08 -29.24 20.04
N ARG F 213 35.32 -28.94 18.76
CA ARG F 213 35.99 -27.69 18.42
C ARG F 213 35.08 -26.48 18.62
N SER F 214 33.77 -26.68 18.52
CA SER F 214 32.84 -25.56 18.46
C SER F 214 32.45 -25.06 19.85
N VAL F 215 32.30 -23.75 19.98
CA VAL F 215 31.84 -23.11 21.21
C VAL F 215 30.46 -22.53 20.95
N MSE F 216 29.51 -22.81 21.84
CA MSE F 216 28.12 -22.47 21.55
C MSE F 216 27.34 -21.81 22.67
O MSE F 216 27.49 -22.14 23.84
CB MSE F 216 27.39 -23.73 21.12
CG MSE F 216 28.09 -24.46 20.03
SE MSE F 216 27.41 -26.22 19.87
CE MSE F 216 27.67 -26.87 21.70
N PHE F 217 26.47 -20.90 22.27
CA PHE F 217 25.57 -20.18 23.17
C PHE F 217 24.14 -20.50 22.77
N MSE F 218 23.32 -20.88 23.75
CA MSE F 218 21.99 -21.39 23.45
C MSE F 218 20.86 -20.54 24.03
O MSE F 218 20.76 -20.37 25.25
CB MSE F 218 21.85 -22.83 23.96
CG MSE F 218 22.78 -23.82 23.29
SE MSE F 218 22.44 -23.94 21.37
CE MSE F 218 23.84 -25.21 20.90
N ASN F 219 20.01 -20.02 23.15
CA ASN F 219 18.78 -19.34 23.55
C ASN F 219 17.64 -19.90 22.71
N LEU F 220 16.76 -20.68 23.34
CA LEU F 220 15.68 -21.34 22.64
C LEU F 220 14.43 -20.45 22.64
N ALA F 221 13.34 -21.00 22.09
CA ALA F 221 12.12 -20.22 21.95
C ALA F 221 11.43 -20.00 23.28
N ASN F 222 11.47 -21.00 24.16
CA ASN F 222 10.82 -20.87 25.46
C ASN F 222 11.62 -20.00 26.42
N ASP F 223 12.80 -19.53 26.03
CA ASP F 223 13.60 -18.64 26.86
C ASP F 223 13.07 -17.21 26.74
N PRO F 224 13.32 -16.37 27.75
CA PRO F 224 12.89 -14.97 27.66
C PRO F 224 13.50 -14.26 26.48
N ALA F 225 12.69 -13.43 25.82
CA ALA F 225 13.12 -12.78 24.59
C ALA F 225 14.07 -11.61 24.84
N ILE F 226 14.07 -11.05 26.05
CA ILE F 226 14.85 -9.85 26.30
C ILE F 226 16.35 -10.15 26.26
N GLU F 227 16.74 -11.34 26.72
CA GLU F 227 18.16 -11.66 26.77
C GLU F 227 18.74 -11.94 25.39
N ARG F 228 17.88 -12.13 24.38
CA ARG F 228 18.37 -12.38 23.02
C ARG F 228 19.19 -11.21 22.50
N ILE F 229 19.13 -10.05 23.16
CA ILE F 229 19.89 -8.88 22.71
C ILE F 229 21.38 -9.07 22.99
N ALA F 230 21.73 -9.86 24.00
CA ALA F 230 23.12 -10.04 24.39
C ALA F 230 23.74 -11.33 23.86
N THR F 231 22.91 -12.31 23.50
CA THR F 231 23.44 -13.61 23.09
C THR F 231 24.38 -13.54 21.90
N PRO F 232 24.08 -12.82 20.81
CA PRO F 232 25.05 -12.75 19.71
C PRO F 232 26.33 -12.03 20.09
N ARG F 233 26.26 -11.04 20.99
CA ARG F 233 27.46 -10.37 21.45
C ARG F 233 28.34 -11.27 22.30
N MSE F 234 27.79 -12.34 22.86
CA MSE F 234 28.57 -13.32 23.61
C MSE F 234 29.50 -14.07 22.67
O MSE F 234 30.68 -14.30 22.99
CB MSE F 234 27.66 -14.32 24.32
CG MSE F 234 26.69 -13.69 25.31
SE MSE F 234 27.60 -13.02 26.90
CE MSE F 234 28.53 -14.64 27.44
N ALA F 235 28.98 -14.46 21.51
CA ALA F 235 29.73 -15.30 20.59
C ALA F 235 30.85 -14.51 19.92
N LEU F 236 30.55 -13.31 19.42
CA LEU F 236 31.55 -12.53 18.71
C LEU F 236 32.66 -12.06 19.64
N THR F 237 32.39 -11.98 20.94
CA THR F 237 33.46 -11.72 21.90
C THR F 237 34.33 -12.95 22.08
N ALA F 238 33.71 -14.14 22.14
CA ALA F 238 34.48 -15.37 22.24
C ALA F 238 35.13 -15.73 20.92
N ALA F 239 34.54 -15.31 19.79
CA ALA F 239 35.11 -15.62 18.49
C ALA F 239 36.41 -14.86 18.26
N GLU F 240 36.38 -13.54 18.47
CA GLU F 240 37.61 -12.75 18.32
C GLU F 240 38.62 -13.09 19.40
N TYR F 241 38.17 -13.63 20.53
CA TYR F 241 39.09 -14.04 21.57
C TYR F 241 39.94 -15.22 21.11
N LEU F 242 39.32 -16.19 20.44
CA LEU F 242 40.06 -17.35 19.94
C LEU F 242 40.82 -17.06 18.66
N ALA F 243 40.44 -16.01 17.93
CA ALA F 243 41.08 -15.74 16.64
C ALA F 243 42.36 -14.93 16.82
N TYR F 244 42.24 -13.69 17.27
CA TYR F 244 43.38 -12.78 17.28
C TYR F 244 44.29 -13.02 18.48
N GLU F 245 43.75 -13.49 19.60
CA GLU F 245 44.56 -13.71 20.79
C GLU F 245 45.12 -15.13 20.85
N LYS F 246 44.35 -16.13 20.43
CA LYS F 246 44.79 -17.51 20.46
C LYS F 246 45.35 -18.00 19.13
N GLY F 247 45.19 -17.23 18.05
CA GLY F 247 45.75 -17.62 16.77
C GLY F 247 44.98 -18.73 16.08
N MSE F 248 43.66 -18.61 16.05
CA MSE F 248 42.83 -19.59 15.36
C MSE F 248 42.05 -18.97 14.21
O MSE F 248 41.83 -17.75 14.17
CB MSE F 248 41.85 -20.26 16.32
CG MSE F 248 42.49 -21.13 17.39
SE MSE F 248 41.13 -22.12 18.37
CE MSE F 248 42.28 -23.02 19.66
N HIS F 249 41.62 -19.80 13.26
CA HIS F 249 40.73 -19.37 12.20
C HIS F 249 39.30 -19.70 12.64
N VAL F 250 38.53 -18.66 12.94
CA VAL F 250 37.23 -18.80 13.58
C VAL F 250 36.13 -18.58 12.55
N LEU F 251 35.16 -19.48 12.52
CA LEU F 251 33.98 -19.36 11.68
C LEU F 251 32.78 -19.12 12.57
N VAL F 252 31.93 -18.17 12.18
CA VAL F 252 30.78 -17.76 12.98
C VAL F 252 29.52 -18.04 12.18
N ILE F 253 28.59 -18.78 12.78
CA ILE F 253 27.30 -19.10 12.17
C ILE F 253 26.22 -18.87 13.22
N MSE F 254 25.26 -18.00 12.91
CA MSE F 254 24.22 -17.61 13.86
C MSE F 254 22.81 -17.70 13.26
O MSE F 254 22.58 -17.34 12.11
CB MSE F 254 24.48 -16.19 14.37
CG MSE F 254 25.77 -16.03 15.16
SE MSE F 254 26.19 -14.17 15.58
CE MSE F 254 26.55 -13.52 13.77
N THR F 255 21.87 -18.17 14.08
CA THR F 255 20.48 -18.31 13.67
C THR F 255 19.63 -18.46 14.93
N ASP F 256 18.48 -17.80 14.97
CA ASP F 256 17.96 -16.97 13.87
C ASP F 256 18.14 -15.49 14.19
N MSE F 257 18.75 -14.75 13.27
CA MSE F 257 18.96 -13.32 13.46
C MSE F 257 17.65 -12.55 13.41
O MSE F 257 17.55 -11.43 13.89
CB MSE F 257 19.94 -12.78 12.40
CG MSE F 257 21.36 -13.29 12.56
SE MSE F 257 22.24 -12.73 14.21
CE MSE F 257 22.28 -10.80 13.90
N THR F 258 16.63 -13.17 12.80
CA THR F 258 15.31 -12.54 12.77
C THR F 258 14.76 -12.38 14.18
N ASN F 259 14.92 -13.40 15.03
CA ASN F 259 14.44 -13.31 16.40
C ASN F 259 15.24 -12.29 17.20
N TYR F 260 16.48 -12.01 16.79
CA TYR F 260 17.26 -10.99 17.47
C TYR F 260 16.66 -9.60 17.26
N ALA F 261 16.32 -9.29 16.01
CA ALA F 261 15.70 -8.00 15.72
C ALA F 261 14.37 -7.85 16.44
N GLU F 262 13.60 -8.95 16.53
CA GLU F 262 12.34 -8.90 17.25
C GLU F 262 12.56 -8.59 18.73
N ALA F 263 13.67 -9.07 19.29
CA ALA F 263 13.96 -8.81 20.69
C ALA F 263 14.26 -7.34 20.93
N LEU F 264 15.00 -6.71 20.02
CA LEU F 264 15.33 -5.30 20.19
C LEU F 264 14.12 -4.40 19.98
N ARG F 265 13.17 -4.83 19.14
CA ARG F 265 11.95 -4.05 18.96
C ARG F 265 11.08 -4.10 20.20
N GLU F 266 11.12 -5.21 20.94
CA GLU F 266 10.35 -5.29 22.19
C GLU F 266 10.83 -4.26 23.20
N ILE F 267 12.16 -4.14 23.36
CA ILE F 267 12.70 -3.11 24.23
C ILE F 267 12.48 -1.73 23.62
N SER F 268 12.62 -1.62 22.30
CA SER F 268 12.36 -0.36 21.62
C SER F 268 10.91 0.08 21.82
N ALA F 269 9.99 -0.88 21.86
CA ALA F 269 8.60 -0.55 22.12
C ALA F 269 8.35 -0.28 23.59
N ALA F 270 9.06 -1.00 24.48
CA ALA F 270 8.88 -0.79 25.90
C ALA F 270 9.42 0.55 26.35
N ARG F 271 10.48 1.03 25.70
CA ARG F 271 11.12 2.29 26.04
C ARG F 271 10.41 3.50 25.45
N ARG F 272 9.32 3.29 24.69
CA ARG F 272 8.55 4.35 24.02
C ARG F 272 9.43 5.20 23.09
N GLU F 273 10.43 4.59 22.48
CA GLU F 273 11.32 5.29 21.56
C GLU F 273 10.57 5.71 20.29
N VAL F 274 11.25 6.52 19.48
CA VAL F 274 10.74 6.95 18.18
C VAL F 274 10.94 5.83 17.17
N PRO F 275 9.87 5.22 16.67
CA PRO F 275 10.03 4.07 15.76
C PRO F 275 10.50 4.51 14.38
N GLY F 276 10.89 3.52 13.59
CA GLY F 276 11.29 3.75 12.22
C GLY F 276 10.44 2.99 11.23
N ARG F 277 11.04 2.04 10.51
CA ARG F 277 10.31 1.24 9.54
C ARG F 277 9.63 0.07 10.24
N ARG F 278 8.30 0.01 10.13
CA ARG F 278 7.51 -1.10 10.68
C ARG F 278 7.72 -1.26 12.18
N GLY F 279 7.83 -0.14 12.88
CA GLY F 279 7.98 -0.16 14.32
C GLY F 279 9.36 -0.52 14.83
N TYR F 280 10.27 -0.94 13.96
CA TYR F 280 11.61 -1.27 14.39
C TYR F 280 12.38 0.00 14.73
N PRO F 281 13.35 -0.07 15.64
CA PRO F 281 14.08 1.13 16.05
C PRO F 281 14.90 1.71 14.90
N GLY F 282 15.18 3.00 15.00
CA GLY F 282 15.87 3.69 13.92
C GLY F 282 17.33 3.33 13.80
N TYR F 283 17.93 2.86 14.90
CA TYR F 283 19.34 2.51 14.92
C TYR F 283 19.60 1.05 14.58
N LEU F 284 18.72 0.43 13.79
CA LEU F 284 18.88 -0.99 13.49
C LEU F 284 20.09 -1.24 12.61
N TYR F 285 20.35 -0.35 11.65
CA TYR F 285 21.53 -0.51 10.80
C TYR F 285 22.80 -0.42 11.63
N THR F 286 22.81 0.43 12.65
CA THR F 286 23.98 0.53 13.51
C THR F 286 24.11 -0.68 14.43
N ASN F 287 22.98 -1.12 15.00
CA ASN F 287 23.04 -2.22 15.95
C ASN F 287 23.46 -3.53 15.29
N LEU F 288 23.01 -3.76 14.05
CA LEU F 288 23.48 -4.94 13.33
C LEU F 288 24.93 -4.77 12.90
N ALA F 289 25.40 -3.52 12.78
CA ALA F 289 26.79 -3.28 12.38
C ALA F 289 27.75 -3.62 13.51
N THR F 290 27.33 -3.42 14.77
CA THR F 290 28.19 -3.77 15.89
C THR F 290 28.49 -5.26 15.94
N LEU F 291 27.71 -6.07 15.22
CA LEU F 291 27.89 -7.52 15.21
C LEU F 291 28.57 -8.02 13.95
N PHE F 292 28.24 -7.44 12.80
CA PHE F 292 28.76 -7.96 11.53
C PHE F 292 30.18 -7.49 11.28
N GLU F 293 30.52 -6.27 11.69
CA GLU F 293 31.88 -5.77 11.46
C GLU F 293 32.91 -6.40 12.38
N ARG F 294 32.52 -7.33 13.25
CA ARG F 294 33.47 -8.09 14.05
C ARG F 294 33.96 -9.31 13.26
N ALA F 295 34.66 -9.02 12.15
CA ALA F 295 35.12 -10.07 11.25
C ALA F 295 36.23 -9.49 10.37
N GLY F 296 37.16 -10.36 10.00
CA GLY F 296 38.27 -10.02 9.13
C GLY F 296 39.57 -10.50 9.71
N ARG F 297 40.68 -10.02 9.14
CA ARG F 297 42.02 -10.38 9.57
C ARG F 297 42.78 -9.12 9.99
N ILE F 298 43.72 -9.30 10.90
CA ILE F 298 44.56 -8.22 11.41
C ILE F 298 45.99 -8.50 10.99
N ARG F 299 46.67 -7.46 10.48
CA ARG F 299 48.06 -7.61 10.06
C ARG F 299 48.94 -7.91 11.27
N GLY F 300 49.72 -8.99 11.17
CA GLY F 300 50.59 -9.42 12.26
C GLY F 300 50.03 -10.52 13.11
N LEU F 301 48.76 -10.88 12.94
CA LEU F 301 48.12 -11.94 13.70
C LEU F 301 47.67 -13.04 12.76
N LYS F 302 47.89 -14.28 13.16
CA LYS F 302 47.56 -15.44 12.35
C LYS F 302 46.07 -15.79 12.39
N GLY F 303 45.27 -15.05 13.16
CA GLY F 303 43.86 -15.37 13.31
C GLY F 303 42.99 -14.69 12.25
N SER F 304 41.71 -15.06 12.26
CA SER F 304 40.75 -14.58 11.28
C SER F 304 39.35 -14.91 11.78
N VAL F 305 38.39 -14.05 11.42
CA VAL F 305 37.00 -14.20 11.84
C VAL F 305 36.11 -14.16 10.60
N THR F 306 35.51 -15.29 10.24
CA THR F 306 34.58 -15.39 9.14
C THR F 306 33.16 -15.54 9.70
N GLN F 307 32.21 -14.84 9.09
CA GLN F 307 30.83 -14.82 9.56
C GLN F 307 29.90 -15.36 8.48
N ILE F 308 29.04 -16.30 8.88
CA ILE F 308 27.98 -16.80 8.01
C ILE F 308 26.66 -16.65 8.75
N PRO F 309 26.07 -15.47 8.78
CA PRO F 309 24.79 -15.28 9.46
C PRO F 309 23.65 -15.97 8.71
N ILE F 310 22.57 -16.25 9.44
CA ILE F 310 21.37 -16.87 8.90
C ILE F 310 20.16 -16.15 9.45
N LEU F 311 19.27 -15.72 8.56
CA LEU F 311 18.03 -15.07 8.96
C LEU F 311 16.89 -15.56 8.08
N THR F 312 15.69 -15.63 8.67
CA THR F 312 14.48 -15.99 7.93
C THR F 312 13.71 -14.71 7.61
N MSE F 313 13.66 -14.38 6.32
CA MSE F 313 12.98 -13.17 5.86
C MSE F 313 11.50 -13.18 6.19
O MSE F 313 10.76 -14.06 5.72
CB MSE F 313 13.16 -12.98 4.35
CG MSE F 313 14.61 -12.85 3.89
SE MSE F 313 14.76 -12.42 1.99
CE MSE F 313 13.80 -13.96 1.27
N PRO F 314 11.05 -12.23 7.00
CA PRO F 314 9.63 -12.14 7.33
C PRO F 314 8.80 -11.88 6.07
N GLU F 315 7.80 -12.73 5.87
CA GLU F 315 6.94 -12.71 4.68
C GLU F 315 7.73 -12.97 3.40
N ASP F 316 8.93 -13.52 3.53
CA ASP F 316 9.81 -13.83 2.40
C ASP F 316 10.06 -12.59 1.54
N ASP F 317 10.19 -11.44 2.20
CA ASP F 317 10.32 -10.16 1.52
C ASP F 317 11.73 -9.62 1.74
N LYS F 318 12.46 -9.39 0.64
CA LYS F 318 13.81 -8.87 0.75
C LYS F 318 13.82 -7.40 1.15
N THR F 319 12.75 -6.67 0.85
CA THR F 319 12.67 -5.27 1.23
C THR F 319 12.29 -5.06 2.69
N HIS F 320 12.12 -6.14 3.45
CA HIS F 320 11.92 -6.04 4.88
C HIS F 320 13.16 -5.43 5.53
N PRO F 321 13.01 -4.66 6.60
CA PRO F 321 14.17 -4.00 7.20
C PRO F 321 15.26 -4.95 7.67
N ILE F 322 14.92 -6.18 8.02
CA ILE F 322 15.91 -7.10 8.57
C ILE F 322 16.86 -7.58 7.48
N PRO F 323 16.40 -8.17 6.37
CA PRO F 323 17.35 -8.58 5.33
C PRO F 323 17.91 -7.43 4.52
N ASP F 324 17.21 -6.29 4.46
CA ASP F 324 17.70 -5.16 3.68
C ASP F 324 18.94 -4.55 4.33
N LEU F 325 18.83 -4.18 5.61
CA LEU F 325 19.97 -3.57 6.30
C LEU F 325 21.13 -4.56 6.43
N THR F 326 20.83 -5.86 6.49
CA THR F 326 21.89 -6.84 6.52
C THR F 326 22.73 -6.81 5.25
N GLY F 327 22.08 -6.62 4.10
CA GLY F 327 22.81 -6.56 2.85
C GLY F 327 23.69 -5.32 2.74
N TYR F 328 23.25 -4.21 3.35
CA TYR F 328 24.02 -2.99 3.29
C TYR F 328 25.25 -3.05 4.19
N ILE F 329 25.33 -4.01 5.10
CA ILE F 329 26.47 -4.18 5.98
C ILE F 329 27.37 -5.32 5.51
N THR F 330 26.78 -6.47 5.22
CA THR F 330 27.55 -7.64 4.84
C THR F 330 27.99 -7.56 3.38
N GLU F 331 29.04 -8.31 3.07
CA GLU F 331 29.60 -8.38 1.73
C GLU F 331 28.85 -9.46 0.96
N GLY F 332 27.79 -9.06 0.27
CA GLY F 332 26.99 -9.99 -0.49
C GLY F 332 26.02 -10.77 0.37
N GLN F 333 25.47 -11.83 -0.22
CA GLN F 333 24.50 -12.67 0.48
C GLN F 333 24.31 -13.96 -0.31
N ILE F 334 23.64 -14.91 0.32
CA ILE F 334 23.25 -16.17 -0.30
C ILE F 334 21.77 -16.38 -0.01
N ILE F 335 20.96 -16.41 -1.07
CA ILE F 335 19.51 -16.36 -0.95
C ILE F 335 18.94 -17.74 -1.26
N LEU F 336 18.13 -18.26 -0.35
CA LEU F 336 17.38 -19.50 -0.55
C LEU F 336 15.93 -19.15 -0.86
N THR F 337 15.44 -19.59 -2.01
CA THR F 337 14.08 -19.31 -2.43
C THR F 337 13.20 -20.53 -2.23
N ARG F 338 11.92 -20.28 -1.94
CA ARG F 338 10.96 -21.37 -1.79
C ARG F 338 10.63 -22.02 -3.13
N GLU F 339 10.87 -21.33 -4.24
CA GLU F 339 10.58 -21.88 -5.56
C GLU F 339 11.57 -22.98 -5.92
N LEU F 340 12.85 -22.77 -5.60
CA LEU F 340 13.86 -23.78 -5.89
C LEU F 340 13.74 -24.97 -4.94
N TYR F 341 13.44 -24.70 -3.67
CA TYR F 341 13.16 -25.81 -2.75
C TYR F 341 11.88 -26.53 -3.14
N LYS F 342 10.95 -25.82 -3.79
CA LYS F 342 9.72 -26.45 -4.26
C LYS F 342 10.04 -27.53 -5.30
N SER F 343 11.10 -27.34 -6.07
CA SER F 343 11.47 -28.26 -7.13
C SER F 343 12.48 -29.31 -6.67
N GLY F 344 12.69 -29.45 -5.36
CA GLY F 344 13.63 -30.44 -4.87
C GLY F 344 15.09 -30.11 -5.08
N ILE F 345 15.40 -28.86 -5.42
CA ILE F 345 16.77 -28.45 -5.65
C ILE F 345 17.49 -28.35 -4.32
N GLN F 346 18.57 -29.11 -4.16
CA GLN F 346 19.35 -29.13 -2.92
C GLN F 346 20.81 -28.82 -3.21
N PRO F 347 21.34 -27.68 -2.74
CA PRO F 347 20.61 -26.66 -1.97
C PRO F 347 19.86 -25.68 -2.86
N PRO F 348 18.72 -25.17 -2.38
CA PRO F 348 17.91 -24.24 -3.18
C PRO F 348 18.49 -22.83 -3.20
N ILE F 349 19.70 -22.70 -3.77
CA ILE F 349 20.41 -21.43 -3.80
C ILE F 349 20.04 -20.69 -5.08
N ASP F 350 19.46 -19.49 -4.93
CA ASP F 350 19.19 -18.61 -6.05
C ASP F 350 20.41 -17.73 -6.26
N VAL F 351 21.20 -18.03 -7.29
CA VAL F 351 22.47 -17.35 -7.49
C VAL F 351 22.34 -16.05 -8.29
N LEU F 352 21.16 -15.75 -8.83
CA LEU F 352 20.99 -14.49 -9.56
C LEU F 352 20.96 -13.29 -8.61
N PRO F 353 20.12 -13.26 -7.57
CA PRO F 353 20.16 -12.12 -6.65
C PRO F 353 21.31 -12.19 -5.65
N SER F 354 21.96 -13.33 -5.52
CA SER F 354 23.08 -13.48 -4.61
C SER F 354 24.35 -12.87 -5.23
N LEU F 355 25.31 -12.57 -4.35
CA LEU F 355 26.51 -11.85 -4.74
C LEU F 355 27.58 -12.08 -3.67
N SER F 356 28.83 -12.01 -4.09
CA SER F 356 29.97 -11.96 -3.18
C SER F 356 30.87 -10.82 -3.65
N ARG F 357 31.38 -10.03 -2.71
CA ARG F 357 32.11 -8.82 -3.07
C ARG F 357 33.60 -8.92 -2.80
N LEU F 358 34.04 -9.95 -2.06
CA LEU F 358 35.45 -10.14 -1.77
C LEU F 358 36.09 -11.21 -2.66
N LYS F 359 35.37 -11.69 -3.68
CA LYS F 359 35.87 -12.86 -4.41
C LYS F 359 36.88 -12.51 -5.50
N ASP F 360 36.80 -11.32 -6.11
CA ASP F 360 37.70 -10.98 -7.20
C ASP F 360 39.16 -11.14 -6.80
N LYS F 361 39.50 -10.79 -5.57
CA LYS F 361 40.85 -10.98 -5.07
C LYS F 361 41.11 -12.40 -4.59
N GLY F 362 40.07 -13.24 -4.53
CA GLY F 362 40.24 -14.60 -4.04
C GLY F 362 40.25 -15.66 -5.12
N THR F 363 40.00 -15.26 -6.36
CA THR F 363 40.01 -16.16 -7.50
C THR F 363 41.14 -15.77 -8.45
N GLY F 364 41.32 -16.58 -9.49
CA GLY F 364 42.37 -16.35 -10.46
C GLY F 364 43.46 -17.41 -10.37
N ALA F 365 44.48 -17.21 -11.19
CA ALA F 365 45.61 -18.13 -11.21
C ALA F 365 46.37 -18.05 -9.90
N GLY F 366 46.71 -19.22 -9.34
CA GLY F 366 47.36 -19.29 -8.06
C GLY F 366 46.43 -19.44 -6.87
N LYS F 367 45.17 -19.04 -7.02
CA LYS F 367 44.17 -19.15 -5.96
C LYS F 367 43.19 -20.28 -6.24
N THR F 368 42.57 -20.28 -7.41
CA THR F 368 41.66 -21.34 -7.82
C THR F 368 41.93 -21.82 -9.23
N ARG F 369 41.44 -21.06 -10.20
CA ARG F 369 41.67 -21.35 -11.61
C ARG F 369 41.88 -20.03 -12.32
N GLU F 370 42.68 -20.09 -13.39
CA GLU F 370 42.96 -18.89 -14.17
C GLU F 370 41.68 -18.29 -14.76
N ASP F 371 40.77 -19.14 -15.21
CA ASP F 371 39.63 -18.71 -16.01
C ASP F 371 38.34 -18.61 -15.20
N HIS F 372 38.40 -18.69 -13.88
CA HIS F 372 37.20 -18.69 -13.05
C HIS F 372 36.35 -17.45 -13.34
N ALA F 373 36.98 -16.27 -13.37
CA ALA F 373 36.23 -15.03 -13.52
C ALA F 373 35.47 -14.98 -14.84
N ALA F 374 36.09 -15.49 -15.92
CA ALA F 374 35.42 -15.41 -17.22
C ALA F 374 34.28 -16.39 -17.32
N THR F 375 34.46 -17.62 -16.83
CA THR F 375 33.36 -18.57 -16.80
C THR F 375 32.23 -18.05 -15.93
N MSE F 376 32.54 -17.67 -14.69
CA MSE F 376 31.56 -17.12 -13.76
C MSE F 376 30.70 -16.03 -14.39
O MSE F 376 29.47 -16.15 -14.40
CB MSE F 376 32.29 -16.55 -12.53
CG MSE F 376 31.39 -16.24 -11.36
SE MSE F 376 32.03 -14.74 -10.31
CE MSE F 376 32.29 -13.47 -11.77
N ASN F 377 31.35 -15.01 -14.93
CA ASN F 377 30.61 -13.94 -15.61
C ASN F 377 29.76 -14.49 -16.75
N GLN F 378 30.30 -15.45 -17.50
CA GLN F 378 29.56 -16.02 -18.62
C GLN F 378 28.36 -16.84 -18.14
N LEU F 379 28.47 -17.45 -16.96
CA LEU F 379 27.40 -18.31 -16.46
C LEU F 379 26.15 -17.49 -16.14
N PHE F 380 26.28 -16.52 -15.23
CA PHE F 380 25.13 -15.75 -14.77
C PHE F 380 24.34 -15.17 -15.92
N ALA F 381 25.04 -14.50 -16.85
CA ALA F 381 24.35 -13.83 -17.95
C ALA F 381 23.51 -14.81 -18.74
N ALA F 382 24.06 -15.99 -19.04
CA ALA F 382 23.31 -16.97 -19.80
C ALA F 382 22.21 -17.62 -18.97
N TYR F 383 22.42 -17.77 -17.66
CA TYR F 383 21.36 -18.30 -16.80
C TYR F 383 20.20 -17.32 -16.71
N ALA F 384 20.51 -16.03 -16.55
CA ALA F 384 19.47 -15.00 -16.46
C ALA F 384 18.58 -15.04 -17.69
N GLN F 385 19.18 -15.14 -18.88
CA GLN F 385 18.39 -15.18 -20.10
C GLN F 385 17.67 -16.51 -20.27
N GLY F 386 18.30 -17.61 -19.84
CA GLY F 386 17.64 -18.90 -19.91
C GLY F 386 16.44 -18.98 -18.99
N LYS F 387 16.58 -18.45 -17.77
CA LYS F 387 15.43 -18.34 -16.88
C LYS F 387 14.39 -17.39 -17.45
N GLN F 388 14.85 -16.30 -18.08
CA GLN F 388 13.92 -15.38 -18.72
C GLN F 388 13.16 -16.07 -19.86
N ALA F 389 13.82 -17.01 -20.55
CA ALA F 389 13.16 -17.71 -21.64
C ALA F 389 12.20 -18.77 -21.13
N LYS F 390 12.58 -19.46 -20.05
CA LYS F 390 11.69 -20.44 -19.44
C LYS F 390 10.39 -19.80 -18.97
N GLU F 391 10.50 -18.65 -18.31
CA GLU F 391 9.31 -17.91 -17.89
C GLU F 391 8.47 -17.47 -19.08
N LEU F 392 9.05 -17.45 -20.29
CA LEU F 392 8.31 -17.18 -21.51
C LEU F 392 7.72 -18.44 -22.11
N ALA F 393 8.44 -19.57 -22.01
CA ALA F 393 7.94 -20.83 -22.53
C ALA F 393 6.64 -21.23 -21.85
N VAL F 394 6.56 -21.01 -20.54
CA VAL F 394 5.40 -21.44 -19.78
C VAL F 394 4.20 -20.53 -20.03
N VAL F 395 4.41 -19.39 -20.68
CA VAL F 395 3.34 -18.43 -20.90
C VAL F 395 2.92 -18.45 -22.36
N LEU F 396 3.89 -18.24 -23.26
CA LEU F 396 3.60 -18.12 -24.69
C LEU F 396 3.81 -19.42 -25.45
N GLY F 397 4.25 -20.49 -24.80
CA GLY F 397 4.41 -21.76 -25.47
C GLY F 397 5.86 -22.05 -25.80
N GLU F 398 6.15 -23.35 -25.94
CA GLU F 398 7.51 -23.79 -26.26
C GLU F 398 7.89 -23.40 -27.68
N SER F 399 6.98 -23.63 -28.64
CA SER F 399 7.28 -23.36 -30.04
C SER F 399 7.42 -21.86 -30.30
N ALA F 400 6.70 -21.04 -29.54
CA ALA F 400 6.76 -19.59 -29.78
C ALA F 400 8.14 -19.03 -29.45
N LEU F 401 8.85 -19.65 -28.51
CA LEU F 401 10.20 -19.20 -28.17
C LEU F 401 11.14 -19.35 -29.35
N SER F 402 12.10 -18.42 -29.45
CA SER F 402 13.09 -18.48 -30.50
C SER F 402 13.98 -19.69 -30.33
N ASP F 403 14.45 -20.23 -31.45
CA ASP F 403 15.31 -21.41 -31.41
C ASP F 403 16.59 -21.13 -30.64
N ILE F 404 17.16 -19.94 -30.84
CA ILE F 404 18.34 -19.56 -30.06
C ILE F 404 18.00 -19.52 -28.58
N ASP F 405 16.88 -18.89 -28.23
CA ASP F 405 16.45 -18.88 -26.83
C ASP F 405 16.07 -20.27 -26.36
N LYS F 406 15.58 -21.13 -27.27
CA LYS F 406 15.16 -22.46 -26.85
C LYS F 406 16.35 -23.31 -26.42
N ILE F 407 17.51 -23.10 -27.06
CA ILE F 407 18.72 -23.75 -26.59
C ILE F 407 19.06 -23.26 -25.19
N TYR F 408 18.80 -21.98 -24.93
CA TYR F 408 19.03 -21.41 -23.60
C TYR F 408 18.03 -21.95 -22.58
N ALA F 409 16.78 -22.18 -23.01
CA ALA F 409 15.78 -22.69 -22.09
C ALA F 409 16.23 -24.02 -21.49
N LYS F 410 16.88 -24.86 -22.30
CA LYS F 410 17.48 -26.08 -21.75
C LYS F 410 18.76 -25.78 -21.00
N PHE F 411 19.43 -24.67 -21.33
CA PHE F 411 20.65 -24.30 -20.62
C PHE F 411 20.36 -24.06 -19.14
N ALA F 412 19.26 -23.35 -18.84
CA ALA F 412 18.93 -23.05 -17.46
C ALA F 412 18.34 -24.26 -16.74
N GLU F 413 17.74 -25.18 -17.48
CA GLU F 413 17.16 -26.36 -16.86
C GLU F 413 18.25 -27.26 -16.29
N ARG F 414 19.29 -27.53 -17.09
CA ARG F 414 20.39 -28.36 -16.60
C ARG F 414 21.24 -27.62 -15.58
N PHE F 415 21.29 -26.29 -15.67
CA PHE F 415 22.04 -25.49 -14.71
C PHE F 415 21.36 -25.37 -13.36
N GLU F 416 20.19 -25.97 -13.20
CA GLU F 416 19.48 -26.00 -11.93
C GLU F 416 19.39 -27.39 -11.33
N ASN F 417 19.20 -28.41 -12.16
CA ASN F 417 19.03 -29.77 -11.67
C ASN F 417 20.36 -30.52 -11.50
N GLU F 418 21.40 -30.09 -12.22
CA GLU F 418 22.71 -30.74 -12.15
C GLU F 418 23.76 -29.84 -11.51
N TYR F 419 23.80 -28.57 -11.92
CA TYR F 419 24.81 -27.65 -11.41
C TYR F 419 24.53 -27.27 -9.96
N VAL F 420 23.35 -26.70 -9.71
CA VAL F 420 23.01 -26.24 -8.37
C VAL F 420 22.59 -27.41 -7.49
N ASN F 421 21.68 -28.24 -7.97
CA ASN F 421 21.21 -29.39 -7.21
C ASN F 421 22.33 -30.41 -7.10
N GLN F 422 22.97 -30.48 -5.94
CA GLN F 422 24.04 -31.45 -5.69
C GLN F 422 23.89 -32.20 -4.38
N GLY F 423 22.94 -31.84 -3.53
CA GLY F 423 22.74 -32.52 -2.27
C GLY F 423 23.48 -31.87 -1.13
N PHE F 424 22.98 -32.12 0.07
CA PHE F 424 23.56 -31.54 1.28
C PHE F 424 24.72 -32.34 1.83
N TYR F 425 25.23 -33.32 1.08
CA TYR F 425 26.36 -34.12 1.54
C TYR F 425 27.36 -34.37 0.42
N THR F 426 27.40 -33.51 -0.58
CA THR F 426 28.32 -33.62 -1.71
C THR F 426 29.40 -32.55 -1.59
N ASN F 427 30.64 -32.98 -1.40
CA ASN F 427 31.79 -32.08 -1.38
C ASN F 427 32.49 -32.19 -2.73
N ARG F 428 32.05 -31.37 -3.68
CA ARG F 428 32.70 -31.33 -4.99
C ARG F 428 33.89 -30.37 -4.96
N THR F 429 34.94 -30.73 -5.66
CA THR F 429 36.14 -29.92 -5.67
C THR F 429 35.96 -28.70 -6.58
N ILE F 430 36.87 -27.74 -6.42
CA ILE F 430 36.82 -26.54 -7.24
C ILE F 430 37.16 -26.86 -8.69
N THR F 431 38.04 -27.85 -8.92
CA THR F 431 38.34 -28.26 -10.28
C THR F 431 37.13 -28.96 -10.91
N GLU F 432 36.41 -29.76 -10.12
CA GLU F 432 35.23 -30.42 -10.64
C GLU F 432 34.07 -29.43 -10.81
N THR F 433 34.10 -28.32 -10.08
CA THR F 433 33.04 -27.33 -10.21
C THR F 433 33.23 -26.46 -11.44
N LEU F 434 34.48 -26.06 -11.72
CA LEU F 434 34.73 -25.21 -12.88
C LEU F 434 34.68 -26.01 -14.18
N ASP F 435 35.09 -27.28 -14.13
CA ASP F 435 34.98 -28.12 -15.32
C ASP F 435 33.51 -28.39 -15.65
N LEU F 436 32.68 -28.53 -14.62
CA LEU F 436 31.24 -28.68 -14.84
C LEU F 436 30.65 -27.43 -15.49
N GLY F 437 31.17 -26.25 -15.12
CA GLY F 437 30.62 -25.02 -15.64
C GLY F 437 30.85 -24.85 -17.13
N TRP F 438 32.05 -25.21 -17.60
CA TRP F 438 32.31 -25.16 -19.02
C TRP F 438 31.40 -26.12 -19.78
N GLU F 439 31.14 -27.30 -19.21
CA GLU F 439 30.27 -28.27 -19.86
C GLU F 439 28.86 -27.70 -20.04
N LEU F 440 28.47 -26.77 -19.17
CA LEU F 440 27.18 -26.10 -19.32
C LEU F 440 27.26 -24.93 -20.30
N LEU F 441 28.47 -24.46 -20.62
CA LEU F 441 28.64 -23.41 -21.61
C LEU F 441 28.92 -23.94 -23.00
N ALA F 442 29.31 -25.21 -23.11
CA ALA F 442 29.54 -25.81 -24.41
C ALA F 442 28.26 -25.99 -25.22
N MSE F 443 27.09 -25.85 -24.59
CA MSE F 443 25.82 -25.96 -25.28
C MSE F 443 25.62 -24.80 -26.24
O MSE F 443 25.34 -24.98 -27.43
CB MSE F 443 24.67 -25.99 -24.29
CG MSE F 443 24.85 -26.97 -23.15
SE MSE F 443 23.37 -26.90 -21.91
CE MSE F 443 24.07 -28.09 -20.54
N LEU F 444 25.76 -23.59 -25.71
CA LEU F 444 25.62 -22.40 -26.52
C LEU F 444 26.77 -22.33 -27.53
N PRO F 445 26.52 -21.81 -28.73
CA PRO F 445 27.60 -21.69 -29.72
C PRO F 445 28.69 -20.74 -29.22
N ARG F 446 29.85 -20.84 -29.86
CA ARG F 446 31.00 -20.04 -29.46
C ARG F 446 30.74 -18.55 -29.65
N THR F 447 29.86 -18.20 -30.60
CA THR F 447 29.61 -16.78 -30.88
C THR F 447 28.83 -16.10 -29.77
N GLU F 448 28.03 -16.86 -29.02
CA GLU F 448 27.23 -16.28 -27.96
C GLU F 448 28.00 -16.13 -26.65
N LEU F 449 29.24 -16.62 -26.58
CA LEU F 449 30.08 -16.45 -25.39
C LEU F 449 30.95 -15.23 -25.61
N LYS F 450 30.38 -14.05 -25.33
CA LYS F 450 31.03 -12.79 -25.62
C LYS F 450 31.84 -12.22 -24.46
N ARG F 451 31.59 -12.66 -23.23
CA ARG F 451 32.32 -12.18 -22.08
C ARG F 451 33.39 -13.17 -21.62
N ILE F 452 33.83 -14.04 -22.52
CA ILE F 452 35.04 -14.83 -22.37
C ILE F 452 35.92 -14.52 -23.58
N LYS F 453 37.18 -14.18 -23.33
CA LYS F 453 38.09 -13.84 -24.41
C LYS F 453 38.46 -15.07 -25.23
N ASP F 454 38.99 -14.83 -26.43
CA ASP F 454 39.40 -15.94 -27.30
C ASP F 454 40.48 -16.79 -26.63
N ASP F 455 41.36 -16.18 -25.84
CA ASP F 455 42.41 -16.97 -25.21
C ASP F 455 41.83 -17.98 -24.22
N LEU F 456 40.81 -17.57 -23.46
CA LEU F 456 40.19 -18.48 -22.52
C LEU F 456 39.19 -19.40 -23.19
N LEU F 457 38.58 -18.95 -24.30
CA LEU F 457 37.70 -19.82 -25.07
C LEU F 457 38.49 -20.94 -25.74
N ASP F 458 39.68 -20.63 -26.26
CA ASP F 458 40.45 -21.62 -27.00
C ASP F 458 41.00 -22.70 -26.08
N LYS F 459 41.46 -22.31 -24.89
CA LYS F 459 42.11 -23.29 -24.02
C LYS F 459 41.11 -24.19 -23.32
N TYR F 460 39.82 -23.87 -23.38
CA TYR F 460 38.80 -24.65 -22.68
C TYR F 460 37.54 -24.78 -23.52
N ARG G 9 0.59 -12.95 -8.01
CA ARG G 9 1.01 -11.63 -8.45
C ARG G 9 2.51 -11.59 -8.66
N LEU G 10 2.97 -10.76 -9.60
CA LEU G 10 4.40 -10.62 -9.83
C LEU G 10 5.06 -9.92 -8.65
N ASN G 11 6.25 -10.38 -8.29
CA ASN G 11 6.95 -9.81 -7.16
C ASN G 11 7.34 -8.37 -7.43
N VAL G 12 7.06 -7.49 -6.47
CA VAL G 12 7.35 -6.07 -6.62
C VAL G 12 7.47 -5.43 -5.24
N ASN G 13 8.19 -4.31 -5.20
CA ASN G 13 8.28 -3.55 -3.95
C ASN G 13 7.19 -2.49 -3.91
N PRO G 14 6.40 -2.42 -2.83
CA PRO G 14 5.31 -1.42 -2.77
C PRO G 14 5.86 0.00 -2.70
N THR G 15 5.52 0.80 -3.70
CA THR G 15 5.93 2.19 -3.75
C THR G 15 4.90 2.97 -4.55
N ARG G 16 4.86 4.28 -4.32
CA ARG G 16 3.97 5.13 -5.10
C ARG G 16 4.40 5.16 -6.56
N MSE G 17 5.70 5.06 -6.83
CA MSE G 17 6.22 5.09 -8.18
C MSE G 17 5.90 3.79 -8.93
O MSE G 17 5.55 3.81 -10.11
CB MSE G 17 7.73 5.34 -8.16
CG MSE G 17 8.31 5.87 -9.45
SE MSE G 17 10.20 6.29 -9.24
CE MSE G 17 10.69 4.76 -8.13
N GLU G 18 5.99 2.66 -8.22
CA GLU G 18 5.64 1.39 -8.84
C GLU G 18 4.14 1.29 -9.12
N LEU G 19 3.32 1.93 -8.28
CA LEU G 19 1.87 1.87 -8.50
C LEU G 19 1.49 2.51 -9.81
N THR G 20 2.06 3.68 -10.11
CA THR G 20 1.72 4.38 -11.34
C THR G 20 2.29 3.68 -12.57
N ARG G 21 3.43 2.98 -12.41
CA ARG G 21 4.01 2.26 -13.55
C ARG G 21 3.17 1.04 -13.88
N LEU G 22 2.78 0.27 -12.86
CA LEU G 22 1.90 -0.87 -13.10
C LEU G 22 0.53 -0.42 -13.55
N LYS G 23 0.14 0.82 -13.21
CA LYS G 23 -1.13 1.35 -13.69
C LYS G 23 -1.07 1.62 -15.19
N LYS G 24 0.09 2.08 -15.68
CA LYS G 24 0.22 2.34 -17.11
C LYS G 24 0.40 1.05 -17.90
N GLN G 25 1.04 0.04 -17.32
CA GLN G 25 1.23 -1.22 -18.02
C GLN G 25 -0.09 -1.94 -18.21
N LEU G 26 -0.97 -1.89 -17.22
CA LEU G 26 -2.26 -2.57 -17.33
C LEU G 26 -3.14 -1.90 -18.39
N THR G 27 -3.09 -0.57 -18.47
CA THR G 27 -3.88 0.13 -19.48
C THR G 27 -3.43 -0.22 -20.89
N THR G 28 -2.11 -0.33 -21.08
CA THR G 28 -1.60 -0.79 -22.37
C THR G 28 -1.85 -2.28 -22.56
N ALA G 29 -1.85 -3.05 -21.48
CA ALA G 29 -2.16 -4.48 -21.57
C ALA G 29 -3.61 -4.70 -21.97
N THR G 30 -4.51 -3.93 -21.36
CA THR G 30 -5.93 -4.10 -21.63
C THR G 30 -6.26 -3.75 -23.08
N ARG G 31 -5.64 -2.69 -23.61
CA ARG G 31 -5.86 -2.33 -25.01
C ARG G 31 -5.22 -3.34 -25.95
N GLY G 32 -4.03 -3.84 -25.59
CA GLY G 32 -3.38 -4.85 -26.40
C GLY G 32 -4.16 -6.15 -26.43
N HIS G 33 -4.82 -6.48 -25.31
CA HIS G 33 -5.71 -7.64 -25.32
C HIS G 33 -6.88 -7.41 -26.26
N LYS G 34 -7.36 -6.18 -26.34
CA LYS G 34 -8.46 -5.86 -27.25
C LYS G 34 -8.03 -6.03 -28.70
N LEU G 35 -6.78 -5.67 -29.01
CA LEU G 35 -6.32 -5.68 -30.39
C LEU G 35 -5.96 -7.08 -30.87
N LEU G 36 -5.40 -7.91 -29.98
CA LEU G 36 -5.04 -9.27 -30.40
C LEU G 36 -6.28 -10.12 -30.61
N LYS G 37 -7.33 -9.90 -29.81
CA LYS G 37 -8.58 -10.63 -30.03
C LYS G 37 -9.27 -10.14 -31.31
N ASP G 38 -9.13 -8.85 -31.61
CA ASP G 38 -9.61 -8.35 -32.90
C ASP G 38 -8.91 -9.06 -34.04
N LYS G 39 -7.61 -9.32 -33.89
CA LYS G 39 -6.90 -10.14 -34.86
C LYS G 39 -7.38 -11.58 -34.82
N GLN G 40 -7.81 -12.05 -33.63
CA GLN G 40 -8.36 -13.39 -33.53
C GLN G 40 -9.73 -13.47 -34.21
N ASP G 41 -10.56 -12.44 -34.01
CA ASP G 41 -11.86 -12.41 -34.69
C ASP G 41 -11.68 -12.20 -36.18
N GLU G 42 -10.67 -11.43 -36.58
CA GLU G 42 -10.43 -11.19 -38.00
C GLU G 42 -9.96 -12.47 -38.69
N LEU G 43 -8.95 -13.14 -38.13
CA LEU G 43 -8.46 -14.37 -38.73
C LEU G 43 -9.57 -15.40 -38.86
N MSE G 44 -10.53 -15.39 -37.95
CA MSE G 44 -11.64 -16.34 -38.00
C MSE G 44 -12.52 -16.06 -39.21
O MSE G 44 -13.26 -16.93 -39.64
CB MSE G 44 -12.46 -16.28 -36.71
CG MSE G 44 -13.38 -17.48 -36.50
SE MSE G 44 -14.29 -17.46 -34.77
CE MSE G 44 -15.39 -15.86 -35.02
N ARG G 45 -12.43 -14.84 -39.76
CA ARG G 45 -13.28 -14.45 -40.89
C ARG G 45 -12.66 -14.86 -42.22
N GLN G 46 -11.36 -14.63 -42.39
CA GLN G 46 -10.74 -15.03 -43.64
C GLN G 46 -10.41 -16.52 -43.65
N PHE G 47 -10.26 -17.13 -42.48
CA PHE G 47 -10.10 -18.57 -42.42
C PHE G 47 -11.38 -19.27 -42.82
N ILE G 48 -12.53 -18.77 -42.36
CA ILE G 48 -13.79 -19.49 -42.55
C ILE G 48 -14.16 -19.56 -44.02
N LEU G 49 -13.96 -18.46 -44.77
CA LEU G 49 -14.27 -18.52 -46.19
C LEU G 49 -13.29 -19.43 -46.91
N LEU G 50 -12.02 -19.39 -46.54
CA LEU G 50 -11.03 -20.24 -47.17
C LEU G 50 -11.23 -21.69 -46.79
N ILE G 51 -11.57 -21.95 -45.53
CA ILE G 51 -11.68 -23.34 -45.07
C ILE G 51 -12.85 -24.04 -45.78
N ARG G 52 -14.00 -23.35 -45.88
CA ARG G 52 -15.15 -23.97 -46.55
C ARG G 52 -14.82 -24.24 -48.01
N LYS G 53 -14.05 -23.35 -48.65
CA LYS G 53 -13.63 -23.58 -50.02
C LYS G 53 -12.69 -24.79 -50.10
N ASN G 54 -11.76 -24.90 -49.16
CA ASN G 54 -10.84 -26.03 -49.16
C ASN G 54 -11.59 -27.34 -48.90
N ASN G 55 -12.53 -27.33 -47.97
CA ASN G 55 -13.29 -28.53 -47.66
C ASN G 55 -14.00 -29.06 -48.89
N GLU G 56 -14.61 -28.17 -49.67
CA GLU G 56 -15.30 -28.59 -50.89
C GLU G 56 -14.28 -29.03 -51.94
N LEU G 57 -13.18 -28.29 -52.08
CA LEU G 57 -12.11 -28.72 -52.98
C LEU G 57 -11.61 -30.10 -52.58
N ARG G 58 -11.20 -30.24 -51.31
CA ARG G 58 -10.57 -31.49 -50.87
C ARG G 58 -11.49 -32.67 -51.09
N GLN G 59 -12.78 -32.52 -50.77
CA GLN G 59 -13.72 -33.62 -50.98
C GLN G 59 -13.79 -33.99 -52.46
N ALA G 60 -13.92 -32.99 -53.32
CA ALA G 60 -14.08 -33.27 -54.75
C ALA G 60 -12.82 -33.91 -55.32
N ILE G 61 -11.65 -33.35 -55.01
CA ILE G 61 -10.43 -33.91 -55.59
C ILE G 61 -10.16 -35.31 -55.03
N GLU G 62 -10.45 -35.51 -53.74
CA GLU G 62 -10.20 -36.79 -53.09
C GLU G 62 -10.89 -37.92 -53.83
N LYS G 63 -12.21 -37.87 -53.90
CA LYS G 63 -12.98 -38.89 -54.59
C LYS G 63 -12.55 -39.00 -56.04
N GLU G 64 -12.37 -37.86 -56.71
CA GLU G 64 -11.96 -37.89 -58.11
C GLU G 64 -10.57 -38.50 -58.27
N THR G 65 -9.64 -38.18 -57.36
CA THR G 65 -8.31 -38.77 -57.46
C THR G 65 -8.36 -40.27 -57.20
N GLN G 66 -9.18 -40.72 -56.24
CA GLN G 66 -9.29 -42.16 -56.00
C GLN G 66 -9.87 -42.87 -57.21
N THR G 67 -10.96 -42.35 -57.76
CA THR G 67 -11.54 -42.98 -58.94
C THR G 67 -10.55 -43.00 -60.10
N ALA G 68 -9.67 -42.00 -60.18
CA ALA G 68 -8.54 -42.08 -61.11
C ALA G 68 -7.62 -43.22 -60.72
N MSE G 69 -7.32 -43.34 -59.43
CA MSE G 69 -6.49 -44.42 -58.92
C MSE G 69 -7.23 -45.74 -59.06
O MSE G 69 -6.62 -46.78 -59.30
CB MSE G 69 -6.12 -44.17 -57.45
N LYS G 70 -8.55 -45.70 -58.92
CA LYS G 70 -9.35 -46.92 -59.02
C LYS G 70 -9.28 -47.50 -60.42
N ASP G 71 -9.40 -46.64 -61.44
CA ASP G 71 -9.35 -47.12 -62.81
C ASP G 71 -7.95 -47.61 -63.18
N PHE G 72 -6.92 -46.99 -62.63
CA PHE G 72 -5.56 -47.47 -62.83
C PHE G 72 -5.38 -48.80 -62.10
N PHE G 83 5.65 -56.13 -68.69
CA PHE G 83 5.46 -55.17 -69.78
C PHE G 83 5.15 -53.80 -69.23
N ILE G 84 4.35 -53.76 -68.16
CA ILE G 84 4.01 -52.49 -67.55
C ILE G 84 5.18 -51.90 -66.78
N ASP G 85 6.19 -52.73 -66.47
CA ASP G 85 7.34 -52.26 -65.73
C ASP G 85 8.39 -51.65 -66.65
N GLU G 86 8.53 -52.21 -67.85
CA GLU G 86 9.58 -51.74 -68.76
C GLU G 86 9.21 -50.41 -69.41
N LEU G 87 7.92 -50.10 -69.49
CA LEU G 87 7.49 -48.87 -70.15
C LEU G 87 7.63 -47.65 -69.25
N LEU G 88 7.66 -47.83 -67.93
CA LEU G 88 7.75 -46.72 -66.98
C LEU G 88 9.18 -46.43 -66.56
N ALA G 89 10.15 -46.76 -67.39
CA ALA G 89 11.56 -46.53 -67.06
C ALA G 89 12.05 -45.19 -67.62
N LEU G 90 11.94 -45.01 -68.94
CA LEU G 90 12.40 -43.79 -69.58
C LEU G 90 11.48 -42.62 -69.26
N GLU G 93 9.67 -37.94 -68.81
CA GLU G 93 9.65 -36.50 -69.02
C GLU G 93 9.73 -35.75 -67.69
N ASN G 94 10.90 -35.19 -67.40
CA ASN G 94 11.12 -34.49 -66.14
C ASN G 94 10.85 -33.00 -66.32
N VAL G 95 9.80 -32.51 -65.69
CA VAL G 95 9.46 -31.09 -65.76
C VAL G 95 9.76 -30.42 -64.42
N VAL G 99 6.86 -22.37 -55.69
CA VAL G 99 6.09 -21.76 -54.62
C VAL G 99 6.61 -20.35 -54.34
N VAL G 100 5.73 -19.36 -54.51
CA VAL G 100 6.09 -17.96 -54.30
C VAL G 100 5.51 -17.51 -52.96
N GLU G 101 6.21 -16.59 -52.31
CA GLU G 101 5.86 -16.14 -50.96
C GLU G 101 4.98 -14.91 -51.06
N LYS G 102 3.71 -15.04 -50.66
CA LYS G 102 2.77 -13.94 -50.63
C LYS G 102 2.27 -13.74 -49.20
N ASN G 103 2.20 -12.48 -48.78
CA ASN G 103 1.84 -12.14 -47.41
C ASN G 103 0.41 -11.63 -47.38
N ILE G 104 -0.52 -12.47 -46.90
CA ILE G 104 -1.90 -12.07 -46.62
C ILE G 104 -1.98 -11.79 -45.13
N MSE G 105 -2.43 -10.59 -44.77
CA MSE G 105 -2.44 -10.13 -43.39
C MSE G 105 -1.08 -10.31 -42.72
O MSE G 105 -0.07 -9.84 -43.24
CB MSE G 105 -3.50 -10.88 -42.58
CG MSE G 105 -4.88 -10.67 -43.14
SE MSE G 105 -6.32 -11.20 -41.97
CE MSE G 105 -7.70 -10.34 -43.02
N SER G 106 -1.08 -10.99 -41.58
CA SER G 106 0.14 -11.21 -40.83
C SER G 106 0.77 -12.57 -41.10
N VAL G 107 0.25 -13.32 -42.07
CA VAL G 107 0.68 -14.69 -42.32
C VAL G 107 1.21 -14.79 -43.74
N LYS G 108 2.36 -15.45 -43.90
CA LYS G 108 2.90 -15.72 -45.23
C LYS G 108 2.20 -16.92 -45.83
N VAL G 109 1.99 -16.86 -47.14
CA VAL G 109 1.22 -17.89 -47.85
C VAL G 109 1.99 -18.34 -49.09
N PRO G 110 2.13 -19.64 -49.31
CA PRO G 110 2.83 -20.12 -50.51
C PRO G 110 1.95 -20.04 -51.76
N LEU G 111 2.61 -19.85 -52.90
CA LEU G 111 1.92 -19.77 -54.18
C LEU G 111 2.30 -20.94 -55.07
N ASP G 137 -3.86 -45.77 -71.65
CA ASP G 137 -3.25 -44.44 -71.60
C ASP G 137 -4.30 -43.41 -71.21
N ARG G 138 -5.57 -43.83 -71.13
CA ARG G 138 -6.59 -42.92 -70.63
C ARG G 138 -6.37 -42.61 -69.17
N SER G 139 -5.85 -43.58 -68.40
CA SER G 139 -5.51 -43.33 -67.01
C SER G 139 -4.28 -42.44 -66.91
N ILE G 140 -3.38 -42.51 -67.89
CA ILE G 140 -2.26 -41.58 -67.93
C ILE G 140 -2.75 -40.17 -68.16
N ASP G 141 -3.77 -40.01 -69.00
CA ASP G 141 -4.36 -38.69 -69.22
C ASP G 141 -5.01 -38.15 -67.96
N GLY G 142 -5.69 -39.02 -67.20
CA GLY G 142 -6.26 -38.58 -65.95
C GLY G 142 -5.20 -38.15 -64.95
N PHE G 143 -4.01 -38.75 -65.05
CA PHE G 143 -2.94 -38.39 -64.13
C PHE G 143 -2.44 -36.98 -64.40
N THR G 144 -2.25 -36.63 -65.68
CA THR G 144 -1.76 -35.30 -66.00
C THR G 144 -2.81 -34.24 -65.67
N GLN G 145 -4.09 -34.55 -65.84
CA GLN G 145 -5.13 -33.62 -65.43
C GLN G 145 -5.10 -33.42 -63.93
N LEU G 146 -4.96 -34.50 -63.17
CA LEU G 146 -4.95 -34.39 -61.71
C LEU G 146 -3.70 -33.68 -61.21
N LEU G 147 -2.60 -33.73 -61.97
CA LEU G 147 -1.34 -33.20 -61.44
C LEU G 147 -1.39 -31.69 -61.24
N PRO G 148 -1.81 -30.87 -62.21
CA PRO G 148 -2.24 -29.51 -61.85
C PRO G 148 -3.30 -29.45 -60.75
N LYS G 149 -4.26 -30.37 -60.73
CA LYS G 149 -5.31 -30.29 -59.72
C LYS G 149 -4.76 -30.52 -58.33
N LEU G 150 -3.63 -31.24 -58.21
CA LEU G 150 -3.05 -31.52 -56.91
C LEU G 150 -2.14 -30.39 -56.44
N LEU G 151 -1.51 -29.66 -57.38
CA LEU G 151 -0.66 -28.54 -56.99
C LEU G 151 -1.49 -27.43 -56.36
N LYS G 152 -2.63 -27.09 -56.98
CA LYS G 152 -3.54 -26.13 -56.38
C LYS G 152 -4.11 -26.64 -55.07
N LEU G 153 -4.29 -27.97 -54.96
CA LEU G 153 -4.72 -28.53 -53.69
C LEU G 153 -3.63 -28.45 -52.63
N ALA G 154 -2.37 -28.40 -53.06
CA ALA G 154 -1.26 -28.33 -52.11
C ALA G 154 -1.02 -26.91 -51.64
N GLU G 155 -1.06 -25.94 -52.57
CA GLU G 155 -0.86 -24.54 -52.23
C GLU G 155 -2.12 -23.90 -51.66
N VAL G 156 -3.14 -24.69 -51.34
CA VAL G 156 -4.35 -24.22 -50.69
C VAL G 156 -4.54 -24.88 -49.32
N GLU G 157 -4.38 -26.21 -49.25
CA GLU G 157 -4.46 -26.91 -47.97
C GLU G 157 -3.36 -26.44 -47.02
N LYS G 158 -2.14 -26.24 -47.54
CA LYS G 158 -1.06 -25.75 -46.70
C LYS G 158 -1.32 -24.31 -46.26
N THR G 159 -2.05 -23.53 -47.06
CA THR G 159 -2.39 -22.17 -46.65
C THR G 159 -3.31 -22.18 -45.44
N CYS G 160 -4.30 -23.07 -45.42
CA CYS G 160 -5.23 -23.14 -44.29
C CYS G 160 -4.52 -23.57 -43.03
N GLN G 161 -3.47 -24.39 -43.14
CA GLN G 161 -2.73 -24.82 -41.96
C GLN G 161 -1.93 -23.67 -41.37
N LEU G 162 -1.39 -22.81 -42.23
CA LEU G 162 -0.66 -21.65 -41.73
C LEU G 162 -1.61 -20.63 -41.12
N MSE G 163 -2.86 -20.61 -41.55
CA MSE G 163 -3.88 -19.75 -40.95
C MSE G 163 -4.25 -20.28 -39.57
O MSE G 163 -4.44 -19.52 -38.64
CB MSE G 163 -5.12 -19.66 -41.85
CG MSE G 163 -4.89 -18.88 -43.13
SE MSE G 163 -4.82 -16.96 -42.81
CE MSE G 163 -6.66 -16.67 -42.27
N ALA G 164 -4.35 -21.62 -39.47
CA ALA G 164 -4.69 -22.23 -38.19
C ALA G 164 -3.54 -22.11 -37.20
N GLU G 165 -2.29 -22.11 -37.68
CA GLU G 165 -1.15 -21.97 -36.78
C GLU G 165 -1.06 -20.56 -36.23
N GLU G 166 -1.21 -19.56 -37.10
CA GLU G 166 -1.19 -18.18 -36.63
C GLU G 166 -2.42 -17.87 -35.78
N ILE G 167 -3.55 -18.52 -36.09
CA ILE G 167 -4.73 -18.39 -35.23
C ILE G 167 -4.40 -18.90 -33.83
N GLU G 168 -3.61 -19.97 -33.75
CA GLU G 168 -3.33 -20.58 -32.46
C GLU G 168 -2.29 -19.78 -31.68
N LYS G 169 -1.33 -19.16 -32.38
CA LYS G 169 -0.38 -18.29 -31.70
C LYS G 169 -1.10 -17.08 -31.10
N THR G 170 -1.94 -16.43 -31.90
CA THR G 170 -2.70 -15.29 -31.39
C THR G 170 -3.66 -15.71 -30.28
N ARG G 171 -4.31 -16.87 -30.45
CA ARG G 171 -5.24 -17.36 -29.45
C ARG G 171 -4.57 -17.48 -28.09
N ARG G 172 -3.41 -18.13 -28.03
CA ARG G 172 -2.75 -18.30 -26.74
C ARG G 172 -2.14 -16.98 -26.27
N ARG G 173 -1.75 -16.10 -27.19
CA ARG G 173 -1.38 -14.74 -26.83
C ARG G 173 -2.50 -14.05 -26.08
N VAL G 174 -3.70 -14.07 -26.67
CA VAL G 174 -4.86 -13.46 -26.04
C VAL G 174 -5.17 -14.12 -24.70
N ASN G 175 -5.13 -15.46 -24.67
CA ASN G 175 -5.52 -16.18 -23.47
C ASN G 175 -4.62 -15.85 -22.29
N ALA G 176 -3.31 -15.76 -22.53
CA ALA G 176 -2.39 -15.46 -21.45
C ALA G 176 -2.68 -14.09 -20.84
N LEU G 177 -2.93 -13.09 -21.69
CA LEU G 177 -3.21 -11.75 -21.19
C LEU G 177 -4.43 -11.75 -20.28
N GLU G 178 -5.49 -12.47 -20.67
CA GLU G 178 -6.70 -12.44 -19.86
C GLU G 178 -6.56 -13.27 -18.60
N TYR G 179 -5.78 -14.35 -18.64
CA TYR G 179 -5.71 -15.28 -17.53
C TYR G 179 -4.48 -15.14 -16.67
N MSE G 180 -3.48 -14.37 -17.10
CA MSE G 180 -2.24 -14.27 -16.33
C MSE G 180 -1.75 -12.84 -16.16
O MSE G 180 -1.64 -12.35 -15.04
CB MSE G 180 -1.13 -15.11 -16.99
CG MSE G 180 -0.99 -16.52 -16.44
SE MSE G 180 0.87 -17.13 -16.54
CE MSE G 180 1.45 -16.63 -14.75
N THR G 181 -1.45 -12.16 -17.27
CA THR G 181 -0.84 -10.85 -17.20
C THR G 181 -1.77 -9.84 -16.54
N ILE G 182 -2.95 -9.65 -17.12
CA ILE G 182 -3.91 -8.67 -16.59
C ILE G 182 -4.37 -9.04 -15.18
N PRO G 183 -4.71 -10.30 -14.87
CA PRO G 183 -5.07 -10.61 -13.47
C PRO G 183 -3.92 -10.43 -12.51
N GLN G 184 -2.69 -10.78 -12.91
CA GLN G 184 -1.55 -10.56 -12.02
C GLN G 184 -1.40 -9.09 -11.69
N LEU G 185 -1.62 -8.21 -12.67
CA LEU G 185 -1.55 -6.78 -12.39
C LEU G 185 -2.70 -6.36 -11.49
N GLU G 186 -3.93 -6.78 -11.82
CA GLU G 186 -5.10 -6.36 -11.05
C GLU G 186 -4.95 -6.69 -9.56
N GLU G 187 -4.48 -7.90 -9.26
CA GLU G 187 -4.24 -8.25 -7.87
C GLU G 187 -3.05 -7.48 -7.32
N THR G 188 -2.05 -7.21 -8.16
CA THR G 188 -0.88 -6.47 -7.73
C THR G 188 -1.26 -5.06 -7.29
N ILE G 189 -2.07 -4.37 -8.11
CA ILE G 189 -2.48 -3.02 -7.78
C ILE G 189 -3.25 -3.00 -6.46
N TYR G 190 -4.08 -4.01 -6.23
CA TYR G 190 -4.84 -4.10 -4.99
C TYR G 190 -3.90 -4.12 -3.79
N TYR G 191 -2.87 -4.97 -3.84
CA TYR G 191 -1.94 -5.07 -2.72
C TYR G 191 -1.12 -3.80 -2.56
N ILE G 192 -0.72 -3.19 -3.68
CA ILE G 192 0.08 -1.96 -3.62
C ILE G 192 -0.70 -0.87 -2.89
N LYS G 193 -1.92 -0.60 -3.35
CA LYS G 193 -2.71 0.47 -2.76
C LYS G 193 -3.04 0.17 -1.30
N MSE G 194 -3.29 -1.09 -0.99
CA MSE G 194 -3.56 -1.51 0.39
C MSE G 194 -2.43 -1.08 1.33
O MSE G 194 -2.67 -0.44 2.35
CB MSE G 194 -3.74 -3.03 0.47
CG MSE G 194 -3.44 -3.63 1.83
SE MSE G 194 -3.46 -5.58 1.86
CE MSE G 194 -2.04 -5.89 3.17
N LYS G 195 -1.20 -1.44 0.95
CA LYS G 195 -0.06 -1.18 1.82
C LYS G 195 0.13 0.31 2.06
N LEU G 196 0.08 1.12 0.99
CA LEU G 196 0.40 2.53 1.13
C LEU G 196 -0.54 3.22 2.10
N GLU G 197 -1.82 2.84 2.11
CA GLU G 197 -2.78 3.54 2.95
C GLU G 197 -2.58 3.20 4.43
N GLU G 198 -2.48 1.91 4.76
CA GLU G 198 -2.27 1.54 6.15
C GLU G 198 -0.93 2.05 6.64
N ASN G 199 0.08 2.12 5.76
CA ASN G 199 1.38 2.62 6.16
C ASN G 199 1.30 4.08 6.57
N GLU G 200 0.70 4.92 5.73
CA GLU G 200 0.47 6.31 6.10
C GLU G 200 -0.55 6.43 7.23
N ARG G 201 -1.46 5.47 7.34
CA ARG G 201 -2.41 5.46 8.44
C ARG G 201 -1.72 5.16 9.76
N ALA G 202 -0.82 4.18 9.77
CA ALA G 202 -0.03 3.88 10.95
C ALA G 202 1.11 4.88 11.16
N GLU G 203 1.52 5.59 10.11
CA GLU G 203 2.61 6.55 10.25
C GLU G 203 2.13 7.81 10.97
N VAL G 204 0.95 8.32 10.60
CA VAL G 204 0.40 9.47 11.30
C VAL G 204 -0.02 9.09 12.72
N THR G 205 -0.24 7.80 12.97
CA THR G 205 -0.68 7.36 14.29
C THR G 205 0.42 7.55 15.32
N ARG G 206 1.66 7.16 14.98
CA ARG G 206 2.76 7.37 15.90
C ARG G 206 3.11 8.84 16.02
N LEU G 207 2.92 9.62 14.95
CA LEU G 207 3.18 11.05 15.02
C LEU G 207 2.29 11.74 16.04
N ILE G 208 1.08 11.22 16.23
CA ILE G 208 0.23 11.74 17.30
C ILE G 208 0.78 11.37 18.66
N LYS G 209 1.36 10.16 18.77
CA LYS G 209 1.94 9.73 20.03
C LYS G 209 3.23 10.49 20.33
N VAL G 210 4.05 10.74 19.30
CA VAL G 210 5.27 11.50 19.51
C VAL G 210 4.95 12.94 19.87
N LYS G 211 3.84 13.47 19.34
CA LYS G 211 3.45 14.85 19.68
C LYS G 211 3.11 14.98 21.16
N ASN G 212 2.67 13.89 21.78
CA ASN G 212 2.33 13.93 23.20
C ASN G 212 3.57 13.91 24.10
N MSE G 213 4.73 13.55 23.56
CA MSE G 213 5.96 13.55 24.33
C MSE G 213 6.48 14.97 24.54
O MSE G 213 6.35 15.54 25.62
CB MSE G 213 7.03 12.68 23.65
CG MSE G 213 6.74 11.20 23.66
SE MSE G 213 8.07 10.17 22.66
CE MSE G 213 9.67 10.78 23.59
N THR H 2 13.56 -22.89 -56.89
CA THR H 2 12.98 -24.13 -57.40
C THR H 2 13.14 -25.26 -56.39
N TYR H 3 12.03 -25.93 -56.09
CA TYR H 3 12.02 -27.02 -55.13
C TYR H 3 11.48 -28.29 -55.79
N LYS H 4 11.81 -29.42 -55.19
CA LYS H 4 11.43 -30.73 -55.71
C LYS H 4 10.17 -31.24 -55.00
N ILE H 5 9.52 -32.22 -55.63
CA ILE H 5 8.29 -32.82 -55.13
C ILE H 5 8.56 -34.29 -54.85
N GLY H 6 8.25 -34.71 -53.63
CA GLY H 6 8.40 -36.10 -53.21
C GLY H 6 7.04 -36.74 -53.00
N VAL H 7 6.94 -38.02 -53.34
CA VAL H 7 5.70 -38.78 -53.23
C VAL H 7 5.96 -40.03 -52.40
N VAL H 8 5.03 -40.33 -51.49
CA VAL H 8 5.12 -41.50 -50.62
C VAL H 8 3.83 -42.30 -50.78
N GLY H 9 3.97 -43.61 -50.94
CA GLY H 9 2.81 -44.46 -51.07
C GLY H 9 3.19 -45.81 -51.64
N ASP H 10 2.17 -46.64 -51.82
CA ASP H 10 2.38 -47.97 -52.37
C ASP H 10 2.80 -47.88 -53.82
N LYS H 11 3.47 -48.92 -54.30
CA LYS H 11 4.02 -48.90 -55.65
C LYS H 11 2.92 -48.73 -56.69
N ASP H 12 1.82 -49.46 -56.55
CA ASP H 12 0.80 -49.46 -57.58
C ASP H 12 0.11 -48.11 -57.70
N SER H 13 -0.01 -47.38 -56.61
CA SER H 13 -0.87 -46.19 -56.62
C SER H 13 -0.14 -44.92 -57.05
N VAL H 14 1.14 -44.77 -56.70
CA VAL H 14 1.86 -43.53 -56.95
C VAL H 14 2.94 -43.67 -57.99
N SER H 15 3.06 -44.84 -58.63
CA SER H 15 4.14 -45.03 -59.62
C SER H 15 4.12 -44.04 -60.77
N PRO H 16 2.98 -43.69 -61.39
CA PRO H 16 3.04 -42.79 -62.54
C PRO H 16 3.53 -41.39 -62.19
N PHE H 17 3.60 -41.03 -60.92
CA PHE H 17 4.11 -39.71 -60.55
C PHE H 17 5.58 -39.56 -60.89
N ARG H 18 6.31 -40.66 -61.04
CA ARG H 18 7.73 -40.58 -61.36
C ARG H 18 7.96 -40.18 -62.81
N LEU H 19 6.97 -40.30 -63.68
CA LEU H 19 7.13 -39.92 -65.07
C LEU H 19 7.16 -38.41 -65.26
N PHE H 20 6.95 -37.63 -64.21
CA PHE H 20 7.00 -36.19 -64.28
C PHE H 20 8.20 -35.61 -63.55
N GLY H 21 9.08 -36.45 -63.01
CA GLY H 21 10.25 -35.97 -62.29
C GLY H 21 9.99 -35.76 -60.81
N PHE H 22 9.31 -36.71 -60.18
CA PHE H 22 8.97 -36.64 -58.76
C PHE H 22 9.67 -37.78 -58.01
N ASP H 23 10.20 -37.46 -56.83
CA ASP H 23 10.88 -38.46 -56.01
C ASP H 23 9.86 -39.43 -55.42
N VAL H 24 9.67 -40.56 -56.09
CA VAL H 24 8.66 -41.54 -55.69
C VAL H 24 9.33 -42.60 -54.84
N GLN H 25 8.95 -42.66 -53.56
CA GLN H 25 9.47 -43.66 -52.64
C GLN H 25 8.38 -44.65 -52.26
N HIS H 26 8.80 -45.76 -51.67
CA HIS H 26 7.87 -46.82 -51.28
C HIS H 26 8.25 -47.40 -49.92
N THR H 29 6.34 -49.16 -42.81
CA THR H 29 6.83 -49.01 -41.44
C THR H 29 6.95 -47.54 -41.05
N LYS H 30 6.80 -47.27 -39.76
CA LYS H 30 6.74 -45.88 -39.30
C LYS H 30 8.12 -45.23 -39.31
N THR H 31 9.11 -45.87 -38.68
CA THR H 31 10.41 -45.22 -38.51
C THR H 31 11.13 -45.00 -39.82
N GLU H 32 10.80 -45.78 -40.86
CA GLU H 32 11.48 -45.62 -42.14
C GLU H 32 10.93 -44.42 -42.91
N ILE H 33 9.61 -44.24 -42.90
CA ILE H 33 9.03 -43.06 -43.55
C ILE H 33 9.43 -41.80 -42.79
N ARG H 34 9.50 -41.89 -41.46
CA ARG H 34 9.84 -40.72 -40.65
C ARG H 34 11.23 -40.20 -41.00
N LYS H 35 12.20 -41.10 -41.15
CA LYS H 35 13.57 -40.66 -41.45
C LYS H 35 13.69 -40.17 -42.88
N THR H 36 12.98 -40.81 -43.82
CA THR H 36 13.09 -40.41 -45.21
C THR H 36 12.32 -39.13 -45.49
N ILE H 37 11.18 -38.94 -44.83
CA ILE H 37 10.41 -37.72 -45.04
C ILE H 37 11.18 -36.51 -44.49
N ASP H 38 11.77 -36.65 -43.31
CA ASP H 38 12.57 -35.57 -42.75
C ASP H 38 13.88 -35.37 -43.51
N GLU H 39 14.31 -36.37 -44.27
CA GLU H 39 15.54 -36.22 -45.05
C GLU H 39 15.34 -35.25 -46.21
N MSE H 40 14.32 -35.48 -47.03
CA MSE H 40 14.05 -34.61 -48.16
C MSE H 40 13.44 -33.29 -47.71
O MSE H 40 13.52 -32.28 -48.42
CB MSE H 40 13.14 -35.30 -49.18
CG MSE H 40 11.82 -35.80 -48.60
SE MSE H 40 10.64 -36.48 -49.99
CE MSE H 40 9.40 -37.50 -48.89
N ALA H 41 12.83 -33.29 -46.53
CA ALA H 41 12.38 -32.04 -45.94
C ALA H 41 13.56 -31.15 -45.59
N LYS H 42 14.66 -31.75 -45.12
CA LYS H 42 15.87 -30.98 -44.89
C LYS H 42 16.53 -30.58 -46.20
N ASN H 43 16.25 -31.31 -47.29
CA ASN H 43 16.72 -30.95 -48.61
C ASN H 43 15.75 -30.06 -49.36
N GLU H 44 15.04 -29.19 -48.64
CA GLU H 44 14.23 -28.11 -49.21
C GLU H 44 13.25 -28.61 -50.27
N TYR H 45 12.42 -29.59 -49.87
CA TYR H 45 11.40 -30.12 -50.77
C TYR H 45 10.16 -29.24 -50.73
N GLY H 46 9.56 -29.03 -51.90
CA GLY H 46 8.39 -28.18 -52.02
C GLY H 46 7.13 -28.76 -51.42
N VAL H 47 6.62 -29.82 -52.03
CA VAL H 47 5.42 -30.51 -51.56
C VAL H 47 5.73 -31.99 -51.41
N ILE H 48 5.25 -32.59 -50.34
CA ILE H 48 5.48 -33.99 -50.03
C ILE H 48 4.12 -34.68 -50.01
N TYR H 49 3.77 -35.37 -51.08
CA TYR H 49 2.51 -36.10 -51.14
C TYR H 49 2.68 -37.47 -50.50
N ILE H 50 1.68 -37.87 -49.70
CA ILE H 50 1.71 -39.15 -48.99
C ILE H 50 0.32 -39.75 -49.04
N THR H 51 0.27 -41.08 -49.09
CA THR H 51 -1.01 -41.77 -49.11
C THR H 51 -1.61 -41.78 -47.70
N GLU H 52 -2.94 -42.01 -47.66
CA GLU H 52 -3.65 -42.06 -46.40
C GLU H 52 -3.33 -43.31 -45.59
N GLN H 53 -2.64 -44.29 -46.18
CA GLN H 53 -2.28 -45.51 -45.48
C GLN H 53 -0.92 -45.40 -44.81
N CYS H 54 0.06 -44.77 -45.48
CA CYS H 54 1.37 -44.58 -44.89
C CYS H 54 1.41 -43.44 -43.89
N ALA H 55 0.45 -42.50 -43.97
CA ALA H 55 0.48 -41.34 -43.10
C ALA H 55 -0.05 -41.65 -41.70
N ASN H 56 -0.98 -42.60 -41.59
CA ASN H 56 -1.47 -43.00 -40.28
C ASN H 56 -0.40 -43.66 -39.45
N LEU H 57 0.63 -44.22 -40.09
CA LEU H 57 1.73 -44.82 -39.35
C LEU H 57 2.70 -43.77 -38.80
N VAL H 58 2.66 -42.55 -39.30
CA VAL H 58 3.56 -41.51 -38.82
C VAL H 58 2.79 -40.21 -38.54
N PRO H 59 1.81 -40.20 -37.62
CA PRO H 59 1.12 -38.93 -37.35
C PRO H 59 2.00 -37.94 -36.60
N GLU H 60 2.95 -38.41 -35.80
CA GLU H 60 3.87 -37.50 -35.12
C GLU H 60 4.71 -36.71 -36.13
N THR H 61 5.19 -37.38 -37.19
CA THR H 61 6.00 -36.69 -38.17
C THR H 61 5.21 -35.62 -38.91
N ILE H 62 3.96 -35.93 -39.26
CA ILE H 62 3.11 -34.95 -39.91
C ILE H 62 2.81 -33.79 -38.95
N GLU H 63 2.45 -34.12 -37.71
CA GLU H 63 2.04 -33.10 -36.75
C GLU H 63 3.13 -32.06 -36.54
N ARG H 64 4.39 -32.52 -36.43
CA ARG H 64 5.49 -31.57 -36.27
C ARG H 64 5.82 -30.89 -37.59
N TYR H 65 5.75 -31.63 -38.70
CA TYR H 65 6.22 -31.08 -39.97
C TYR H 65 5.25 -30.06 -40.54
N LYS H 66 3.96 -30.16 -40.22
CA LYS H 66 2.98 -29.29 -40.85
C LYS H 66 3.20 -27.82 -40.48
N GLY H 67 3.85 -27.57 -39.34
CA GLY H 67 4.02 -26.20 -38.89
C GLY H 67 4.86 -25.36 -39.82
N GLN H 68 5.93 -25.96 -40.37
CA GLN H 68 6.82 -25.21 -41.24
C GLN H 68 6.16 -24.97 -42.59
N LEU H 69 6.34 -23.76 -43.12
CA LEU H 69 5.65 -23.35 -44.33
C LEU H 69 6.30 -23.91 -45.59
N THR H 70 7.63 -23.90 -45.65
CA THR H 70 8.34 -24.33 -46.86
C THR H 70 7.97 -25.74 -47.33
N PRO H 71 7.92 -26.77 -46.47
CA PRO H 71 7.48 -28.08 -46.96
C PRO H 71 6.02 -28.36 -46.63
N ALA H 72 5.23 -28.70 -47.65
CA ALA H 72 3.81 -28.96 -47.46
C ALA H 72 3.56 -30.45 -47.63
N ILE H 73 2.97 -31.07 -46.62
CA ILE H 73 2.63 -32.49 -46.65
C ILE H 73 1.14 -32.60 -46.96
N ILE H 74 0.83 -33.26 -48.07
CA ILE H 74 -0.54 -33.41 -48.55
C ILE H 74 -0.90 -34.89 -48.54
N LEU H 75 -2.10 -35.21 -48.05
CA LEU H 75 -2.58 -36.57 -48.02
C LEU H 75 -3.31 -36.89 -49.32
N ILE H 76 -3.00 -38.04 -49.91
CA ILE H 76 -3.56 -38.43 -51.19
C ILE H 76 -4.24 -39.79 -51.07
N PRO H 77 -5.23 -40.10 -51.89
CA PRO H 77 -5.84 -41.43 -51.86
C PRO H 77 -4.97 -42.47 -52.56
N SER H 78 -5.24 -43.73 -52.22
CA SER H 78 -4.53 -44.86 -52.80
C SER H 78 -5.46 -45.60 -53.76
N HIS H 79 -5.09 -46.84 -54.08
CA HIS H 79 -5.92 -47.67 -54.95
C HIS H 79 -7.15 -48.22 -54.24
N GLN H 80 -7.19 -48.12 -52.92
CA GLN H 80 -8.33 -48.61 -52.14
C GLN H 80 -9.20 -47.50 -51.59
N GLY H 81 -8.64 -46.31 -51.36
CA GLY H 81 -9.40 -45.16 -50.89
C GLY H 81 -8.86 -44.63 -49.57
N THR H 82 -9.59 -43.66 -49.03
CA THR H 82 -9.28 -43.06 -47.74
C THR H 82 -10.45 -43.25 -46.79
N LEU H 83 -10.24 -42.86 -45.52
CA LEU H 83 -11.25 -43.02 -44.48
C LEU H 83 -11.26 -41.77 -43.59
N GLY H 84 -11.44 -40.62 -44.23
CA GLY H 84 -11.62 -39.37 -43.52
C GLY H 84 -10.36 -38.60 -43.22
N ILE H 85 -9.20 -39.05 -43.70
CA ILE H 85 -7.93 -38.43 -43.33
C ILE H 85 -7.92 -36.95 -43.69
N GLY H 86 -8.34 -36.63 -44.90
CA GLY H 86 -8.46 -35.22 -45.28
C GLY H 86 -9.49 -34.52 -44.43
N LEU H 87 -10.69 -35.10 -44.34
CA LEU H 87 -11.74 -34.50 -43.53
C LEU H 87 -11.32 -34.37 -42.08
N GLU H 88 -10.68 -35.41 -41.53
CA GLU H 88 -10.31 -35.37 -40.11
C GLU H 88 -9.27 -34.28 -39.85
N GLU H 89 -8.31 -34.11 -40.75
CA GLU H 89 -7.33 -33.04 -40.59
C GLU H 89 -7.99 -31.68 -40.75
N ILE H 90 -8.98 -31.60 -41.64
CA ILE H 90 -9.64 -30.33 -41.93
C ILE H 90 -10.67 -30.01 -40.86
N GLN H 91 -11.54 -30.95 -40.54
CA GLN H 91 -12.62 -30.69 -39.60
C GLN H 91 -12.11 -30.51 -38.18
N ASN H 92 -10.99 -31.16 -37.82
CA ASN H 92 -10.43 -30.94 -36.49
C ASN H 92 -9.81 -29.56 -36.39
N SER H 93 -9.22 -29.07 -37.47
CA SER H 93 -8.68 -27.72 -37.49
C SER H 93 -9.77 -26.66 -37.49
N VAL H 94 -11.00 -27.04 -37.86
CA VAL H 94 -12.12 -26.11 -37.83
C VAL H 94 -12.68 -26.00 -36.43
N GLU H 95 -13.06 -27.15 -35.85
CA GLU H 95 -13.72 -27.16 -34.55
C GLU H 95 -12.80 -26.63 -33.46
N LYS H 96 -11.49 -26.72 -33.66
CA LYS H 96 -10.54 -26.26 -32.65
C LYS H 96 -10.13 -24.81 -32.84
N ALA H 97 -10.36 -24.22 -34.02
CA ALA H 97 -9.92 -22.87 -34.29
C ALA H 97 -11.05 -21.92 -34.67
N VAL H 98 -12.26 -22.42 -34.89
CA VAL H 98 -13.41 -21.58 -35.26
C VAL H 98 -14.46 -21.59 -34.15
N GLY H 99 -14.97 -22.76 -33.81
CA GLY H 99 -16.01 -22.88 -32.79
C GLY H 99 -17.29 -23.55 -33.25
N GLN H 100 -17.43 -23.90 -34.53
CA GLN H 100 -18.65 -24.54 -35.02
C GLN H 100 -18.37 -25.19 -36.37
N ASN H 101 -18.87 -26.40 -36.55
CA ASN H 101 -18.71 -27.11 -37.81
C ASN H 101 -19.48 -26.39 -38.90
N ILE H 102 -18.92 -26.39 -40.11
CA ILE H 102 -19.48 -25.63 -41.21
C ILE H 102 -20.12 -26.54 -42.26
C1 GOL I . -19.55 37.12 11.18
O1 GOL I . -18.76 36.79 12.29
C2 GOL I . -20.76 36.15 11.17
O2 GOL I . -21.31 35.97 12.44
C3 GOL I . -21.74 36.78 10.18
O3 GOL I . -22.94 36.07 10.29
PB ADP J . -13.77 -22.44 9.62
O1B ADP J . -14.51 -21.13 9.60
O2B ADP J . -13.57 -23.07 10.97
O3B ADP J . -12.57 -22.47 8.73
PA ADP J . -15.47 -24.68 9.55
O1A ADP J . -16.47 -24.26 10.59
O2A ADP J . -14.30 -25.55 9.95
O3A ADP J . -14.88 -23.34 8.88
O5' ADP J . -16.23 -25.31 8.27
C5' ADP J . -17.24 -24.54 7.60
C4' ADP J . -18.08 -25.42 6.70
O4' ADP J . -17.29 -26.07 5.70
C3' ADP J . -18.76 -26.53 7.51
O3' ADP J . -20.10 -26.17 7.84
C2' ADP J . -18.72 -27.74 6.61
O2' ADP J . -20.00 -27.91 6.00
C1' ADP J . -17.69 -27.43 5.54
N9 ADP J . -16.51 -28.30 5.79
C8 ADP J . -15.32 -27.88 6.28
N7 ADP J . -14.46 -28.92 6.39
C5 ADP J . -15.09 -30.03 5.97
C6 ADP J . -14.75 -31.47 5.83
N6 ADP J . -13.52 -31.93 6.16
N1 ADP J . -15.70 -32.29 5.35
C2 ADP J . -16.92 -31.84 5.01
N3 ADP J . -17.31 -30.55 5.11
C4 ADP J . -16.45 -29.62 5.57
MG MG K . -14.08 -22.23 12.92
AL ALF L . -14.49 -19.50 10.93
F1 ALF L . -14.67 -18.31 9.63
F2 ALF L . -14.31 -20.46 12.42
F3 ALF L . -16.13 -20.08 10.64
F4 ALF L . -12.77 -19.10 11.05
PB ADP M . 27.40 -1.36 -3.35
O1B ADP M . 26.90 -2.12 -2.15
O2B ADP M . 28.51 -0.39 -3.08
O3B ADP M . 26.32 -0.81 -4.25
PA ADP M . 29.60 -2.48 -4.70
O1A ADP M . 30.48 -2.84 -3.53
O2A ADP M . 29.82 -1.19 -5.43
O3A ADP M . 28.07 -2.54 -4.20
O5' ADP M . 29.57 -3.70 -5.76
C5' ADP M . 29.24 -5.01 -5.32
C4' ADP M . 29.67 -6.02 -6.37
O4' ADP M . 29.04 -5.76 -7.63
C3' ADP M . 31.16 -5.97 -6.61
O3' ADP M . 31.86 -6.89 -5.77
C2' ADP M . 31.30 -6.34 -8.07
O2' ADP M . 31.55 -7.75 -8.19
C1' ADP M . 29.97 -6.01 -8.70
N9 ADP M . 30.17 -4.75 -9.45
C8 ADP M . 29.67 -3.54 -9.14
N7 ADP M . 30.05 -2.61 -10.05
C5 ADP M . 30.81 -3.22 -10.98
C6 ADP M . 31.53 -2.82 -12.21
N6 ADP M . 31.52 -1.55 -12.66
N1 ADP M . 32.20 -3.79 -12.89
C2 ADP M . 32.21 -5.07 -12.46
N3 ADP M . 31.59 -5.49 -11.35
C4 ADP M . 30.88 -4.63 -10.58
MG MG N . 29.34 -0.11 -1.09
AL ALF O . 26.35 -1.42 0.00
F1 ALF O . 24.60 -1.66 -0.17
F2 ALF O . 28.09 -1.15 0.16
F3 ALF O . 26.59 -3.16 0.29
F4 ALF O . 26.07 0.31 -0.30
#